data_1D7Q
#
_entry.id   1D7Q
#
_cell.length_a   1.000
_cell.length_b   1.000
_cell.length_c   1.000
_cell.angle_alpha   90.00
_cell.angle_beta   90.00
_cell.angle_gamma   90.00
#
_symmetry.space_group_name_H-M   'P 1'
#
loop_
_entity.id
_entity.type
_entity.pdbx_description
1 polymer 'PROTEIN (N-TERMINAL HISTIDINE TAG)'
2 polymer 'TRANSLATION INITIATION FACTOR 1A'
#
loop_
_entity_poly.entity_id
_entity_poly.type
_entity_poly.pdbx_seq_one_letter_code
_entity_poly.pdbx_strand_id
1 'polypeptide(L)' MRGSHHHHHHTDPM B
2 'polypeptide(L)'
;PKNKGKGGKNRRRGKNENESEKRELVFKEDGQEYAQVIKMLGNGRLEAMCFDGVKRLCHIRGKLRKKVWINTSDIILVGL
RDYQDNKADVILKYNADEARSLKAYGELPEHAKINETDTFGPGDDDEIQFDDIGDDDEDIDDI
;
A
#
# COMPACT_ATOMS: atom_id res chain seq x y z
N MET A 1 30.59 -30.04 8.23
CA MET A 1 31.59 -29.22 8.97
C MET A 1 32.84 -30.04 9.28
N ARG A 2 32.63 -31.26 9.76
CA ARG A 2 33.75 -32.14 10.10
C ARG A 2 33.69 -33.43 9.29
N GLY A 3 34.72 -33.68 8.49
CA GLY A 3 34.76 -34.87 7.68
C GLY A 3 34.01 -34.71 6.37
N SER A 4 34.73 -34.27 5.34
CA SER A 4 34.11 -34.07 4.02
C SER A 4 35.19 -33.80 2.97
N HIS A 5 35.73 -32.59 2.99
CA HIS A 5 36.76 -32.20 2.04
C HIS A 5 37.45 -30.91 2.48
N HIS A 6 38.36 -31.03 3.45
CA HIS A 6 39.08 -29.87 3.97
C HIS A 6 38.16 -28.94 4.73
N HIS A 7 37.28 -28.25 4.00
CA HIS A 7 36.33 -27.33 4.61
C HIS A 7 35.20 -26.99 3.65
N HIS A 8 34.01 -27.50 3.94
CA HIS A 8 32.85 -27.24 3.10
C HIS A 8 32.29 -25.85 3.33
N HIS A 9 31.21 -25.52 2.64
CA HIS A 9 30.58 -24.20 2.78
C HIS A 9 29.09 -24.28 2.48
N HIS A 10 28.28 -23.71 3.38
CA HIS A 10 26.84 -23.71 3.21
C HIS A 10 26.29 -25.13 3.14
N THR A 11 26.04 -25.71 4.32
CA THR A 11 25.52 -27.07 4.39
C THR A 11 24.27 -27.12 5.25
N ASP A 12 23.44 -26.08 5.15
CA ASP A 12 22.21 -26.00 5.93
C ASP A 12 21.07 -25.46 5.06
N PRO A 13 20.23 -26.35 4.51
CA PRO A 13 19.10 -25.95 3.66
C PRO A 13 18.02 -25.21 4.45
N MET A 14 17.86 -23.93 4.16
CA MET A 14 16.86 -23.12 4.85
C MET A 14 16.26 -22.08 3.90
N PRO B 1 14.93 -22.09 3.72
CA PRO B 1 14.24 -21.15 2.83
C PRO B 1 14.61 -19.70 3.14
N LYS B 2 15.57 -19.16 2.39
CA LYS B 2 16.01 -17.78 2.58
C LYS B 2 16.25 -17.10 1.24
N ASN B 3 16.65 -15.84 1.29
CA ASN B 3 16.92 -15.07 0.08
C ASN B 3 15.66 -14.96 -0.78
N LYS B 4 14.91 -13.88 -0.60
CA LYS B 4 13.68 -13.66 -1.36
C LYS B 4 13.97 -12.84 -2.62
N GLY B 5 14.24 -13.54 -3.71
CA GLY B 5 14.52 -12.87 -4.97
C GLY B 5 13.44 -13.11 -6.01
N LYS B 6 13.87 -13.32 -7.25
CA LYS B 6 12.93 -13.57 -8.35
C LYS B 6 13.57 -14.43 -9.42
N GLY B 7 14.57 -13.87 -10.11
CA GLY B 7 15.26 -14.61 -11.16
C GLY B 7 16.48 -15.34 -10.65
N GLY B 8 16.61 -16.61 -11.01
CA GLY B 8 17.74 -17.40 -10.57
C GLY B 8 17.59 -18.87 -10.88
N LYS B 9 17.16 -19.63 -9.89
CA LYS B 9 16.96 -21.07 -10.05
C LYS B 9 16.01 -21.62 -8.98
N ASN B 10 15.02 -20.82 -8.62
CA ASN B 10 14.04 -21.23 -7.61
C ASN B 10 12.62 -21.02 -8.12
N ARG B 11 11.67 -21.70 -7.48
CA ARG B 11 10.26 -21.61 -7.87
C ARG B 11 10.02 -22.26 -9.23
N ARG B 12 10.61 -21.68 -10.27
CA ARG B 12 10.47 -22.21 -11.63
C ARG B 12 9.02 -22.11 -12.09
N ARG B 13 8.81 -21.54 -13.27
CA ARG B 13 7.48 -21.39 -13.83
C ARG B 13 7.54 -20.92 -15.28
N GLY B 14 6.38 -20.76 -15.90
CA GLY B 14 6.33 -20.32 -17.29
C GLY B 14 5.08 -20.79 -18.00
N LYS B 15 3.92 -20.48 -17.41
CA LYS B 15 2.64 -20.86 -18.00
C LYS B 15 1.92 -19.65 -18.58
N ASN B 16 2.14 -18.49 -17.97
CA ASN B 16 1.51 -17.25 -18.43
C ASN B 16 -0.01 -17.35 -18.37
N GLU B 17 -0.51 -17.86 -17.24
CA GLU B 17 -1.96 -18.01 -17.06
C GLU B 17 -2.62 -16.65 -16.89
N ASN B 18 -2.64 -15.87 -17.96
CA ASN B 18 -3.25 -14.55 -17.95
C ASN B 18 -2.55 -13.64 -16.94
N GLU B 19 -1.62 -12.82 -17.42
CA GLU B 19 -0.88 -11.91 -16.56
C GLU B 19 -1.81 -10.87 -15.93
N SER B 20 -1.70 -10.70 -14.62
CA SER B 20 -2.53 -9.74 -13.90
C SER B 20 -1.89 -9.36 -12.57
N GLU B 21 -0.56 -9.34 -12.54
CA GLU B 21 0.17 -9.00 -11.33
C GLU B 21 1.38 -8.14 -11.65
N LYS B 22 1.57 -7.06 -10.89
CA LYS B 22 2.69 -6.16 -11.09
C LYS B 22 2.70 -5.05 -10.05
N ARG B 23 3.86 -4.81 -9.44
CA ARG B 23 4.00 -3.78 -8.43
C ARG B 23 3.64 -2.41 -8.99
N GLU B 24 3.03 -1.57 -8.16
CA GLU B 24 2.63 -0.24 -8.57
C GLU B 24 2.45 0.69 -7.38
N LEU B 25 3.54 1.32 -6.95
CA LEU B 25 3.49 2.24 -5.81
C LEU B 25 3.00 3.61 -6.26
N VAL B 26 2.22 4.26 -5.40
CA VAL B 26 1.68 5.58 -5.72
C VAL B 26 2.22 6.65 -4.76
N PHE B 27 2.54 7.80 -5.33
CA PHE B 27 3.05 8.92 -4.54
C PHE B 27 1.99 10.01 -4.43
N LYS B 28 2.25 11.01 -3.59
CA LYS B 28 1.32 12.12 -3.40
C LYS B 28 0.98 12.76 -4.75
N GLU B 29 -0.26 13.22 -4.88
CA GLU B 29 -0.72 13.84 -6.12
C GLU B 29 -0.98 15.33 -5.93
N ASP B 30 -0.91 16.07 -7.03
CA ASP B 30 -1.14 17.51 -7.01
C ASP B 30 -2.51 17.83 -6.45
N GLY B 31 -2.56 18.75 -5.48
CA GLY B 31 -3.82 19.11 -4.86
C GLY B 31 -4.13 18.28 -3.63
N GLN B 32 -3.42 17.17 -3.47
CA GLN B 32 -3.63 16.29 -2.33
C GLN B 32 -2.37 16.24 -1.47
N GLU B 33 -2.54 16.14 -0.16
CA GLU B 33 -1.40 16.09 0.76
C GLU B 33 -1.36 14.78 1.53
N TYR B 34 -0.17 14.40 1.98
CA TYR B 34 0.00 13.18 2.75
C TYR B 34 -0.29 13.44 4.22
N ALA B 35 -0.62 12.39 4.96
CA ALA B 35 -0.95 12.56 6.37
C ALA B 35 -0.59 11.32 7.20
N GLN B 36 -0.73 11.46 8.52
CA GLN B 36 -0.44 10.38 9.45
C GLN B 36 -1.62 10.18 10.39
N VAL B 37 -2.05 8.93 10.55
CA VAL B 37 -3.18 8.62 11.41
C VAL B 37 -2.77 8.52 12.88
N ILE B 38 -3.62 9.05 13.75
CA ILE B 38 -3.36 9.02 15.19
C ILE B 38 -4.43 8.19 15.90
N LYS B 39 -5.67 8.34 15.45
CA LYS B 39 -6.79 7.61 16.04
C LYS B 39 -7.77 7.18 14.96
N MET B 40 -8.57 6.16 15.26
CA MET B 40 -9.54 5.65 14.31
C MET B 40 -10.96 5.94 14.78
N LEU B 41 -11.84 6.26 13.83
CA LEU B 41 -13.23 6.56 14.16
C LEU B 41 -14.14 5.38 13.79
N GLY B 42 -15.42 5.66 13.56
CA GLY B 42 -16.37 4.62 13.21
C GLY B 42 -15.83 3.65 12.18
N ASN B 43 -15.96 4.01 10.90
CA ASN B 43 -15.49 3.15 9.82
C ASN B 43 -15.29 3.95 8.55
N GLY B 44 -16.24 4.81 8.23
CA GLY B 44 -16.15 5.63 7.03
C GLY B 44 -15.19 6.79 7.18
N ARG B 45 -14.58 6.93 8.34
CA ARG B 45 -13.64 8.01 8.60
C ARG B 45 -12.60 7.62 9.64
N LEU B 46 -11.54 8.42 9.76
CA LEU B 46 -10.48 8.15 10.71
C LEU B 46 -9.87 9.44 11.24
N GLU B 47 -9.30 9.38 12.44
CA GLU B 47 -8.67 10.54 13.04
C GLU B 47 -7.19 10.58 12.68
N ALA B 48 -6.76 11.66 12.04
CA ALA B 48 -5.37 11.81 11.63
C ALA B 48 -4.94 13.27 11.63
N MET B 49 -3.62 13.48 11.58
CA MET B 49 -3.08 14.84 11.56
C MET B 49 -1.92 14.93 10.57
N CYS B 50 -1.93 15.96 9.74
CA CYS B 50 -0.88 16.15 8.74
C CYS B 50 0.47 16.40 9.41
N PHE B 51 1.53 15.84 8.82
CA PHE B 51 2.87 15.98 9.34
C PHE B 51 3.21 17.44 9.65
N ASP B 52 2.50 18.37 9.01
CA ASP B 52 2.74 19.79 9.22
C ASP B 52 2.19 20.25 10.58
N GLY B 53 1.36 19.41 11.20
CA GLY B 53 0.80 19.75 12.49
C GLY B 53 -0.66 20.16 12.40
N VAL B 54 -1.39 19.53 11.49
CA VAL B 54 -2.81 19.83 11.32
C VAL B 54 -3.66 18.59 11.55
N LYS B 55 -4.42 18.59 12.64
CA LYS B 55 -5.29 17.47 12.98
C LYS B 55 -6.64 17.59 12.29
N ARG B 56 -6.94 16.61 11.44
CA ARG B 56 -8.20 16.60 10.70
C ARG B 56 -8.72 15.18 10.52
N LEU B 57 -10.03 15.05 10.32
CA LEU B 57 -10.64 13.75 10.14
C LEU B 57 -10.71 13.38 8.66
N CYS B 58 -9.84 12.46 8.25
CA CYS B 58 -9.80 12.02 6.86
C CYS B 58 -10.81 10.91 6.62
N HIS B 59 -11.77 11.15 5.73
CA HIS B 59 -12.80 10.17 5.42
C HIS B 59 -12.25 9.12 4.45
N ILE B 60 -12.66 7.87 4.66
CA ILE B 60 -12.20 6.78 3.80
C ILE B 60 -12.80 6.92 2.41
N ARG B 61 -12.00 6.62 1.40
CA ARG B 61 -12.46 6.72 0.01
C ARG B 61 -13.52 5.67 -0.30
N GLY B 62 -14.35 5.96 -1.30
CA GLY B 62 -15.40 5.04 -1.68
C GLY B 62 -14.89 3.92 -2.58
N LYS B 63 -14.37 4.29 -3.75
CA LYS B 63 -13.83 3.32 -4.69
C LYS B 63 -12.66 2.56 -4.06
N LEU B 64 -11.83 3.29 -3.32
CA LEU B 64 -10.68 2.69 -2.66
C LEU B 64 -11.12 1.76 -1.53
N ARG B 65 -12.36 1.92 -1.07
CA ARG B 65 -12.90 1.09 0.01
C ARG B 65 -12.63 -0.39 -0.23
N LYS B 66 -12.53 -0.77 -1.51
CA LYS B 66 -12.28 -2.16 -1.87
C LYS B 66 -10.82 -2.54 -1.64
N LYS B 67 -9.93 -1.56 -1.74
CA LYS B 67 -8.51 -1.81 -1.54
C LYS B 67 -7.84 -0.69 -0.75
N VAL B 68 -8.51 -0.24 0.32
CA VAL B 68 -7.96 0.83 1.15
C VAL B 68 -7.72 0.34 2.57
N TRP B 69 -6.44 0.34 2.96
CA TRP B 69 -6.07 -0.11 4.29
C TRP B 69 -5.58 1.06 5.14
N ILE B 70 -6.39 1.42 6.14
CA ILE B 70 -6.04 2.51 7.04
C ILE B 70 -5.62 1.99 8.40
N ASN B 71 -4.70 2.70 9.04
CA ASN B 71 -4.21 2.29 10.34
C ASN B 71 -4.09 3.49 11.28
N THR B 72 -3.94 3.22 12.57
CA THR B 72 -3.81 4.28 13.57
C THR B 72 -2.40 4.83 13.62
N SER B 73 -1.51 4.21 12.88
CA SER B 73 -0.12 4.63 12.82
C SER B 73 0.50 4.28 11.47
N ASP B 74 0.04 4.96 10.43
CA ASP B 74 0.54 4.71 9.08
C ASP B 74 0.47 5.97 8.22
N ILE B 75 1.19 5.94 7.10
CA ILE B 75 1.22 7.06 6.17
C ILE B 75 0.08 6.93 5.17
N ILE B 76 -0.49 8.06 4.77
CA ILE B 76 -1.58 8.06 3.80
C ILE B 76 -1.59 9.34 2.98
N LEU B 77 -2.44 9.36 1.96
CA LEU B 77 -2.59 10.53 1.11
C LEU B 77 -4.05 10.93 1.04
N VAL B 78 -4.35 12.16 1.43
CA VAL B 78 -5.72 12.65 1.42
C VAL B 78 -5.87 13.87 0.51
N GLY B 79 -6.97 13.92 -0.23
CA GLY B 79 -7.21 15.03 -1.13
C GLY B 79 -7.76 16.23 -0.40
N LEU B 80 -7.40 17.42 -0.86
CA LEU B 80 -7.86 18.67 -0.25
C LEU B 80 -8.76 19.45 -1.20
N ARG B 81 -9.44 20.46 -0.66
CA ARG B 81 -10.34 21.31 -1.45
C ARG B 81 -11.71 20.66 -1.65
N ASP B 82 -11.84 19.40 -1.25
CA ASP B 82 -13.11 18.69 -1.40
C ASP B 82 -14.05 19.03 -0.24
N TYR B 83 -13.48 19.22 0.94
CA TYR B 83 -14.26 19.54 2.13
C TYR B 83 -14.07 21.01 2.50
N GLN B 84 -13.68 21.84 1.53
CA GLN B 84 -13.48 23.26 1.77
C GLN B 84 -12.26 23.49 2.66
N ASP B 85 -11.29 22.58 2.56
CA ASP B 85 -10.06 22.66 3.35
C ASP B 85 -10.27 22.05 4.73
N ASN B 86 -9.25 22.14 5.57
CA ASN B 86 -9.31 21.60 6.93
C ASN B 86 -9.33 20.08 6.90
N LYS B 87 -10.34 19.50 6.27
CA LYS B 87 -10.47 18.05 6.16
C LYS B 87 -9.96 17.56 4.81
N ALA B 88 -9.54 16.29 4.76
CA ALA B 88 -9.04 15.70 3.53
C ALA B 88 -9.41 14.23 3.45
N ASP B 89 -9.95 13.82 2.31
CA ASP B 89 -10.37 12.43 2.11
C ASP B 89 -9.23 11.59 1.56
N VAL B 90 -8.89 10.51 2.27
CA VAL B 90 -7.82 9.61 1.85
C VAL B 90 -8.04 9.16 0.40
N ILE B 91 -7.16 9.61 -0.49
CA ILE B 91 -7.25 9.24 -1.90
C ILE B 91 -6.70 7.83 -2.10
N LEU B 92 -5.62 7.55 -1.40
CA LEU B 92 -4.98 6.24 -1.47
C LEU B 92 -4.30 5.94 -0.14
N LYS B 93 -3.90 4.69 0.07
CA LYS B 93 -3.26 4.30 1.31
C LYS B 93 -1.76 4.03 1.12
N TYR B 94 -0.93 4.74 1.86
CA TYR B 94 0.50 4.56 1.80
C TYR B 94 0.91 3.45 2.78
N ASN B 95 1.26 2.29 2.24
CA ASN B 95 1.61 1.13 3.05
C ASN B 95 2.86 1.36 3.89
N ALA B 96 3.08 0.46 4.85
CA ALA B 96 4.25 0.54 5.73
C ALA B 96 5.51 0.11 4.99
N ASP B 97 5.39 -0.90 4.15
CA ASP B 97 6.52 -1.38 3.36
C ASP B 97 6.98 -0.25 2.45
N GLU B 98 6.00 0.45 1.90
CA GLU B 98 6.27 1.59 1.04
C GLU B 98 7.01 2.66 1.82
N ALA B 99 6.78 2.68 3.13
CA ALA B 99 7.39 3.69 4.01
C ALA B 99 8.87 3.90 3.69
N ARG B 100 9.57 2.82 3.32
CA ARG B 100 10.97 2.96 2.96
C ARG B 100 11.07 3.83 1.71
N SER B 101 10.06 3.71 0.87
CA SER B 101 9.95 4.50 -0.36
C SER B 101 9.45 5.89 -0.04
N LEU B 102 8.78 6.05 1.10
CA LEU B 102 8.27 7.36 1.49
C LEU B 102 9.34 8.42 1.43
N LYS B 103 10.59 8.03 1.69
CA LYS B 103 11.68 8.99 1.56
C LYS B 103 11.59 9.53 0.13
N ALA B 104 11.17 8.63 -0.76
CA ALA B 104 10.95 8.93 -2.18
C ALA B 104 9.61 9.63 -2.39
N TYR B 105 8.68 9.47 -1.43
CA TYR B 105 7.35 10.09 -1.52
C TYR B 105 7.48 11.61 -1.40
N GLY B 106 8.67 12.06 -1.01
CA GLY B 106 8.90 13.49 -0.85
C GLY B 106 8.04 14.06 0.26
N GLU B 107 7.73 13.22 1.25
CA GLU B 107 6.89 13.62 2.37
C GLU B 107 7.66 13.55 3.69
N LEU B 108 8.25 12.39 3.94
CA LEU B 108 9.01 12.18 5.17
C LEU B 108 10.52 12.26 4.91
N PRO B 109 11.28 12.86 5.84
CA PRO B 109 12.73 12.99 5.71
C PRO B 109 13.45 11.66 5.96
N GLU B 110 14.77 11.69 5.84
CA GLU B 110 15.58 10.49 6.06
C GLU B 110 15.62 10.11 7.54
N HIS B 111 15.25 11.05 8.40
CA HIS B 111 15.25 10.79 9.84
C HIS B 111 13.86 10.43 10.35
N ALA B 112 12.87 10.43 9.46
CA ALA B 112 11.50 10.10 9.83
C ALA B 112 11.41 8.69 10.40
N LYS B 113 10.41 8.45 11.23
CA LYS B 113 10.21 7.14 11.85
C LYS B 113 8.91 6.50 11.39
N ILE B 114 9.01 5.29 10.86
CA ILE B 114 7.84 4.57 10.37
C ILE B 114 7.41 3.49 11.36
N ASN B 115 6.10 3.34 11.52
CA ASN B 115 5.55 2.34 12.43
C ASN B 115 5.06 1.12 11.67
N GLU B 116 5.07 -0.03 12.33
CA GLU B 116 4.63 -1.29 11.70
C GLU B 116 5.54 -1.64 10.53
N THR B 117 5.75 -2.94 10.34
CA THR B 117 6.60 -3.42 9.24
C THR B 117 6.12 -4.78 8.74
N ASP B 118 5.85 -5.69 9.67
CA ASP B 118 5.39 -7.03 9.32
C ASP B 118 6.45 -7.78 8.52
N THR B 119 6.54 -9.09 8.73
CA THR B 119 7.51 -9.91 8.02
C THR B 119 7.18 -10.00 6.54
N PHE B 120 7.49 -8.93 5.81
CA PHE B 120 7.24 -8.88 4.38
C PHE B 120 5.75 -8.99 4.08
N GLY B 121 5.18 -7.96 3.46
CA GLY B 121 3.77 -7.96 3.14
C GLY B 121 2.90 -7.90 4.37
N PRO B 122 1.57 -7.75 4.20
CA PRO B 122 0.63 -7.67 5.32
C PRO B 122 0.81 -8.82 6.30
N GLY B 123 0.07 -8.77 7.41
CA GLY B 123 0.17 -9.81 8.42
C GLY B 123 -1.17 -10.47 8.70
N ASP B 124 -1.31 -11.00 9.92
CA ASP B 124 -2.54 -11.68 10.32
C ASP B 124 -2.82 -12.89 9.43
N ASP B 125 -3.43 -12.65 8.27
CA ASP B 125 -3.74 -13.72 7.33
C ASP B 125 -4.41 -14.90 8.04
N ASP B 126 -5.66 -14.69 8.46
CA ASP B 126 -6.40 -15.74 9.15
C ASP B 126 -6.70 -16.91 8.22
N GLU B 127 -7.05 -18.05 8.80
CA GLU B 127 -7.36 -19.24 8.03
C GLU B 127 -6.14 -19.73 7.25
N ILE B 128 -5.95 -21.04 7.21
CA ILE B 128 -4.82 -21.63 6.50
C ILE B 128 -5.24 -22.91 5.77
N GLN B 129 -4.62 -23.16 4.63
CA GLN B 129 -4.92 -24.36 3.84
C GLN B 129 -3.73 -25.30 3.79
N PHE B 130 -3.98 -26.52 3.33
CA PHE B 130 -2.92 -27.53 3.23
C PHE B 130 -2.34 -27.86 4.60
N ASP B 131 -1.44 -27.01 5.09
CA ASP B 131 -0.81 -27.22 6.39
C ASP B 131 -0.12 -28.57 6.44
N ASP B 132 0.36 -29.04 5.29
CA ASP B 132 1.05 -30.33 5.22
C ASP B 132 2.48 -30.22 5.72
N ILE B 133 3.22 -31.32 5.65
CA ILE B 133 4.60 -31.35 6.10
C ILE B 133 4.70 -31.12 7.60
N GLY B 134 4.51 -32.19 8.37
CA GLY B 134 4.57 -32.08 9.82
C GLY B 134 3.67 -33.08 10.51
N ASP B 135 2.49 -32.61 10.92
CA ASP B 135 1.52 -33.47 11.60
C ASP B 135 2.01 -33.86 12.99
N ASP B 136 3.06 -34.68 13.03
CA ASP B 136 3.62 -35.13 14.30
C ASP B 136 4.72 -34.19 14.78
N ASP B 137 4.85 -33.03 14.13
CA ASP B 137 5.87 -32.05 14.49
C ASP B 137 7.27 -32.56 14.19
N GLU B 138 7.69 -33.60 14.92
CA GLU B 138 9.01 -34.18 14.73
C GLU B 138 10.10 -33.18 15.09
N ASP B 139 11.28 -33.70 15.47
CA ASP B 139 12.40 -32.86 15.83
C ASP B 139 12.15 -32.16 17.16
N ILE B 140 11.16 -31.26 17.17
CA ILE B 140 10.82 -30.52 18.38
C ILE B 140 9.34 -30.69 18.73
N ASP B 141 9.06 -30.86 20.02
CA ASP B 141 7.69 -31.04 20.49
C ASP B 141 7.36 -30.06 21.60
N ASP B 142 8.28 -29.92 22.56
CA ASP B 142 8.07 -29.01 23.68
C ASP B 142 8.91 -27.74 23.52
N ILE B 143 10.03 -27.86 22.80
CA ILE B 143 10.90 -26.71 22.57
C ILE B 143 11.58 -26.28 23.87
N MET A 1 9.60 -37.33 -45.27
CA MET A 1 9.19 -38.68 -44.84
C MET A 1 10.36 -39.66 -44.90
N ARG A 2 11.15 -39.55 -45.96
CA ARG A 2 12.30 -40.43 -46.15
C ARG A 2 13.60 -39.63 -46.16
N GLY A 3 14.53 -40.00 -45.29
CA GLY A 3 15.80 -39.32 -45.21
C GLY A 3 16.34 -39.24 -43.80
N SER A 4 16.40 -40.39 -43.13
CA SER A 4 16.90 -40.46 -41.77
C SER A 4 18.37 -40.07 -41.70
N HIS A 5 19.10 -40.37 -42.78
CA HIS A 5 20.52 -40.05 -42.85
C HIS A 5 20.73 -38.55 -43.09
N HIS A 6 19.72 -37.90 -43.65
CA HIS A 6 19.80 -36.47 -43.93
C HIS A 6 19.53 -35.64 -42.68
N HIS A 7 20.59 -35.31 -41.96
CA HIS A 7 20.48 -34.52 -40.74
C HIS A 7 21.45 -33.34 -40.76
N HIS A 8 21.04 -32.22 -40.16
CA HIS A 8 21.87 -31.03 -40.11
C HIS A 8 21.19 -29.92 -39.32
N HIS A 9 19.87 -29.82 -39.45
CA HIS A 9 19.09 -28.80 -38.75
C HIS A 9 19.48 -28.73 -37.28
N HIS A 10 20.31 -27.76 -36.93
CA HIS A 10 20.75 -27.59 -35.55
C HIS A 10 20.87 -26.11 -35.19
N THR A 11 20.09 -25.67 -34.22
CA THR A 11 20.11 -24.28 -33.78
C THR A 11 20.29 -24.18 -32.27
N ASP A 12 20.18 -22.96 -31.74
CA ASP A 12 20.33 -22.71 -30.32
C ASP A 12 21.77 -22.96 -29.87
N PRO A 13 22.68 -22.02 -30.18
CA PRO A 13 24.10 -22.14 -29.81
C PRO A 13 24.31 -21.96 -28.31
N MET A 14 24.40 -23.08 -27.60
CA MET A 14 24.61 -23.06 -26.15
C MET A 14 26.01 -23.54 -25.80
N PRO B 1 26.97 -22.59 -25.61
CA PRO B 1 28.35 -22.94 -25.27
C PRO B 1 28.46 -23.53 -23.87
N LYS B 2 28.18 -24.82 -23.75
CA LYS B 2 28.25 -25.50 -22.48
C LYS B 2 27.27 -24.90 -21.47
N ASN B 3 26.14 -25.58 -21.27
CA ASN B 3 25.11 -25.11 -20.35
C ASN B 3 25.67 -25.01 -18.93
N LYS B 4 25.33 -23.93 -18.24
CA LYS B 4 25.79 -23.70 -16.87
C LYS B 4 24.64 -23.87 -15.89
N GLY B 5 24.51 -25.08 -15.34
CA GLY B 5 23.45 -25.34 -14.39
C GLY B 5 22.07 -25.32 -15.03
N LYS B 6 21.45 -24.14 -15.03
CA LYS B 6 20.12 -23.98 -15.62
C LYS B 6 19.90 -22.55 -16.08
N GLY B 7 20.82 -22.05 -16.91
CA GLY B 7 20.71 -20.70 -17.41
C GLY B 7 21.15 -20.58 -18.85
N GLY B 8 21.85 -19.50 -19.17
CA GLY B 8 22.31 -19.28 -20.53
C GLY B 8 22.77 -17.86 -20.77
N LYS B 9 21.89 -17.03 -21.31
CA LYS B 9 22.21 -15.63 -21.58
C LYS B 9 21.58 -14.71 -20.54
N ASN B 10 20.43 -15.12 -20.02
CA ASN B 10 19.72 -14.33 -19.01
C ASN B 10 19.30 -12.98 -19.58
N ARG B 11 18.22 -12.42 -19.04
CA ARG B 11 17.71 -11.13 -19.50
C ARG B 11 18.24 -10.00 -18.62
N ARG B 12 19.53 -10.06 -18.30
CA ARG B 12 20.16 -9.03 -17.48
C ARG B 12 20.23 -7.70 -18.21
N ARG B 13 20.57 -7.76 -19.49
CA ARG B 13 20.67 -6.56 -20.32
C ARG B 13 21.81 -5.66 -19.83
N GLY B 14 21.57 -4.95 -18.74
CA GLY B 14 22.59 -4.06 -18.19
C GLY B 14 22.10 -2.64 -18.04
N LYS B 15 20.85 -2.48 -17.61
CA LYS B 15 20.26 -1.16 -17.42
C LYS B 15 19.08 -1.23 -16.45
N ASN B 16 18.16 -2.14 -16.73
CA ASN B 16 16.97 -2.30 -15.89
C ASN B 16 16.04 -1.10 -16.02
N GLU B 17 16.49 0.06 -15.53
CA GLU B 17 15.70 1.27 -15.60
C GLU B 17 14.43 1.14 -14.76
N ASN B 18 14.20 2.12 -13.88
CA ASN B 18 13.03 2.12 -13.03
C ASN B 18 13.04 0.91 -12.09
N GLU B 19 12.97 1.17 -10.79
CA GLU B 19 12.97 0.11 -9.79
C GLU B 19 11.60 -0.05 -9.16
N SER B 20 10.61 -0.35 -9.99
CA SER B 20 9.23 -0.53 -9.52
C SER B 20 8.55 -1.67 -10.26
N GLU B 21 9.33 -2.64 -10.70
CA GLU B 21 8.80 -3.78 -11.43
C GLU B 21 7.89 -4.61 -10.54
N LYS B 22 6.68 -4.88 -11.02
CA LYS B 22 5.70 -5.66 -10.27
C LYS B 22 5.30 -4.95 -8.98
N ARG B 23 5.38 -3.62 -8.99
CA ARG B 23 5.03 -2.82 -7.83
C ARG B 23 4.37 -1.51 -8.25
N GLU B 24 3.39 -1.08 -7.48
CA GLU B 24 2.67 0.16 -7.78
C GLU B 24 2.83 1.17 -6.65
N LEU B 25 3.99 1.84 -6.61
CA LEU B 25 4.25 2.83 -5.57
C LEU B 25 3.80 4.22 -6.02
N VAL B 26 2.96 4.86 -5.21
CA VAL B 26 2.45 6.18 -5.54
C VAL B 26 2.70 7.17 -4.41
N PHE B 27 3.04 8.40 -4.77
CA PHE B 27 3.30 9.46 -3.80
C PHE B 27 2.21 10.51 -3.87
N LYS B 28 2.21 11.43 -2.90
CA LYS B 28 1.22 12.50 -2.86
C LYS B 28 1.08 13.17 -4.23
N GLU B 29 -0.14 13.57 -4.57
CA GLU B 29 -0.41 14.21 -5.86
C GLU B 29 -0.96 15.61 -5.67
N ASP B 30 -0.93 16.39 -6.75
CA ASP B 30 -1.43 17.75 -6.73
C ASP B 30 -2.88 17.80 -6.27
N GLY B 31 -3.18 18.67 -5.32
CA GLY B 31 -4.53 18.79 -4.80
C GLY B 31 -4.76 17.88 -3.60
N GLN B 32 -3.86 16.92 -3.39
CA GLN B 32 -3.98 16.01 -2.27
C GLN B 32 -2.71 16.03 -1.43
N GLU B 33 -2.85 15.81 -0.12
CA GLU B 33 -1.69 15.81 0.77
C GLU B 33 -1.59 14.50 1.55
N TYR B 34 -0.37 14.18 1.96
CA TYR B 34 -0.12 12.95 2.72
C TYR B 34 -0.40 13.21 4.20
N ALA B 35 -0.67 12.16 4.97
CA ALA B 35 -0.97 12.31 6.38
C ALA B 35 -0.58 11.09 7.20
N GLN B 36 -0.71 11.23 8.52
CA GLN B 36 -0.39 10.16 9.45
C GLN B 36 -1.54 9.94 10.43
N VAL B 37 -2.23 8.81 10.27
CA VAL B 37 -3.37 8.50 11.13
C VAL B 37 -3.01 8.49 12.61
N ILE B 38 -3.91 9.00 13.44
CA ILE B 38 -3.70 9.05 14.89
C ILE B 38 -4.71 8.17 15.62
N LYS B 39 -5.96 8.24 15.19
CA LYS B 39 -7.03 7.47 15.80
C LYS B 39 -8.13 7.15 14.79
N MET B 40 -8.94 6.15 15.10
CA MET B 40 -10.03 5.74 14.23
C MET B 40 -11.37 6.13 14.84
N LEU B 41 -12.23 6.76 14.03
CA LEU B 41 -13.54 7.18 14.51
C LEU B 41 -14.59 6.12 14.21
N GLY B 42 -14.38 5.36 13.14
CA GLY B 42 -15.33 4.32 12.77
C GLY B 42 -15.28 4.01 11.29
N ASN B 43 -16.19 3.13 10.85
CA ASN B 43 -16.25 2.74 9.44
C ASN B 43 -16.83 3.86 8.59
N GLY B 44 -15.96 4.67 8.00
CA GLY B 44 -16.40 5.78 7.17
C GLY B 44 -15.52 7.00 7.30
N ARG B 45 -14.89 7.15 8.45
CA ARG B 45 -14.00 8.28 8.70
C ARG B 45 -12.90 7.91 9.69
N LEU B 46 -11.82 8.69 9.68
CA LEU B 46 -10.70 8.43 10.57
C LEU B 46 -10.01 9.73 10.99
N GLU B 47 -9.35 9.69 12.14
CA GLU B 47 -8.64 10.86 12.65
C GLU B 47 -7.15 10.73 12.34
N ALA B 48 -6.61 11.70 11.61
CA ALA B 48 -5.20 11.67 11.25
C ALA B 48 -4.50 12.98 11.57
N MET B 49 -3.19 12.92 11.71
CA MET B 49 -2.38 14.09 12.01
C MET B 49 -1.44 14.39 10.86
N CYS B 50 -1.75 15.43 10.08
CA CYS B 50 -0.92 15.81 8.96
C CYS B 50 0.50 16.10 9.43
N PHE B 51 1.47 15.45 8.78
CA PHE B 51 2.88 15.62 9.14
C PHE B 51 3.25 17.10 9.27
N ASP B 52 2.52 17.96 8.58
CA ASP B 52 2.78 19.40 8.63
C ASP B 52 2.32 20.01 9.95
N GLY B 53 1.60 19.23 10.74
CA GLY B 53 1.11 19.73 12.02
C GLY B 53 -0.33 20.19 11.97
N VAL B 54 -1.14 19.48 11.19
CA VAL B 54 -2.56 19.83 11.05
C VAL B 54 -3.46 18.63 11.34
N LYS B 55 -4.30 18.77 12.38
CA LYS B 55 -5.22 17.70 12.77
C LYS B 55 -6.51 17.80 11.96
N ARG B 56 -6.80 16.76 11.18
CA ARG B 56 -8.00 16.73 10.37
C ARG B 56 -8.56 15.31 10.27
N LEU B 57 -9.83 15.23 9.87
CA LEU B 57 -10.49 13.94 9.74
C LEU B 57 -10.59 13.53 8.28
N CYS B 58 -9.95 12.42 7.94
CA CYS B 58 -9.95 11.91 6.57
C CYS B 58 -10.96 10.80 6.39
N HIS B 59 -11.93 11.02 5.51
CA HIS B 59 -12.97 10.02 5.24
C HIS B 59 -12.42 8.91 4.36
N ILE B 60 -12.95 7.70 4.54
CA ILE B 60 -12.51 6.56 3.74
C ILE B 60 -12.93 6.70 2.28
N ARG B 61 -11.98 6.54 1.37
CA ARG B 61 -12.25 6.66 -0.06
C ARG B 61 -13.42 5.78 -0.47
N GLY B 62 -14.03 6.11 -1.61
CA GLY B 62 -15.16 5.34 -2.11
C GLY B 62 -14.71 4.20 -3.00
N LYS B 63 -13.90 4.51 -4.01
CA LYS B 63 -13.41 3.49 -4.92
C LYS B 63 -12.33 2.64 -4.25
N LEU B 64 -11.55 3.27 -3.38
CA LEU B 64 -10.49 2.58 -2.65
C LEU B 64 -11.07 1.70 -1.55
N ARG B 65 -12.32 1.98 -1.15
CA ARG B 65 -12.99 1.21 -0.10
C ARG B 65 -12.91 -0.29 -0.39
N LYS B 66 -12.81 -0.63 -1.68
CA LYS B 66 -12.73 -2.03 -2.08
C LYS B 66 -11.51 -2.72 -1.48
N LYS B 67 -10.44 -1.96 -1.25
CA LYS B 67 -9.22 -2.53 -0.68
C LYS B 67 -8.41 -1.48 0.07
N VAL B 68 -9.09 -0.56 0.75
CA VAL B 68 -8.40 0.48 1.52
C VAL B 68 -8.48 0.18 3.01
N TRP B 69 -7.32 -0.15 3.59
CA TRP B 69 -7.25 -0.45 5.02
C TRP B 69 -6.48 0.62 5.76
N ILE B 70 -7.18 1.41 6.56
CA ILE B 70 -6.55 2.47 7.34
C ILE B 70 -6.10 1.95 8.70
N ASN B 71 -5.01 2.50 9.19
CA ASN B 71 -4.47 2.10 10.48
C ASN B 71 -4.20 3.31 11.37
N THR B 72 -4.08 3.08 12.67
CA THR B 72 -3.82 4.16 13.61
C THR B 72 -2.35 4.56 13.63
N SER B 73 -1.55 3.81 12.92
CA SER B 73 -0.11 4.08 12.85
C SER B 73 0.42 3.76 11.46
N ASP B 74 0.07 4.58 10.48
CA ASP B 74 0.51 4.38 9.11
C ASP B 74 0.40 5.65 8.28
N ILE B 75 1.15 5.69 7.19
CA ILE B 75 1.15 6.82 6.29
C ILE B 75 0.03 6.69 5.26
N ILE B 76 -0.53 7.81 4.85
CA ILE B 76 -1.61 7.79 3.86
C ILE B 76 -1.62 9.06 3.02
N LEU B 77 -2.44 9.06 1.98
CA LEU B 77 -2.57 10.22 1.13
C LEU B 77 -4.04 10.59 0.98
N VAL B 78 -4.38 11.83 1.36
CA VAL B 78 -5.76 12.30 1.29
C VAL B 78 -5.88 13.53 0.41
N GLY B 79 -7.06 13.73 -0.16
CA GLY B 79 -7.28 14.88 -1.02
C GLY B 79 -7.77 16.09 -0.25
N LEU B 80 -7.29 17.27 -0.62
CA LEU B 80 -7.68 18.50 0.04
C LEU B 80 -8.45 19.41 -0.91
N ARG B 81 -8.91 20.54 -0.38
CA ARG B 81 -9.68 21.51 -1.17
C ARG B 81 -11.08 20.99 -1.48
N ASP B 82 -11.46 19.88 -0.86
CA ASP B 82 -12.78 19.28 -1.10
C ASP B 82 -13.78 19.78 -0.05
N TYR B 83 -13.30 19.90 1.19
CA TYR B 83 -14.15 20.35 2.29
C TYR B 83 -13.83 21.79 2.69
N GLN B 84 -13.23 22.54 1.76
CA GLN B 84 -12.87 23.92 2.03
C GLN B 84 -11.73 24.01 3.04
N ASP B 85 -10.86 23.00 3.03
CA ASP B 85 -9.73 22.94 3.96
C ASP B 85 -10.16 22.42 5.32
N ASN B 86 -9.18 21.99 6.13
CA ASN B 86 -9.43 21.47 7.48
C ASN B 86 -9.80 19.98 7.43
N LYS B 87 -10.20 19.49 6.27
CA LYS B 87 -10.57 18.08 6.12
C LYS B 87 -10.10 17.56 4.76
N ALA B 88 -9.83 16.26 4.70
CA ALA B 88 -9.38 15.63 3.46
C ALA B 88 -10.03 14.27 3.28
N ASP B 89 -9.65 13.57 2.21
CA ASP B 89 -10.20 12.25 1.93
C ASP B 89 -9.11 11.30 1.42
N VAL B 90 -8.84 10.25 2.19
CA VAL B 90 -7.82 9.28 1.81
C VAL B 90 -8.04 8.78 0.39
N ILE B 91 -7.14 9.15 -0.51
CA ILE B 91 -7.21 8.73 -1.90
C ILE B 91 -6.62 7.33 -2.06
N LEU B 92 -5.41 7.17 -1.53
CA LEU B 92 -4.72 5.88 -1.57
C LEU B 92 -4.10 5.60 -0.21
N LYS B 93 -3.63 4.37 -0.01
CA LYS B 93 -3.02 4.00 1.26
C LYS B 93 -1.52 3.75 1.14
N TYR B 94 -0.75 4.51 1.92
CA TYR B 94 0.69 4.36 1.96
C TYR B 94 1.06 3.27 2.97
N ASN B 95 1.46 2.11 2.47
CA ASN B 95 1.79 0.95 3.32
C ASN B 95 3.08 1.13 4.10
N ALA B 96 3.37 0.15 4.96
CA ALA B 96 4.58 0.15 5.77
C ALA B 96 5.80 -0.22 4.93
N ASP B 97 5.64 -1.22 4.07
CA ASP B 97 6.72 -1.63 3.19
C ASP B 97 7.11 -0.46 2.31
N GLU B 98 6.08 0.24 1.85
CA GLU B 98 6.26 1.43 1.02
C GLU B 98 6.90 2.52 1.84
N ALA B 99 6.66 2.47 3.15
CA ALA B 99 7.18 3.48 4.08
C ALA B 99 8.64 3.81 3.80
N ARG B 100 9.48 2.79 3.62
CA ARG B 100 10.88 3.03 3.32
C ARG B 100 11.00 3.89 2.06
N SER B 101 10.01 3.74 1.19
CA SER B 101 9.93 4.50 -0.04
C SER B 101 9.47 5.93 0.24
N LEU B 102 8.80 6.13 1.38
CA LEU B 102 8.32 7.45 1.75
C LEU B 102 9.41 8.49 1.64
N LYS B 103 10.64 8.13 1.95
CA LYS B 103 11.74 9.06 1.78
C LYS B 103 11.70 9.53 0.32
N ALA B 104 11.30 8.58 -0.54
CA ALA B 104 11.14 8.80 -1.97
C ALA B 104 9.79 9.48 -2.27
N TYR B 105 8.84 9.38 -1.32
CA TYR B 105 7.52 9.97 -1.48
C TYR B 105 7.60 11.49 -1.51
N GLY B 106 8.79 12.03 -1.28
CA GLY B 106 8.95 13.48 -1.28
C GLY B 106 8.06 14.13 -0.23
N GLU B 107 7.71 13.36 0.80
CA GLU B 107 6.85 13.85 1.87
C GLU B 107 7.60 13.93 3.20
N LEU B 108 8.09 12.78 3.66
CA LEU B 108 8.81 12.71 4.92
C LEU B 108 10.31 12.88 4.71
N PRO B 109 10.99 13.64 5.59
CA PRO B 109 12.43 13.88 5.48
C PRO B 109 13.24 12.59 5.63
N GLU B 110 14.55 12.71 5.57
CA GLU B 110 15.44 11.57 5.70
C GLU B 110 15.46 11.05 7.14
N HIS B 111 15.19 11.94 8.09
CA HIS B 111 15.18 11.57 9.51
C HIS B 111 13.85 10.95 9.91
N ALA B 112 12.86 11.02 9.03
CA ALA B 112 11.54 10.46 9.30
C ALA B 112 11.63 8.99 9.67
N LYS B 113 10.91 8.60 10.72
CA LYS B 113 10.91 7.20 11.17
C LYS B 113 9.50 6.63 11.16
N ILE B 114 9.33 5.49 10.52
CA ILE B 114 8.04 4.83 10.43
C ILE B 114 7.91 3.72 11.49
N ASN B 115 6.69 3.45 11.91
CA ASN B 115 6.43 2.41 12.90
C ASN B 115 6.72 1.03 12.33
N GLU B 116 7.93 0.53 12.56
CA GLU B 116 8.35 -0.78 12.07
C GLU B 116 7.96 -0.98 10.61
N THR B 117 8.09 -2.20 10.11
CA THR B 117 7.75 -2.51 8.73
C THR B 117 7.09 -3.88 8.62
N ASP B 118 6.32 -4.07 7.55
CA ASP B 118 5.61 -5.32 7.32
C ASP B 118 6.47 -6.53 7.68
N THR B 119 6.00 -7.33 8.63
CA THR B 119 6.72 -8.52 9.06
C THR B 119 6.88 -9.51 7.91
N PHE B 120 8.13 -9.73 7.51
CA PHE B 120 8.42 -10.65 6.41
C PHE B 120 9.65 -11.51 6.73
N GLY B 121 9.40 -12.76 7.10
CA GLY B 121 10.50 -13.66 7.42
C GLY B 121 10.33 -15.02 6.77
N PRO B 122 10.75 -15.16 5.49
CA PRO B 122 10.65 -16.42 4.77
C PRO B 122 11.61 -17.48 5.30
N GLY B 123 12.76 -17.04 5.79
CA GLY B 123 13.75 -17.96 6.32
C GLY B 123 13.28 -18.62 7.61
N ASP B 124 13.92 -19.74 7.96
CA ASP B 124 13.57 -20.45 9.18
C ASP B 124 12.12 -20.92 9.14
N ASP B 125 11.93 -22.22 8.95
CA ASP B 125 10.59 -22.81 8.89
C ASP B 125 10.38 -23.80 10.02
N ASP B 126 10.97 -23.51 11.18
CA ASP B 126 10.84 -24.37 12.34
C ASP B 126 10.94 -23.57 13.63
N GLU B 127 10.16 -23.97 14.64
CA GLU B 127 10.16 -23.29 15.93
C GLU B 127 9.53 -21.91 15.82
N ILE B 128 10.18 -21.03 15.07
CA ILE B 128 9.68 -19.67 14.89
C ILE B 128 8.28 -19.68 14.31
N GLN B 129 7.51 -18.64 14.64
CA GLN B 129 6.14 -18.52 14.16
C GLN B 129 5.28 -19.69 14.67
N PHE B 130 4.88 -19.62 15.93
CA PHE B 130 4.07 -20.67 16.53
C PHE B 130 3.42 -20.19 17.83
N ASP B 131 4.24 -19.60 18.70
CA ASP B 131 3.75 -19.09 19.97
C ASP B 131 3.46 -17.60 19.89
N ASP B 132 4.07 -16.93 18.92
CA ASP B 132 3.87 -15.50 18.72
C ASP B 132 4.44 -14.70 19.91
N ILE B 133 5.37 -15.31 20.63
CA ILE B 133 5.99 -14.65 21.79
C ILE B 133 4.94 -14.08 22.73
N GLY B 134 3.80 -14.74 22.80
CA GLY B 134 2.73 -14.28 23.67
C GLY B 134 2.11 -12.98 23.19
N ASP B 135 2.17 -11.95 24.03
CA ASP B 135 1.61 -10.65 23.68
C ASP B 135 0.12 -10.75 23.40
N ASP B 136 -0.56 -9.62 23.38
CA ASP B 136 -2.00 -9.58 23.12
C ASP B 136 -2.27 -9.46 21.63
N ASP B 137 -2.79 -10.54 21.04
CA ASP B 137 -3.11 -10.55 19.61
C ASP B 137 -3.86 -11.82 19.24
N GLU B 138 -3.38 -12.96 19.74
CA GLU B 138 -4.01 -14.24 19.47
C GLU B 138 -3.92 -14.58 17.98
N ASP B 139 -3.73 -15.85 17.67
CA ASP B 139 -3.61 -16.30 16.29
C ASP B 139 -4.60 -17.43 16.01
N ILE B 140 -5.89 -17.10 15.95
CA ILE B 140 -6.93 -18.08 15.70
C ILE B 140 -8.10 -17.46 14.94
N ASP B 141 -8.13 -17.68 13.62
CA ASP B 141 -9.20 -17.15 12.79
C ASP B 141 -9.82 -18.23 11.92
N ASP B 142 -10.99 -18.71 12.33
CA ASP B 142 -11.68 -19.76 11.58
C ASP B 142 -13.00 -19.25 11.02
N ILE B 143 -13.03 -17.95 10.70
CA ILE B 143 -14.23 -17.32 10.15
C ILE B 143 -15.50 -17.78 10.87
N MET A 1 -36.79 -3.50 -41.62
CA MET A 1 -36.72 -3.22 -43.08
C MET A 1 -35.48 -3.86 -43.70
N ARG A 2 -35.60 -5.12 -44.08
CA ARG A 2 -34.48 -5.84 -44.69
C ARG A 2 -34.92 -7.24 -45.15
N GLY A 3 -36.04 -7.30 -45.86
CA GLY A 3 -36.54 -8.57 -46.34
C GLY A 3 -37.30 -9.33 -45.28
N SER A 4 -38.56 -8.95 -45.07
CA SER A 4 -39.41 -9.60 -44.08
C SER A 4 -40.61 -10.27 -44.74
N HIS A 5 -41.03 -11.40 -44.20
CA HIS A 5 -42.17 -12.14 -44.73
C HIS A 5 -43.26 -12.29 -43.68
N HIS A 6 -43.64 -11.18 -43.05
CA HIS A 6 -44.66 -11.19 -42.03
C HIS A 6 -45.67 -10.07 -42.27
N HIS A 7 -46.71 -10.03 -41.44
CA HIS A 7 -47.75 -9.02 -41.55
C HIS A 7 -47.19 -7.63 -41.23
N HIS A 8 -46.97 -7.37 -39.96
CA HIS A 8 -46.44 -6.08 -39.52
C HIS A 8 -45.83 -6.18 -38.13
N HIS A 9 -44.62 -6.73 -38.06
CA HIS A 9 -43.92 -6.90 -36.78
C HIS A 9 -43.09 -5.66 -36.46
N HIS A 10 -42.66 -4.96 -37.49
CA HIS A 10 -41.85 -3.75 -37.32
C HIS A 10 -40.46 -4.10 -36.82
N THR A 11 -40.39 -4.60 -35.58
CA THR A 11 -39.12 -4.99 -34.97
C THR A 11 -38.22 -3.77 -34.76
N ASP A 12 -37.69 -3.23 -35.85
CA ASP A 12 -36.81 -2.05 -35.77
C ASP A 12 -35.71 -2.26 -34.73
N PRO A 13 -34.82 -3.25 -34.94
CA PRO A 13 -33.73 -3.54 -34.00
C PRO A 13 -32.65 -2.46 -34.03
N MET A 14 -31.57 -2.72 -33.31
CA MET A 14 -30.45 -1.76 -33.25
C MET A 14 -29.11 -2.49 -33.22
N PRO B 1 -28.25 -2.26 -34.22
CA PRO B 1 -26.93 -2.91 -34.29
C PRO B 1 -26.00 -2.43 -33.18
N LYS B 2 -26.16 -1.17 -32.77
CA LYS B 2 -25.33 -0.59 -31.72
C LYS B 2 -25.76 -1.09 -30.35
N ASN B 3 -25.12 -0.56 -29.31
CA ASN B 3 -25.44 -0.95 -27.94
C ASN B 3 -25.22 -2.45 -27.74
N LYS B 4 -23.95 -2.87 -27.83
CA LYS B 4 -23.60 -4.27 -27.66
C LYS B 4 -23.98 -4.77 -26.27
N GLY B 5 -23.97 -3.87 -25.30
CA GLY B 5 -24.32 -4.23 -23.94
C GLY B 5 -25.72 -3.78 -23.56
N LYS B 6 -26.48 -4.67 -22.93
CA LYS B 6 -27.83 -4.36 -22.51
C LYS B 6 -28.23 -5.19 -21.29
N GLY B 7 -29.20 -4.69 -20.53
CA GLY B 7 -29.66 -5.38 -19.35
C GLY B 7 -29.28 -4.66 -18.08
N GLY B 8 -28.07 -4.12 -18.03
CA GLY B 8 -27.61 -3.40 -16.86
C GLY B 8 -28.01 -1.94 -16.89
N LYS B 9 -29.06 -1.60 -16.14
CA LYS B 9 -29.54 -0.23 -16.08
C LYS B 9 -28.44 0.71 -15.58
N ASN B 10 -27.93 0.45 -14.39
CA ASN B 10 -26.88 1.26 -13.80
C ASN B 10 -25.61 0.46 -13.56
N ARG B 11 -24.54 1.14 -13.19
CA ARG B 11 -23.26 0.49 -12.93
C ARG B 11 -22.23 1.49 -12.45
N ARG B 12 -21.04 1.00 -12.10
CA ARG B 12 -19.96 1.86 -11.62
C ARG B 12 -18.75 1.80 -12.54
N ARG B 13 -19.00 1.47 -13.80
CA ARG B 13 -17.92 1.38 -14.79
C ARG B 13 -16.82 0.43 -14.31
N GLY B 14 -17.14 -0.86 -14.25
CA GLY B 14 -16.17 -1.84 -13.81
C GLY B 14 -14.92 -1.86 -14.66
N LYS B 15 -13.97 -2.70 -14.30
CA LYS B 15 -12.71 -2.82 -15.04
C LYS B 15 -12.39 -4.28 -15.33
N ASN B 16 -13.35 -4.98 -15.94
CA ASN B 16 -13.17 -6.39 -16.28
C ASN B 16 -12.96 -7.23 -15.02
N GLU B 17 -13.96 -7.25 -14.15
CA GLU B 17 -13.88 -8.01 -12.91
C GLU B 17 -12.78 -7.47 -12.00
N ASN B 18 -12.32 -6.26 -12.27
CA ASN B 18 -11.26 -5.63 -11.47
C ASN B 18 -10.11 -6.61 -11.22
N GLU B 19 -9.11 -6.56 -12.09
CA GLU B 19 -7.95 -7.43 -11.97
C GLU B 19 -6.78 -6.90 -12.77
N SER B 20 -5.73 -7.72 -12.92
CA SER B 20 -4.54 -7.32 -13.66
C SER B 20 -3.85 -6.14 -13.01
N GLU B 21 -3.93 -6.07 -11.68
CA GLU B 21 -3.31 -4.99 -10.93
C GLU B 21 -1.98 -5.44 -10.31
N LYS B 22 -0.92 -4.73 -10.65
CA LYS B 22 0.41 -5.05 -10.13
C LYS B 22 0.80 -4.11 -9.00
N ARG B 23 1.95 -4.37 -8.39
CA ARG B 23 2.44 -3.53 -7.29
C ARG B 23 3.12 -2.27 -7.83
N GLU B 24 2.42 -1.15 -7.76
CA GLU B 24 2.95 0.12 -8.23
C GLU B 24 3.01 1.14 -7.10
N LEU B 25 4.18 1.76 -6.93
CA LEU B 25 4.37 2.75 -5.89
C LEU B 25 3.74 4.08 -6.28
N VAL B 26 2.74 4.52 -5.51
CA VAL B 26 2.07 5.78 -5.77
C VAL B 26 2.49 6.85 -4.80
N PHE B 27 2.68 8.07 -5.31
CA PHE B 27 3.09 9.20 -4.49
C PHE B 27 1.99 10.25 -4.42
N LYS B 28 2.16 11.24 -3.55
CA LYS B 28 1.19 12.32 -3.40
C LYS B 28 0.77 12.87 -4.77
N GLU B 29 -0.45 13.41 -4.84
CA GLU B 29 -0.96 13.97 -6.09
C GLU B 29 -1.30 15.45 -5.93
N ASP B 30 -1.37 16.15 -7.05
CA ASP B 30 -1.68 17.58 -7.05
C ASP B 30 -3.04 17.83 -6.41
N GLY B 31 -3.09 18.72 -5.44
CA GLY B 31 -4.33 19.04 -4.77
C GLY B 31 -4.56 18.18 -3.54
N GLN B 32 -3.81 17.09 -3.43
CA GLN B 32 -3.93 16.19 -2.28
C GLN B 32 -2.65 16.17 -1.47
N GLU B 33 -2.78 16.02 -0.16
CA GLU B 33 -1.61 16.00 0.72
C GLU B 33 -1.51 14.68 1.49
N TYR B 34 -0.30 14.35 1.92
CA TYR B 34 -0.05 13.13 2.67
C TYR B 34 -0.34 13.37 4.15
N ALA B 35 -0.61 12.30 4.89
CA ALA B 35 -0.92 12.43 6.31
C ALA B 35 -0.48 11.20 7.11
N GLN B 36 -0.61 11.31 8.43
CA GLN B 36 -0.24 10.23 9.33
C GLN B 36 -1.40 9.94 10.29
N VAL B 37 -2.04 8.79 10.11
CA VAL B 37 -3.18 8.42 10.95
C VAL B 37 -2.83 8.45 12.43
N ILE B 38 -3.73 9.02 13.23
CA ILE B 38 -3.53 9.12 14.67
C ILE B 38 -4.58 8.30 15.42
N LYS B 39 -5.83 8.41 14.99
CA LYS B 39 -6.93 7.69 15.63
C LYS B 39 -7.92 7.20 14.58
N MET B 40 -8.75 6.23 14.96
CA MET B 40 -9.75 5.68 14.05
C MET B 40 -11.16 5.96 14.56
N LEU B 41 -12.08 6.23 13.63
CA LEU B 41 -13.47 6.51 13.99
C LEU B 41 -14.38 5.38 13.54
N GLY B 42 -14.37 5.10 12.25
CA GLY B 42 -15.21 4.04 11.70
C GLY B 42 -16.28 4.57 10.77
N ASN B 43 -16.65 3.75 9.79
CA ASN B 43 -17.67 4.13 8.81
C ASN B 43 -17.24 5.36 8.02
N GLY B 44 -16.31 5.16 7.09
CA GLY B 44 -15.83 6.26 6.28
C GLY B 44 -15.31 7.41 7.10
N ARG B 45 -14.71 7.11 8.25
CA ARG B 45 -14.17 8.13 9.13
C ARG B 45 -12.90 7.67 9.82
N LEU B 46 -11.86 8.48 9.75
CA LEU B 46 -10.59 8.16 10.38
C LEU B 46 -9.90 9.43 10.87
N GLU B 47 -9.31 9.35 12.06
CA GLU B 47 -8.61 10.49 12.63
C GLU B 47 -7.15 10.45 12.21
N ALA B 48 -6.69 11.51 11.54
CA ALA B 48 -5.32 11.57 11.07
C ALA B 48 -4.60 12.79 11.61
N MET B 49 -3.27 12.76 11.50
CA MET B 49 -2.43 13.86 11.96
C MET B 49 -1.44 14.26 10.87
N CYS B 50 -1.81 15.27 10.09
CA CYS B 50 -0.94 15.75 9.02
C CYS B 50 0.44 16.10 9.57
N PHE B 51 1.48 15.59 8.92
CA PHE B 51 2.85 15.85 9.36
C PHE B 51 3.11 17.34 9.59
N ASP B 52 2.32 18.19 8.93
CA ASP B 52 2.48 19.63 9.07
C ASP B 52 1.94 20.11 10.42
N GLY B 53 1.26 19.22 11.14
CA GLY B 53 0.71 19.59 12.44
C GLY B 53 -0.76 19.95 12.36
N VAL B 54 -1.49 19.27 11.49
CA VAL B 54 -2.92 19.53 11.32
C VAL B 54 -3.73 18.24 11.44
N LYS B 55 -4.50 18.13 12.52
CA LYS B 55 -5.32 16.94 12.75
C LYS B 55 -6.73 17.15 12.21
N ARG B 56 -7.15 16.27 11.30
CA ARG B 56 -8.48 16.37 10.71
C ARG B 56 -9.05 14.98 10.43
N LEU B 57 -10.35 14.93 10.17
CA LEU B 57 -11.02 13.66 9.89
C LEU B 57 -11.08 13.41 8.40
N CYS B 58 -10.25 12.47 7.94
CA CYS B 58 -10.20 12.12 6.53
C CYS B 58 -11.16 10.98 6.23
N HIS B 59 -11.93 11.12 5.15
CA HIS B 59 -12.89 10.10 4.76
C HIS B 59 -12.23 9.05 3.88
N ILE B 60 -12.44 7.78 4.20
CA ILE B 60 -11.85 6.69 3.44
C ILE B 60 -12.49 6.60 2.05
N ARG B 61 -11.67 6.32 1.05
CA ARG B 61 -12.14 6.21 -0.32
C ARG B 61 -13.16 5.07 -0.46
N GLY B 62 -14.06 5.20 -1.41
CA GLY B 62 -15.08 4.18 -1.62
C GLY B 62 -14.52 2.95 -2.33
N LYS B 63 -13.70 3.17 -3.34
CA LYS B 63 -13.10 2.06 -4.08
C LYS B 63 -11.97 1.41 -3.29
N LEU B 64 -11.28 2.23 -2.49
CA LEU B 64 -10.19 1.73 -1.68
C LEU B 64 -10.69 0.95 -0.47
N ARG B 65 -11.63 1.54 0.27
CA ARG B 65 -12.20 0.91 1.45
C ARG B 65 -12.69 -0.51 1.14
N LYS B 66 -13.00 -0.77 -0.13
CA LYS B 66 -13.48 -2.09 -0.53
C LYS B 66 -12.52 -3.18 -0.06
N LYS B 67 -11.22 -2.91 -0.14
CA LYS B 67 -10.21 -3.86 0.29
C LYS B 67 -9.04 -3.17 1.00
N VAL B 68 -9.23 -1.91 1.36
CA VAL B 68 -8.19 -1.15 2.03
C VAL B 68 -8.69 -0.58 3.36
N TRP B 69 -8.03 -0.96 4.44
CA TRP B 69 -8.41 -0.49 5.77
C TRP B 69 -7.34 0.44 6.33
N ILE B 70 -7.70 1.71 6.52
CA ILE B 70 -6.76 2.68 7.06
C ILE B 70 -6.34 2.31 8.48
N ASN B 71 -5.04 2.35 8.73
CA ASN B 71 -4.51 2.00 10.04
C ASN B 71 -4.23 3.25 10.87
N THR B 72 -4.22 3.09 12.19
CA THR B 72 -3.97 4.21 13.09
C THR B 72 -2.48 4.58 13.13
N SER B 73 -1.67 3.78 12.48
CA SER B 73 -0.23 4.01 12.44
C SER B 73 0.32 3.70 11.05
N ASP B 74 0.17 4.65 10.13
CA ASP B 74 0.67 4.47 8.77
C ASP B 74 0.55 5.76 7.96
N ILE B 75 1.28 5.82 6.86
CA ILE B 75 1.26 6.99 5.98
C ILE B 75 0.12 6.88 4.97
N ILE B 76 -0.45 8.02 4.60
CA ILE B 76 -1.55 8.02 3.64
C ILE B 76 -1.59 9.32 2.83
N LEU B 77 -2.44 9.33 1.82
CA LEU B 77 -2.61 10.50 0.98
C LEU B 77 -4.09 10.86 0.88
N VAL B 78 -4.42 12.08 1.29
CA VAL B 78 -5.80 12.54 1.26
C VAL B 78 -5.95 13.76 0.34
N GLY B 79 -7.11 13.89 -0.29
CA GLY B 79 -7.35 15.00 -1.19
C GLY B 79 -7.89 16.23 -0.47
N LEU B 80 -7.40 17.40 -0.86
CA LEU B 80 -7.85 18.65 -0.25
C LEU B 80 -8.34 19.62 -1.32
N ARG B 81 -9.45 20.30 -1.05
CA ARG B 81 -10.01 21.25 -1.99
C ARG B 81 -11.25 21.93 -1.41
N ASP B 82 -12.39 21.25 -1.51
CA ASP B 82 -13.65 21.79 -0.99
C ASP B 82 -13.67 21.78 0.54
N TYR B 83 -12.83 20.94 1.14
CA TYR B 83 -12.76 20.84 2.60
C TYR B 83 -12.09 22.06 3.20
N GLN B 84 -11.50 22.91 2.36
CA GLN B 84 -10.83 24.12 2.82
C GLN B 84 -9.56 23.80 3.61
N ASP B 85 -8.95 22.65 3.30
CA ASP B 85 -7.72 22.22 3.99
C ASP B 85 -8.03 21.60 5.35
N ASN B 86 -8.86 22.27 6.14
CA ASN B 86 -9.23 21.78 7.47
C ASN B 86 -9.50 20.28 7.46
N LYS B 87 -9.99 19.77 6.33
CA LYS B 87 -10.29 18.35 6.19
C LYS B 87 -9.82 17.82 4.85
N ALA B 88 -9.74 16.50 4.72
CA ALA B 88 -9.31 15.87 3.49
C ALA B 88 -10.02 14.53 3.29
N ASP B 89 -9.66 13.84 2.21
CA ASP B 89 -10.28 12.56 1.91
C ASP B 89 -9.23 11.55 1.44
N VAL B 90 -8.99 10.52 2.24
CA VAL B 90 -8.01 9.50 1.90
C VAL B 90 -8.25 8.98 0.49
N ILE B 91 -7.32 9.28 -0.41
CA ILE B 91 -7.42 8.83 -1.80
C ILE B 91 -6.80 7.45 -1.95
N LEU B 92 -5.53 7.34 -1.54
CA LEU B 92 -4.82 6.08 -1.60
C LEU B 92 -4.15 5.80 -0.27
N LYS B 93 -3.73 4.57 -0.05
CA LYS B 93 -3.10 4.20 1.22
C LYS B 93 -1.61 3.92 1.05
N TYR B 94 -0.78 4.74 1.68
CA TYR B 94 0.67 4.57 1.65
C TYR B 94 1.04 3.47 2.64
N ASN B 95 1.40 2.30 2.11
CA ASN B 95 1.73 1.13 2.94
C ASN B 95 3.05 1.30 3.71
N ALA B 96 3.34 0.30 4.54
CA ALA B 96 4.56 0.29 5.35
C ALA B 96 5.77 -0.09 4.50
N ASP B 97 5.58 -1.05 3.61
CA ASP B 97 6.67 -1.47 2.72
C ASP B 97 7.08 -0.28 1.86
N GLU B 98 6.07 0.47 1.44
CA GLU B 98 6.28 1.66 0.65
C GLU B 98 6.97 2.72 1.51
N ALA B 99 6.72 2.64 2.81
CA ALA B 99 7.27 3.60 3.76
C ALA B 99 8.74 3.89 3.49
N ARG B 100 9.54 2.85 3.26
CA ARG B 100 10.96 3.06 2.96
C ARG B 100 11.09 3.96 1.73
N SER B 101 10.10 3.85 0.85
CA SER B 101 10.05 4.65 -0.36
C SER B 101 9.57 6.06 -0.03
N LEU B 102 8.87 6.22 1.10
CA LEU B 102 8.37 7.52 1.49
C LEU B 102 9.46 8.57 1.45
N LYS B 103 10.68 8.17 1.75
CA LYS B 103 11.79 9.12 1.64
C LYS B 103 11.75 9.65 0.21
N ALA B 104 11.33 8.77 -0.70
CA ALA B 104 11.15 9.07 -2.11
C ALA B 104 9.81 9.78 -2.35
N TYR B 105 8.86 9.61 -1.42
CA TYR B 105 7.54 10.24 -1.53
C TYR B 105 7.68 11.76 -1.41
N GLY B 106 8.85 12.20 -0.97
CA GLY B 106 9.08 13.62 -0.80
C GLY B 106 8.14 14.23 0.22
N GLU B 107 7.71 13.40 1.17
CA GLU B 107 6.79 13.85 2.22
C GLU B 107 7.47 13.83 3.59
N LEU B 108 8.04 12.69 3.95
CA LEU B 108 8.72 12.55 5.24
C LEU B 108 10.17 12.98 5.14
N PRO B 109 10.69 13.68 6.18
CA PRO B 109 12.08 14.14 6.19
C PRO B 109 13.07 13.01 6.43
N GLU B 110 14.35 13.35 6.46
CA GLU B 110 15.40 12.35 6.67
C GLU B 110 15.35 11.82 8.10
N HIS B 111 14.86 12.63 9.03
CA HIS B 111 14.76 12.23 10.43
C HIS B 111 13.45 11.49 10.71
N ALA B 112 12.64 11.29 9.67
CA ALA B 112 11.36 10.61 9.82
C ALA B 112 11.55 9.09 9.84
N LYS B 113 11.01 8.44 10.87
CA LYS B 113 11.12 7.00 11.01
C LYS B 113 9.75 6.34 11.00
N ILE B 114 9.63 5.23 10.28
CA ILE B 114 8.37 4.49 10.20
C ILE B 114 8.31 3.38 11.22
N ASN B 115 7.10 3.04 11.63
CA ASN B 115 6.90 1.98 12.62
C ASN B 115 7.22 0.61 12.04
N GLU B 116 8.49 0.39 11.71
CA GLU B 116 8.93 -0.87 11.13
C GLU B 116 8.09 -1.24 9.91
N THR B 117 8.26 -2.48 9.44
CA THR B 117 7.51 -2.96 8.28
C THR B 117 6.09 -3.34 8.66
N ASP B 118 5.93 -3.88 9.87
CA ASP B 118 4.62 -4.29 10.37
C ASP B 118 4.05 -5.41 9.51
N THR B 119 3.54 -6.45 10.16
CA THR B 119 2.95 -7.59 9.46
C THR B 119 1.76 -7.15 8.62
N PHE B 120 1.10 -8.12 7.98
CA PHE B 120 -0.06 -7.84 7.15
C PHE B 120 -1.29 -7.52 7.99
N GLY B 121 -1.20 -6.46 8.79
CA GLY B 121 -2.31 -6.06 9.63
C GLY B 121 -2.38 -6.86 10.92
N PRO B 122 -3.59 -7.13 11.44
CA PRO B 122 -3.75 -7.89 12.68
C PRO B 122 -3.00 -9.22 12.66
N GLY B 123 -1.97 -9.32 13.48
CA GLY B 123 -1.18 -10.53 13.54
C GLY B 123 -1.60 -11.45 14.67
N ASP B 124 -2.77 -11.18 15.25
CA ASP B 124 -3.28 -11.99 16.36
C ASP B 124 -2.42 -11.83 17.61
N ASP B 125 -1.19 -12.32 17.54
CA ASP B 125 -0.28 -12.23 18.68
C ASP B 125 0.39 -10.86 18.72
N ASP B 126 -0.41 -9.83 19.01
CA ASP B 126 0.12 -8.47 19.09
C ASP B 126 0.82 -8.23 20.42
N GLU B 127 1.80 -7.33 20.41
CA GLU B 127 2.54 -7.01 21.61
C GLU B 127 2.91 -5.52 21.65
N ILE B 128 2.23 -4.77 22.52
CA ILE B 128 2.47 -3.35 22.66
C ILE B 128 2.53 -2.94 24.14
N GLN B 129 1.55 -3.41 24.90
CA GLN B 129 1.48 -3.10 26.33
C GLN B 129 2.13 -4.22 27.15
N PHE B 130 2.04 -4.07 28.48
CA PHE B 130 2.62 -5.07 29.38
C PHE B 130 4.13 -5.18 29.18
N ASP B 131 4.87 -4.29 29.80
CA ASP B 131 6.33 -4.29 29.69
C ASP B 131 6.97 -4.93 30.92
N ASP B 132 6.50 -4.53 32.09
CA ASP B 132 7.04 -5.05 33.35
C ASP B 132 5.93 -5.23 34.37
N ILE B 133 4.74 -5.60 33.90
CA ILE B 133 3.60 -5.82 34.79
C ILE B 133 3.04 -7.21 34.63
N GLY B 134 3.71 -8.19 35.24
CA GLY B 134 3.26 -9.56 35.16
C GLY B 134 3.98 -10.35 34.07
N ASP B 135 4.38 -9.66 33.01
CA ASP B 135 5.08 -10.28 31.91
C ASP B 135 6.41 -10.88 32.38
N ASP B 136 6.52 -12.20 32.32
CA ASP B 136 7.74 -12.88 32.75
C ASP B 136 7.71 -14.35 32.34
N ASP B 137 8.80 -14.82 31.76
CA ASP B 137 8.90 -16.21 31.32
C ASP B 137 10.35 -16.68 31.33
N GLU B 138 10.55 -17.97 31.57
CA GLU B 138 11.90 -18.55 31.59
C GLU B 138 12.00 -19.72 30.62
N ASP B 139 11.51 -20.88 31.04
CA ASP B 139 11.55 -22.09 30.21
C ASP B 139 12.97 -22.40 29.78
N ILE B 140 13.84 -22.64 30.75
CA ILE B 140 15.24 -22.95 30.47
C ILE B 140 15.45 -24.45 30.29
N ASP B 141 15.29 -24.93 29.06
CA ASP B 141 15.46 -26.35 28.76
C ASP B 141 14.48 -27.20 29.57
N ASP B 142 13.20 -27.10 29.23
CA ASP B 142 12.16 -27.85 29.92
C ASP B 142 11.80 -29.10 29.14
N ILE B 143 12.32 -30.24 29.56
CA ILE B 143 12.04 -31.52 28.90
C ILE B 143 10.56 -31.85 28.97
N MET A 1 18.96 -22.22 -24.47
CA MET A 1 17.54 -22.19 -24.04
C MET A 1 16.75 -23.34 -24.65
N ARG A 2 16.89 -24.52 -24.04
CA ARG A 2 16.19 -25.71 -24.50
C ARG A 2 15.79 -26.61 -23.34
N GLY A 3 14.51 -26.61 -23.02
CA GLY A 3 14.01 -27.43 -21.92
C GLY A 3 12.95 -28.41 -22.36
N SER A 4 11.91 -28.56 -21.55
CA SER A 4 10.82 -29.48 -21.86
C SER A 4 9.57 -28.70 -22.30
N HIS A 5 9.49 -28.41 -23.59
CA HIS A 5 8.35 -27.68 -24.15
C HIS A 5 8.27 -26.28 -23.55
N HIS A 6 8.48 -25.27 -24.39
CA HIS A 6 8.42 -23.88 -23.96
C HIS A 6 7.05 -23.53 -23.41
N HIS A 7 6.91 -22.32 -22.88
CA HIS A 7 5.65 -21.86 -22.32
C HIS A 7 5.54 -20.34 -22.39
N HIS A 8 5.36 -19.82 -23.60
CA HIS A 8 5.23 -18.39 -23.82
C HIS A 8 3.78 -17.95 -23.74
N HIS A 9 3.55 -16.64 -23.83
CA HIS A 9 2.20 -16.10 -23.77
C HIS A 9 1.71 -15.72 -25.16
N HIS A 10 0.40 -15.57 -25.30
CA HIS A 10 -0.20 -15.21 -26.58
C HIS A 10 -0.86 -13.84 -26.50
N THR A 11 -0.07 -12.80 -26.78
CA THR A 11 -0.59 -11.43 -26.74
C THR A 11 -1.51 -11.17 -27.91
N ASP A 12 -1.25 -11.84 -29.04
CA ASP A 12 -2.06 -11.67 -30.24
C ASP A 12 -2.94 -12.90 -30.47
N PRO A 13 -4.08 -12.98 -29.79
CA PRO A 13 -5.02 -14.11 -29.92
C PRO A 13 -5.70 -14.13 -31.28
N MET A 14 -6.01 -15.32 -31.77
CA MET A 14 -6.68 -15.48 -33.06
C MET A 14 -8.05 -14.81 -33.05
N PRO B 1 -8.96 -15.27 -32.17
CA PRO B 1 -10.31 -14.71 -32.06
C PRO B 1 -10.31 -13.29 -31.50
N LYS B 2 -11.30 -12.51 -31.89
CA LYS B 2 -11.42 -11.12 -31.43
C LYS B 2 -12.84 -10.60 -31.62
N ASN B 3 -13.27 -9.75 -30.69
CA ASN B 3 -14.61 -9.18 -30.76
C ASN B 3 -14.61 -7.73 -30.28
N LYS B 4 -13.84 -6.89 -30.98
CA LYS B 4 -13.74 -5.48 -30.63
C LYS B 4 -13.23 -5.30 -29.20
N GLY B 5 -11.91 -5.41 -29.04
CA GLY B 5 -11.32 -5.26 -27.72
C GLY B 5 -10.75 -3.87 -27.50
N LYS B 6 -9.52 -3.65 -27.97
CA LYS B 6 -8.87 -2.36 -27.82
C LYS B 6 -8.45 -1.80 -29.17
N GLY B 7 -7.74 -0.68 -29.16
CA GLY B 7 -7.30 -0.06 -30.40
C GLY B 7 -5.86 -0.41 -30.74
N GLY B 8 -5.08 0.60 -31.11
CA GLY B 8 -3.70 0.37 -31.46
C GLY B 8 -2.95 1.66 -31.75
N LYS B 9 -1.68 1.54 -32.12
CA LYS B 9 -0.85 2.70 -32.43
C LYS B 9 -0.73 3.61 -31.21
N ASN B 10 0.24 4.52 -31.26
CA ASN B 10 0.48 5.45 -30.17
C ASN B 10 1.58 6.44 -30.52
N ARG B 11 1.34 7.71 -30.23
CA ARG B 11 2.31 8.77 -30.50
C ARG B 11 3.09 9.15 -29.25
N ARG B 12 3.48 8.14 -28.47
CA ARG B 12 4.23 8.38 -27.24
C ARG B 12 3.42 9.21 -26.26
N ARG B 13 3.83 9.22 -25.01
CA ARG B 13 3.14 9.98 -23.97
C ARG B 13 4.11 10.91 -23.24
N GLY B 14 5.23 10.36 -22.77
CA GLY B 14 6.21 11.15 -22.05
C GLY B 14 6.91 10.37 -20.96
N LYS B 15 6.30 9.26 -20.55
CA LYS B 15 6.88 8.43 -19.49
C LYS B 15 8.30 8.00 -19.84
N ASN B 16 8.62 8.00 -21.12
CA ASN B 16 9.94 7.60 -21.59
C ASN B 16 10.21 6.13 -21.28
N GLU B 17 9.17 5.30 -21.46
CA GLU B 17 9.30 3.87 -21.20
C GLU B 17 7.97 3.16 -21.49
N ASN B 18 6.86 3.82 -21.16
CA ASN B 18 5.54 3.25 -21.39
C ASN B 18 5.22 2.16 -20.36
N GLU B 19 6.02 1.10 -20.36
CA GLU B 19 5.83 -0.01 -19.44
C GLU B 19 6.68 0.18 -18.19
N SER B 20 6.65 1.38 -17.62
CA SER B 20 7.41 1.68 -16.41
C SER B 20 6.53 1.57 -15.18
N GLU B 21 5.88 0.42 -15.02
CA GLU B 21 4.99 0.19 -13.87
C GLU B 21 5.59 -0.84 -12.93
N LYS B 22 6.66 -0.46 -12.24
CA LYS B 22 7.33 -1.36 -11.31
C LYS B 22 6.93 -1.04 -9.87
N ARG B 23 6.25 -1.99 -9.22
CA ARG B 23 5.81 -1.80 -7.84
C ARG B 23 4.81 -0.65 -7.74
N GLU B 24 3.61 -0.95 -7.27
CA GLU B 24 2.56 0.05 -7.12
C GLU B 24 2.92 1.07 -6.03
N LEU B 25 3.79 2.01 -6.38
CA LEU B 25 4.21 3.05 -5.44
C LEU B 25 3.84 4.43 -5.96
N VAL B 26 2.97 5.11 -5.23
CA VAL B 26 2.51 6.44 -5.60
C VAL B 26 2.63 7.44 -4.45
N PHE B 27 3.04 8.67 -4.77
CA PHE B 27 3.18 9.71 -3.77
C PHE B 27 2.07 10.75 -3.93
N LYS B 28 1.95 11.66 -2.96
CA LYS B 28 0.93 12.69 -3.01
C LYS B 28 1.19 13.65 -4.18
N GLU B 29 0.14 14.35 -4.60
CA GLU B 29 0.26 15.30 -5.71
C GLU B 29 -0.61 16.53 -5.48
N ASP B 30 -0.51 17.50 -6.39
CA ASP B 30 -1.28 18.73 -6.29
C ASP B 30 -2.74 18.44 -6.00
N GLY B 31 -3.29 19.13 -5.00
CA GLY B 31 -4.68 18.94 -4.63
C GLY B 31 -4.84 17.90 -3.54
N GLN B 32 -3.79 17.11 -3.30
CA GLN B 32 -3.80 16.08 -2.28
C GLN B 32 -2.50 16.09 -1.49
N GLU B 33 -2.58 15.77 -0.20
CA GLU B 33 -1.39 15.74 0.65
C GLU B 33 -1.34 14.46 1.47
N TYR B 34 -0.13 14.12 1.93
CA TYR B 34 0.07 12.93 2.75
C TYR B 34 -0.23 13.23 4.22
N ALA B 35 -0.53 12.19 4.99
CA ALA B 35 -0.86 12.37 6.40
C ALA B 35 -0.45 11.18 7.25
N GLN B 36 -0.61 11.33 8.56
CA GLN B 36 -0.27 10.29 9.52
C GLN B 36 -1.43 10.05 10.48
N VAL B 37 -2.06 8.88 10.36
CA VAL B 37 -3.20 8.55 11.21
C VAL B 37 -2.80 8.47 12.68
N ILE B 38 -3.63 9.05 13.54
CA ILE B 38 -3.39 9.05 14.98
C ILE B 38 -4.47 8.26 15.72
N LYS B 39 -5.71 8.42 15.27
CA LYS B 39 -6.84 7.74 15.90
C LYS B 39 -7.84 7.27 14.86
N MET B 40 -8.56 6.19 15.16
CA MET B 40 -9.54 5.64 14.26
C MET B 40 -10.96 5.84 14.81
N LEU B 41 -11.82 6.45 14.01
CA LEU B 41 -13.19 6.70 14.44
C LEU B 41 -14.09 5.52 14.07
N GLY B 42 -15.40 5.73 14.13
CA GLY B 42 -16.33 4.67 13.82
C GLY B 42 -17.49 5.14 12.96
N ASN B 43 -17.21 5.48 11.71
CA ASN B 43 -18.24 5.95 10.78
C ASN B 43 -17.64 6.30 9.42
N GLY B 44 -16.94 5.34 8.82
CA GLY B 44 -16.32 5.56 7.53
C GLY B 44 -15.34 6.71 7.53
N ARG B 45 -14.74 6.98 8.68
CA ARG B 45 -13.78 8.07 8.81
C ARG B 45 -12.66 7.70 9.78
N LEU B 46 -11.60 8.50 9.78
CA LEU B 46 -10.46 8.24 10.66
C LEU B 46 -9.81 9.55 11.10
N GLU B 47 -9.29 9.57 12.32
CA GLU B 47 -8.62 10.75 12.85
C GLU B 47 -7.12 10.68 12.57
N ALA B 48 -6.61 11.70 11.87
CA ALA B 48 -5.20 11.73 11.52
C ALA B 48 -4.59 13.12 11.72
N MET B 49 -3.27 13.15 11.77
CA MET B 49 -2.52 14.40 11.94
C MET B 49 -1.55 14.61 10.79
N CYS B 50 -1.82 15.59 9.95
CA CYS B 50 -0.94 15.88 8.82
C CYS B 50 0.45 16.25 9.33
N PHE B 51 1.47 15.67 8.71
CA PHE B 51 2.85 15.93 9.11
C PHE B 51 3.13 17.42 9.29
N ASP B 52 2.37 18.25 8.58
CA ASP B 52 2.55 19.70 8.66
C ASP B 52 2.00 20.26 9.98
N GLY B 53 1.32 19.41 10.74
CA GLY B 53 0.76 19.85 12.01
C GLY B 53 -0.69 20.27 11.89
N VAL B 54 -1.47 19.49 11.17
CA VAL B 54 -2.89 19.78 10.97
C VAL B 54 -3.77 18.61 11.34
N LYS B 55 -4.63 18.80 12.35
CA LYS B 55 -5.53 17.75 12.80
C LYS B 55 -6.83 17.76 12.00
N ARG B 56 -7.04 16.68 11.25
CA ARG B 56 -8.25 16.57 10.43
C ARG B 56 -8.75 15.14 10.39
N LEU B 57 -10.00 14.97 9.97
CA LEU B 57 -10.60 13.64 9.88
C LEU B 57 -10.70 13.18 8.44
N CYS B 58 -9.87 12.21 8.07
CA CYS B 58 -9.86 11.67 6.71
C CYS B 58 -10.94 10.61 6.56
N HIS B 59 -11.88 10.84 5.66
CA HIS B 59 -12.97 9.90 5.42
C HIS B 59 -12.50 8.70 4.60
N ILE B 60 -13.21 7.59 4.74
CA ILE B 60 -12.87 6.37 4.01
C ILE B 60 -13.15 6.56 2.52
N ARG B 61 -12.11 6.35 1.70
CA ARG B 61 -12.23 6.50 0.26
C ARG B 61 -13.38 5.66 -0.30
N GLY B 62 -13.80 5.99 -1.51
CA GLY B 62 -14.88 5.25 -2.15
C GLY B 62 -14.37 4.20 -3.12
N LYS B 63 -13.53 4.62 -4.05
CA LYS B 63 -12.97 3.71 -5.04
C LYS B 63 -11.99 2.74 -4.37
N LEU B 64 -11.27 3.24 -3.37
CA LEU B 64 -10.30 2.41 -2.63
C LEU B 64 -11.01 1.51 -1.62
N ARG B 65 -12.29 1.76 -1.39
CA ARG B 65 -13.07 0.96 -0.43
C ARG B 65 -12.87 -0.54 -0.67
N LYS B 66 -12.70 -0.92 -1.93
CA LYS B 66 -12.50 -2.32 -2.29
C LYS B 66 -11.31 -2.91 -1.54
N LYS B 67 -10.39 -2.05 -1.11
CA LYS B 67 -9.21 -2.52 -0.39
C LYS B 67 -8.54 -1.37 0.37
N VAL B 68 -9.35 -0.51 0.98
CA VAL B 68 -8.83 0.62 1.74
C VAL B 68 -8.44 0.18 3.15
N TRP B 69 -7.13 0.18 3.41
CA TRP B 69 -6.61 -0.22 4.71
C TRP B 69 -5.99 0.95 5.46
N ILE B 70 -6.66 1.39 6.51
CA ILE B 70 -6.15 2.49 7.33
C ILE B 70 -5.75 1.98 8.71
N ASN B 71 -4.70 2.58 9.27
CA ASN B 71 -4.23 2.17 10.59
C ASN B 71 -4.01 3.39 11.48
N THR B 72 -3.90 3.14 12.78
CA THR B 72 -3.69 4.21 13.75
C THR B 72 -2.25 4.71 13.73
N SER B 73 -1.42 4.01 12.98
CA SER B 73 -0.01 4.37 12.86
C SER B 73 0.53 4.01 11.48
N ASP B 74 0.11 4.78 10.48
CA ASP B 74 0.55 4.53 9.11
C ASP B 74 0.47 5.80 8.27
N ILE B 75 1.22 5.80 7.16
CA ILE B 75 1.24 6.93 6.25
C ILE B 75 0.11 6.80 5.22
N ILE B 76 -0.47 7.93 4.81
CA ILE B 76 -1.54 7.91 3.82
C ILE B 76 -1.55 9.19 3.00
N LEU B 77 -2.40 9.19 1.97
CA LEU B 77 -2.54 10.35 1.11
C LEU B 77 -4.02 10.70 0.99
N VAL B 78 -4.35 11.95 1.30
CA VAL B 78 -5.74 12.42 1.22
C VAL B 78 -5.86 13.61 0.27
N GLY B 79 -7.06 13.81 -0.26
CA GLY B 79 -7.29 14.91 -1.18
C GLY B 79 -8.04 16.06 -0.54
N LEU B 80 -7.48 17.26 -0.62
CA LEU B 80 -8.11 18.43 -0.04
C LEU B 80 -8.62 19.36 -1.15
N ARG B 81 -9.89 19.73 -1.07
CA ARG B 81 -10.50 20.61 -2.06
C ARG B 81 -11.95 20.91 -1.71
N ASP B 82 -12.81 19.92 -1.90
CA ASP B 82 -14.24 20.07 -1.60
C ASP B 82 -14.51 19.94 -0.10
N TYR B 83 -13.51 19.49 0.65
CA TYR B 83 -13.67 19.32 2.09
C TYR B 83 -13.26 20.59 2.85
N GLN B 84 -13.18 21.71 2.15
CA GLN B 84 -12.81 22.98 2.76
C GLN B 84 -11.36 22.96 3.26
N ASP B 85 -10.54 22.08 2.68
CA ASP B 85 -9.13 21.98 3.06
C ASP B 85 -8.97 21.30 4.43
N ASN B 86 -9.59 21.88 5.45
CA ASN B 86 -9.52 21.33 6.81
C ASN B 86 -9.64 19.82 6.82
N LYS B 87 -10.42 19.28 5.89
CA LYS B 87 -10.61 17.83 5.79
C LYS B 87 -10.02 17.31 4.49
N ALA B 88 -9.79 16.00 4.43
CA ALA B 88 -9.23 15.38 3.23
C ALA B 88 -9.54 13.89 3.16
N ASP B 89 -10.02 13.45 2.01
CA ASP B 89 -10.37 12.05 1.82
C ASP B 89 -9.18 11.25 1.29
N VAL B 90 -8.84 10.16 1.98
CA VAL B 90 -7.73 9.32 1.58
C VAL B 90 -7.87 8.92 0.11
N ILE B 91 -6.97 9.42 -0.73
CA ILE B 91 -6.98 9.09 -2.15
C ILE B 91 -6.40 7.70 -2.37
N LEU B 92 -5.39 7.39 -1.58
CA LEU B 92 -4.73 6.09 -1.64
C LEU B 92 -4.07 5.79 -0.29
N LYS B 93 -3.59 4.57 -0.12
CA LYS B 93 -2.98 4.18 1.15
C LYS B 93 -1.47 3.93 1.02
N TYR B 94 -0.72 4.62 1.88
CA TYR B 94 0.74 4.47 1.93
C TYR B 94 1.07 3.41 2.99
N ASN B 95 1.47 2.21 2.56
CA ASN B 95 1.75 1.12 3.49
C ASN B 95 3.18 1.16 4.06
N ALA B 96 3.50 0.11 4.82
CA ALA B 96 4.82 -0.01 5.46
C ALA B 96 5.91 -0.39 4.46
N ASP B 97 5.61 -1.31 3.54
CA ASP B 97 6.58 -1.72 2.55
C ASP B 97 6.99 -0.52 1.73
N GLU B 98 6.00 0.30 1.40
CA GLU B 98 6.24 1.53 0.66
C GLU B 98 6.96 2.52 1.54
N ALA B 99 6.75 2.40 2.84
CA ALA B 99 7.35 3.30 3.82
C ALA B 99 8.81 3.57 3.53
N ARG B 100 9.60 2.52 3.27
CA ARG B 100 11.02 2.71 2.95
C ARG B 100 11.14 3.62 1.73
N SER B 101 10.11 3.58 0.89
CA SER B 101 10.05 4.41 -0.30
C SER B 101 9.57 5.81 0.06
N LEU B 102 8.88 5.95 1.19
CA LEU B 102 8.38 7.25 1.62
C LEU B 102 9.47 8.29 1.59
N LYS B 103 10.71 7.90 1.90
CA LYS B 103 11.81 8.85 1.80
C LYS B 103 11.78 9.41 0.39
N ALA B 104 11.39 8.52 -0.54
CA ALA B 104 11.26 8.83 -1.96
C ALA B 104 9.93 9.54 -2.24
N TYR B 105 8.97 9.41 -1.31
CA TYR B 105 7.63 10.03 -1.46
C TYR B 105 7.75 11.55 -1.42
N GLY B 106 8.93 12.06 -1.12
CA GLY B 106 9.12 13.50 -1.04
C GLY B 106 8.22 14.11 0.02
N GLU B 107 7.91 13.31 1.04
CA GLU B 107 7.05 13.76 2.13
C GLU B 107 7.76 13.71 3.48
N LEU B 108 8.22 12.52 3.86
CA LEU B 108 8.91 12.36 5.14
C LEU B 108 10.42 12.53 4.98
N PRO B 109 11.05 13.38 5.81
CA PRO B 109 12.50 13.62 5.74
C PRO B 109 13.29 12.34 5.98
N GLU B 110 14.61 12.47 5.96
CA GLU B 110 15.49 11.32 6.16
C GLU B 110 15.42 10.84 7.61
N HIS B 111 15.00 11.73 8.52
CA HIS B 111 14.90 11.38 9.93
C HIS B 111 13.53 10.77 10.26
N ALA B 112 12.66 10.65 9.27
CA ALA B 112 11.33 10.09 9.47
C ALA B 112 11.43 8.65 9.98
N LYS B 113 10.36 8.19 10.62
CA LYS B 113 10.32 6.83 11.15
C LYS B 113 9.21 6.02 10.47
N ILE B 114 9.45 4.72 10.32
CA ILE B 114 8.49 3.83 9.69
C ILE B 114 7.65 3.08 10.73
N ASN B 115 6.49 2.59 10.33
CA ASN B 115 5.61 1.86 11.23
C ASN B 115 5.81 0.36 11.07
N GLU B 116 5.27 -0.41 12.02
CA GLU B 116 5.39 -1.86 11.99
C GLU B 116 4.78 -2.44 10.71
N THR B 117 5.28 -3.59 10.29
CA THR B 117 4.79 -4.24 9.09
C THR B 117 4.01 -5.51 9.43
N ASP B 118 4.68 -6.47 10.06
CA ASP B 118 4.06 -7.74 10.45
C ASP B 118 2.65 -7.53 10.99
N THR B 119 2.56 -7.07 12.23
CA THR B 119 1.26 -6.83 12.87
C THR B 119 1.45 -6.32 14.29
N PHE B 120 0.50 -5.50 14.75
CA PHE B 120 0.56 -4.94 16.10
C PHE B 120 -0.78 -4.35 16.50
N GLY B 121 -1.86 -5.10 16.26
CA GLY B 121 -3.19 -4.63 16.60
C GLY B 121 -3.72 -5.28 17.86
N PRO B 122 -4.42 -6.43 17.74
CA PRO B 122 -4.98 -7.13 18.90
C PRO B 122 -3.91 -7.87 19.71
N GLY B 123 -2.88 -8.34 19.01
CA GLY B 123 -1.81 -9.06 19.68
C GLY B 123 -2.02 -10.56 19.67
N ASP B 124 -1.31 -11.26 20.54
CA ASP B 124 -1.43 -12.71 20.63
C ASP B 124 -1.06 -13.37 19.31
N ASP B 125 -0.96 -14.70 19.32
CA ASP B 125 -0.62 -15.45 18.12
C ASP B 125 -1.87 -15.91 17.40
N ASP B 126 -1.85 -15.85 16.07
CA ASP B 126 -2.99 -16.28 15.27
C ASP B 126 -2.55 -17.25 14.16
N GLU B 127 -2.72 -18.53 14.40
CA GLU B 127 -2.35 -19.56 13.44
C GLU B 127 -3.46 -19.77 12.41
N ILE B 128 -3.63 -18.80 11.52
CA ILE B 128 -4.65 -18.87 10.48
C ILE B 128 -4.38 -20.03 9.53
N GLN B 129 -5.40 -20.83 9.26
CA GLN B 129 -5.28 -21.97 8.36
C GLN B 129 -6.37 -21.96 7.30
N PHE B 130 -6.35 -22.93 6.41
CA PHE B 130 -7.34 -23.04 5.35
C PHE B 130 -8.73 -23.25 5.93
N ASP B 131 -9.53 -22.18 5.93
CA ASP B 131 -10.88 -22.25 6.46
C ASP B 131 -11.91 -22.29 5.33
N ASP B 132 -11.51 -22.86 4.20
CA ASP B 132 -12.40 -22.97 3.04
C ASP B 132 -11.68 -23.64 1.87
N ILE B 133 -11.83 -24.95 1.76
CA ILE B 133 -11.21 -25.71 0.69
C ILE B 133 -12.15 -25.87 -0.51
N GLY B 134 -12.45 -24.77 -1.18
CA GLY B 134 -13.34 -24.81 -2.32
C GLY B 134 -12.74 -25.56 -3.50
N ASP B 135 -11.42 -25.52 -3.61
CA ASP B 135 -10.72 -26.20 -4.69
C ASP B 135 -9.49 -26.93 -4.16
N ASP B 136 -8.87 -27.74 -5.03
CA ASP B 136 -7.68 -28.49 -4.65
C ASP B 136 -6.75 -28.67 -5.85
N ASP B 137 -5.65 -27.93 -5.86
CA ASP B 137 -4.69 -28.01 -6.95
C ASP B 137 -5.33 -27.62 -8.28
N GLU B 138 -5.35 -26.32 -8.56
CA GLU B 138 -5.93 -25.82 -9.80
C GLU B 138 -5.06 -26.19 -10.99
N ASP B 139 -5.70 -26.46 -12.13
CA ASP B 139 -4.99 -26.83 -13.34
C ASP B 139 -4.54 -25.59 -14.10
N ILE B 140 -3.34 -25.65 -14.69
CA ILE B 140 -2.80 -24.54 -15.44
C ILE B 140 -3.55 -24.35 -16.75
N ASP B 141 -4.04 -23.13 -16.99
CA ASP B 141 -4.78 -22.82 -18.20
C ASP B 141 -6.04 -23.67 -18.30
N ASP B 142 -6.91 -23.30 -19.24
CA ASP B 142 -8.16 -24.03 -19.44
C ASP B 142 -8.06 -24.96 -20.64
N ILE B 143 -7.22 -24.60 -21.61
CA ILE B 143 -7.04 -25.39 -22.80
C ILE B 143 -6.61 -26.82 -22.46
N MET A 1 15.56 -50.41 23.83
CA MET A 1 15.54 -50.99 25.20
C MET A 1 14.38 -51.97 25.35
N ARG A 2 14.01 -52.62 24.26
CA ARG A 2 12.92 -53.59 24.27
C ARG A 2 12.76 -54.26 22.91
N GLY A 3 12.46 -53.45 21.90
CA GLY A 3 12.29 -53.97 20.55
C GLY A 3 12.33 -52.88 19.49
N SER A 4 13.49 -52.28 19.32
CA SER A 4 13.66 -51.21 18.33
C SER A 4 14.62 -51.65 17.23
N HIS A 5 14.42 -51.10 16.03
CA HIS A 5 15.27 -51.43 14.90
C HIS A 5 16.72 -50.98 15.15
N HIS A 6 17.65 -51.57 14.42
CA HIS A 6 19.06 -51.24 14.55
C HIS A 6 19.88 -51.87 13.45
N HIS A 7 19.71 -53.17 13.25
CA HIS A 7 20.44 -53.90 12.23
C HIS A 7 19.79 -55.25 11.95
N HIS A 8 19.77 -55.66 10.68
CA HIS A 8 19.18 -56.93 10.29
C HIS A 8 19.60 -57.31 8.87
N HIS A 9 19.26 -56.45 7.91
CA HIS A 9 19.61 -56.70 6.51
C HIS A 9 19.55 -55.40 5.71
N HIS A 10 18.33 -54.99 5.34
CA HIS A 10 18.14 -53.78 4.56
C HIS A 10 18.94 -53.81 3.26
N THR A 11 18.64 -54.80 2.42
CA THR A 11 19.32 -54.96 1.15
C THR A 11 19.16 -53.70 0.29
N ASP A 12 20.23 -53.32 -0.40
CA ASP A 12 20.21 -52.14 -1.26
C ASP A 12 19.86 -50.89 -0.45
N PRO A 13 20.85 -50.28 0.23
CA PRO A 13 20.64 -49.08 1.02
C PRO A 13 20.33 -47.86 0.16
N MET A 14 19.14 -47.84 -0.43
CA MET A 14 18.70 -46.74 -1.27
C MET A 14 19.64 -46.59 -2.48
N PRO B 1 19.13 -46.00 -3.58
CA PRO B 1 19.93 -45.79 -4.80
C PRO B 1 21.22 -45.05 -4.51
N LYS B 2 21.94 -44.72 -5.58
CA LYS B 2 23.21 -44.00 -5.46
C LYS B 2 23.28 -42.85 -6.45
N ASN B 3 23.29 -41.63 -5.93
CA ASN B 3 23.36 -40.44 -6.77
C ASN B 3 24.75 -39.82 -6.72
N LYS B 4 25.02 -39.05 -5.67
CA LYS B 4 26.31 -38.38 -5.50
C LYS B 4 26.31 -37.50 -4.26
N GLY B 5 26.75 -38.06 -3.14
CA GLY B 5 26.80 -37.31 -1.90
C GLY B 5 26.11 -38.02 -0.75
N LYS B 6 25.56 -37.25 0.18
CA LYS B 6 24.87 -37.81 1.32
C LYS B 6 23.65 -38.63 0.89
N GLY B 7 22.98 -38.16 -0.17
CA GLY B 7 21.82 -38.86 -0.67
C GLY B 7 21.54 -38.55 -2.13
N GLY B 8 20.51 -37.74 -2.38
CA GLY B 8 20.16 -37.38 -3.74
C GLY B 8 18.70 -37.00 -3.88
N LYS B 9 18.46 -35.76 -4.27
CA LYS B 9 17.09 -35.27 -4.45
C LYS B 9 17.08 -33.95 -5.20
N ASN B 10 17.99 -33.05 -4.84
CA ASN B 10 18.09 -31.74 -5.49
C ASN B 10 16.90 -30.86 -5.14
N ARG B 11 15.72 -31.28 -5.60
CA ARG B 11 14.49 -30.53 -5.33
C ARG B 11 14.52 -29.18 -6.02
N ARG B 12 13.81 -29.07 -7.15
CA ARG B 12 13.77 -27.82 -7.90
C ARG B 12 12.52 -27.77 -8.79
N ARG B 13 11.52 -27.02 -8.36
CA ARG B 13 10.28 -26.89 -9.12
C ARG B 13 9.81 -25.45 -9.16
N GLY B 14 9.43 -24.98 -10.35
CA GLY B 14 8.97 -23.62 -10.51
C GLY B 14 8.98 -23.17 -11.95
N LYS B 15 7.86 -22.58 -12.38
CA LYS B 15 7.74 -22.10 -13.75
C LYS B 15 7.88 -20.58 -13.81
N ASN B 16 7.55 -19.91 -12.72
CA ASN B 16 7.64 -18.45 -12.65
C ASN B 16 6.71 -17.80 -13.66
N GLU B 17 5.49 -18.33 -13.77
CA GLU B 17 4.50 -17.80 -14.68
C GLU B 17 3.36 -17.11 -13.92
N ASN B 18 3.40 -15.78 -13.91
CA ASN B 18 2.38 -15.00 -13.21
C ASN B 18 2.35 -15.34 -11.73
N GLU B 19 3.39 -14.92 -11.01
CA GLU B 19 3.49 -15.18 -9.58
C GLU B 19 3.78 -13.90 -8.82
N SER B 20 2.78 -13.37 -8.15
CA SER B 20 2.92 -12.15 -7.36
C SER B 20 3.27 -10.97 -8.27
N GLU B 21 2.68 -9.81 -7.99
CA GLU B 21 2.94 -8.61 -8.77
C GLU B 21 3.44 -7.48 -7.90
N LYS B 22 4.44 -6.76 -8.39
CA LYS B 22 5.03 -5.64 -7.65
C LYS B 22 3.99 -4.57 -7.37
N ARG B 23 3.75 -4.30 -6.08
CA ARG B 23 2.78 -3.31 -5.68
C ARG B 23 3.18 -1.92 -6.17
N GLU B 24 2.37 -1.36 -7.06
CA GLU B 24 2.65 -0.04 -7.62
C GLU B 24 2.76 1.01 -6.52
N LEU B 25 3.97 1.50 -6.29
CA LEU B 25 4.22 2.51 -5.26
C LEU B 25 3.68 3.86 -5.70
N VAL B 26 2.51 4.24 -5.17
CA VAL B 26 1.90 5.51 -5.53
C VAL B 26 2.32 6.62 -4.56
N PHE B 27 2.57 7.79 -5.11
CA PHE B 27 2.98 8.95 -4.33
C PHE B 27 1.88 10.01 -4.28
N LYS B 28 2.07 11.01 -3.44
CA LYS B 28 1.10 12.10 -3.31
C LYS B 28 0.79 12.72 -4.68
N GLU B 29 -0.40 13.27 -4.82
CA GLU B 29 -0.80 13.90 -6.08
C GLU B 29 -1.22 15.35 -5.87
N ASP B 30 -1.17 16.12 -6.96
CA ASP B 30 -1.54 17.53 -6.90
C ASP B 30 -2.96 17.71 -6.38
N GLY B 31 -3.13 18.62 -5.43
CA GLY B 31 -4.44 18.86 -4.86
C GLY B 31 -4.69 18.01 -3.63
N GLN B 32 -3.88 16.97 -3.44
CA GLN B 32 -4.03 16.08 -2.30
C GLN B 32 -2.79 16.15 -1.39
N GLU B 33 -2.98 15.91 -0.10
CA GLU B 33 -1.89 15.96 0.85
C GLU B 33 -1.76 14.64 1.62
N TYR B 34 -0.53 14.31 2.01
CA TYR B 34 -0.28 13.09 2.77
C TYR B 34 -0.52 13.35 4.26
N ALA B 35 -0.77 12.29 5.02
CA ALA B 35 -1.06 12.45 6.44
C ALA B 35 -0.62 11.24 7.26
N GLN B 36 -0.73 11.37 8.58
CA GLN B 36 -0.37 10.32 9.51
C GLN B 36 -1.50 10.11 10.51
N VAL B 37 -2.06 8.90 10.54
CA VAL B 37 -3.17 8.58 11.44
C VAL B 37 -2.72 8.53 12.90
N ILE B 38 -3.59 9.02 13.78
CA ILE B 38 -3.30 9.01 15.22
C ILE B 38 -4.29 8.12 15.97
N LYS B 39 -5.57 8.22 15.61
CA LYS B 39 -6.61 7.44 16.24
C LYS B 39 -7.70 7.08 15.23
N MET B 40 -8.50 6.08 15.57
CA MET B 40 -9.59 5.64 14.70
C MET B 40 -10.94 6.08 15.25
N LEU B 41 -11.86 6.45 14.36
CA LEU B 41 -13.19 6.89 14.78
C LEU B 41 -14.24 5.84 14.44
N GLY B 42 -14.00 5.08 13.38
CA GLY B 42 -14.94 4.06 12.97
C GLY B 42 -14.87 3.76 11.49
N ASN B 43 -15.87 3.04 10.99
CA ASN B 43 -15.92 2.69 9.57
C ASN B 43 -16.47 3.85 8.75
N GLY B 44 -15.57 4.61 8.12
CA GLY B 44 -15.98 5.74 7.31
C GLY B 44 -15.12 6.96 7.54
N ARG B 45 -14.51 7.05 8.71
CA ARG B 45 -13.66 8.17 9.05
C ARG B 45 -12.60 7.77 10.07
N LEU B 46 -11.53 8.55 10.15
CA LEU B 46 -10.45 8.25 11.08
C LEU B 46 -9.78 9.53 11.60
N GLU B 47 -9.12 9.42 12.75
CA GLU B 47 -8.42 10.55 13.34
C GLU B 47 -6.97 10.56 12.87
N ALA B 48 -6.56 11.64 12.24
CA ALA B 48 -5.20 11.75 11.72
C ALA B 48 -4.58 13.11 11.99
N MET B 49 -3.27 13.18 11.82
CA MET B 49 -2.53 14.42 12.02
C MET B 49 -1.54 14.64 10.87
N CYS B 50 -1.80 15.66 10.07
CA CYS B 50 -0.91 15.97 8.96
C CYS B 50 0.48 16.27 9.47
N PHE B 51 1.49 15.67 8.84
CA PHE B 51 2.88 15.87 9.25
C PHE B 51 3.22 17.35 9.44
N ASP B 52 2.49 18.22 8.74
CA ASP B 52 2.73 19.66 8.84
C ASP B 52 2.20 20.22 10.16
N GLY B 53 1.38 19.43 10.85
CA GLY B 53 0.83 19.88 12.11
C GLY B 53 -0.63 20.30 11.99
N VAL B 54 -1.42 19.53 11.26
CA VAL B 54 -2.82 19.82 11.07
C VAL B 54 -3.70 18.65 11.50
N LYS B 55 -4.45 18.84 12.59
CA LYS B 55 -5.33 17.81 13.10
C LYS B 55 -6.67 17.83 12.36
N ARG B 56 -6.92 16.77 11.59
CA ARG B 56 -8.16 16.67 10.83
C ARG B 56 -8.64 15.22 10.75
N LEU B 57 -9.92 15.04 10.43
CA LEU B 57 -10.49 13.71 10.32
C LEU B 57 -10.63 13.33 8.86
N CYS B 58 -9.80 12.39 8.42
CA CYS B 58 -9.83 11.92 7.03
C CYS B 58 -10.91 10.85 6.85
N HIS B 59 -11.88 11.13 6.01
CA HIS B 59 -12.97 10.20 5.75
C HIS B 59 -12.52 9.12 4.77
N ILE B 60 -12.79 7.86 5.11
CA ILE B 60 -12.42 6.76 4.25
C ILE B 60 -13.23 6.77 2.96
N ARG B 61 -12.58 6.54 1.83
CA ARG B 61 -13.25 6.53 0.54
C ARG B 61 -12.26 6.44 -0.62
N GLY B 62 -12.70 6.81 -1.81
CA GLY B 62 -11.85 6.76 -2.98
C GLY B 62 -11.89 5.41 -3.66
N LYS B 63 -11.28 5.32 -4.84
CA LYS B 63 -11.25 4.07 -5.59
C LYS B 63 -10.74 2.93 -4.70
N LEU B 64 -9.96 3.28 -3.69
CA LEU B 64 -9.40 2.30 -2.76
C LEU B 64 -10.48 1.82 -1.77
N ARG B 65 -11.54 2.60 -1.62
CA ARG B 65 -12.63 2.25 -0.70
C ARG B 65 -13.08 0.81 -0.89
N LYS B 66 -12.90 0.28 -2.10
CA LYS B 66 -13.29 -1.08 -2.40
C LYS B 66 -12.55 -2.07 -1.50
N LYS B 67 -11.37 -1.66 -1.02
CA LYS B 67 -10.56 -2.50 -0.15
C LYS B 67 -9.41 -1.70 0.45
N VAL B 68 -9.72 -0.51 0.95
CA VAL B 68 -8.71 0.35 1.55
C VAL B 68 -8.52 0.03 3.03
N TRP B 69 -7.28 -0.23 3.42
CA TRP B 69 -6.97 -0.54 4.81
C TRP B 69 -6.27 0.62 5.50
N ILE B 70 -6.97 1.27 6.43
CA ILE B 70 -6.41 2.40 7.15
C ILE B 70 -5.82 1.93 8.48
N ASN B 71 -4.76 2.59 8.91
CA ASN B 71 -4.10 2.24 10.16
C ASN B 71 -3.94 3.45 11.07
N THR B 72 -3.88 3.20 12.37
CA THR B 72 -3.72 4.28 13.35
C THR B 72 -2.28 4.73 13.47
N SER B 73 -1.40 4.02 12.80
CA SER B 73 0.03 4.34 12.81
C SER B 73 0.64 4.09 11.45
N ASP B 74 0.06 4.68 10.42
CA ASP B 74 0.54 4.51 9.06
C ASP B 74 0.43 5.80 8.26
N ILE B 75 1.09 5.81 7.11
CA ILE B 75 1.08 6.96 6.22
C ILE B 75 -0.06 6.83 5.22
N ILE B 76 -0.64 7.96 4.84
CA ILE B 76 -1.74 7.95 3.88
C ILE B 76 -1.77 9.24 3.06
N LEU B 77 -2.61 9.24 2.04
CA LEU B 77 -2.77 10.41 1.19
C LEU B 77 -4.25 10.76 1.05
N VAL B 78 -4.60 11.98 1.42
CA VAL B 78 -5.98 12.44 1.33
C VAL B 78 -6.10 13.62 0.37
N GLY B 79 -7.24 13.71 -0.31
CA GLY B 79 -7.45 14.80 -1.25
C GLY B 79 -8.08 16.03 -0.61
N LEU B 80 -7.50 17.19 -0.88
CA LEU B 80 -8.00 18.44 -0.33
C LEU B 80 -8.43 19.38 -1.44
N ARG B 81 -9.75 19.57 -1.58
CA ARG B 81 -10.28 20.46 -2.62
C ARG B 81 -11.72 20.83 -2.31
N ASP B 82 -12.65 19.92 -2.62
CA ASP B 82 -14.07 20.16 -2.37
C ASP B 82 -14.37 20.18 -0.89
N TYR B 83 -13.44 19.66 -0.08
CA TYR B 83 -13.62 19.62 1.37
C TYR B 83 -13.51 21.01 1.99
N GLN B 84 -13.10 22.00 1.19
CA GLN B 84 -12.95 23.37 1.67
C GLN B 84 -11.79 23.49 2.66
N ASP B 85 -10.78 22.63 2.50
CA ASP B 85 -9.61 22.63 3.38
C ASP B 85 -9.96 22.08 4.75
N ASN B 86 -9.00 22.15 5.67
CA ASN B 86 -9.20 21.65 7.03
C ASN B 86 -9.24 20.13 7.06
N LYS B 87 -10.21 19.54 6.36
CA LYS B 87 -10.34 18.09 6.30
C LYS B 87 -10.02 17.58 4.90
N ALA B 88 -9.94 16.26 4.76
CA ALA B 88 -9.64 15.65 3.46
C ALA B 88 -10.14 14.21 3.43
N ASP B 89 -10.11 13.61 2.24
CA ASP B 89 -10.55 12.23 2.07
C ASP B 89 -9.42 11.35 1.56
N VAL B 90 -9.14 10.26 2.29
CA VAL B 90 -8.07 9.34 1.91
C VAL B 90 -8.25 8.87 0.46
N ILE B 91 -7.34 9.29 -0.40
CA ILE B 91 -7.38 8.90 -1.81
C ILE B 91 -6.79 7.51 -1.98
N LEU B 92 -5.56 7.36 -1.51
CA LEU B 92 -4.86 6.08 -1.56
C LEU B 92 -4.23 5.79 -0.21
N LYS B 93 -3.80 4.55 0.00
CA LYS B 93 -3.20 4.17 1.27
C LYS B 93 -1.70 3.90 1.15
N TYR B 94 -0.90 4.70 1.88
CA TYR B 94 0.54 4.52 1.89
C TYR B 94 0.89 3.43 2.90
N ASN B 95 1.27 2.25 2.39
CA ASN B 95 1.57 1.10 3.23
C ASN B 95 2.91 1.20 3.95
N ALA B 96 3.18 0.19 4.78
CA ALA B 96 4.43 0.12 5.55
C ALA B 96 5.61 -0.24 4.65
N ASP B 97 5.41 -1.21 3.77
CA ASP B 97 6.46 -1.62 2.84
C ASP B 97 6.82 -0.42 1.98
N GLU B 98 5.80 0.32 1.58
CA GLU B 98 5.98 1.52 0.79
C GLU B 98 6.63 2.59 1.63
N ALA B 99 6.38 2.52 2.94
CA ALA B 99 6.90 3.49 3.89
C ALA B 99 8.38 3.79 3.64
N ARG B 100 9.20 2.76 3.46
CA ARG B 100 10.62 2.98 3.19
C ARG B 100 10.77 3.87 1.96
N SER B 101 9.81 3.75 1.05
CA SER B 101 9.78 4.55 -0.16
C SER B 101 9.35 5.98 0.17
N LEU B 102 8.66 6.16 1.29
CA LEU B 102 8.19 7.48 1.68
C LEU B 102 9.30 8.50 1.63
N LYS B 103 10.53 8.08 1.93
CA LYS B 103 11.65 8.99 1.79
C LYS B 103 11.62 9.52 0.35
N ALA B 104 11.20 8.61 -0.54
CA ALA B 104 11.03 8.88 -1.96
C ALA B 104 9.70 9.60 -2.23
N TYR B 105 8.75 9.47 -1.28
CA TYR B 105 7.44 10.11 -1.40
C TYR B 105 7.59 11.62 -1.33
N GLY B 106 8.78 12.07 -0.93
CA GLY B 106 9.03 13.49 -0.81
C GLY B 106 8.10 14.14 0.19
N GLU B 107 7.68 13.36 1.17
CA GLU B 107 6.76 13.84 2.20
C GLU B 107 7.42 13.83 3.57
N LEU B 108 8.02 12.71 3.94
CA LEU B 108 8.68 12.58 5.24
C LEU B 108 10.17 12.88 5.12
N PRO B 109 10.74 13.58 6.12
CA PRO B 109 12.17 13.92 6.14
C PRO B 109 13.05 12.67 6.18
N GLU B 110 14.37 12.90 6.22
CA GLU B 110 15.32 11.79 6.28
C GLU B 110 15.29 11.10 7.64
N HIS B 111 14.93 11.87 8.67
CA HIS B 111 14.86 11.34 10.03
C HIS B 111 13.59 10.53 10.25
N ALA B 112 12.62 10.69 9.35
CA ALA B 112 11.35 9.96 9.47
C ALA B 112 11.58 8.46 9.59
N LYS B 113 10.92 7.86 10.58
CA LYS B 113 11.05 6.43 10.82
C LYS B 113 9.74 5.70 10.49
N ILE B 114 9.87 4.45 10.04
CA ILE B 114 8.70 3.65 9.69
C ILE B 114 8.22 2.83 10.90
N ASN B 115 6.94 2.49 10.89
CA ASN B 115 6.36 1.71 11.97
C ASN B 115 6.42 0.22 11.67
N GLU B 116 6.06 -0.59 12.65
CA GLU B 116 6.08 -2.05 12.49
C GLU B 116 4.99 -2.51 11.53
N THR B 117 5.36 -3.38 10.60
CA THR B 117 4.41 -3.91 9.62
C THR B 117 3.53 -4.99 10.24
N ASP B 118 2.79 -5.69 9.39
CA ASP B 118 1.90 -6.76 9.87
C ASP B 118 0.83 -6.20 10.81
N THR B 119 -0.10 -7.05 11.20
CA THR B 119 -1.18 -6.64 12.10
C THR B 119 -1.25 -7.57 13.31
N PHE B 120 -2.24 -7.34 14.16
CA PHE B 120 -2.43 -8.15 15.36
C PHE B 120 -3.75 -8.89 15.31
N GLY B 121 -3.89 -9.80 14.34
CA GLY B 121 -5.11 -10.56 14.21
C GLY B 121 -5.00 -11.65 13.16
N PRO B 122 -4.49 -12.83 13.52
CA PRO B 122 -4.33 -13.95 12.59
C PRO B 122 -5.68 -14.55 12.17
N GLY B 123 -5.74 -15.04 10.94
CA GLY B 123 -6.98 -15.63 10.45
C GLY B 123 -6.73 -16.88 9.63
N ASP B 124 -7.79 -17.62 9.35
CA ASP B 124 -7.69 -18.85 8.57
C ASP B 124 -6.81 -19.88 9.27
N ASP B 125 -6.87 -19.88 10.60
CA ASP B 125 -6.08 -20.81 11.40
C ASP B 125 -6.87 -21.31 12.60
N ASP B 126 -7.70 -22.33 12.38
CA ASP B 126 -8.52 -22.90 13.44
C ASP B 126 -7.65 -23.62 14.47
N GLU B 127 -8.12 -23.66 15.71
CA GLU B 127 -7.39 -24.32 16.78
C GLU B 127 -6.03 -23.67 16.99
N ILE B 128 -5.30 -24.14 17.99
CA ILE B 128 -3.97 -23.62 18.29
C ILE B 128 -2.87 -24.58 17.84
N GLN B 129 -2.85 -24.88 16.54
CA GLN B 129 -1.86 -25.78 15.99
C GLN B 129 -0.87 -25.04 15.10
N PHE B 130 -1.23 -23.83 14.69
CA PHE B 130 -0.37 -23.02 13.83
C PHE B 130 -0.26 -23.63 12.44
N ASP B 131 0.52 -24.70 12.33
CA ASP B 131 0.70 -25.38 11.05
C ASP B 131 0.92 -26.87 11.25
N ASP B 132 2.12 -27.24 11.71
CA ASP B 132 2.45 -28.64 11.95
C ASP B 132 2.33 -29.45 10.67
N ILE B 133 3.43 -29.53 9.92
CA ILE B 133 3.45 -30.27 8.66
C ILE B 133 2.53 -29.63 7.63
N GLY B 134 3.09 -29.32 6.46
CA GLY B 134 2.30 -28.71 5.41
C GLY B 134 2.80 -29.09 4.02
N ASP B 135 2.17 -30.10 3.43
CA ASP B 135 2.55 -30.56 2.09
C ASP B 135 1.34 -30.63 1.18
N ASP B 136 0.31 -31.35 1.61
CA ASP B 136 -0.91 -31.50 0.83
C ASP B 136 -1.67 -30.18 0.75
N ASP B 137 -2.33 -29.95 -0.39
CA ASP B 137 -3.08 -28.72 -0.59
C ASP B 137 -4.18 -28.59 0.46
N GLU B 138 -4.20 -27.43 1.13
CA GLU B 138 -5.20 -27.18 2.17
C GLU B 138 -5.36 -25.68 2.39
N ASP B 139 -5.24 -24.90 1.33
CA ASP B 139 -5.37 -23.45 1.41
C ASP B 139 -6.75 -23.00 0.92
N ILE B 140 -7.30 -23.75 -0.02
CA ILE B 140 -8.61 -23.43 -0.58
C ILE B 140 -9.68 -23.43 0.50
N ASP B 141 -10.20 -22.26 0.83
CA ASP B 141 -11.23 -22.12 1.85
C ASP B 141 -11.89 -20.75 1.78
N ASP B 142 -11.07 -19.71 1.68
CA ASP B 142 -11.59 -18.35 1.60
C ASP B 142 -11.54 -17.84 0.16
N ILE B 143 -10.34 -17.55 -0.32
CA ILE B 143 -10.14 -17.05 -1.68
C ILE B 143 -11.15 -15.97 -2.03
N MET A 1 15.61 -3.97 -26.28
CA MET A 1 16.48 -5.18 -26.23
C MET A 1 17.09 -5.48 -27.60
N ARG A 2 16.22 -5.63 -28.61
CA ARG A 2 16.67 -5.92 -29.95
C ARG A 2 17.47 -7.22 -30.01
N GLY A 3 16.76 -8.34 -29.98
CA GLY A 3 17.42 -9.63 -30.02
C GLY A 3 16.45 -10.78 -29.82
N SER A 4 15.78 -10.79 -28.68
CA SER A 4 14.82 -11.84 -28.37
C SER A 4 14.09 -11.55 -27.06
N HIS A 5 12.77 -11.43 -27.13
CA HIS A 5 11.96 -11.15 -25.95
C HIS A 5 10.53 -11.63 -26.14
N HIS A 6 9.77 -11.69 -25.04
CA HIS A 6 8.39 -12.14 -25.09
C HIS A 6 8.30 -13.57 -25.59
N HIS A 7 9.33 -14.36 -25.29
CA HIS A 7 9.37 -15.76 -25.72
C HIS A 7 9.78 -16.66 -24.56
N HIS A 8 9.92 -17.96 -24.84
CA HIS A 8 10.31 -18.92 -23.82
C HIS A 8 11.77 -19.32 -23.99
N HIS A 9 12.65 -18.65 -23.25
CA HIS A 9 14.08 -18.94 -23.32
C HIS A 9 14.36 -20.39 -22.94
N HIS A 10 15.33 -21.00 -23.62
CA HIS A 10 15.70 -22.38 -23.36
C HIS A 10 16.34 -22.53 -21.98
N THR A 11 15.52 -22.43 -20.94
CA THR A 11 16.00 -22.56 -19.57
C THR A 11 15.74 -23.96 -19.03
N ASP A 12 14.65 -24.57 -19.48
CA ASP A 12 14.29 -25.91 -19.03
C ASP A 12 13.56 -26.67 -20.14
N PRO A 13 14.33 -27.27 -21.07
CA PRO A 13 13.75 -28.03 -22.19
C PRO A 13 13.07 -29.32 -21.72
N MET A 14 11.85 -29.17 -21.21
CA MET A 14 11.09 -30.32 -20.73
C MET A 14 9.73 -30.41 -21.43
N PRO B 1 9.67 -31.13 -22.56
CA PRO B 1 8.43 -31.29 -23.32
C PRO B 1 7.26 -31.73 -22.45
N LYS B 2 6.24 -30.89 -22.37
CA LYS B 2 5.06 -31.18 -21.57
C LYS B 2 3.84 -30.41 -22.08
N ASN B 3 3.14 -31.00 -23.05
CA ASN B 3 1.96 -30.37 -23.63
C ASN B 3 0.71 -31.18 -23.30
N LYS B 4 0.67 -31.74 -22.10
CA LYS B 4 -0.48 -32.54 -21.67
C LYS B 4 -1.66 -31.64 -21.29
N GLY B 5 -2.34 -31.12 -22.30
CA GLY B 5 -3.47 -30.25 -22.06
C GLY B 5 -4.78 -30.84 -22.56
N LYS B 6 -5.80 -30.81 -21.71
CA LYS B 6 -7.11 -31.35 -22.08
C LYS B 6 -8.05 -30.23 -22.55
N GLY B 7 -8.04 -29.98 -23.85
CA GLY B 7 -8.88 -28.94 -24.41
C GLY B 7 -8.58 -27.57 -23.82
N GLY B 8 -7.37 -27.08 -24.07
CA GLY B 8 -6.98 -25.78 -23.56
C GLY B 8 -6.07 -25.88 -22.35
N LYS B 9 -5.66 -24.73 -21.82
CA LYS B 9 -4.79 -24.69 -20.66
C LYS B 9 -5.57 -24.92 -19.37
N ASN B 10 -4.86 -25.19 -18.28
CA ASN B 10 -5.49 -25.43 -16.99
C ASN B 10 -4.48 -25.31 -15.86
N ARG B 11 -3.54 -24.38 -16.01
CA ARG B 11 -2.51 -24.17 -15.00
C ARG B 11 -2.87 -23.01 -14.08
N ARG B 12 -3.53 -22.00 -14.64
CA ARG B 12 -3.95 -20.84 -13.87
C ARG B 12 -5.41 -20.96 -13.44
N ARG B 13 -5.68 -20.68 -12.17
CA ARG B 13 -7.03 -20.76 -11.64
C ARG B 13 -7.55 -19.37 -11.26
N GLY B 14 -6.72 -18.61 -10.55
CA GLY B 14 -7.11 -17.27 -10.14
C GLY B 14 -6.09 -16.22 -10.52
N LYS B 15 -5.40 -15.68 -9.53
CA LYS B 15 -4.39 -14.66 -9.76
C LYS B 15 -5.02 -13.35 -10.25
N ASN B 16 -5.55 -13.38 -11.47
CA ASN B 16 -6.19 -12.20 -12.05
C ASN B 16 -5.28 -10.99 -11.96
N GLU B 17 -5.77 -9.83 -12.40
CA GLU B 17 -5.01 -8.60 -12.37
C GLU B 17 -5.40 -7.75 -11.16
N ASN B 18 -6.49 -6.99 -11.30
CA ASN B 18 -6.97 -6.13 -10.22
C ASN B 18 -5.90 -5.11 -9.82
N GLU B 19 -4.98 -5.54 -8.96
CA GLU B 19 -3.90 -4.67 -8.49
C GLU B 19 -2.62 -5.46 -8.26
N SER B 20 -2.45 -6.54 -9.01
CA SER B 20 -1.27 -7.38 -8.88
C SER B 20 -0.35 -7.23 -10.09
N GLU B 21 -0.32 -6.02 -10.65
CA GLU B 21 0.51 -5.75 -11.81
C GLU B 21 1.73 -4.91 -11.42
N LYS B 22 2.77 -5.58 -10.95
CA LYS B 22 3.99 -4.90 -10.53
C LYS B 22 3.72 -3.94 -9.38
N ARG B 23 4.77 -3.56 -8.66
CA ARG B 23 4.64 -2.66 -7.54
C ARG B 23 4.07 -1.31 -8.00
N GLU B 24 3.03 -0.85 -7.29
CA GLU B 24 2.39 0.41 -7.62
C GLU B 24 2.63 1.44 -6.52
N LEU B 25 3.85 1.96 -6.46
CA LEU B 25 4.20 2.96 -5.45
C LEU B 25 3.82 4.36 -5.93
N VAL B 26 2.86 4.96 -5.25
CA VAL B 26 2.38 6.29 -5.62
C VAL B 26 2.52 7.29 -4.46
N PHE B 27 2.92 8.52 -4.78
CA PHE B 27 3.07 9.57 -3.78
C PHE B 27 1.94 10.58 -3.91
N LYS B 28 1.85 11.48 -2.93
CA LYS B 28 0.80 12.50 -2.96
C LYS B 28 0.98 13.43 -4.16
N GLU B 29 -0.12 13.76 -4.82
CA GLU B 29 -0.06 14.63 -6.00
C GLU B 29 -0.74 15.97 -5.73
N ASP B 30 -0.65 16.86 -6.71
CA ASP B 30 -1.25 18.20 -6.59
C ASP B 30 -2.70 18.11 -6.16
N GLY B 31 -3.07 18.95 -5.19
CA GLY B 31 -4.43 18.95 -4.68
C GLY B 31 -4.61 17.99 -3.52
N GLN B 32 -3.66 17.09 -3.33
CA GLN B 32 -3.73 16.12 -2.24
C GLN B 32 -2.41 16.09 -1.47
N GLU B 33 -2.49 15.81 -0.18
CA GLU B 33 -1.30 15.75 0.66
C GLU B 33 -1.27 14.47 1.49
N TYR B 34 -0.09 14.11 1.96
CA TYR B 34 0.08 12.91 2.77
C TYR B 34 -0.23 13.21 4.23
N ALA B 35 -0.56 12.18 5.01
CA ALA B 35 -0.91 12.38 6.41
C ALA B 35 -0.60 11.15 7.26
N GLN B 36 -0.76 11.31 8.57
CA GLN B 36 -0.52 10.23 9.52
C GLN B 36 -1.71 10.08 10.45
N VAL B 37 -2.20 8.85 10.59
CA VAL B 37 -3.35 8.58 11.45
C VAL B 37 -2.96 8.47 12.92
N ILE B 38 -3.80 9.02 13.78
CA ILE B 38 -3.57 8.97 15.22
C ILE B 38 -4.65 8.18 15.93
N LYS B 39 -5.89 8.38 15.49
CA LYS B 39 -7.04 7.69 16.07
C LYS B 39 -8.03 7.29 14.97
N MET B 40 -8.89 6.32 15.29
CA MET B 40 -9.88 5.85 14.33
C MET B 40 -11.30 6.13 14.84
N LEU B 41 -12.21 6.40 13.91
CA LEU B 41 -13.60 6.68 14.26
C LEU B 41 -14.51 5.55 13.83
N GLY B 42 -14.14 4.87 12.75
CA GLY B 42 -14.94 3.76 12.25
C GLY B 42 -14.94 3.68 10.73
N ASN B 43 -15.59 2.66 10.20
CA ASN B 43 -15.67 2.47 8.75
C ASN B 43 -16.31 3.68 8.07
N GLY B 44 -15.49 4.46 7.37
CA GLY B 44 -16.00 5.64 6.70
C GLY B 44 -15.15 6.87 6.96
N ARG B 45 -14.60 6.96 8.16
CA ARG B 45 -13.77 8.09 8.54
C ARG B 45 -12.76 7.70 9.61
N LEU B 46 -11.70 8.49 9.74
CA LEU B 46 -10.66 8.22 10.73
C LEU B 46 -10.05 9.52 11.24
N GLU B 47 -9.48 9.45 12.45
CA GLU B 47 -8.85 10.62 13.05
C GLU B 47 -7.36 10.64 12.70
N ALA B 48 -6.91 11.71 12.06
CA ALA B 48 -5.51 11.83 11.68
C ALA B 48 -5.07 13.30 11.64
N MET B 49 -3.76 13.50 11.59
CA MET B 49 -3.20 14.84 11.54
C MET B 49 -2.09 14.91 10.50
N CYS B 50 -2.12 15.97 9.69
CA CYS B 50 -1.11 16.15 8.65
C CYS B 50 0.27 16.33 9.26
N PHE B 51 1.27 15.77 8.60
CA PHE B 51 2.65 15.86 9.09
C PHE B 51 3.04 17.31 9.38
N ASP B 52 2.35 18.25 8.74
CA ASP B 52 2.63 19.67 8.94
C ASP B 52 2.12 20.16 10.29
N GLY B 53 1.32 19.33 10.96
CA GLY B 53 0.78 19.70 12.26
C GLY B 53 -0.66 20.16 12.19
N VAL B 54 -1.46 19.46 11.38
CA VAL B 54 -2.87 19.80 11.24
C VAL B 54 -3.76 18.59 11.50
N LYS B 55 -4.50 18.63 12.60
CA LYS B 55 -5.38 17.52 12.96
C LYS B 55 -6.71 17.63 12.23
N ARG B 56 -7.00 16.65 11.38
CA ARG B 56 -8.24 16.64 10.61
C ARG B 56 -8.75 15.21 10.43
N LEU B 57 -10.06 15.09 10.22
CA LEU B 57 -10.67 13.78 10.03
C LEU B 57 -10.67 13.38 8.56
N CYS B 58 -9.80 12.43 8.22
CA CYS B 58 -9.71 11.95 6.85
C CYS B 58 -10.75 10.87 6.58
N HIS B 59 -11.65 11.15 5.63
CA HIS B 59 -12.70 10.21 5.27
C HIS B 59 -12.17 9.15 4.31
N ILE B 60 -12.56 7.90 4.53
CA ILE B 60 -12.13 6.80 3.69
C ILE B 60 -12.75 6.91 2.30
N ARG B 61 -11.97 6.62 1.27
CA ARG B 61 -12.45 6.69 -0.10
C ARG B 61 -13.39 5.53 -0.42
N GLY B 62 -14.42 5.81 -1.22
CA GLY B 62 -15.37 4.79 -1.60
C GLY B 62 -14.76 3.76 -2.53
N LYS B 63 -14.10 4.24 -3.58
CA LYS B 63 -13.47 3.35 -4.55
C LYS B 63 -12.37 2.52 -3.88
N LEU B 64 -11.71 3.13 -2.89
CA LEU B 64 -10.66 2.45 -2.15
C LEU B 64 -11.23 1.56 -1.05
N ARG B 65 -12.40 1.96 -0.53
CA ARG B 65 -13.06 1.20 0.51
C ARG B 65 -13.16 -0.29 0.16
N LYS B 66 -13.19 -0.58 -1.13
CA LYS B 66 -13.28 -1.96 -1.60
C LYS B 66 -12.04 -2.76 -1.22
N LYS B 67 -10.89 -2.09 -1.13
CA LYS B 67 -9.64 -2.75 -0.77
C LYS B 67 -8.65 -1.78 -0.15
N VAL B 68 -9.13 -0.94 0.76
CA VAL B 68 -8.27 0.03 1.42
C VAL B 68 -8.29 -0.18 2.93
N TRP B 69 -7.12 -0.42 3.51
CA TRP B 69 -7.00 -0.65 4.94
C TRP B 69 -6.27 0.51 5.62
N ILE B 70 -7.01 1.29 6.41
CA ILE B 70 -6.43 2.41 7.13
C ILE B 70 -5.94 1.97 8.49
N ASN B 71 -4.88 2.59 8.97
CA ASN B 71 -4.32 2.24 10.26
C ASN B 71 -4.26 3.45 11.19
N THR B 72 -4.17 3.19 12.49
CA THR B 72 -4.10 4.25 13.48
C THR B 72 -2.70 4.82 13.60
N SER B 73 -1.76 4.20 12.90
CA SER B 73 -0.37 4.62 12.91
C SER B 73 0.31 4.26 11.60
N ASP B 74 -0.08 4.95 10.53
CA ASP B 74 0.50 4.69 9.21
C ASP B 74 0.42 5.94 8.34
N ILE B 75 1.17 5.91 7.23
CA ILE B 75 1.18 7.01 6.28
C ILE B 75 0.07 6.85 5.26
N ILE B 76 -0.53 7.96 4.85
CA ILE B 76 -1.60 7.92 3.86
C ILE B 76 -1.64 9.19 3.02
N LEU B 77 -2.47 9.17 2.00
CA LEU B 77 -2.62 10.33 1.13
C LEU B 77 -4.10 10.71 1.05
N VAL B 78 -4.41 11.95 1.42
CA VAL B 78 -5.78 12.43 1.38
C VAL B 78 -5.92 13.61 0.44
N GLY B 79 -7.13 13.84 -0.05
CA GLY B 79 -7.38 14.95 -0.97
C GLY B 79 -7.95 16.16 -0.27
N LEU B 80 -7.23 17.28 -0.35
CA LEU B 80 -7.67 18.52 0.28
C LEU B 80 -8.18 19.52 -0.77
N ARG B 81 -9.45 19.86 -0.67
CA ARG B 81 -10.06 20.80 -1.62
C ARG B 81 -11.53 21.05 -1.28
N ASP B 82 -12.37 20.07 -1.58
CA ASP B 82 -13.80 20.18 -1.33
C ASP B 82 -14.09 20.43 0.15
N TYR B 83 -13.17 20.00 1.01
CA TYR B 83 -13.33 20.18 2.45
C TYR B 83 -12.69 21.49 2.93
N GLN B 84 -12.36 22.37 1.99
CA GLN B 84 -11.76 23.65 2.33
C GLN B 84 -10.36 23.46 2.93
N ASP B 85 -9.73 22.34 2.60
CA ASP B 85 -8.39 22.03 3.10
C ASP B 85 -8.42 21.45 4.52
N ASN B 86 -9.21 22.07 5.40
CA ASN B 86 -9.33 21.61 6.79
C ASN B 86 -9.43 20.09 6.87
N LYS B 87 -10.14 19.49 5.92
CA LYS B 87 -10.31 18.04 5.89
C LYS B 87 -9.82 17.49 4.55
N ALA B 88 -9.63 16.18 4.50
CA ALA B 88 -9.15 15.53 3.28
C ALA B 88 -9.49 14.04 3.27
N ASP B 89 -10.05 13.57 2.16
CA ASP B 89 -10.43 12.16 2.05
C ASP B 89 -9.27 11.33 1.50
N VAL B 90 -8.95 10.25 2.22
CA VAL B 90 -7.87 9.35 1.81
C VAL B 90 -8.05 8.89 0.36
N ILE B 91 -7.17 9.35 -0.52
CA ILE B 91 -7.24 8.96 -1.92
C ILE B 91 -6.67 7.57 -2.10
N LEU B 92 -5.52 7.33 -1.46
CA LEU B 92 -4.87 6.03 -1.51
C LEU B 92 -4.21 5.75 -0.17
N LYS B 93 -3.73 4.53 0.04
CA LYS B 93 -3.11 4.16 1.30
C LYS B 93 -1.62 3.89 1.15
N TYR B 94 -0.82 4.62 1.94
CA TYR B 94 0.63 4.46 1.94
C TYR B 94 0.99 3.37 2.96
N ASN B 95 1.36 2.19 2.47
CA ASN B 95 1.67 1.04 3.33
C ASN B 95 3.03 1.16 4.02
N ALA B 96 3.34 0.13 4.82
CA ALA B 96 4.59 0.06 5.57
C ALA B 96 5.76 -0.32 4.66
N ASP B 97 5.54 -1.29 3.77
CA ASP B 97 6.58 -1.71 2.85
C ASP B 97 6.98 -0.53 1.98
N GLU B 98 5.97 0.22 1.59
CA GLU B 98 6.17 1.43 0.80
C GLU B 98 6.88 2.47 1.63
N ALA B 99 6.66 2.39 2.94
CA ALA B 99 7.25 3.34 3.89
C ALA B 99 8.71 3.63 3.58
N ARG B 100 9.52 2.59 3.38
CA ARG B 100 10.93 2.81 3.05
C ARG B 100 11.03 3.69 1.80
N SER B 101 10.01 3.61 0.97
CA SER B 101 9.92 4.39 -0.24
C SER B 101 9.46 5.81 0.08
N LEU B 102 8.78 5.98 1.22
CA LEU B 102 8.28 7.29 1.62
C LEU B 102 9.38 8.33 1.55
N LYS B 103 10.63 7.94 1.84
CA LYS B 103 11.72 8.88 1.70
C LYS B 103 11.68 9.41 0.26
N ALA B 104 11.26 8.50 -0.63
CA ALA B 104 11.10 8.78 -2.05
C ALA B 104 9.76 9.48 -2.31
N TYR B 105 8.83 9.36 -1.37
CA TYR B 105 7.49 9.99 -1.49
C TYR B 105 7.61 11.50 -1.46
N GLY B 106 8.81 12.02 -1.20
CA GLY B 106 9.00 13.46 -1.13
C GLY B 106 8.13 14.07 -0.05
N GLU B 107 7.80 13.27 0.96
CA GLU B 107 6.95 13.72 2.07
C GLU B 107 7.72 13.71 3.39
N LEU B 108 8.17 12.53 3.78
CA LEU B 108 8.91 12.39 5.04
C LEU B 108 10.42 12.53 4.81
N PRO B 109 11.07 13.45 5.53
CA PRO B 109 12.52 13.67 5.41
C PRO B 109 13.32 12.40 5.66
N GLU B 110 14.64 12.51 5.56
CA GLU B 110 15.53 11.37 5.78
C GLU B 110 15.51 10.95 7.26
N HIS B 111 15.17 11.88 8.13
CA HIS B 111 15.13 11.60 9.56
C HIS B 111 13.77 11.03 9.97
N ALA B 112 12.77 11.20 9.12
CA ALA B 112 11.43 10.69 9.40
C ALA B 112 11.45 9.21 9.75
N LYS B 113 10.65 8.83 10.74
CA LYS B 113 10.58 7.44 11.18
C LYS B 113 9.18 6.87 10.97
N ILE B 114 9.12 5.64 10.49
CA ILE B 114 7.84 4.97 10.24
C ILE B 114 7.49 4.03 11.38
N ASN B 115 6.19 3.87 11.63
CA ASN B 115 5.72 2.99 12.70
C ASN B 115 6.15 1.55 12.45
N GLU B 116 6.06 0.73 13.49
CA GLU B 116 6.44 -0.67 13.38
C GLU B 116 5.60 -1.39 12.34
N THR B 117 6.23 -2.28 11.57
CA THR B 117 5.54 -3.04 10.54
C THR B 117 4.76 -4.20 11.15
N ASP B 118 3.95 -4.86 10.32
CA ASP B 118 3.14 -5.99 10.75
C ASP B 118 3.90 -6.91 11.70
N THR B 119 3.42 -7.01 12.92
CA THR B 119 4.06 -7.87 13.92
C THR B 119 3.42 -9.25 13.96
N PHE B 120 4.21 -10.26 14.32
CA PHE B 120 3.73 -11.63 14.39
C PHE B 120 3.03 -11.89 15.71
N GLY B 121 1.84 -11.33 15.88
CA GLY B 121 1.09 -11.51 17.10
C GLY B 121 0.00 -12.56 16.97
N PRO B 122 -1.23 -12.15 16.64
CA PRO B 122 -2.36 -13.08 16.47
C PRO B 122 -2.04 -14.21 15.51
N GLY B 123 -2.88 -15.24 15.50
CA GLY B 123 -2.66 -16.38 14.62
C GLY B 123 -3.82 -17.36 14.65
N ASP B 124 -3.83 -18.27 13.68
CA ASP B 124 -4.87 -19.29 13.58
C ASP B 124 -4.84 -19.96 12.20
N ASP B 125 -4.68 -21.27 12.20
CA ASP B 125 -4.63 -22.04 10.96
C ASP B 125 -5.96 -22.76 10.72
N ASP B 126 -7.04 -22.15 11.18
CA ASP B 126 -8.39 -22.72 11.02
C ASP B 126 -8.39 -24.21 11.30
N GLU B 127 -7.83 -24.59 12.45
CA GLU B 127 -7.77 -26.00 12.85
C GLU B 127 -7.33 -26.13 14.31
N ILE B 128 -7.73 -27.22 14.94
CA ILE B 128 -7.39 -27.46 16.34
C ILE B 128 -5.92 -27.85 16.48
N GLN B 129 -5.43 -28.66 15.55
CA GLN B 129 -4.04 -29.11 15.57
C GLN B 129 -3.41 -28.99 14.19
N PHE B 130 -2.12 -28.64 14.16
CA PHE B 130 -1.40 -28.50 12.90
C PHE B 130 0.10 -28.29 13.16
N ASP B 131 0.81 -29.39 13.34
CA ASP B 131 2.25 -29.33 13.59
C ASP B 131 2.85 -30.74 13.64
N ASP B 132 2.17 -31.64 14.35
CA ASP B 132 2.64 -33.02 14.48
C ASP B 132 4.01 -33.07 15.14
N ILE B 133 4.60 -34.26 15.21
CA ILE B 133 5.91 -34.44 15.81
C ILE B 133 6.83 -35.25 14.92
N GLY B 134 7.43 -34.59 13.94
CA GLY B 134 8.33 -35.27 13.03
C GLY B 134 9.55 -34.44 12.68
N ASP B 135 10.61 -34.60 13.45
CA ASP B 135 11.85 -33.85 13.23
C ASP B 135 12.38 -34.10 11.82
N ASP B 136 13.28 -33.23 11.37
CA ASP B 136 13.86 -33.36 10.03
C ASP B 136 14.96 -34.42 10.03
N ASP B 137 14.57 -35.67 10.17
CA ASP B 137 15.52 -36.79 10.19
C ASP B 137 15.29 -37.70 8.98
N GLU B 138 14.04 -38.08 8.76
CA GLU B 138 13.70 -38.95 7.64
C GLU B 138 13.96 -38.26 6.31
N ASP B 139 14.37 -39.04 5.31
CA ASP B 139 14.66 -38.50 3.99
C ASP B 139 14.13 -39.43 2.89
N ILE B 140 14.42 -40.72 3.03
CA ILE B 140 13.98 -41.71 2.06
C ILE B 140 12.53 -42.11 2.30
N ASP B 141 11.62 -41.23 1.89
CA ASP B 141 10.19 -41.50 2.05
C ASP B 141 9.41 -41.03 0.83
N ASP B 142 10.04 -41.11 -0.34
CA ASP B 142 9.40 -40.70 -1.58
C ASP B 142 8.13 -41.51 -1.84
N ILE B 143 8.12 -42.75 -1.36
CA ILE B 143 6.97 -43.63 -1.53
C ILE B 143 6.52 -44.21 -0.21
N MET A 1 17.09 16.86 -26.21
CA MET A 1 15.84 17.64 -26.30
C MET A 1 16.10 19.06 -26.78
N ARG A 2 16.64 19.19 -27.98
CA ARG A 2 16.95 20.50 -28.55
C ARG A 2 15.88 20.92 -29.56
N GLY A 3 14.93 21.71 -29.11
CA GLY A 3 13.86 22.16 -29.98
C GLY A 3 12.49 21.94 -29.38
N SER A 4 11.45 22.45 -30.06
CA SER A 4 10.08 22.29 -29.59
C SER A 4 9.09 22.81 -30.62
N HIS A 5 7.85 22.35 -30.53
CA HIS A 5 6.81 22.76 -31.47
C HIS A 5 5.44 22.75 -30.79
N HIS A 6 4.43 23.23 -31.50
CA HIS A 6 3.07 23.28 -30.97
C HIS A 6 2.13 22.41 -31.81
N HIS A 7 2.63 21.27 -32.26
CA HIS A 7 1.84 20.35 -33.07
C HIS A 7 1.80 18.96 -32.44
N HIS A 8 0.77 18.72 -31.63
CA HIS A 8 0.61 17.44 -30.96
C HIS A 8 -0.51 16.63 -31.61
N HIS A 9 -0.15 15.78 -32.57
CA HIS A 9 -1.12 14.95 -33.26
C HIS A 9 -0.42 13.98 -34.23
N HIS A 10 -1.10 12.88 -34.54
CA HIS A 10 -0.55 11.89 -35.46
C HIS A 10 -1.42 11.74 -36.69
N THR A 11 -1.05 10.82 -37.57
CA THR A 11 -1.79 10.59 -38.80
C THR A 11 -2.00 9.09 -39.03
N ASP A 12 -3.22 8.72 -39.40
CA ASP A 12 -3.56 7.32 -39.66
C ASP A 12 -3.96 7.12 -41.13
N PRO A 13 -2.98 6.86 -42.01
CA PRO A 13 -3.24 6.64 -43.43
C PRO A 13 -4.31 5.58 -43.68
N MET A 14 -4.73 5.44 -44.92
CA MET A 14 -5.74 4.46 -45.29
C MET A 14 -5.24 3.04 -45.01
N PRO B 1 -6.04 2.22 -44.33
CA PRO B 1 -5.68 0.84 -44.01
C PRO B 1 -5.68 -0.07 -45.24
N LYS B 2 -4.50 -0.51 -45.64
CA LYS B 2 -4.36 -1.37 -46.81
C LYS B 2 -4.67 -2.82 -46.44
N ASN B 3 -5.89 -3.06 -45.97
CA ASN B 3 -6.31 -4.41 -45.59
C ASN B 3 -7.81 -4.60 -45.83
N LYS B 4 -8.21 -4.55 -47.09
CA LYS B 4 -9.60 -4.72 -47.45
C LYS B 4 -10.09 -6.14 -47.12
N GLY B 5 -11.30 -6.23 -46.57
CA GLY B 5 -11.86 -7.51 -46.21
C GLY B 5 -12.10 -7.64 -44.72
N LYS B 6 -11.85 -8.84 -44.18
CA LYS B 6 -12.05 -9.09 -42.75
C LYS B 6 -13.50 -8.88 -42.36
N GLY B 7 -14.36 -9.82 -42.74
CA GLY B 7 -15.76 -9.72 -42.41
C GLY B 7 -16.23 -10.84 -41.48
N GLY B 8 -15.49 -11.06 -40.42
CA GLY B 8 -15.84 -12.11 -39.46
C GLY B 8 -14.63 -12.87 -38.97
N LYS B 9 -13.59 -12.15 -38.58
CA LYS B 9 -12.37 -12.78 -38.08
C LYS B 9 -12.25 -12.62 -36.57
N ASN B 10 -13.36 -12.80 -35.87
CA ASN B 10 -13.39 -12.68 -34.42
C ASN B 10 -12.49 -13.73 -33.77
N ARG B 11 -11.41 -13.28 -33.14
CA ARG B 11 -10.48 -14.19 -32.48
C ARG B 11 -10.79 -14.31 -30.99
N ARG B 12 -10.04 -15.16 -30.30
CA ARG B 12 -10.24 -15.35 -28.87
C ARG B 12 -9.98 -14.07 -28.09
N ARG B 13 -9.03 -13.28 -28.57
CA ARG B 13 -8.69 -12.01 -27.91
C ARG B 13 -8.23 -12.26 -26.48
N GLY B 14 -6.92 -12.44 -26.31
CA GLY B 14 -6.37 -12.67 -24.99
C GLY B 14 -6.50 -11.46 -24.08
N LYS B 15 -5.38 -10.78 -23.85
CA LYS B 15 -5.37 -9.60 -22.99
C LYS B 15 -5.79 -9.96 -21.57
N ASN B 16 -5.38 -9.12 -20.61
CA ASN B 16 -5.71 -9.33 -19.21
C ASN B 16 -4.96 -8.33 -18.33
N GLU B 17 -5.19 -7.04 -18.59
CA GLU B 17 -4.54 -5.98 -17.84
C GLU B 17 -3.02 -6.06 -17.98
N ASN B 18 -2.57 -6.58 -19.11
CA ASN B 18 -1.13 -6.70 -19.38
C ASN B 18 -0.44 -7.52 -18.30
N GLU B 19 -1.10 -8.60 -17.86
CA GLU B 19 -0.55 -9.45 -16.83
C GLU B 19 -0.40 -8.70 -15.51
N SER B 20 -0.69 -9.38 -14.40
CA SER B 20 -0.58 -8.76 -13.08
C SER B 20 0.78 -9.06 -12.45
N GLU B 21 1.68 -8.07 -12.51
CA GLU B 21 3.01 -8.23 -11.94
C GLU B 21 3.79 -6.92 -12.03
N LYS B 22 3.51 -6.00 -11.12
CA LYS B 22 4.19 -4.71 -11.10
C LYS B 22 3.68 -3.84 -9.95
N ARG B 23 4.59 -3.43 -9.07
CA ARG B 23 4.22 -2.60 -7.94
C ARG B 23 3.83 -1.19 -8.39
N GLU B 24 2.77 -0.66 -7.80
CA GLU B 24 2.29 0.67 -8.14
C GLU B 24 2.48 1.64 -6.97
N LEU B 25 3.66 2.23 -6.89
CA LEU B 25 3.98 3.18 -5.83
C LEU B 25 3.54 4.59 -6.21
N VAL B 26 2.78 5.23 -5.33
CA VAL B 26 2.28 6.58 -5.58
C VAL B 26 2.62 7.53 -4.44
N PHE B 27 2.98 8.76 -4.79
CA PHE B 27 3.33 9.78 -3.81
C PHE B 27 2.28 10.90 -3.82
N LYS B 28 2.36 11.79 -2.83
CA LYS B 28 1.43 12.91 -2.74
C LYS B 28 1.38 13.68 -4.06
N GLU B 29 0.23 14.27 -4.36
CA GLU B 29 0.07 15.04 -5.59
C GLU B 29 -0.68 16.34 -5.35
N ASP B 30 -0.60 17.24 -6.33
CA ASP B 30 -1.28 18.54 -6.23
C ASP B 30 -2.75 18.36 -5.90
N GLY B 31 -3.23 19.13 -4.92
CA GLY B 31 -4.62 19.03 -4.53
C GLY B 31 -4.85 18.03 -3.41
N GLN B 32 -3.85 17.18 -3.18
CA GLN B 32 -3.94 16.17 -2.13
C GLN B 32 -2.65 16.12 -1.32
N GLU B 33 -2.78 16.02 0.00
CA GLU B 33 -1.62 15.98 0.87
C GLU B 33 -1.55 14.66 1.63
N TYR B 34 -0.34 14.28 2.04
CA TYR B 34 -0.13 13.04 2.78
C TYR B 34 -0.40 13.30 4.27
N ALA B 35 -0.71 12.25 5.02
CA ALA B 35 -1.03 12.40 6.42
C ALA B 35 -0.62 11.18 7.25
N GLN B 36 -0.77 11.32 8.57
CA GLN B 36 -0.44 10.26 9.51
C GLN B 36 -1.59 10.04 10.49
N VAL B 37 -2.18 8.85 10.45
CA VAL B 37 -3.31 8.54 11.33
C VAL B 37 -2.90 8.48 12.80
N ILE B 38 -3.75 9.04 13.65
CA ILE B 38 -3.49 9.04 15.09
C ILE B 38 -4.56 8.24 15.83
N LYS B 39 -5.81 8.39 15.40
CA LYS B 39 -6.93 7.70 16.01
C LYS B 39 -7.88 7.16 14.94
N MET B 40 -8.71 6.20 15.31
CA MET B 40 -9.66 5.62 14.39
C MET B 40 -11.10 5.89 14.84
N LEU B 41 -11.99 6.10 13.88
CA LEU B 41 -13.39 6.38 14.19
C LEU B 41 -14.27 5.17 13.89
N GLY B 42 -13.84 4.35 12.93
CA GLY B 42 -14.60 3.17 12.57
C GLY B 42 -15.97 3.52 12.02
N ASN B 43 -16.01 4.29 10.96
CA ASN B 43 -17.28 4.69 10.33
C ASN B 43 -17.03 5.52 9.09
N GLY B 44 -16.39 4.91 8.09
CA GLY B 44 -16.10 5.61 6.86
C GLY B 44 -15.24 6.84 7.08
N ARG B 45 -14.53 6.88 8.21
CA ARG B 45 -13.68 8.01 8.53
C ARG B 45 -12.52 7.58 9.44
N LEU B 46 -11.51 8.42 9.53
CA LEU B 46 -10.35 8.13 10.36
C LEU B 46 -9.77 9.42 10.92
N GLU B 47 -9.25 9.37 12.14
CA GLU B 47 -8.65 10.54 12.75
C GLU B 47 -7.16 10.57 12.45
N ALA B 48 -6.71 11.64 11.80
CA ALA B 48 -5.31 11.78 11.43
C ALA B 48 -4.88 13.24 11.39
N MET B 49 -3.58 13.44 11.36
CA MET B 49 -3.02 14.79 11.30
C MET B 49 -1.84 14.85 10.34
N CYS B 50 -1.89 15.80 9.41
CA CYS B 50 -0.82 15.95 8.44
C CYS B 50 0.50 16.23 9.16
N PHE B 51 1.59 15.74 8.57
CA PHE B 51 2.92 15.92 9.15
C PHE B 51 3.19 17.38 9.51
N ASP B 52 2.45 18.30 8.88
CA ASP B 52 2.63 19.72 9.13
C ASP B 52 2.06 20.11 10.50
N GLY B 53 1.37 19.18 11.16
CA GLY B 53 0.82 19.46 12.46
C GLY B 53 -0.63 19.90 12.40
N VAL B 54 -1.41 19.26 11.55
CA VAL B 54 -2.83 19.61 11.40
C VAL B 54 -3.71 18.38 11.56
N LYS B 55 -4.45 18.31 12.66
CA LYS B 55 -5.34 17.18 12.93
C LYS B 55 -6.68 17.37 12.22
N ARG B 56 -7.01 16.43 11.35
CA ARG B 56 -8.27 16.48 10.60
C ARG B 56 -8.84 15.08 10.37
N LEU B 57 -10.10 15.04 9.97
CA LEU B 57 -10.76 13.76 9.72
C LEU B 57 -10.72 13.41 8.24
N CYS B 58 -9.86 12.45 7.90
CA CYS B 58 -9.73 12.02 6.52
C CYS B 58 -10.71 10.90 6.21
N HIS B 59 -11.60 11.14 5.26
CA HIS B 59 -12.60 10.16 4.87
C HIS B 59 -11.98 9.08 4.00
N ILE B 60 -12.38 7.84 4.24
CA ILE B 60 -11.87 6.71 3.47
C ILE B 60 -12.37 6.75 2.04
N ARG B 61 -11.48 6.45 1.09
CA ARG B 61 -11.83 6.48 -0.32
C ARG B 61 -12.96 5.50 -0.61
N GLY B 62 -13.75 5.80 -1.64
CA GLY B 62 -14.85 4.94 -2.01
C GLY B 62 -14.41 3.74 -2.83
N LYS B 63 -13.45 3.96 -3.72
CA LYS B 63 -12.94 2.88 -4.56
C LYS B 63 -11.95 2.01 -3.78
N LEU B 64 -11.25 2.62 -2.83
CA LEU B 64 -10.28 1.91 -2.01
C LEU B 64 -10.97 1.09 -0.92
N ARG B 65 -12.13 1.57 -0.47
CA ARG B 65 -12.90 0.88 0.57
C ARG B 65 -13.05 -0.61 0.25
N LYS B 66 -13.02 -0.96 -1.03
CA LYS B 66 -13.15 -2.34 -1.46
C LYS B 66 -12.09 -3.23 -0.81
N LYS B 67 -10.87 -2.71 -0.69
CA LYS B 67 -9.78 -3.48 -0.10
C LYS B 67 -8.71 -2.56 0.48
N VAL B 68 -9.14 -1.57 1.26
CA VAL B 68 -8.21 -0.62 1.87
C VAL B 68 -8.39 -0.59 3.39
N TRP B 69 -7.34 -0.92 4.11
CA TRP B 69 -7.40 -0.92 5.57
C TRP B 69 -6.53 0.20 6.14
N ILE B 70 -7.19 1.20 6.71
CA ILE B 70 -6.50 2.33 7.32
C ILE B 70 -6.02 1.96 8.72
N ASN B 71 -4.82 2.39 9.05
CA ASN B 71 -4.24 2.09 10.37
C ASN B 71 -4.15 3.33 11.23
N THR B 72 -4.04 3.13 12.54
CA THR B 72 -3.93 4.23 13.48
C THR B 72 -2.51 4.78 13.54
N SER B 73 -1.61 4.11 12.86
CA SER B 73 -0.20 4.52 12.81
C SER B 73 0.42 4.17 11.47
N ASP B 74 0.00 4.89 10.43
CA ASP B 74 0.52 4.65 9.08
C ASP B 74 0.42 5.91 8.23
N ILE B 75 1.14 5.91 7.11
CA ILE B 75 1.14 7.03 6.19
C ILE B 75 0.02 6.87 5.16
N ILE B 76 -0.58 7.99 4.77
CA ILE B 76 -1.65 7.95 3.78
C ILE B 76 -1.69 9.24 2.97
N LEU B 77 -2.50 9.24 1.93
CA LEU B 77 -2.66 10.41 1.09
C LEU B 77 -4.13 10.78 0.98
N VAL B 78 -4.47 12.03 1.30
CA VAL B 78 -5.84 12.49 1.24
C VAL B 78 -5.96 13.74 0.38
N GLY B 79 -7.16 13.97 -0.14
CA GLY B 79 -7.39 15.13 -0.97
C GLY B 79 -7.90 16.33 -0.19
N LEU B 80 -7.24 17.46 -0.35
CA LEU B 80 -7.65 18.68 0.36
C LEU B 80 -8.33 19.66 -0.60
N ARG B 81 -8.78 20.79 -0.05
CA ARG B 81 -9.46 21.81 -0.85
C ARG B 81 -10.92 21.44 -1.12
N ASP B 82 -11.14 20.23 -1.63
CA ASP B 82 -12.50 19.76 -1.93
C ASP B 82 -13.47 20.06 -0.79
N TYR B 83 -13.01 19.87 0.44
CA TYR B 83 -13.83 20.11 1.62
C TYR B 83 -13.61 21.51 2.18
N GLN B 84 -13.13 22.42 1.32
CA GLN B 84 -12.86 23.79 1.75
C GLN B 84 -11.68 23.85 2.71
N ASP B 85 -10.74 22.91 2.55
CA ASP B 85 -9.57 22.84 3.41
C ASP B 85 -9.93 22.26 4.78
N ASN B 86 -8.92 22.08 5.62
CA ASN B 86 -9.13 21.53 6.96
C ASN B 86 -9.36 20.02 6.91
N LYS B 87 -10.37 19.61 6.15
CA LYS B 87 -10.70 18.19 6.02
C LYS B 87 -10.31 17.66 4.64
N ALA B 88 -9.95 16.38 4.59
CA ALA B 88 -9.55 15.77 3.33
C ALA B 88 -10.13 14.35 3.21
N ASP B 89 -9.82 13.69 2.11
CA ASP B 89 -10.31 12.33 1.88
C ASP B 89 -9.19 11.44 1.35
N VAL B 90 -8.90 10.36 2.07
CA VAL B 90 -7.86 9.42 1.66
C VAL B 90 -8.05 9.00 0.21
N ILE B 91 -7.14 9.43 -0.66
CA ILE B 91 -7.22 9.07 -2.08
C ILE B 91 -6.61 7.69 -2.29
N LEU B 92 -5.54 7.42 -1.54
CA LEU B 92 -4.87 6.13 -1.60
C LEU B 92 -4.23 5.84 -0.26
N LYS B 93 -3.76 4.60 -0.07
CA LYS B 93 -3.15 4.21 1.19
C LYS B 93 -1.66 3.94 1.06
N TYR B 94 -0.86 4.69 1.82
CA TYR B 94 0.58 4.50 1.83
C TYR B 94 0.92 3.41 2.84
N ASN B 95 1.29 2.23 2.35
CA ASN B 95 1.58 1.08 3.20
C ASN B 95 2.91 1.22 3.95
N ALA B 96 3.18 0.22 4.79
CA ALA B 96 4.41 0.19 5.58
C ALA B 96 5.60 -0.23 4.73
N ASP B 97 5.39 -1.20 3.84
CA ASP B 97 6.45 -1.65 2.96
C ASP B 97 6.87 -0.50 2.08
N GLU B 98 5.87 0.24 1.61
CA GLU B 98 6.10 1.41 0.80
C GLU B 98 6.80 2.47 1.62
N ALA B 99 6.57 2.42 2.93
CA ALA B 99 7.14 3.40 3.87
C ALA B 99 8.61 3.67 3.57
N ARG B 100 9.42 2.63 3.39
CA ARG B 100 10.82 2.83 3.08
C ARG B 100 10.96 3.70 1.83
N SER B 101 9.94 3.63 0.99
CA SER B 101 9.88 4.42 -0.23
C SER B 101 9.43 5.84 0.09
N LEU B 102 8.75 6.02 1.23
CA LEU B 102 8.28 7.34 1.62
C LEU B 102 9.38 8.37 1.55
N LYS B 103 10.61 7.97 1.87
CA LYS B 103 11.72 8.91 1.73
C LYS B 103 11.69 9.42 0.29
N ALA B 104 11.29 8.49 -0.60
CA ALA B 104 11.14 8.76 -2.03
C ALA B 104 9.81 9.47 -2.31
N TYR B 105 8.86 9.36 -1.38
CA TYR B 105 7.54 9.98 -1.53
C TYR B 105 7.65 11.50 -1.51
N GLY B 106 8.85 12.02 -1.29
CA GLY B 106 9.04 13.45 -1.23
C GLY B 106 8.18 14.10 -0.16
N GLU B 107 7.83 13.30 0.85
CA GLU B 107 7.00 13.77 1.95
C GLU B 107 7.76 13.76 3.28
N LEU B 108 8.20 12.58 3.68
CA LEU B 108 8.94 12.42 4.93
C LEU B 108 10.44 12.44 4.68
N PRO B 109 11.18 13.32 5.39
CA PRO B 109 12.64 13.43 5.24
C PRO B 109 13.34 12.11 5.52
N GLU B 110 14.67 12.11 5.40
CA GLU B 110 15.46 10.91 5.63
C GLU B 110 15.44 10.52 7.11
N HIS B 111 15.17 11.49 7.98
CA HIS B 111 15.12 11.24 9.41
C HIS B 111 13.71 10.85 9.87
N ALA B 112 12.78 10.75 8.93
CA ALA B 112 11.40 10.39 9.26
C ALA B 112 11.33 8.98 9.83
N LYS B 113 10.37 8.77 10.74
CA LYS B 113 10.19 7.48 11.38
C LYS B 113 8.84 6.86 11.00
N ILE B 114 8.85 5.57 10.70
CA ILE B 114 7.63 4.86 10.32
C ILE B 114 7.20 3.88 11.42
N ASN B 115 5.92 3.53 11.42
CA ASN B 115 5.37 2.60 12.41
C ASN B 115 5.16 1.22 11.79
N GLU B 116 5.66 0.20 12.46
CA GLU B 116 5.52 -1.17 11.98
C GLU B 116 6.09 -1.33 10.59
N THR B 117 7.26 -1.94 10.50
CA THR B 117 7.93 -2.16 9.22
C THR B 117 7.65 -3.56 8.67
N ASP B 118 7.31 -4.48 9.57
CA ASP B 118 7.02 -5.86 9.20
C ASP B 118 8.04 -6.40 8.19
N THR B 119 9.27 -6.57 8.65
CA THR B 119 10.34 -7.07 7.79
C THR B 119 10.34 -8.59 7.77
N PHE B 120 10.77 -9.17 6.65
CA PHE B 120 10.81 -10.62 6.50
C PHE B 120 12.14 -11.06 5.88
N GLY B 121 13.23 -10.49 6.38
CA GLY B 121 14.54 -10.84 5.86
C GLY B 121 15.20 -11.97 6.64
N PRO B 122 16.53 -12.00 6.69
CA PRO B 122 17.28 -13.05 7.40
C PRO B 122 16.77 -13.25 8.84
N GLY B 123 17.13 -14.39 9.43
CA GLY B 123 16.70 -14.67 10.79
C GLY B 123 17.64 -14.09 11.82
N ASP B 124 17.33 -12.89 12.30
CA ASP B 124 18.14 -12.22 13.30
C ASP B 124 19.54 -11.93 12.77
N ASP B 125 19.96 -10.68 12.87
CA ASP B 125 21.28 -10.26 12.39
C ASP B 125 21.98 -9.40 13.44
N ASP B 126 22.69 -10.06 14.34
CA ASP B 126 23.42 -9.36 15.40
C ASP B 126 24.47 -8.43 14.80
N GLU B 127 24.18 -7.13 14.80
CA GLU B 127 25.11 -6.14 14.27
C GLU B 127 25.81 -5.40 15.38
N ILE B 128 27.12 -5.21 15.24
CA ILE B 128 27.92 -4.51 16.23
C ILE B 128 28.08 -3.03 15.87
N GLN B 129 28.58 -2.78 14.68
CA GLN B 129 28.79 -1.41 14.21
C GLN B 129 29.80 -0.69 15.09
N PHE B 130 30.58 0.20 14.48
CA PHE B 130 31.59 0.97 15.22
C PHE B 130 31.29 2.46 15.17
N ASP B 131 30.00 2.79 15.28
CA ASP B 131 29.58 4.19 15.24
C ASP B 131 29.92 4.90 16.54
N ASP B 132 31.05 5.60 16.56
CA ASP B 132 31.48 6.31 17.75
C ASP B 132 31.38 7.82 17.54
N ILE B 133 30.98 8.53 18.59
CA ILE B 133 30.83 9.98 18.53
C ILE B 133 31.46 10.66 19.74
N GLY B 134 32.78 10.70 19.76
CA GLY B 134 33.49 11.32 20.86
C GLY B 134 34.65 12.19 20.40
N ASP B 135 35.61 12.42 21.28
CA ASP B 135 36.77 13.23 20.95
C ASP B 135 38.07 12.48 21.27
N ASP B 136 38.99 12.50 20.31
CA ASP B 136 40.28 11.83 20.49
C ASP B 136 41.41 12.85 20.69
N ASP B 137 42.35 12.50 21.56
CA ASP B 137 43.47 13.39 21.84
C ASP B 137 44.69 12.58 22.28
N GLU B 138 45.88 13.11 21.99
CA GLU B 138 47.12 12.44 22.35
C GLU B 138 48.31 13.38 22.20
N ASP B 139 49.34 13.16 23.02
CA ASP B 139 50.54 13.99 22.97
C ASP B 139 51.69 13.32 23.73
N ILE B 140 52.74 12.97 23.00
CA ILE B 140 53.90 12.33 23.59
C ILE B 140 55.10 13.26 23.63
N ASP B 141 55.86 13.21 24.72
CA ASP B 141 57.04 14.06 24.88
C ASP B 141 58.31 13.30 24.50
N ASP B 142 59.25 14.01 23.88
CA ASP B 142 60.51 13.41 23.48
C ASP B 142 60.26 12.28 22.48
N ILE B 143 60.66 12.51 21.23
CA ILE B 143 60.48 11.51 20.17
C ILE B 143 61.60 10.47 20.22
N MET A 1 2.06 -21.24 -53.30
CA MET A 1 1.10 -20.44 -54.10
C MET A 1 1.62 -19.02 -54.35
N ARG A 2 2.30 -18.47 -53.34
CA ARG A 2 2.85 -17.12 -53.45
C ARG A 2 1.76 -16.09 -53.72
N GLY A 3 1.09 -15.67 -52.65
CA GLY A 3 0.03 -14.69 -52.80
C GLY A 3 -1.17 -14.99 -51.90
N SER A 4 -1.77 -13.95 -51.35
CA SER A 4 -2.93 -14.12 -50.46
C SER A 4 -2.52 -14.74 -49.14
N HIS A 5 -2.07 -15.99 -49.20
CA HIS A 5 -1.64 -16.72 -48.01
C HIS A 5 -2.82 -16.95 -47.06
N HIS A 6 -2.98 -18.19 -46.61
CA HIS A 6 -4.06 -18.54 -45.70
C HIS A 6 -3.53 -19.32 -44.50
N HIS A 7 -3.91 -18.88 -43.30
CA HIS A 7 -3.48 -19.54 -42.07
C HIS A 7 -3.97 -20.99 -42.03
N HIS A 8 -3.04 -21.93 -42.20
CA HIS A 8 -3.38 -23.35 -42.18
C HIS A 8 -3.23 -23.92 -40.78
N HIS A 9 -4.32 -23.99 -40.04
CA HIS A 9 -4.29 -24.52 -38.68
C HIS A 9 -4.97 -25.88 -38.62
N HIS A 10 -4.35 -26.82 -37.91
CA HIS A 10 -4.89 -28.16 -37.77
C HIS A 10 -6.23 -28.13 -37.04
N THR A 11 -7.25 -28.70 -37.68
CA THR A 11 -8.58 -28.74 -37.09
C THR A 11 -8.69 -29.80 -35.99
N ASP A 12 -7.63 -30.59 -35.84
CA ASP A 12 -7.61 -31.65 -34.82
C ASP A 12 -7.88 -31.07 -33.44
N PRO A 13 -9.07 -31.37 -32.86
CA PRO A 13 -9.44 -30.88 -31.53
C PRO A 13 -8.35 -31.14 -30.49
N MET A 14 -8.02 -32.41 -30.29
CA MET A 14 -7.00 -32.79 -29.32
C MET A 14 -5.81 -33.45 -30.02
N PRO B 1 -4.57 -33.10 -29.61
CA PRO B 1 -3.36 -33.67 -30.21
C PRO B 1 -3.29 -35.19 -30.05
N LYS B 2 -2.99 -35.64 -28.83
CA LYS B 2 -2.90 -37.07 -28.55
C LYS B 2 -1.89 -37.74 -29.47
N ASN B 3 -0.82 -37.02 -29.80
CA ASN B 3 0.22 -37.55 -30.67
C ASN B 3 0.85 -38.80 -30.08
N LYS B 4 1.46 -39.62 -30.93
CA LYS B 4 2.09 -40.85 -30.49
C LYS B 4 3.19 -40.56 -29.46
N GLY B 5 2.84 -40.61 -28.20
CA GLY B 5 3.79 -40.35 -27.14
C GLY B 5 3.22 -39.50 -26.03
N LYS B 6 4.11 -38.92 -25.22
CA LYS B 6 3.69 -38.07 -24.11
C LYS B 6 4.82 -37.16 -23.66
N GLY B 7 4.73 -35.89 -24.04
CA GLY B 7 5.76 -34.93 -23.66
C GLY B 7 6.26 -34.13 -24.85
N GLY B 8 6.50 -32.84 -24.63
CA GLY B 8 6.98 -31.99 -25.69
C GLY B 8 6.30 -30.63 -25.71
N LYS B 9 6.69 -29.76 -24.78
CA LYS B 9 6.10 -28.42 -24.69
C LYS B 9 7.14 -27.41 -24.19
N ASN B 10 7.80 -26.76 -25.14
CA ASN B 10 8.82 -25.77 -24.80
C ASN B 10 8.17 -24.40 -24.54
N ARG B 11 9.01 -23.39 -24.32
CA ARG B 11 8.53 -22.04 -24.06
C ARG B 11 8.15 -21.35 -25.37
N ARG B 12 6.90 -20.89 -25.44
CA ARG B 12 6.40 -20.21 -26.63
C ARG B 12 6.04 -18.76 -26.32
N ARG B 13 7.03 -17.89 -26.30
CA ARG B 13 6.80 -16.48 -26.02
C ARG B 13 7.09 -15.62 -27.24
N GLY B 14 8.27 -15.81 -27.83
CA GLY B 14 8.65 -15.05 -29.00
C GLY B 14 10.03 -14.44 -28.88
N LYS B 15 10.13 -13.37 -28.08
CA LYS B 15 11.40 -12.69 -27.88
C LYS B 15 11.42 -11.97 -26.54
N ASN B 16 12.51 -11.24 -26.27
CA ASN B 16 12.66 -10.49 -25.02
C ASN B 16 12.27 -11.33 -23.81
N GLU B 17 12.21 -10.69 -22.65
CA GLU B 17 11.84 -11.37 -21.41
C GLU B 17 11.70 -10.38 -20.27
N ASN B 18 11.43 -10.90 -19.08
CA ASN B 18 11.27 -10.05 -17.90
C ASN B 18 10.07 -9.13 -18.05
N GLU B 19 8.87 -9.68 -17.85
CA GLU B 19 7.63 -8.92 -17.96
C GLU B 19 6.64 -9.31 -16.87
N SER B 20 7.09 -9.21 -15.62
CA SER B 20 6.24 -9.56 -14.49
C SER B 20 6.39 -8.55 -13.36
N GLU B 21 5.81 -7.36 -13.56
CA GLU B 21 5.88 -6.29 -12.56
C GLU B 21 4.58 -6.21 -11.77
N LYS B 22 4.65 -6.57 -10.49
CA LYS B 22 3.48 -6.53 -9.63
C LYS B 22 3.59 -5.39 -8.62
N ARG B 23 2.48 -5.08 -7.95
CA ARG B 23 2.44 -4.01 -6.97
C ARG B 23 2.79 -2.67 -7.62
N GLU B 24 2.38 -1.58 -6.99
CA GLU B 24 2.66 -0.25 -7.51
C GLU B 24 2.81 0.77 -6.37
N LEU B 25 3.89 1.54 -6.41
CA LEU B 25 4.14 2.54 -5.40
C LEU B 25 3.66 3.92 -5.86
N VAL B 26 2.81 4.55 -5.06
CA VAL B 26 2.26 5.85 -5.41
C VAL B 26 2.53 6.89 -4.32
N PHE B 27 2.85 8.11 -4.74
CA PHE B 27 3.12 9.21 -3.81
C PHE B 27 2.04 10.27 -3.91
N LYS B 28 2.06 11.23 -2.98
CA LYS B 28 1.08 12.31 -2.96
C LYS B 28 1.03 13.00 -4.33
N GLU B 29 -0.14 13.54 -4.67
CA GLU B 29 -0.31 14.22 -5.96
C GLU B 29 -0.89 15.62 -5.79
N ASP B 30 -0.80 16.42 -6.85
CA ASP B 30 -1.31 17.78 -6.83
C ASP B 30 -2.78 17.81 -6.44
N GLY B 31 -3.13 18.69 -5.52
CA GLY B 31 -4.50 18.80 -5.07
C GLY B 31 -4.78 17.91 -3.87
N GLN B 32 -3.89 16.97 -3.60
CA GLN B 32 -4.04 16.06 -2.46
C GLN B 32 -2.79 16.09 -1.59
N GLU B 33 -2.98 16.06 -0.28
CA GLU B 33 -1.85 16.09 0.65
C GLU B 33 -1.76 14.79 1.44
N TYR B 34 -0.54 14.43 1.83
CA TYR B 34 -0.31 13.21 2.60
C TYR B 34 -0.53 13.49 4.07
N ALA B 35 -0.84 12.45 4.85
CA ALA B 35 -1.10 12.62 6.27
C ALA B 35 -0.79 11.37 7.07
N GLN B 36 -0.86 11.49 8.39
CA GLN B 36 -0.61 10.38 9.30
C GLN B 36 -1.87 10.12 10.12
N VAL B 37 -2.04 8.89 10.59
CA VAL B 37 -3.22 8.54 11.37
C VAL B 37 -2.95 8.59 12.88
N ILE B 38 -3.94 9.08 13.62
CA ILE B 38 -3.83 9.18 15.08
C ILE B 38 -4.84 8.24 15.75
N LYS B 39 -6.09 8.36 15.34
CA LYS B 39 -7.16 7.53 15.89
C LYS B 39 -8.14 7.11 14.81
N MET B 40 -8.93 6.08 15.09
CA MET B 40 -9.92 5.59 14.14
C MET B 40 -11.33 5.81 14.67
N LEU B 41 -12.16 6.46 13.86
CA LEU B 41 -13.55 6.72 14.26
C LEU B 41 -14.48 5.66 13.68
N GLY B 42 -14.11 5.11 12.53
CA GLY B 42 -14.92 4.09 11.89
C GLY B 42 -14.85 4.17 10.38
N ASN B 43 -15.54 3.24 9.71
CA ASN B 43 -15.55 3.21 8.25
C ASN B 43 -16.03 4.53 7.68
N GLY B 44 -15.13 5.25 7.02
CA GLY B 44 -15.48 6.53 6.44
C GLY B 44 -15.01 7.71 7.28
N ARG B 45 -14.62 7.43 8.51
CA ARG B 45 -14.16 8.48 9.42
C ARG B 45 -12.94 8.02 10.22
N LEU B 46 -11.84 8.75 10.09
CA LEU B 46 -10.61 8.43 10.80
C LEU B 46 -9.91 9.70 11.25
N GLU B 47 -9.33 9.66 12.45
CA GLU B 47 -8.61 10.81 12.99
C GLU B 47 -7.14 10.73 12.57
N ALA B 48 -6.67 11.76 11.88
CA ALA B 48 -5.29 11.78 11.40
C ALA B 48 -4.56 13.06 11.81
N MET B 49 -3.23 13.00 11.74
CA MET B 49 -2.38 14.13 12.09
C MET B 49 -1.48 14.49 10.92
N CYS B 50 -1.85 15.53 10.18
CA CYS B 50 -1.05 15.97 9.04
C CYS B 50 0.39 16.23 9.46
N PHE B 51 1.34 15.72 8.68
CA PHE B 51 2.76 15.88 8.98
C PHE B 51 3.10 17.34 9.27
N ASP B 52 2.31 18.26 8.72
CA ASP B 52 2.54 19.68 8.92
C ASP B 52 2.13 20.12 10.33
N GLY B 53 1.39 19.26 11.03
CA GLY B 53 0.96 19.57 12.37
C GLY B 53 -0.50 19.96 12.44
N VAL B 54 -1.32 19.31 11.62
CA VAL B 54 -2.76 19.59 11.59
C VAL B 54 -3.59 18.32 11.75
N LYS B 55 -4.44 18.30 12.76
CA LYS B 55 -5.29 17.14 13.02
C LYS B 55 -6.66 17.34 12.38
N ARG B 56 -7.03 16.42 11.49
CA ARG B 56 -8.32 16.50 10.80
C ARG B 56 -8.91 15.11 10.59
N LEU B 57 -10.19 15.08 10.25
CA LEU B 57 -10.88 13.82 10.01
C LEU B 57 -10.87 13.46 8.53
N CYS B 58 -10.04 12.48 8.18
CA CYS B 58 -9.92 12.04 6.80
C CYS B 58 -10.94 10.94 6.49
N HIS B 59 -11.74 11.16 5.46
CA HIS B 59 -12.75 10.19 5.07
C HIS B 59 -12.14 9.11 4.18
N ILE B 60 -12.59 7.87 4.37
CA ILE B 60 -12.08 6.75 3.57
C ILE B 60 -12.53 6.88 2.12
N ARG B 61 -11.61 6.58 1.20
CA ARG B 61 -11.93 6.67 -0.23
C ARG B 61 -13.07 5.71 -0.59
N GLY B 62 -13.77 6.03 -1.67
CA GLY B 62 -14.87 5.19 -2.11
C GLY B 62 -14.41 4.02 -2.96
N LYS B 63 -13.53 4.31 -3.91
CA LYS B 63 -13.00 3.26 -4.79
C LYS B 63 -11.95 2.43 -4.08
N LEU B 64 -11.08 3.09 -3.32
CA LEU B 64 -10.03 2.42 -2.58
C LEU B 64 -10.62 1.55 -1.46
N ARG B 65 -11.87 1.85 -1.07
CA ARG B 65 -12.54 1.09 -0.01
C ARG B 65 -12.47 -0.41 -0.26
N LYS B 66 -12.37 -0.79 -1.53
CA LYS B 66 -12.31 -2.19 -1.91
C LYS B 66 -11.03 -2.86 -1.39
N LYS B 67 -9.97 -2.07 -1.26
CA LYS B 67 -8.69 -2.61 -0.78
C LYS B 67 -7.87 -1.54 -0.05
N VAL B 68 -8.54 -0.72 0.75
CA VAL B 68 -7.86 0.31 1.51
C VAL B 68 -8.08 0.14 3.01
N TRP B 69 -7.01 -0.22 3.72
CA TRP B 69 -7.09 -0.43 5.16
C TRP B 69 -6.31 0.64 5.90
N ILE B 70 -7.04 1.51 6.60
CA ILE B 70 -6.42 2.58 7.37
C ILE B 70 -6.05 2.08 8.76
N ASN B 71 -4.94 2.58 9.30
CA ASN B 71 -4.49 2.18 10.62
C ASN B 71 -4.12 3.38 11.47
N THR B 72 -4.00 3.16 12.78
CA THR B 72 -3.65 4.24 13.70
C THR B 72 -2.16 4.55 13.66
N SER B 73 -1.42 3.76 12.93
CA SER B 73 0.02 3.94 12.80
C SER B 73 0.47 3.67 11.37
N ASP B 74 0.16 4.60 10.47
CA ASP B 74 0.54 4.45 9.07
C ASP B 74 0.41 5.77 8.32
N ILE B 75 1.08 5.83 7.18
CA ILE B 75 1.05 7.02 6.32
C ILE B 75 -0.06 6.89 5.28
N ILE B 76 -0.62 8.03 4.88
CA ILE B 76 -1.71 8.00 3.90
C ILE B 76 -1.72 9.27 3.06
N LEU B 77 -2.58 9.29 2.06
CA LEU B 77 -2.73 10.45 1.20
C LEU B 77 -4.21 10.81 1.08
N VAL B 78 -4.52 12.07 1.36
CA VAL B 78 -5.90 12.54 1.30
C VAL B 78 -6.06 13.70 0.32
N GLY B 79 -7.27 13.89 -0.18
CA GLY B 79 -7.52 14.97 -1.12
C GLY B 79 -8.14 16.19 -0.47
N LEU B 80 -7.85 17.37 -1.02
CA LEU B 80 -8.39 18.62 -0.48
C LEU B 80 -9.11 19.41 -1.57
N ARG B 81 -10.28 19.93 -1.23
CA ARG B 81 -11.06 20.72 -2.18
C ARG B 81 -12.33 21.27 -1.53
N ASP B 82 -13.32 20.40 -1.35
CA ASP B 82 -14.59 20.80 -0.74
C ASP B 82 -14.50 20.78 0.78
N TYR B 83 -13.50 20.08 1.32
CA TYR B 83 -13.33 19.98 2.77
C TYR B 83 -12.82 21.31 3.36
N GLN B 84 -12.44 22.24 2.49
CA GLN B 84 -11.94 23.54 2.92
C GLN B 84 -10.54 23.42 3.53
N ASP B 85 -9.78 22.44 3.06
CA ASP B 85 -8.42 22.22 3.55
C ASP B 85 -8.42 21.58 4.94
N ASN B 86 -9.10 22.22 5.89
CA ASN B 86 -9.18 21.72 7.26
C ASN B 86 -9.40 20.20 7.29
N LYS B 87 -10.10 19.68 6.29
CA LYS B 87 -10.37 18.26 6.21
C LYS B 87 -9.98 17.72 4.83
N ALA B 88 -9.87 16.40 4.72
CA ALA B 88 -9.49 15.77 3.46
C ALA B 88 -10.09 14.37 3.35
N ASP B 89 -9.86 13.72 2.21
CA ASP B 89 -10.37 12.38 1.98
C ASP B 89 -9.27 11.46 1.46
N VAL B 90 -8.95 10.43 2.24
CA VAL B 90 -7.90 9.49 1.86
C VAL B 90 -8.11 8.99 0.43
N ILE B 91 -7.21 9.38 -0.47
CA ILE B 91 -7.29 8.95 -1.86
C ILE B 91 -6.69 7.57 -2.02
N LEU B 92 -5.52 7.37 -1.40
CA LEU B 92 -4.83 6.09 -1.44
C LEU B 92 -4.17 5.81 -0.10
N LYS B 93 -3.85 4.55 0.16
CA LYS B 93 -3.23 4.17 1.42
C LYS B 93 -1.74 3.90 1.26
N TYR B 94 -0.92 4.70 1.95
CA TYR B 94 0.52 4.53 1.92
C TYR B 94 0.90 3.40 2.88
N ASN B 95 1.27 2.25 2.33
CA ASN B 95 1.61 1.07 3.13
C ASN B 95 2.82 1.28 4.02
N ALA B 96 3.01 0.34 4.95
CA ALA B 96 4.15 0.39 5.88
C ALA B 96 5.43 -0.06 5.18
N ASP B 97 5.32 -1.08 4.34
CA ASP B 97 6.47 -1.55 3.59
C ASP B 97 6.95 -0.44 2.68
N GLU B 98 5.97 0.25 2.09
CA GLU B 98 6.27 1.38 1.22
C GLU B 98 6.84 2.51 2.05
N ALA B 99 6.48 2.52 3.33
CA ALA B 99 6.92 3.56 4.26
C ALA B 99 8.39 3.90 4.07
N ARG B 100 9.26 2.89 4.03
CA ARG B 100 10.69 3.16 3.81
C ARG B 100 10.87 3.93 2.51
N SER B 101 9.96 3.69 1.58
CA SER B 101 9.95 4.36 0.29
C SER B 101 9.48 5.81 0.47
N LEU B 102 8.76 6.08 1.56
CA LEU B 102 8.24 7.42 1.82
C LEU B 102 9.34 8.46 1.66
N LYS B 103 10.57 8.12 2.04
CA LYS B 103 11.67 9.06 1.83
C LYS B 103 11.65 9.42 0.34
N ALA B 104 11.30 8.41 -0.45
CA ALA B 104 11.16 8.53 -1.90
C ALA B 104 9.83 9.17 -2.29
N TYR B 105 8.86 9.12 -1.36
CA TYR B 105 7.52 9.70 -1.60
C TYR B 105 7.61 11.21 -1.75
N GLY B 106 8.78 11.78 -1.49
CA GLY B 106 8.93 13.21 -1.58
C GLY B 106 8.04 13.94 -0.60
N GLU B 107 7.71 13.26 0.50
CA GLU B 107 6.84 13.82 1.53
C GLU B 107 7.57 13.94 2.86
N LEU B 108 8.03 12.81 3.39
CA LEU B 108 8.73 12.80 4.67
C LEU B 108 10.25 12.86 4.46
N PRO B 109 10.97 13.59 5.34
CA PRO B 109 12.42 13.72 5.24
C PRO B 109 13.13 12.37 5.39
N GLU B 110 14.46 12.39 5.32
CA GLU B 110 15.25 11.17 5.44
C GLU B 110 15.30 10.69 6.88
N HIS B 111 15.13 11.62 7.82
CA HIS B 111 15.17 11.30 9.24
C HIS B 111 13.82 10.76 9.72
N ALA B 112 12.85 10.65 8.80
CA ALA B 112 11.52 10.16 9.14
C ALA B 112 11.56 8.68 9.50
N LYS B 113 10.82 8.31 10.55
CA LYS B 113 10.77 6.92 10.99
C LYS B 113 9.39 6.32 10.71
N ILE B 114 9.37 5.02 10.44
CA ILE B 114 8.13 4.32 10.15
C ILE B 114 7.51 3.74 11.42
N ASN B 115 6.20 3.51 11.38
CA ASN B 115 5.49 2.95 12.51
C ASN B 115 5.18 1.47 12.27
N GLU B 116 6.03 0.61 12.82
CA GLU B 116 5.85 -0.83 12.68
C GLU B 116 5.98 -1.25 11.21
N THR B 117 6.77 -2.29 10.96
CA THR B 117 6.98 -2.78 9.61
C THR B 117 6.22 -4.08 9.37
N ASP B 118 6.34 -5.01 10.31
CA ASP B 118 5.66 -6.30 10.21
C ASP B 118 6.13 -7.08 8.99
N THR B 119 7.11 -7.96 9.20
CA THR B 119 7.65 -8.76 8.12
C THR B 119 6.88 -10.07 7.96
N PHE B 120 7.22 -10.84 6.93
CA PHE B 120 6.56 -12.10 6.67
C PHE B 120 7.57 -13.18 6.24
N GLY B 121 7.80 -14.14 7.12
CA GLY B 121 8.74 -15.21 6.81
C GLY B 121 8.28 -16.08 5.65
N PRO B 122 7.07 -16.65 5.73
CA PRO B 122 6.53 -17.51 4.67
C PRO B 122 6.60 -16.85 3.30
N GLY B 123 6.52 -17.66 2.25
CA GLY B 123 6.58 -17.15 0.90
C GLY B 123 7.99 -16.77 0.48
N ASP B 124 8.20 -15.48 0.24
CA ASP B 124 9.51 -14.99 -0.17
C ASP B 124 9.94 -15.60 -1.50
N ASP B 125 8.97 -16.13 -2.25
CA ASP B 125 9.25 -16.74 -3.55
C ASP B 125 10.37 -17.77 -3.44
N ASP B 126 10.49 -18.39 -2.27
CA ASP B 126 11.53 -19.40 -2.03
C ASP B 126 11.03 -20.78 -2.43
N GLU B 127 10.08 -21.31 -1.67
CA GLU B 127 9.53 -22.63 -1.94
C GLU B 127 8.36 -22.93 -1.01
N ILE B 128 7.15 -22.74 -1.52
CA ILE B 128 5.94 -22.99 -0.73
C ILE B 128 5.54 -24.46 -0.79
N GLN B 129 6.23 -25.29 -0.02
CA GLN B 129 5.94 -26.72 0.00
C GLN B 129 5.17 -27.10 1.27
N PHE B 130 5.45 -26.39 2.35
CA PHE B 130 4.78 -26.64 3.62
C PHE B 130 3.62 -25.68 3.83
N ASP B 131 2.47 -26.02 3.26
CA ASP B 131 1.27 -25.19 3.38
C ASP B 131 0.84 -25.07 4.85
N ASP B 132 0.23 -26.13 5.36
CA ASP B 132 -0.24 -26.13 6.74
C ASP B 132 -0.55 -27.55 7.20
N ILE B 133 0.43 -28.19 7.83
CA ILE B 133 0.26 -29.56 8.31
C ILE B 133 1.33 -29.91 9.34
N GLY B 134 0.90 -30.18 10.57
CA GLY B 134 1.83 -30.53 11.62
C GLY B 134 2.38 -29.30 12.35
N ASP B 135 3.47 -29.49 13.08
CA ASP B 135 4.09 -28.39 13.81
C ASP B 135 3.11 -27.81 14.83
N ASP B 136 3.62 -26.96 15.71
CA ASP B 136 2.79 -26.33 16.73
C ASP B 136 1.72 -25.45 16.10
N ASP B 137 0.46 -25.81 16.33
CA ASP B 137 -0.65 -25.05 15.77
C ASP B 137 -1.93 -25.29 16.58
N GLU B 138 -2.92 -24.42 16.40
CA GLU B 138 -4.19 -24.55 17.10
C GLU B 138 -5.32 -24.85 16.14
N ASP B 139 -5.77 -23.83 15.42
CA ASP B 139 -6.85 -23.98 14.45
C ASP B 139 -8.13 -24.46 15.14
N ILE B 140 -8.84 -23.54 15.78
CA ILE B 140 -10.08 -23.87 16.47
C ILE B 140 -11.16 -24.29 15.49
N ASP B 141 -11.44 -25.58 15.42
CA ASP B 141 -12.47 -26.10 14.53
C ASP B 141 -13.83 -25.50 14.85
N ASP B 142 -14.33 -24.66 13.96
CA ASP B 142 -15.62 -24.01 14.14
C ASP B 142 -16.76 -25.01 13.92
N ILE B 143 -17.07 -25.80 14.96
CA ILE B 143 -18.13 -26.78 14.88
C ILE B 143 -17.81 -27.86 13.85
N MET A 1 17.79 0.02 -42.26
CA MET A 1 18.29 0.16 -43.66
C MET A 1 19.44 -0.80 -43.93
N ARG A 2 19.10 -2.02 -44.32
CA ARG A 2 20.12 -3.03 -44.61
C ARG A 2 20.75 -2.79 -45.98
N GLY A 3 21.55 -1.74 -46.08
CA GLY A 3 22.21 -1.42 -47.33
C GLY A 3 23.39 -2.33 -47.62
N SER A 4 24.19 -2.59 -46.60
CA SER A 4 25.37 -3.45 -46.75
C SER A 4 25.71 -4.14 -45.42
N HIS A 5 26.29 -5.32 -45.53
CA HIS A 5 26.65 -6.10 -44.34
C HIS A 5 27.92 -5.52 -43.70
N HIS A 6 29.03 -5.56 -44.43
CA HIS A 6 30.30 -5.05 -43.93
C HIS A 6 30.42 -3.56 -44.20
N HIS A 7 31.46 -2.95 -43.63
CA HIS A 7 31.69 -1.51 -43.80
C HIS A 7 30.55 -0.70 -43.21
N HIS A 8 30.90 0.25 -42.34
CA HIS A 8 29.90 1.09 -41.70
C HIS A 8 30.17 2.57 -41.98
N HIS A 9 29.12 3.31 -42.27
CA HIS A 9 29.25 4.74 -42.56
C HIS A 9 28.16 5.53 -41.84
N HIS A 10 28.54 6.69 -41.29
CA HIS A 10 27.61 7.54 -40.56
C HIS A 10 27.03 6.81 -39.36
N THR A 11 27.93 6.31 -38.49
CA THR A 11 27.51 5.59 -37.29
C THR A 11 27.51 6.52 -36.07
N ASP A 12 28.36 7.54 -36.12
CA ASP A 12 28.47 8.49 -35.01
C ASP A 12 27.81 9.82 -35.39
N PRO A 13 26.48 9.94 -35.17
CA PRO A 13 25.74 11.16 -35.49
C PRO A 13 26.12 12.32 -34.56
N MET A 14 26.56 11.99 -33.36
CA MET A 14 26.95 13.00 -32.37
C MET A 14 28.43 12.89 -32.04
N PRO B 1 29.30 13.46 -32.89
CA PRO B 1 30.76 13.41 -32.68
C PRO B 1 31.15 13.94 -31.30
N LYS B 2 32.46 14.04 -31.07
CA LYS B 2 32.97 14.52 -29.80
C LYS B 2 34.16 15.45 -30.00
N ASN B 3 33.92 16.75 -29.85
CA ASN B 3 34.98 17.74 -30.02
C ASN B 3 34.83 18.88 -29.02
N LYS B 4 33.61 19.43 -28.95
CA LYS B 4 33.33 20.52 -28.03
C LYS B 4 31.93 20.37 -27.42
N GLY B 5 31.88 20.25 -26.10
CA GLY B 5 30.61 20.11 -25.42
C GLY B 5 30.03 21.44 -24.98
N LYS B 6 28.76 21.43 -24.62
CA LYS B 6 28.08 22.65 -24.19
C LYS B 6 27.58 22.51 -22.74
N GLY B 7 26.94 21.39 -22.46
CA GLY B 7 26.43 21.16 -21.12
C GLY B 7 24.91 20.99 -21.10
N GLY B 8 24.46 19.76 -21.23
CA GLY B 8 23.03 19.49 -21.22
C GLY B 8 22.65 18.37 -20.26
N LYS B 9 22.03 18.73 -19.15
CA LYS B 9 21.62 17.76 -18.14
C LYS B 9 20.18 18.02 -17.68
N ASN B 10 19.32 18.37 -18.63
CA ASN B 10 17.93 18.65 -18.32
C ASN B 10 17.00 18.09 -19.40
N ARG B 11 17.03 16.77 -19.57
CA ARG B 11 16.20 16.11 -20.56
C ARG B 11 14.73 16.13 -20.14
N ARG B 12 13.86 15.65 -21.03
CA ARG B 12 12.44 15.62 -20.76
C ARG B 12 11.80 14.35 -21.32
N ARG B 13 11.95 14.14 -22.63
CA ARG B 13 11.40 12.97 -23.28
C ARG B 13 12.06 11.69 -22.78
N GLY B 14 11.40 11.00 -21.86
CA GLY B 14 11.96 9.78 -21.31
C GLY B 14 11.29 9.37 -20.01
N LYS B 15 11.33 8.08 -19.71
CA LYS B 15 10.73 7.56 -18.48
C LYS B 15 11.73 6.70 -17.71
N ASN B 16 12.84 7.30 -17.33
CA ASN B 16 13.89 6.59 -16.58
C ASN B 16 14.57 5.54 -17.45
N GLU B 17 14.33 5.59 -18.76
CA GLU B 17 14.94 4.65 -19.69
C GLU B 17 14.82 3.21 -19.18
N ASN B 18 13.60 2.68 -19.19
CA ASN B 18 13.35 1.32 -18.73
C ASN B 18 13.66 1.19 -17.24
N GLU B 19 12.84 0.43 -16.53
CA GLU B 19 13.02 0.22 -15.10
C GLU B 19 13.41 -1.22 -14.81
N SER B 20 12.91 -2.14 -15.61
CA SER B 20 13.21 -3.56 -15.44
C SER B 20 12.69 -4.05 -14.09
N GLU B 21 11.42 -4.42 -14.04
CA GLU B 21 10.80 -4.91 -12.82
C GLU B 21 10.82 -3.84 -11.73
N LYS B 22 9.63 -3.47 -11.25
CA LYS B 22 9.51 -2.45 -10.21
C LYS B 22 8.14 -2.52 -9.54
N ARG B 23 8.14 -2.65 -8.22
CA ARG B 23 6.90 -2.73 -7.46
C ARG B 23 6.05 -1.47 -7.67
N GLU B 24 4.74 -1.62 -7.50
CA GLU B 24 3.83 -0.50 -7.68
C GLU B 24 3.89 0.46 -6.49
N LEU B 25 4.52 1.61 -6.70
CA LEU B 25 4.65 2.61 -5.65
C LEU B 25 3.97 3.92 -6.06
N VAL B 26 2.98 4.34 -5.29
CA VAL B 26 2.25 5.56 -5.58
C VAL B 26 2.67 6.70 -4.64
N PHE B 27 2.80 7.89 -5.20
CA PHE B 27 3.19 9.07 -4.43
C PHE B 27 2.05 10.08 -4.37
N LYS B 28 2.23 11.10 -3.53
CA LYS B 28 1.22 12.16 -3.38
C LYS B 28 0.77 12.68 -4.75
N GLU B 29 -0.46 13.20 -4.81
CA GLU B 29 -1.01 13.73 -6.05
C GLU B 29 -1.27 15.22 -5.95
N ASP B 30 -1.40 15.87 -7.09
CA ASP B 30 -1.65 17.31 -7.15
C ASP B 30 -2.99 17.65 -6.49
N GLY B 31 -2.96 18.56 -5.53
CA GLY B 31 -4.17 18.95 -4.84
C GLY B 31 -4.41 18.15 -3.58
N GLN B 32 -3.70 17.03 -3.43
CA GLN B 32 -3.84 16.18 -2.27
C GLN B 32 -2.55 16.18 -1.45
N GLU B 33 -2.69 16.04 -0.13
CA GLU B 33 -1.53 16.03 0.76
C GLU B 33 -1.44 14.74 1.55
N TYR B 34 -0.24 14.41 2.00
CA TYR B 34 -0.02 13.19 2.78
C TYR B 34 -0.33 13.46 4.26
N ALA B 35 -0.63 12.41 5.00
CA ALA B 35 -0.97 12.58 6.41
C ALA B 35 -0.63 11.35 7.25
N GLN B 36 -0.81 11.50 8.56
CA GLN B 36 -0.55 10.42 9.51
C GLN B 36 -1.78 10.20 10.39
N VAL B 37 -2.11 8.95 10.66
CA VAL B 37 -3.28 8.63 11.47
C VAL B 37 -2.95 8.57 12.96
N ILE B 38 -3.90 9.03 13.78
CA ILE B 38 -3.72 9.01 15.23
C ILE B 38 -4.75 8.10 15.89
N LYS B 39 -6.00 8.24 15.46
CA LYS B 39 -7.09 7.44 16.02
C LYS B 39 -8.11 7.09 14.93
N MET B 40 -8.93 6.09 15.22
CA MET B 40 -9.95 5.65 14.27
C MET B 40 -11.36 5.94 14.82
N LEU B 41 -12.22 6.46 13.95
CA LEU B 41 -13.59 6.79 14.36
C LEU B 41 -14.56 5.69 13.93
N GLY B 42 -14.26 5.05 12.80
CA GLY B 42 -15.12 3.99 12.31
C GLY B 42 -15.08 3.87 10.80
N ASN B 43 -15.67 2.80 10.26
CA ASN B 43 -15.69 2.58 8.82
C ASN B 43 -16.33 3.75 8.09
N GLY B 44 -15.50 4.60 7.50
CA GLY B 44 -16.00 5.76 6.79
C GLY B 44 -15.16 6.99 7.03
N ARG B 45 -14.59 7.10 8.22
CA ARG B 45 -13.76 8.24 8.58
C ARG B 45 -12.71 7.84 9.62
N LEU B 46 -11.65 8.64 9.73
CA LEU B 46 -10.58 8.37 10.67
C LEU B 46 -9.95 9.65 11.19
N GLU B 47 -9.41 9.61 12.40
CA GLU B 47 -8.76 10.76 12.99
C GLU B 47 -7.27 10.75 12.66
N ALA B 48 -6.79 11.80 12.00
CA ALA B 48 -5.39 11.86 11.61
C ALA B 48 -4.79 13.24 11.88
N MET B 49 -3.47 13.30 11.83
CA MET B 49 -2.74 14.53 12.04
C MET B 49 -1.78 14.78 10.88
N CYS B 50 -2.05 15.83 10.11
CA CYS B 50 -1.20 16.16 8.97
C CYS B 50 0.23 16.42 9.44
N PHE B 51 1.19 15.84 8.74
CA PHE B 51 2.60 16.00 9.10
C PHE B 51 2.95 17.47 9.32
N ASP B 52 2.19 18.37 8.70
CA ASP B 52 2.44 19.80 8.84
C ASP B 52 1.99 20.31 10.22
N GLY B 53 1.28 19.46 10.96
CA GLY B 53 0.81 19.85 12.28
C GLY B 53 -0.63 20.32 12.27
N VAL B 54 -1.49 19.60 11.54
CA VAL B 54 -2.89 19.96 11.45
C VAL B 54 -3.79 18.77 11.80
N LYS B 55 -4.69 18.98 12.76
CA LYS B 55 -5.61 17.92 13.17
C LYS B 55 -6.85 17.93 12.30
N ARG B 56 -7.06 16.85 11.54
CA ARG B 56 -8.21 16.74 10.67
C ARG B 56 -8.71 15.31 10.58
N LEU B 57 -9.93 15.15 10.06
CA LEU B 57 -10.53 13.84 9.93
C LEU B 57 -10.54 13.40 8.47
N CYS B 58 -9.69 12.42 8.15
CA CYS B 58 -9.61 11.91 6.79
C CYS B 58 -10.67 10.86 6.53
N HIS B 59 -11.55 11.13 5.57
CA HIS B 59 -12.62 10.19 5.23
C HIS B 59 -12.11 9.11 4.30
N ILE B 60 -12.61 7.88 4.49
CA ILE B 60 -12.19 6.76 3.66
C ILE B 60 -12.77 6.89 2.24
N ARG B 61 -11.90 6.74 1.25
CA ARG B 61 -12.32 6.83 -0.14
C ARG B 61 -13.19 5.65 -0.53
N GLY B 62 -14.19 5.90 -1.37
CA GLY B 62 -15.08 4.85 -1.82
C GLY B 62 -14.40 3.86 -2.74
N LYS B 63 -13.86 4.37 -3.84
CA LYS B 63 -13.17 3.52 -4.81
C LYS B 63 -12.10 2.67 -4.12
N LEU B 64 -11.53 3.22 -3.05
CA LEU B 64 -10.50 2.52 -2.30
C LEU B 64 -11.12 1.60 -1.24
N ARG B 65 -12.31 1.99 -0.76
CA ARG B 65 -13.01 1.20 0.26
C ARG B 65 -13.08 -0.27 -0.12
N LYS B 66 -13.06 -0.55 -1.42
CA LYS B 66 -13.12 -1.92 -1.91
C LYS B 66 -11.99 -2.76 -1.34
N LYS B 67 -10.83 -2.15 -1.11
CA LYS B 67 -9.68 -2.85 -0.57
C LYS B 67 -8.68 -1.88 0.05
N VAL B 68 -9.17 -0.92 0.83
CA VAL B 68 -8.32 0.06 1.48
C VAL B 68 -8.37 -0.07 2.98
N TRP B 69 -7.25 -0.42 3.59
CA TRP B 69 -7.18 -0.58 5.04
C TRP B 69 -6.34 0.54 5.67
N ILE B 70 -7.01 1.43 6.39
CA ILE B 70 -6.33 2.53 7.05
C ILE B 70 -5.75 2.08 8.39
N ASN B 71 -4.62 2.67 8.76
CA ASN B 71 -3.97 2.33 10.01
C ASN B 71 -3.96 3.52 10.96
N THR B 72 -3.92 3.24 12.26
CA THR B 72 -3.91 4.29 13.27
C THR B 72 -2.52 4.88 13.46
N SER B 73 -1.55 4.28 12.81
CA SER B 73 -0.16 4.73 12.89
C SER B 73 0.57 4.47 11.60
N ASP B 74 0.02 4.98 10.50
CA ASP B 74 0.64 4.79 9.19
C ASP B 74 0.54 6.06 8.33
N ILE B 75 1.27 6.05 7.22
CA ILE B 75 1.28 7.17 6.29
C ILE B 75 0.17 7.00 5.26
N ILE B 76 -0.43 8.11 4.85
CA ILE B 76 -1.49 8.06 3.86
C ILE B 76 -1.54 9.33 3.03
N LEU B 77 -2.36 9.32 1.98
CA LEU B 77 -2.51 10.48 1.13
C LEU B 77 -3.98 10.85 1.02
N VAL B 78 -4.30 12.08 1.41
CA VAL B 78 -5.67 12.57 1.39
C VAL B 78 -5.78 13.83 0.52
N GLY B 79 -6.99 14.08 0.00
CA GLY B 79 -7.20 15.25 -0.83
C GLY B 79 -7.69 16.44 -0.05
N LEU B 80 -7.20 17.62 -0.39
CA LEU B 80 -7.60 18.86 0.29
C LEU B 80 -8.19 19.85 -0.69
N ARG B 81 -9.51 20.01 -0.64
CA ARG B 81 -10.21 20.95 -1.53
C ARG B 81 -11.72 20.81 -1.39
N ASP B 82 -12.24 19.65 -1.75
CA ASP B 82 -13.68 19.40 -1.68
C ASP B 82 -14.24 19.70 -0.29
N TYR B 83 -13.40 19.57 0.73
CA TYR B 83 -13.82 19.83 2.10
C TYR B 83 -13.62 21.29 2.49
N GLN B 84 -13.15 22.10 1.55
CA GLN B 84 -12.93 23.53 1.81
C GLN B 84 -11.82 23.72 2.84
N ASP B 85 -10.87 22.79 2.88
CA ASP B 85 -9.75 22.85 3.82
C ASP B 85 -10.18 22.41 5.22
N ASN B 86 -9.21 22.07 6.06
CA ASN B 86 -9.46 21.61 7.42
C ASN B 86 -9.75 20.11 7.46
N LYS B 87 -10.14 19.54 6.32
CA LYS B 87 -10.44 18.12 6.22
C LYS B 87 -10.01 17.57 4.86
N ALA B 88 -9.65 16.30 4.83
CA ALA B 88 -9.22 15.67 3.58
C ALA B 88 -9.81 14.28 3.42
N ASP B 89 -9.59 13.69 2.25
CA ASP B 89 -10.11 12.36 1.96
C ASP B 89 -9.00 11.45 1.42
N VAL B 90 -8.69 10.40 2.16
CA VAL B 90 -7.64 9.47 1.76
C VAL B 90 -7.88 8.97 0.33
N ILE B 91 -7.01 9.37 -0.59
CA ILE B 91 -7.12 8.94 -1.98
C ILE B 91 -6.51 7.55 -2.12
N LEU B 92 -5.39 7.34 -1.43
CA LEU B 92 -4.70 6.06 -1.45
C LEU B 92 -4.06 5.80 -0.10
N LYS B 93 -3.58 4.59 0.12
CA LYS B 93 -2.96 4.23 1.39
C LYS B 93 -1.46 3.96 1.25
N TYR B 94 -0.67 4.75 1.97
CA TYR B 94 0.78 4.59 1.98
C TYR B 94 1.13 3.52 3.02
N ASN B 95 1.52 2.33 2.53
CA ASN B 95 1.82 1.20 3.41
C ASN B 95 3.12 1.36 4.21
N ALA B 96 3.34 0.41 5.12
CA ALA B 96 4.54 0.40 5.97
C ALA B 96 5.76 0.01 5.15
N ASP B 97 5.66 -1.11 4.43
CA ASP B 97 6.76 -1.55 3.58
C ASP B 97 6.98 -0.48 2.53
N GLU B 98 5.86 0.08 2.08
CA GLU B 98 5.85 1.16 1.11
C GLU B 98 6.46 2.41 1.74
N ALA B 99 6.27 2.53 3.05
CA ALA B 99 6.76 3.67 3.83
C ALA B 99 8.21 4.01 3.50
N ARG B 100 9.08 3.00 3.38
CA ARG B 100 10.49 3.25 3.08
C ARG B 100 10.63 4.21 1.91
N SER B 101 9.87 3.93 0.86
CA SER B 101 9.87 4.77 -0.34
C SER B 101 9.45 6.19 0.01
N LEU B 102 8.78 6.37 1.14
CA LEU B 102 8.32 7.69 1.55
C LEU B 102 9.44 8.70 1.50
N LYS B 103 10.66 8.29 1.77
CA LYS B 103 11.78 9.20 1.63
C LYS B 103 11.73 9.74 0.21
N ALA B 104 11.28 8.85 -0.68
CA ALA B 104 11.09 9.13 -2.10
C ALA B 104 9.75 9.86 -2.33
N TYR B 105 8.82 9.71 -1.38
CA TYR B 105 7.50 10.35 -1.46
C TYR B 105 7.65 11.87 -1.35
N GLY B 106 8.85 12.31 -1.01
CA GLY B 106 9.09 13.74 -0.86
C GLY B 106 8.21 14.33 0.22
N GLU B 107 7.80 13.50 1.17
CA GLU B 107 6.95 13.93 2.26
C GLU B 107 7.69 13.86 3.59
N LEU B 108 8.36 12.74 3.84
CA LEU B 108 9.10 12.55 5.07
C LEU B 108 10.61 12.59 4.81
N PRO B 109 11.39 13.05 5.81
CA PRO B 109 12.85 13.13 5.68
C PRO B 109 13.51 11.76 5.78
N GLU B 110 14.82 11.73 5.56
CA GLU B 110 15.58 10.49 5.63
C GLU B 110 15.55 9.90 7.04
N HIS B 111 15.40 10.77 8.03
CA HIS B 111 15.36 10.34 9.43
C HIS B 111 13.93 10.00 9.86
N ALA B 112 12.98 10.07 8.92
CA ALA B 112 11.59 9.77 9.23
C ALA B 112 11.43 8.34 9.75
N LYS B 113 10.74 8.20 10.87
CA LYS B 113 10.51 6.88 11.47
C LYS B 113 9.35 6.16 10.80
N ILE B 114 9.57 4.91 10.42
CA ILE B 114 8.54 4.11 9.77
C ILE B 114 7.78 3.27 10.79
N ASN B 115 6.52 2.98 10.49
CA ASN B 115 5.68 2.19 11.38
C ASN B 115 6.25 0.79 11.55
N GLU B 116 5.89 0.14 12.66
CA GLU B 116 6.38 -1.20 12.94
C GLU B 116 5.94 -2.18 11.85
N THR B 117 6.92 -2.85 11.25
CA THR B 117 6.64 -3.81 10.19
C THR B 117 5.71 -4.91 10.68
N ASP B 118 4.69 -5.22 9.88
CA ASP B 118 3.72 -6.26 10.24
C ASP B 118 2.96 -5.86 11.51
N THR B 119 1.63 -5.86 11.41
CA THR B 119 0.79 -5.50 12.54
C THR B 119 1.08 -6.39 13.74
N PHE B 120 1.79 -5.84 14.72
CA PHE B 120 2.14 -6.59 15.93
C PHE B 120 1.88 -5.76 17.19
N GLY B 121 0.63 -5.75 17.63
CA GLY B 121 0.27 -5.00 18.82
C GLY B 121 -0.75 -5.70 19.67
N PRO B 122 -1.55 -4.96 20.45
CA PRO B 122 -2.58 -5.55 21.32
C PRO B 122 -3.50 -6.49 20.55
N GLY B 123 -4.24 -7.32 21.29
CA GLY B 123 -5.14 -8.26 20.66
C GLY B 123 -4.48 -9.59 20.36
N ASP B 124 -4.96 -10.64 21.02
CA ASP B 124 -4.41 -11.99 20.83
C ASP B 124 -2.93 -12.03 21.23
N ASP B 125 -2.63 -12.83 22.25
CA ASP B 125 -1.27 -12.96 22.73
C ASP B 125 -0.57 -14.14 22.07
N ASP B 126 0.56 -13.85 21.41
CA ASP B 126 1.32 -14.89 20.73
C ASP B 126 2.65 -15.16 21.44
N GLU B 127 3.57 -14.22 21.31
CA GLU B 127 4.89 -14.34 21.94
C GLU B 127 5.21 -13.11 22.78
N ILE B 128 6.07 -13.30 23.77
CA ILE B 128 6.46 -12.20 24.65
C ILE B 128 7.72 -11.50 24.15
N GLN B 129 7.54 -10.59 23.20
CA GLN B 129 8.66 -9.85 22.63
C GLN B 129 8.49 -8.34 22.84
N PHE B 130 8.29 -7.95 24.09
CA PHE B 130 8.11 -6.55 24.43
C PHE B 130 9.30 -6.02 25.25
N ASP B 131 9.40 -4.70 25.36
CA ASP B 131 10.47 -4.07 26.11
C ASP B 131 9.93 -2.99 27.04
N ASP B 132 10.76 -2.58 27.99
CA ASP B 132 10.36 -1.54 28.95
C ASP B 132 10.35 -0.17 28.28
N ILE B 133 10.18 0.87 29.09
CA ILE B 133 10.14 2.24 28.58
C ILE B 133 10.69 3.22 29.61
N GLY B 134 11.78 2.85 30.27
CA GLY B 134 12.36 3.71 31.28
C GLY B 134 13.85 3.90 31.08
N ASP B 135 14.28 5.14 30.93
CA ASP B 135 15.70 5.45 30.72
C ASP B 135 16.53 4.97 31.92
N ASP B 136 16.39 5.67 33.04
CA ASP B 136 17.13 5.31 34.24
C ASP B 136 16.51 4.10 34.93
N ASP B 137 15.19 4.00 34.83
CA ASP B 137 14.46 2.88 35.44
C ASP B 137 14.94 1.55 34.87
N GLU B 138 15.82 0.87 35.60
CA GLU B 138 16.35 -0.41 35.17
C GLU B 138 15.99 -1.51 36.16
N ASP B 139 16.42 -1.35 37.40
CA ASP B 139 16.14 -2.34 38.44
C ASP B 139 16.12 -1.68 39.81
N ILE B 140 14.95 -1.24 40.24
CA ILE B 140 14.79 -0.59 41.54
C ILE B 140 14.61 -1.62 42.65
N ASP B 141 15.30 -1.41 43.76
CA ASP B 141 15.21 -2.33 44.90
C ASP B 141 15.98 -1.79 46.09
N ASP B 142 17.21 -1.34 45.83
CA ASP B 142 18.05 -0.79 46.89
C ASP B 142 17.43 0.45 47.51
N ILE B 143 17.18 0.40 48.81
CA ILE B 143 16.58 1.53 49.51
C ILE B 143 17.55 2.70 49.60
N MET A 1 47.08 -21.17 -3.39
CA MET A 1 45.61 -21.30 -3.15
C MET A 1 45.24 -22.72 -2.73
N ARG A 2 43.94 -22.98 -2.63
CA ARG A 2 43.46 -24.31 -2.24
C ARG A 2 42.65 -24.94 -3.36
N GLY A 3 41.51 -24.34 -3.66
CA GLY A 3 40.65 -24.85 -4.73
C GLY A 3 39.95 -23.74 -5.50
N SER A 4 40.50 -23.40 -6.65
CA SER A 4 39.92 -22.35 -7.48
C SER A 4 40.13 -22.65 -8.97
N HIS A 5 39.76 -23.86 -9.38
CA HIS A 5 39.90 -24.27 -10.77
C HIS A 5 38.55 -24.58 -11.39
N HIS A 6 38.45 -24.41 -12.71
CA HIS A 6 37.21 -24.67 -13.42
C HIS A 6 36.90 -26.15 -13.45
N HIS A 7 35.61 -26.48 -13.35
CA HIS A 7 35.17 -27.87 -13.36
C HIS A 7 33.66 -27.97 -13.62
N HIS A 8 32.88 -27.24 -12.82
CA HIS A 8 31.44 -27.24 -12.96
C HIS A 8 30.85 -25.87 -12.62
N HIS A 9 30.92 -25.50 -11.35
CA HIS A 9 30.40 -24.23 -10.88
C HIS A 9 30.68 -24.02 -9.40
N HIS A 10 30.88 -22.78 -9.00
CA HIS A 10 31.17 -22.44 -7.61
C HIS A 10 30.18 -21.41 -7.09
N THR A 11 30.21 -20.22 -7.68
CA THR A 11 29.33 -19.13 -7.27
C THR A 11 28.86 -18.33 -8.48
N ASP A 12 28.65 -19.02 -9.59
CA ASP A 12 28.19 -18.37 -10.81
C ASP A 12 27.31 -19.31 -11.64
N PRO A 13 26.25 -19.86 -11.02
CA PRO A 13 25.33 -20.78 -11.69
C PRO A 13 24.38 -20.06 -12.64
N MET A 14 23.64 -20.83 -13.43
CA MET A 14 22.69 -20.26 -14.38
C MET A 14 21.66 -21.31 -14.81
N PRO B 1 20.39 -20.90 -15.00
CA PRO B 1 19.32 -21.82 -15.41
C PRO B 1 19.69 -22.61 -16.65
N LYS B 2 18.84 -23.57 -17.01
CA LYS B 2 19.07 -24.41 -18.19
C LYS B 2 18.90 -23.61 -19.47
N ASN B 3 17.67 -23.12 -19.69
CA ASN B 3 17.37 -22.34 -20.88
C ASN B 3 16.87 -20.94 -20.51
N LYS B 4 17.31 -20.46 -19.36
CA LYS B 4 16.91 -19.13 -18.88
C LYS B 4 15.43 -19.09 -18.53
N GLY B 5 14.58 -19.19 -19.55
CA GLY B 5 13.15 -19.16 -19.32
C GLY B 5 12.53 -20.55 -19.31
N LYS B 6 11.20 -20.61 -19.31
CA LYS B 6 10.50 -21.88 -19.29
C LYS B 6 9.45 -21.93 -20.39
N GLY B 7 9.15 -23.13 -20.86
CA GLY B 7 8.16 -23.29 -21.92
C GLY B 7 8.70 -22.92 -23.28
N GLY B 8 8.36 -21.74 -23.76
CA GLY B 8 8.82 -21.29 -25.06
C GLY B 8 8.22 -22.09 -26.19
N LYS B 9 6.98 -22.53 -26.02
CA LYS B 9 6.30 -23.32 -27.03
C LYS B 9 4.83 -23.51 -26.68
N ASN B 10 4.56 -23.77 -25.40
CA ASN B 10 3.19 -23.98 -24.94
C ASN B 10 2.31 -22.78 -25.29
N ARG B 11 1.00 -22.95 -25.13
CA ARG B 11 0.05 -21.89 -25.43
C ARG B 11 -0.09 -20.95 -24.23
N ARG B 12 0.77 -19.93 -24.18
CA ARG B 12 0.73 -18.96 -23.09
C ARG B 12 -0.62 -18.24 -23.05
N ARG B 13 -0.76 -17.33 -22.09
CA ARG B 13 -1.99 -16.58 -21.94
C ARG B 13 -2.27 -15.73 -23.18
N GLY B 14 -1.22 -15.09 -23.70
CA GLY B 14 -1.37 -14.25 -24.87
C GLY B 14 -0.33 -13.16 -24.93
N LYS B 15 -0.68 -11.98 -24.44
CA LYS B 15 0.24 -10.84 -24.45
C LYS B 15 0.04 -9.97 -23.20
N ASN B 16 0.44 -10.50 -22.05
CA ASN B 16 0.30 -9.77 -20.79
C ASN B 16 -1.16 -9.52 -20.47
N GLU B 17 -2.02 -10.46 -20.85
CA GLU B 17 -3.45 -10.34 -20.61
C GLU B 17 -3.75 -10.34 -19.11
N ASN B 18 -2.91 -11.02 -18.35
CA ASN B 18 -3.07 -11.10 -16.89
C ASN B 18 -2.20 -12.21 -16.31
N GLU B 19 -1.54 -11.91 -15.20
CA GLU B 19 -0.67 -12.88 -14.54
C GLU B 19 -0.77 -12.77 -13.03
N SER B 20 -0.61 -11.55 -12.53
CA SER B 20 -0.70 -11.30 -11.09
C SER B 20 -0.81 -9.80 -10.80
N GLU B 21 -1.58 -9.46 -9.78
CA GLU B 21 -1.78 -8.07 -9.41
C GLU B 21 -0.44 -7.39 -9.12
N LYS B 22 0.11 -6.72 -10.13
CA LYS B 22 1.38 -6.03 -10.00
C LYS B 22 1.22 -4.75 -9.19
N ARG B 23 1.83 -4.71 -8.00
CA ARG B 23 1.76 -3.54 -7.14
C ARG B 23 2.57 -2.38 -7.72
N GLU B 24 2.21 -1.17 -7.32
CA GLU B 24 2.91 0.02 -7.80
C GLU B 24 2.96 1.09 -6.72
N LEU B 25 4.17 1.60 -6.46
CA LEU B 25 4.36 2.63 -5.45
C LEU B 25 3.78 3.96 -5.91
N VAL B 26 3.05 4.62 -5.02
CA VAL B 26 2.43 5.91 -5.35
C VAL B 26 2.76 6.98 -4.32
N PHE B 27 3.00 8.19 -4.80
CA PHE B 27 3.33 9.32 -3.93
C PHE B 27 2.22 10.37 -3.99
N LYS B 28 2.29 11.36 -3.11
CA LYS B 28 1.30 12.43 -3.06
C LYS B 28 0.93 12.90 -4.46
N GLU B 29 -0.27 13.49 -4.59
CA GLU B 29 -0.74 13.97 -5.88
C GLU B 29 -1.12 15.45 -5.80
N ASP B 30 -1.33 16.06 -6.97
CA ASP B 30 -1.70 17.47 -7.03
C ASP B 30 -3.11 17.68 -6.47
N GLY B 31 -3.21 18.55 -5.47
CA GLY B 31 -4.49 18.82 -4.86
C GLY B 31 -4.75 17.96 -3.64
N GLN B 32 -3.97 16.89 -3.49
CA GLN B 32 -4.11 15.98 -2.37
C GLN B 32 -2.86 16.01 -1.50
N GLU B 33 -3.04 15.86 -0.18
CA GLU B 33 -1.92 15.89 0.74
C GLU B 33 -1.81 14.58 1.52
N TYR B 34 -0.58 14.25 1.93
CA TYR B 34 -0.33 13.04 2.70
C TYR B 34 -0.57 13.31 4.18
N ALA B 35 -0.83 12.25 4.95
CA ALA B 35 -1.11 12.41 6.37
C ALA B 35 -0.68 11.19 7.19
N GLN B 36 -0.78 11.33 8.51
CA GLN B 36 -0.43 10.27 9.44
C GLN B 36 -1.57 10.02 10.42
N VAL B 37 -2.17 8.84 10.36
CA VAL B 37 -3.29 8.49 11.23
C VAL B 37 -2.86 8.41 12.70
N ILE B 38 -3.72 8.92 13.58
CA ILE B 38 -3.46 8.91 15.01
C ILE B 38 -4.48 8.04 15.75
N LYS B 39 -5.74 8.18 15.37
CA LYS B 39 -6.82 7.43 16.00
C LYS B 39 -7.84 6.98 14.96
N MET B 40 -8.62 5.95 15.29
CA MET B 40 -9.63 5.43 14.39
C MET B 40 -11.03 5.70 14.93
N LEU B 41 -11.90 6.21 14.07
CA LEU B 41 -13.28 6.52 14.47
C LEU B 41 -14.25 5.54 13.82
N GLY B 42 -15.53 5.89 13.82
CA GLY B 42 -16.54 5.03 13.22
C GLY B 42 -16.20 4.63 11.79
N ASN B 43 -16.76 3.51 11.34
CA ASN B 43 -16.51 3.04 9.99
C ASN B 43 -16.87 4.09 8.96
N GLY B 44 -15.86 4.66 8.31
CA GLY B 44 -16.09 5.68 7.30
C GLY B 44 -15.16 6.86 7.45
N ARG B 45 -14.58 7.02 8.64
CA ARG B 45 -13.66 8.11 8.90
C ARG B 45 -12.57 7.70 9.88
N LEU B 46 -11.51 8.48 9.94
CA LEU B 46 -10.38 8.19 10.83
C LEU B 46 -9.73 9.48 11.32
N GLU B 47 -9.16 9.43 12.51
CA GLU B 47 -8.48 10.58 13.08
C GLU B 47 -7.01 10.55 12.71
N ALA B 48 -6.53 11.59 12.03
CA ALA B 48 -5.14 11.65 11.62
C ALA B 48 -4.49 12.99 11.93
N MET B 49 -3.17 13.00 11.85
CA MET B 49 -2.39 14.21 12.11
C MET B 49 -1.53 14.53 10.91
N CYS B 50 -1.89 15.58 10.18
CA CYS B 50 -1.12 15.98 9.01
C CYS B 50 0.33 16.28 9.40
N PHE B 51 1.26 15.71 8.66
CA PHE B 51 2.68 15.89 8.94
C PHE B 51 3.04 17.36 9.16
N ASP B 52 2.24 18.25 8.57
CA ASP B 52 2.49 19.69 8.70
C ASP B 52 2.08 20.19 10.08
N GLY B 53 1.35 19.37 10.83
CA GLY B 53 0.92 19.75 12.15
C GLY B 53 -0.53 20.18 12.19
N VAL B 54 -1.39 19.46 11.46
CA VAL B 54 -2.80 19.78 11.43
C VAL B 54 -3.66 18.57 11.76
N LYS B 55 -4.46 18.69 12.82
CA LYS B 55 -5.33 17.60 13.24
C LYS B 55 -6.68 17.67 12.53
N ARG B 56 -6.95 16.66 11.71
CA ARG B 56 -8.21 16.61 10.97
C ARG B 56 -8.70 15.17 10.85
N LEU B 57 -9.97 15.02 10.47
CA LEU B 57 -10.55 13.70 10.32
C LEU B 57 -10.65 13.31 8.84
N CYS B 58 -9.84 12.34 8.44
CA CYS B 58 -9.84 11.87 7.06
C CYS B 58 -10.92 10.83 6.85
N HIS B 59 -11.87 11.13 5.97
CA HIS B 59 -12.96 10.21 5.68
C HIS B 59 -12.51 9.13 4.71
N ILE B 60 -12.80 7.88 5.05
CA ILE B 60 -12.43 6.77 4.19
C ILE B 60 -13.24 6.79 2.90
N ARG B 61 -12.60 6.48 1.78
CA ARG B 61 -13.28 6.47 0.49
C ARG B 61 -12.28 6.42 -0.67
N GLY B 62 -12.77 6.66 -1.88
CA GLY B 62 -11.92 6.64 -3.06
C GLY B 62 -11.97 5.31 -3.76
N LYS B 63 -11.30 5.22 -4.91
CA LYS B 63 -11.27 3.98 -5.67
C LYS B 63 -10.81 2.82 -4.79
N LEU B 64 -10.09 3.15 -3.72
CA LEU B 64 -9.59 2.14 -2.80
C LEU B 64 -10.69 1.68 -1.84
N ARG B 65 -11.75 2.48 -1.72
CA ARG B 65 -12.86 2.16 -0.82
C ARG B 65 -13.32 0.71 -1.00
N LYS B 66 -13.14 0.18 -2.20
CA LYS B 66 -13.54 -1.19 -2.49
C LYS B 66 -12.82 -2.18 -1.57
N LYS B 67 -11.69 -1.76 -1.02
CA LYS B 67 -10.91 -2.60 -0.12
C LYS B 67 -9.73 -1.82 0.46
N VAL B 68 -9.99 -0.61 0.92
CA VAL B 68 -8.95 0.24 1.49
C VAL B 68 -8.73 -0.07 2.97
N TRP B 69 -7.48 -0.31 3.34
CA TRP B 69 -7.14 -0.61 4.72
C TRP B 69 -6.36 0.54 5.36
N ILE B 70 -7.01 1.24 6.29
CA ILE B 70 -6.38 2.35 6.99
C ILE B 70 -5.79 1.88 8.31
N ASN B 71 -4.69 2.51 8.71
CA ASN B 71 -4.02 2.15 9.95
C ASN B 71 -3.92 3.35 10.88
N THR B 72 -3.89 3.10 12.18
CA THR B 72 -3.79 4.16 13.18
C THR B 72 -2.36 4.66 13.33
N SER B 73 -1.44 3.99 12.68
CA SER B 73 -0.03 4.35 12.73
C SER B 73 0.64 4.11 11.39
N ASP B 74 0.10 4.71 10.34
CA ASP B 74 0.64 4.56 9.00
C ASP B 74 0.47 5.84 8.18
N ILE B 75 1.20 5.91 7.07
CA ILE B 75 1.14 7.05 6.18
C ILE B 75 0.03 6.88 5.17
N ILE B 76 -0.61 7.97 4.76
CA ILE B 76 -1.69 7.91 3.79
C ILE B 76 -1.77 9.18 2.97
N LEU B 77 -2.60 9.16 1.94
CA LEU B 77 -2.78 10.32 1.09
C LEU B 77 -4.27 10.62 0.93
N VAL B 78 -4.66 11.84 1.32
CA VAL B 78 -6.05 12.25 1.24
C VAL B 78 -6.22 13.41 0.26
N GLY B 79 -7.39 13.49 -0.36
CA GLY B 79 -7.66 14.55 -1.31
C GLY B 79 -8.25 15.79 -0.67
N LEU B 80 -7.69 16.95 -0.98
CA LEU B 80 -8.17 18.21 -0.42
C LEU B 80 -8.67 19.13 -1.53
N ARG B 81 -9.85 19.71 -1.32
CA ARG B 81 -10.44 20.62 -2.31
C ARG B 81 -11.76 21.19 -1.80
N ASP B 82 -12.81 20.37 -1.83
CA ASP B 82 -14.12 20.79 -1.38
C ASP B 82 -14.24 20.75 0.15
N TYR B 83 -13.27 20.10 0.79
CA TYR B 83 -13.26 19.99 2.24
C TYR B 83 -12.68 21.23 2.90
N GLN B 84 -12.33 22.23 2.10
CA GLN B 84 -11.76 23.47 2.62
C GLN B 84 -10.39 23.23 3.27
N ASP B 85 -9.70 22.18 2.81
CA ASP B 85 -8.38 21.83 3.34
C ASP B 85 -8.47 21.18 4.72
N ASN B 86 -9.14 21.86 5.66
CA ASN B 86 -9.29 21.35 7.02
C ASN B 86 -9.53 19.84 7.05
N LYS B 87 -10.27 19.34 6.06
CA LYS B 87 -10.57 17.92 5.98
C LYS B 87 -10.20 17.37 4.61
N ALA B 88 -10.09 16.04 4.52
CA ALA B 88 -9.73 15.39 3.27
C ALA B 88 -10.18 13.93 3.28
N ASP B 89 -10.24 13.33 2.10
CA ASP B 89 -10.64 11.93 1.97
C ASP B 89 -9.49 11.06 1.50
N VAL B 90 -9.21 10.00 2.25
CA VAL B 90 -8.13 9.08 1.90
C VAL B 90 -8.30 8.55 0.48
N ILE B 91 -7.39 8.95 -0.40
CA ILE B 91 -7.42 8.52 -1.80
C ILE B 91 -6.74 7.16 -1.93
N LEU B 92 -5.47 7.11 -1.55
CA LEU B 92 -4.70 5.87 -1.59
C LEU B 92 -4.07 5.62 -0.23
N LYS B 93 -3.68 4.38 0.03
CA LYS B 93 -3.08 4.04 1.32
C LYS B 93 -1.58 3.79 1.20
N TYR B 94 -0.79 4.62 1.89
CA TYR B 94 0.65 4.46 1.90
C TYR B 94 1.02 3.39 2.93
N ASN B 95 1.40 2.21 2.45
CA ASN B 95 1.72 1.07 3.32
C ASN B 95 2.99 1.29 4.14
N ALA B 96 3.20 0.40 5.11
CA ALA B 96 4.37 0.46 5.97
C ALA B 96 5.63 0.08 5.20
N ASP B 97 5.52 -0.94 4.34
CA ASP B 97 6.63 -1.36 3.52
C ASP B 97 7.02 -0.22 2.61
N GLU B 98 6.00 0.45 2.10
CA GLU B 98 6.20 1.60 1.24
C GLU B 98 6.81 2.73 2.04
N ALA B 99 6.52 2.74 3.34
CA ALA B 99 7.00 3.77 4.25
C ALA B 99 8.47 4.10 4.01
N ARG B 100 9.33 3.09 3.92
CA ARG B 100 10.75 3.33 3.66
C ARG B 100 10.90 4.13 2.37
N SER B 101 9.95 3.91 1.46
CA SER B 101 9.91 4.61 0.19
C SER B 101 9.45 6.04 0.39
N LEU B 102 8.75 6.30 1.50
CA LEU B 102 8.24 7.64 1.78
C LEU B 102 9.34 8.68 1.65
N LYS B 103 10.56 8.33 2.00
CA LYS B 103 11.67 9.27 1.81
C LYS B 103 11.64 9.66 0.33
N ALA B 104 11.27 8.67 -0.49
CA ALA B 104 11.12 8.82 -1.93
C ALA B 104 9.78 9.47 -2.28
N TYR B 105 8.82 9.40 -1.36
CA TYR B 105 7.48 9.97 -1.56
C TYR B 105 7.55 11.50 -1.65
N GLY B 106 8.72 12.05 -1.41
CA GLY B 106 8.87 13.50 -1.43
C GLY B 106 8.01 14.17 -0.39
N GLU B 107 7.67 13.42 0.66
CA GLU B 107 6.84 13.94 1.74
C GLU B 107 7.62 14.04 3.04
N LEU B 108 8.05 12.90 3.56
CA LEU B 108 8.80 12.86 4.81
C LEU B 108 10.31 12.90 4.55
N PRO B 109 11.08 13.48 5.49
CA PRO B 109 12.54 13.59 5.36
C PRO B 109 13.23 12.25 5.52
N GLU B 110 14.55 12.26 5.41
CA GLU B 110 15.36 11.05 5.54
C GLU B 110 15.38 10.56 6.98
N HIS B 111 15.33 11.51 7.92
CA HIS B 111 15.35 11.17 9.34
C HIS B 111 14.00 10.62 9.81
N ALA B 112 12.96 10.88 9.04
CA ALA B 112 11.62 10.41 9.38
C ALA B 112 11.61 8.90 9.61
N LYS B 113 11.18 8.50 10.80
CA LYS B 113 11.12 7.09 11.16
C LYS B 113 9.68 6.61 11.22
N ILE B 114 9.41 5.47 10.58
CA ILE B 114 8.08 4.89 10.55
C ILE B 114 7.94 3.77 11.58
N ASN B 115 6.72 3.53 12.04
CA ASN B 115 6.46 2.48 13.00
C ASN B 115 6.75 1.11 12.41
N GLU B 116 6.88 0.10 13.28
CA GLU B 116 7.16 -1.26 12.83
C GLU B 116 6.06 -1.75 11.89
N THR B 117 6.26 -2.95 11.34
CA THR B 117 5.28 -3.54 10.42
C THR B 117 4.64 -4.78 11.04
N ASP B 118 3.31 -4.82 11.01
CA ASP B 118 2.56 -5.96 11.56
C ASP B 118 3.09 -6.36 12.94
N THR B 119 2.72 -7.55 13.39
CA THR B 119 3.16 -8.05 14.69
C THR B 119 2.42 -7.34 15.82
N PHE B 120 1.36 -7.96 16.31
CA PHE B 120 0.57 -7.39 17.38
C PHE B 120 -0.23 -8.48 18.10
N GLY B 121 0.44 -9.20 18.99
CA GLY B 121 -0.22 -10.26 19.73
C GLY B 121 -0.43 -9.91 21.19
N PRO B 122 -1.47 -10.46 21.83
CA PRO B 122 -1.78 -10.19 23.25
C PRO B 122 -0.62 -10.57 24.16
N GLY B 123 -0.28 -9.68 25.10
CA GLY B 123 0.80 -9.95 26.01
C GLY B 123 0.97 -8.85 27.05
N ASP B 124 -0.14 -8.29 27.50
CA ASP B 124 -0.12 -7.22 28.49
C ASP B 124 0.66 -6.01 27.97
N ASP B 125 0.72 -4.96 28.78
CA ASP B 125 1.43 -3.75 28.40
C ASP B 125 2.94 -3.99 28.33
N ASP B 126 3.69 -2.95 28.00
CA ASP B 126 5.14 -3.05 27.90
C ASP B 126 5.81 -1.92 28.66
N GLU B 127 5.39 -0.69 28.39
CA GLU B 127 5.94 0.49 29.05
C GLU B 127 7.46 0.55 28.86
N ILE B 128 8.08 1.60 29.40
CA ILE B 128 9.51 1.79 29.28
C ILE B 128 10.20 1.61 30.64
N GLN B 129 9.56 2.13 31.69
CA GLN B 129 10.10 2.03 33.03
C GLN B 129 9.30 1.03 33.87
N PHE B 130 9.99 0.28 34.71
CA PHE B 130 9.34 -0.72 35.56
C PHE B 130 9.89 -0.67 36.98
N ASP B 131 9.33 0.22 37.79
CA ASP B 131 9.76 0.39 39.18
C ASP B 131 8.78 1.25 39.95
N ASP B 132 7.82 0.60 40.61
CA ASP B 132 6.81 1.32 41.38
C ASP B 132 5.96 2.20 40.49
N ILE B 133 4.72 1.75 40.22
CA ILE B 133 3.80 2.49 39.37
C ILE B 133 2.54 2.86 40.13
N GLY B 134 2.69 3.68 41.17
CA GLY B 134 1.55 4.10 41.97
C GLY B 134 1.16 5.55 41.72
N ASP B 135 1.04 6.31 42.80
CA ASP B 135 0.68 7.71 42.70
C ASP B 135 1.86 8.62 43.07
N ASP B 136 1.90 9.81 42.49
CA ASP B 136 2.97 10.75 42.76
C ASP B 136 2.51 11.84 43.74
N ASP B 137 2.65 11.55 45.03
CA ASP B 137 2.25 12.49 46.07
C ASP B 137 2.88 12.13 47.40
N GLU B 138 2.71 13.00 48.40
CA GLU B 138 3.26 12.77 49.73
C GLU B 138 2.56 13.64 50.76
N ASP B 139 2.33 13.07 51.95
CA ASP B 139 1.67 13.79 53.02
C ASP B 139 2.62 14.02 54.20
N ILE B 140 2.84 15.28 54.55
CA ILE B 140 3.72 15.62 55.66
C ILE B 140 2.93 16.22 56.81
N ASP B 141 3.63 16.46 57.93
CA ASP B 141 3.00 17.03 59.12
C ASP B 141 2.66 18.49 58.89
N ASP B 142 1.61 18.96 59.56
CA ASP B 142 1.17 20.35 59.45
C ASP B 142 1.75 21.20 60.57
N ILE B 143 2.90 21.83 60.30
CA ILE B 143 3.57 22.67 61.28
C ILE B 143 3.54 22.07 62.67
N MET A 1 45.26 16.95 10.46
CA MET A 1 46.20 17.97 11.00
C MET A 1 45.81 18.40 12.41
N ARG A 2 44.57 18.84 12.57
CA ARG A 2 44.08 19.28 13.88
C ARG A 2 44.03 18.10 14.85
N GLY A 3 43.47 16.99 14.40
CA GLY A 3 43.37 15.82 15.25
C GLY A 3 42.28 14.86 14.79
N SER A 4 42.34 13.63 15.27
CA SER A 4 41.37 12.61 14.92
C SER A 4 41.34 12.39 13.40
N HIS A 5 42.13 11.43 12.93
CA HIS A 5 42.19 11.12 11.51
C HIS A 5 41.33 9.91 11.18
N HIS A 6 40.58 10.01 10.08
CA HIS A 6 39.71 8.92 9.65
C HIS A 6 39.88 8.65 8.17
N HIS A 7 39.10 7.69 7.65
CA HIS A 7 39.17 7.34 6.24
C HIS A 7 37.77 7.31 5.62
N HIS A 8 37.72 7.29 4.29
CA HIS A 8 36.45 7.26 3.58
C HIS A 8 36.56 6.44 2.31
N HIS A 9 37.41 5.42 2.34
CA HIS A 9 37.62 4.56 1.18
C HIS A 9 38.57 3.41 1.52
N HIS A 10 39.02 2.69 0.49
CA HIS A 10 39.92 1.57 0.68
C HIS A 10 41.12 1.96 1.55
N THR A 11 41.25 1.29 2.69
CA THR A 11 42.34 1.58 3.63
C THR A 11 43.69 1.40 2.95
N ASP A 12 44.65 2.25 3.33
CA ASP A 12 45.99 2.20 2.76
C ASP A 12 47.03 2.01 3.86
N PRO A 13 47.21 0.77 4.35
CA PRO A 13 48.18 0.46 5.41
C PRO A 13 49.62 0.55 4.91
N MET A 14 49.84 0.20 3.65
CA MET A 14 51.18 0.24 3.07
C MET A 14 51.13 0.77 1.63
N PRO B 1 51.45 2.05 1.43
CA PRO B 1 51.45 2.67 0.10
C PRO B 1 52.22 1.84 -0.93
N LYS B 2 51.50 1.26 -1.88
CA LYS B 2 52.12 0.45 -2.91
C LYS B 2 51.67 0.90 -4.30
N ASN B 3 50.36 0.87 -4.53
CA ASN B 3 49.80 1.27 -5.82
C ASN B 3 50.33 0.38 -6.95
N LYS B 4 49.55 -0.62 -7.30
CA LYS B 4 49.93 -1.55 -8.36
C LYS B 4 48.79 -1.75 -9.35
N GLY B 5 47.59 -1.96 -8.83
CA GLY B 5 46.43 -2.15 -9.68
C GLY B 5 45.67 -0.87 -9.93
N LYS B 6 44.34 -0.94 -9.88
CA LYS B 6 43.50 0.23 -10.10
C LYS B 6 42.48 0.38 -8.97
N GLY B 7 42.06 1.61 -8.73
CA GLY B 7 41.09 1.87 -7.68
C GLY B 7 39.66 1.88 -8.19
N GLY B 8 39.32 0.90 -9.02
CA GLY B 8 37.98 0.81 -9.57
C GLY B 8 37.14 -0.26 -8.89
N LYS B 9 37.51 -1.51 -9.12
CA LYS B 9 36.79 -2.64 -8.52
C LYS B 9 35.37 -2.72 -9.07
N ASN B 10 34.49 -1.86 -8.55
CA ASN B 10 33.10 -1.83 -8.99
C ASN B 10 32.83 -0.63 -9.89
N ARG B 11 32.50 -0.91 -11.14
CA ARG B 11 32.23 0.15 -12.11
C ARG B 11 31.39 -0.36 -13.27
N ARG B 12 30.20 0.22 -13.44
CA ARG B 12 29.31 -0.18 -14.51
C ARG B 12 28.92 -1.64 -14.38
N ARG B 13 28.83 -2.12 -13.15
CA ARG B 13 28.48 -3.52 -12.90
C ARG B 13 27.07 -3.82 -13.39
N GLY B 14 26.12 -2.97 -13.03
CA GLY B 14 24.74 -3.17 -13.44
C GLY B 14 23.75 -2.47 -12.53
N LYS B 15 22.54 -2.25 -13.04
CA LYS B 15 21.50 -1.58 -12.26
C LYS B 15 20.11 -2.07 -12.68
N ASN B 16 19.50 -2.89 -11.84
CA ASN B 16 18.18 -3.42 -12.12
C ASN B 16 18.17 -4.18 -13.45
N GLU B 17 18.70 -5.39 -13.44
CA GLU B 17 18.75 -6.22 -14.64
C GLU B 17 17.49 -7.08 -14.76
N ASN B 18 16.82 -6.98 -15.90
CA ASN B 18 15.61 -7.75 -16.15
C ASN B 18 14.50 -7.32 -15.20
N GLU B 19 14.52 -6.06 -14.80
CA GLU B 19 13.52 -5.52 -13.89
C GLU B 19 13.46 -4.00 -13.97
N SER B 20 12.26 -3.45 -14.02
CA SER B 20 12.07 -2.01 -14.10
C SER B 20 11.58 -1.44 -12.77
N GLU B 21 10.38 -1.85 -12.37
CA GLU B 21 9.79 -1.39 -11.11
C GLU B 21 8.74 -2.37 -10.61
N LYS B 22 8.66 -2.52 -9.29
CA LYS B 22 7.69 -3.42 -8.68
C LYS B 22 6.88 -2.69 -7.61
N ARG B 23 5.72 -3.25 -7.28
CA ARG B 23 4.84 -2.65 -6.27
C ARG B 23 4.35 -1.28 -6.73
N GLU B 24 3.03 -1.14 -6.83
CA GLU B 24 2.43 0.11 -7.26
C GLU B 24 2.65 1.20 -6.22
N LEU B 25 3.85 1.77 -6.22
CA LEU B 25 4.19 2.83 -5.26
C LEU B 25 3.73 4.19 -5.79
N VAL B 26 2.88 4.86 -5.03
CA VAL B 26 2.35 6.16 -5.41
C VAL B 26 2.56 7.20 -4.32
N PHE B 27 2.90 8.43 -4.73
CA PHE B 27 3.11 9.52 -3.78
C PHE B 27 1.97 10.54 -3.87
N LYS B 28 1.95 11.48 -2.93
CA LYS B 28 0.93 12.52 -2.91
C LYS B 28 0.73 13.12 -4.31
N GLU B 29 -0.52 13.41 -4.65
CA GLU B 29 -0.84 13.98 -5.95
C GLU B 29 -1.31 15.43 -5.83
N ASP B 30 -1.36 16.12 -6.96
CA ASP B 30 -1.80 17.51 -6.99
C ASP B 30 -3.21 17.65 -6.43
N GLY B 31 -3.38 18.58 -5.50
CA GLY B 31 -4.67 18.80 -4.89
C GLY B 31 -4.89 17.96 -3.65
N GLN B 32 -4.05 16.94 -3.47
CA GLN B 32 -4.15 16.06 -2.31
C GLN B 32 -2.88 16.14 -1.47
N GLU B 33 -3.02 15.83 -0.18
CA GLU B 33 -1.87 15.87 0.72
C GLU B 33 -1.77 14.59 1.53
N TYR B 34 -0.55 14.25 1.94
CA TYR B 34 -0.32 13.04 2.73
C TYR B 34 -0.56 13.33 4.21
N ALA B 35 -0.85 12.30 4.98
CA ALA B 35 -1.14 12.47 6.39
C ALA B 35 -0.71 11.26 7.23
N GLN B 36 -0.82 11.40 8.55
CA GLN B 36 -0.46 10.35 9.48
C GLN B 36 -1.60 10.09 10.46
N VAL B 37 -2.26 8.95 10.32
CA VAL B 37 -3.38 8.60 11.19
C VAL B 37 -3.00 8.63 12.66
N ILE B 38 -3.89 9.14 13.50
CA ILE B 38 -3.66 9.24 14.93
C ILE B 38 -4.66 8.38 15.71
N LYS B 39 -5.92 8.43 15.27
CA LYS B 39 -6.98 7.68 15.91
C LYS B 39 -8.03 7.26 14.88
N MET B 40 -8.79 6.22 15.20
CA MET B 40 -9.83 5.73 14.29
C MET B 40 -11.21 6.05 14.83
N LEU B 41 -12.14 6.38 13.94
CA LEU B 41 -13.50 6.72 14.34
C LEU B 41 -14.50 5.65 13.87
N GLY B 42 -14.14 4.93 12.81
CA GLY B 42 -15.01 3.89 12.29
C GLY B 42 -14.85 3.68 10.79
N ASN B 43 -15.70 2.83 10.23
CA ASN B 43 -15.65 2.55 8.80
C ASN B 43 -16.24 3.70 8.00
N GLY B 44 -15.37 4.51 7.41
CA GLY B 44 -15.82 5.64 6.62
C GLY B 44 -15.03 6.90 6.91
N ARG B 45 -14.48 6.98 8.11
CA ARG B 45 -13.71 8.14 8.53
C ARG B 45 -12.64 7.76 9.56
N LEU B 46 -11.58 8.55 9.64
CA LEU B 46 -10.51 8.27 10.58
C LEU B 46 -9.87 9.57 11.05
N GLU B 47 -9.34 9.54 12.28
CA GLU B 47 -8.67 10.71 12.84
C GLU B 47 -7.19 10.65 12.52
N ALA B 48 -6.68 11.67 11.84
CA ALA B 48 -5.28 11.72 11.47
C ALA B 48 -4.65 13.05 11.77
N MET B 49 -3.32 13.08 11.74
CA MET B 49 -2.56 14.29 12.01
C MET B 49 -1.58 14.56 10.87
N CYS B 50 -1.88 15.57 10.06
CA CYS B 50 -1.01 15.93 8.95
C CYS B 50 0.39 16.24 9.45
N PHE B 51 1.39 15.69 8.79
CA PHE B 51 2.78 15.89 9.18
C PHE B 51 3.10 17.38 9.38
N ASP B 52 2.35 18.24 8.70
CA ASP B 52 2.56 19.68 8.81
C ASP B 52 2.05 20.22 10.15
N GLY B 53 1.37 19.36 10.92
CA GLY B 53 0.85 19.78 12.21
C GLY B 53 -0.60 20.23 12.13
N VAL B 54 -1.41 19.48 11.39
CA VAL B 54 -2.83 19.80 11.24
C VAL B 54 -3.71 18.60 11.60
N LYS B 55 -4.48 18.75 12.67
CA LYS B 55 -5.37 17.68 13.12
C LYS B 55 -6.69 17.74 12.37
N ARG B 56 -6.95 16.72 11.54
CA ARG B 56 -8.18 16.67 10.77
C ARG B 56 -8.68 15.23 10.63
N LEU B 57 -9.93 15.09 10.20
CA LEU B 57 -10.53 13.78 10.02
C LEU B 57 -10.52 13.36 8.55
N CYS B 58 -9.67 12.41 8.22
CA CYS B 58 -9.57 11.92 6.85
C CYS B 58 -10.64 10.87 6.57
N HIS B 59 -11.52 11.15 5.63
CA HIS B 59 -12.58 10.22 5.27
C HIS B 59 -12.07 9.17 4.29
N ILE B 60 -12.41 7.91 4.55
CA ILE B 60 -11.97 6.81 3.69
C ILE B 60 -12.64 6.89 2.33
N ARG B 61 -11.89 6.58 1.28
CA ARG B 61 -12.42 6.62 -0.08
C ARG B 61 -13.54 5.59 -0.26
N GLY B 62 -14.42 5.84 -1.23
CA GLY B 62 -15.51 4.94 -1.50
C GLY B 62 -15.11 3.77 -2.36
N LYS B 63 -14.39 4.06 -3.45
CA LYS B 63 -13.93 3.03 -4.36
C LYS B 63 -12.72 2.29 -3.78
N LEU B 64 -11.82 3.05 -3.16
CA LEU B 64 -10.63 2.47 -2.55
C LEU B 64 -10.99 1.53 -1.39
N ARG B 65 -12.23 1.64 -0.91
CA ARG B 65 -12.70 0.80 0.20
C ARG B 65 -12.38 -0.67 -0.04
N LYS B 66 -12.27 -1.05 -1.32
CA LYS B 66 -11.98 -2.44 -1.68
C LYS B 66 -10.52 -2.78 -1.44
N LYS B 67 -9.63 -1.82 -1.67
CA LYS B 67 -8.19 -2.05 -1.48
C LYS B 67 -7.55 -0.94 -0.65
N VAL B 68 -8.29 -0.42 0.32
CA VAL B 68 -7.77 0.65 1.17
C VAL B 68 -7.86 0.26 2.65
N TRP B 69 -6.69 0.04 3.25
CA TRP B 69 -6.64 -0.35 4.66
C TRP B 69 -6.05 0.78 5.51
N ILE B 70 -6.90 1.39 6.33
CA ILE B 70 -6.46 2.47 7.20
C ILE B 70 -6.04 1.94 8.55
N ASN B 71 -5.05 2.60 9.15
CA ASN B 71 -4.55 2.21 10.46
C ASN B 71 -4.26 3.43 11.32
N THR B 72 -4.24 3.23 12.63
CA THR B 72 -3.98 4.33 13.57
C THR B 72 -2.51 4.72 13.59
N SER B 73 -1.70 3.94 12.89
CA SER B 73 -0.27 4.21 12.82
C SER B 73 0.27 3.87 11.44
N ASP B 74 0.01 4.75 10.48
CA ASP B 74 0.47 4.55 9.11
C ASP B 74 0.34 5.82 8.28
N ILE B 75 1.07 5.86 7.17
CA ILE B 75 1.06 7.00 6.26
C ILE B 75 -0.07 6.85 5.25
N ILE B 76 -0.66 7.97 4.84
CA ILE B 76 -1.75 7.94 3.87
C ILE B 76 -1.78 9.21 3.04
N LEU B 77 -2.63 9.20 2.02
CA LEU B 77 -2.79 10.36 1.16
C LEU B 77 -4.27 10.69 1.00
N VAL B 78 -4.64 11.91 1.36
CA VAL B 78 -6.03 12.35 1.27
C VAL B 78 -6.16 13.55 0.33
N GLY B 79 -7.29 13.63 -0.37
CA GLY B 79 -7.51 14.74 -1.28
C GLY B 79 -8.32 15.87 -0.67
N LEU B 80 -7.94 17.10 -1.00
CA LEU B 80 -8.63 18.28 -0.48
C LEU B 80 -9.30 19.05 -1.61
N ARG B 81 -10.48 19.58 -1.34
CA ARG B 81 -11.22 20.36 -2.35
C ARG B 81 -12.07 21.44 -1.70
N ASP B 82 -13.25 21.05 -1.21
CA ASP B 82 -14.16 22.00 -0.56
C ASP B 82 -13.88 22.10 0.94
N TYR B 83 -13.08 21.17 1.46
CA TYR B 83 -12.75 21.17 2.88
C TYR B 83 -11.81 22.31 3.24
N GLN B 84 -11.28 22.99 2.22
CA GLN B 84 -10.37 24.12 2.44
C GLN B 84 -9.06 23.66 3.09
N ASP B 85 -8.72 22.38 2.87
CA ASP B 85 -7.49 21.80 3.42
C ASP B 85 -7.69 21.34 4.87
N ASN B 86 -8.69 21.88 5.55
CA ASN B 86 -8.97 21.51 6.93
C ASN B 86 -9.29 20.02 7.03
N LYS B 87 -9.86 19.48 5.96
CA LYS B 87 -10.22 18.06 5.92
C LYS B 87 -10.00 17.48 4.52
N ALA B 88 -9.98 16.16 4.43
CA ALA B 88 -9.79 15.50 3.15
C ALA B 88 -10.21 14.03 3.21
N ASP B 89 -10.24 13.37 2.05
CA ASP B 89 -10.63 11.98 1.98
C ASP B 89 -9.48 11.13 1.45
N VAL B 90 -9.11 10.09 2.21
CA VAL B 90 -8.03 9.21 1.82
C VAL B 90 -8.21 8.73 0.38
N ILE B 91 -7.32 9.17 -0.51
CA ILE B 91 -7.37 8.78 -1.91
C ILE B 91 -6.76 7.39 -2.07
N LEU B 92 -5.60 7.21 -1.46
CA LEU B 92 -4.90 5.94 -1.50
C LEU B 92 -4.25 5.67 -0.14
N LYS B 93 -3.80 4.45 0.08
CA LYS B 93 -3.19 4.10 1.36
C LYS B 93 -1.69 3.85 1.22
N TYR B 94 -0.90 4.62 1.95
CA TYR B 94 0.54 4.47 1.96
C TYR B 94 0.91 3.38 2.98
N ASN B 95 1.29 2.21 2.47
CA ASN B 95 1.59 1.05 3.31
C ASN B 95 2.91 1.20 4.07
N ALA B 96 3.21 0.19 4.90
CA ALA B 96 4.43 0.18 5.70
C ALA B 96 5.64 -0.21 4.85
N ASP B 97 5.45 -1.16 3.95
CA ASP B 97 6.53 -1.59 3.07
C ASP B 97 6.94 -0.41 2.21
N GLU B 98 5.93 0.32 1.75
CA GLU B 98 6.15 1.51 0.94
C GLU B 98 6.82 2.57 1.79
N ALA B 99 6.58 2.50 3.10
CA ALA B 99 7.12 3.46 4.06
C ALA B 99 8.59 3.77 3.78
N ARG B 100 9.43 2.74 3.63
CA ARG B 100 10.84 2.97 3.34
C ARG B 100 10.98 3.82 2.09
N SER B 101 9.98 3.72 1.22
CA SER B 101 9.92 4.49 -0.01
C SER B 101 9.43 5.90 0.27
N LEU B 102 8.73 6.08 1.39
CA LEU B 102 8.21 7.40 1.74
C LEU B 102 9.30 8.45 1.66
N LYS B 103 10.53 8.09 1.99
CA LYS B 103 11.63 9.04 1.82
C LYS B 103 11.59 9.53 0.38
N ALA B 104 11.20 8.59 -0.50
CA ALA B 104 11.04 8.83 -1.93
C ALA B 104 9.70 9.51 -2.22
N TYR B 105 8.75 9.41 -1.28
CA TYR B 105 7.42 10.00 -1.44
C TYR B 105 7.49 11.53 -1.46
N GLY B 106 8.70 12.06 -1.24
CA GLY B 106 8.85 13.51 -1.22
C GLY B 106 8.00 14.15 -0.14
N GLU B 107 7.61 13.35 0.85
CA GLU B 107 6.77 13.83 1.95
C GLU B 107 7.55 13.85 3.26
N LEU B 108 8.03 12.69 3.69
CA LEU B 108 8.80 12.59 4.93
C LEU B 108 10.29 12.66 4.65
N PRO B 109 11.06 13.28 5.57
CA PRO B 109 12.51 13.42 5.42
C PRO B 109 13.25 12.13 5.73
N GLU B 110 14.57 12.16 5.62
CA GLU B 110 15.40 10.99 5.88
C GLU B 110 15.38 10.63 7.36
N HIS B 111 15.20 11.64 8.22
CA HIS B 111 15.17 11.42 9.67
C HIS B 111 13.80 10.95 10.12
N ALA B 112 12.86 10.81 9.18
CA ALA B 112 11.51 10.35 9.51
C ALA B 112 11.53 8.91 10.00
N LYS B 113 10.65 8.60 10.95
CA LYS B 113 10.56 7.26 11.49
C LYS B 113 9.14 6.70 11.36
N ILE B 114 9.01 5.57 10.66
CA ILE B 114 7.71 4.94 10.47
C ILE B 114 7.44 3.93 11.57
N ASN B 115 6.16 3.77 11.92
CA ASN B 115 5.76 2.83 12.96
C ASN B 115 6.07 1.39 12.55
N GLU B 116 7.30 0.96 12.84
CA GLU B 116 7.72 -0.39 12.50
C GLU B 116 7.55 -0.68 11.01
N THR B 117 7.90 -1.89 10.61
CA THR B 117 7.77 -2.30 9.21
C THR B 117 6.41 -2.90 8.93
N ASP B 118 5.75 -3.40 9.98
CA ASP B 118 4.44 -4.01 9.85
C ASP B 118 4.04 -4.70 11.15
N THR B 119 3.11 -4.10 11.88
CA THR B 119 2.63 -4.67 13.14
C THR B 119 1.70 -5.84 12.89
N PHE B 120 2.23 -7.05 13.04
CA PHE B 120 1.43 -8.25 12.83
C PHE B 120 0.93 -8.80 14.16
N GLY B 121 -0.20 -8.28 14.63
CA GLY B 121 -0.77 -8.73 15.88
C GLY B 121 -2.09 -9.44 15.70
N PRO B 122 -2.68 -9.96 16.80
CA PRO B 122 -3.97 -10.66 16.75
C PRO B 122 -5.03 -9.88 15.97
N GLY B 123 -5.17 -10.20 14.68
CA GLY B 123 -6.14 -9.52 13.86
C GLY B 123 -6.64 -10.39 12.72
N ASP B 124 -7.83 -10.96 12.89
CA ASP B 124 -8.43 -11.82 11.87
C ASP B 124 -7.58 -13.07 11.66
N ASP B 125 -6.49 -12.92 10.91
CA ASP B 125 -5.60 -14.04 10.62
C ASP B 125 -4.23 -13.55 10.18
N ASP B 126 -3.19 -14.29 10.57
CA ASP B 126 -1.82 -13.93 10.22
C ASP B 126 -1.52 -14.30 8.77
N GLU B 127 -1.95 -13.44 7.85
CA GLU B 127 -1.72 -13.68 6.43
C GLU B 127 -2.37 -14.98 5.98
N ILE B 128 -2.54 -15.14 4.67
CA ILE B 128 -3.14 -16.34 4.11
C ILE B 128 -2.07 -17.26 3.50
N GLN B 129 -1.02 -16.65 2.97
CA GLN B 129 0.07 -17.42 2.36
C GLN B 129 -0.43 -18.19 1.15
N PHE B 130 -0.99 -19.37 1.40
CA PHE B 130 -1.52 -20.22 0.33
C PHE B 130 -2.06 -21.52 0.89
N ASP B 131 -3.37 -21.58 1.10
CA ASP B 131 -4.02 -22.77 1.63
C ASP B 131 -5.54 -22.67 1.51
N ASP B 132 -6.11 -23.53 0.68
CA ASP B 132 -7.56 -23.55 0.47
C ASP B 132 -8.04 -22.20 -0.05
N ILE B 133 -9.23 -22.20 -0.66
CA ILE B 133 -9.81 -20.98 -1.21
C ILE B 133 -11.33 -21.09 -1.31
N GLY B 134 -11.94 -21.65 -0.27
CA GLY B 134 -13.39 -21.79 -0.26
C GLY B 134 -13.90 -22.59 -1.44
N ASP B 135 -14.83 -22.01 -2.19
CA ASP B 135 -15.40 -22.68 -3.36
C ASP B 135 -16.11 -21.67 -4.26
N ASP B 136 -16.00 -21.88 -5.57
CA ASP B 136 -16.65 -21.00 -6.53
C ASP B 136 -16.50 -21.54 -7.95
N ASP B 137 -15.28 -21.96 -8.30
CA ASP B 137 -15.01 -22.50 -9.62
C ASP B 137 -14.27 -23.83 -9.52
N GLU B 138 -14.03 -24.47 -10.67
CA GLU B 138 -13.33 -25.74 -10.72
C GLU B 138 -14.06 -26.79 -9.87
N ASP B 139 -15.35 -26.96 -10.14
CA ASP B 139 -16.16 -27.93 -9.41
C ASP B 139 -15.65 -29.36 -9.66
N ILE B 140 -14.71 -29.79 -8.84
CA ILE B 140 -14.14 -31.13 -8.97
C ILE B 140 -14.92 -32.13 -8.14
N ASP B 141 -16.13 -32.45 -8.57
CA ASP B 141 -16.97 -33.40 -7.87
C ASP B 141 -16.63 -34.84 -8.26
N ASP B 142 -15.38 -35.22 -7.99
CA ASP B 142 -14.91 -36.57 -8.31
C ASP B 142 -14.03 -37.11 -7.20
N ILE B 143 -14.53 -38.13 -6.50
CA ILE B 143 -13.79 -38.75 -5.40
C ILE B 143 -13.98 -40.26 -5.39
N MET A 1 36.21 -27.87 -66.08
CA MET A 1 37.07 -28.51 -65.05
C MET A 1 36.66 -29.96 -64.81
N ARG A 2 35.38 -30.24 -64.97
CA ARG A 2 34.86 -31.59 -64.77
C ARG A 2 35.12 -32.07 -63.34
N GLY A 3 34.04 -32.19 -62.57
CA GLY A 3 34.17 -32.63 -61.19
C GLY A 3 33.02 -32.14 -60.32
N SER A 4 32.98 -30.84 -60.07
CA SER A 4 31.94 -30.25 -59.24
C SER A 4 30.78 -29.76 -60.10
N HIS A 5 29.56 -30.06 -59.66
CA HIS A 5 28.36 -29.63 -60.39
C HIS A 5 27.72 -28.43 -59.71
N HIS A 6 26.45 -28.19 -60.03
CA HIS A 6 25.71 -27.07 -59.45
C HIS A 6 25.81 -27.08 -57.93
N HIS A 7 26.03 -25.90 -57.35
CA HIS A 7 26.15 -25.77 -55.90
C HIS A 7 24.89 -25.15 -55.30
N HIS A 8 24.90 -24.94 -53.99
CA HIS A 8 23.77 -24.35 -53.30
C HIS A 8 23.46 -22.95 -53.84
N HIS A 9 22.19 -22.71 -54.15
CA HIS A 9 21.78 -21.41 -54.68
C HIS A 9 20.26 -21.29 -54.66
N HIS A 10 19.71 -21.01 -53.49
CA HIS A 10 18.26 -20.86 -53.33
C HIS A 10 17.79 -19.54 -53.94
N THR A 11 16.89 -19.64 -54.92
CA THR A 11 16.36 -18.46 -55.59
C THR A 11 14.88 -18.62 -55.89
N ASP A 12 14.04 -18.26 -54.94
CA ASP A 12 12.59 -18.37 -55.10
C ASP A 12 11.98 -17.03 -55.50
N PRO A 13 11.70 -16.83 -56.80
CA PRO A 13 11.11 -15.58 -57.29
C PRO A 13 9.69 -15.36 -56.78
N MET A 14 9.12 -14.20 -57.11
CA MET A 14 7.77 -13.86 -56.69
C MET A 14 7.67 -13.78 -55.17
N PRO B 1 8.55 -12.97 -54.54
CA PRO B 1 8.56 -12.81 -53.08
C PRO B 1 7.36 -12.00 -52.59
N LYS B 2 7.22 -11.93 -51.27
CA LYS B 2 6.11 -11.19 -50.66
C LYS B 2 6.61 -10.31 -49.51
N ASN B 3 7.70 -9.60 -49.75
CA ASN B 3 8.28 -8.72 -48.75
C ASN B 3 9.30 -7.77 -49.37
N LYS B 4 9.05 -7.38 -50.61
CA LYS B 4 9.95 -6.48 -51.32
C LYS B 4 9.16 -5.40 -52.06
N GLY B 5 8.63 -4.44 -51.30
CA GLY B 5 7.85 -3.37 -51.90
C GLY B 5 6.50 -3.20 -51.25
N LYS B 6 5.96 -1.98 -51.30
CA LYS B 6 4.67 -1.68 -50.71
C LYS B 6 4.73 -1.76 -49.18
N GLY B 7 4.89 -2.98 -48.67
CA GLY B 7 4.97 -3.17 -47.23
C GLY B 7 3.60 -3.17 -46.58
N GLY B 8 3.56 -2.93 -45.27
CA GLY B 8 2.31 -2.91 -44.54
C GLY B 8 2.12 -1.66 -43.73
N LYS B 9 0.87 -1.35 -43.39
CA LYS B 9 0.57 -0.16 -42.60
C LYS B 9 1.01 1.11 -43.32
N ASN B 10 0.79 2.25 -42.68
CA ASN B 10 1.16 3.54 -43.27
C ASN B 10 2.21 4.23 -42.42
N ARG B 11 1.80 4.73 -41.25
CA ARG B 11 2.71 5.43 -40.35
C ARG B 11 3.62 4.44 -39.63
N ARG B 12 3.02 3.43 -39.00
CA ARG B 12 3.79 2.43 -38.27
C ARG B 12 4.58 3.06 -37.13
N ARG B 13 3.95 4.01 -36.44
CA ARG B 13 4.59 4.69 -35.33
C ARG B 13 4.27 4.00 -34.00
N GLY B 14 4.56 2.70 -33.94
CA GLY B 14 4.29 1.94 -32.73
C GLY B 14 5.49 1.92 -31.79
N LYS B 15 5.23 1.63 -30.52
CA LYS B 15 6.30 1.59 -29.52
C LYS B 15 5.95 0.61 -28.40
N ASN B 16 4.89 0.93 -27.66
CA ASN B 16 4.45 0.10 -26.55
C ASN B 16 4.47 -1.39 -26.90
N GLU B 17 4.92 -2.20 -25.96
CA GLU B 17 4.99 -3.65 -26.18
C GLU B 17 5.22 -4.38 -24.86
N ASN B 18 4.27 -4.23 -23.93
CA ASN B 18 4.36 -4.87 -22.63
C ASN B 18 5.60 -4.40 -21.87
N GLU B 19 5.39 -3.45 -20.96
CA GLU B 19 6.48 -2.90 -20.16
C GLU B 19 5.98 -2.39 -18.81
N SER B 20 5.02 -3.11 -18.24
CA SER B 20 4.45 -2.74 -16.95
C SER B 20 5.46 -2.97 -15.83
N GLU B 21 4.99 -2.85 -14.59
CA GLU B 21 5.84 -3.04 -13.42
C GLU B 21 5.06 -3.64 -12.26
N LYS B 22 5.76 -4.26 -11.32
CA LYS B 22 5.13 -4.88 -10.17
C LYS B 22 5.11 -3.93 -8.98
N ARG B 23 6.21 -3.21 -8.77
CA ARG B 23 6.31 -2.26 -7.67
C ARG B 23 5.46 -1.03 -7.94
N GLU B 24 4.15 -1.15 -7.71
CA GLU B 24 3.23 -0.05 -7.93
C GLU B 24 3.21 0.90 -6.74
N LEU B 25 4.33 1.59 -6.52
CA LEU B 25 4.44 2.54 -5.41
C LEU B 25 3.85 3.89 -5.81
N VAL B 26 2.71 4.22 -5.21
CA VAL B 26 2.03 5.48 -5.52
C VAL B 26 2.47 6.60 -4.57
N PHE B 27 2.66 7.79 -5.13
CA PHE B 27 3.07 8.95 -4.35
C PHE B 27 1.96 10.00 -4.31
N LYS B 28 2.15 11.02 -3.47
CA LYS B 28 1.16 12.09 -3.33
C LYS B 28 0.72 12.61 -4.70
N GLU B 29 -0.39 13.34 -4.73
CA GLU B 29 -0.92 13.87 -5.98
C GLU B 29 -1.29 15.35 -5.82
N ASP B 30 -1.32 16.06 -6.94
CA ASP B 30 -1.66 17.48 -6.95
C ASP B 30 -3.06 17.69 -6.38
N GLY B 31 -3.17 18.61 -5.42
CA GLY B 31 -4.45 18.89 -4.81
C GLY B 31 -4.71 18.05 -3.57
N GLN B 32 -3.92 16.98 -3.41
CA GLN B 32 -4.07 16.10 -2.26
C GLN B 32 -2.80 16.14 -1.39
N GLU B 33 -2.98 15.96 -0.09
CA GLU B 33 -1.84 15.98 0.83
C GLU B 33 -1.72 14.68 1.61
N TYR B 34 -0.49 14.37 2.01
CA TYR B 34 -0.21 13.15 2.78
C TYR B 34 -0.47 13.41 4.26
N ALA B 35 -0.71 12.34 5.02
CA ALA B 35 -1.00 12.50 6.44
C ALA B 35 -0.62 11.25 7.25
N GLN B 36 -0.72 11.38 8.57
CA GLN B 36 -0.40 10.30 9.49
C GLN B 36 -1.58 10.05 10.43
N VAL B 37 -2.06 8.81 10.48
CA VAL B 37 -3.20 8.47 11.34
C VAL B 37 -2.78 8.29 12.80
N ILE B 38 -3.61 8.82 13.71
CA ILE B 38 -3.34 8.73 15.14
C ILE B 38 -4.42 7.91 15.85
N LYS B 39 -5.67 8.21 15.52
CA LYS B 39 -6.80 7.52 16.13
C LYS B 39 -7.86 7.18 15.08
N MET B 40 -8.68 6.18 15.38
CA MET B 40 -9.74 5.77 14.47
C MET B 40 -11.11 6.10 15.06
N LEU B 41 -12.04 6.49 14.19
CA LEU B 41 -13.39 6.84 14.62
C LEU B 41 -14.39 5.75 14.23
N GLY B 42 -14.18 5.17 13.05
CA GLY B 42 -15.07 4.12 12.59
C GLY B 42 -14.98 3.91 11.09
N ASN B 43 -15.62 2.86 10.59
CA ASN B 43 -15.60 2.54 9.17
C ASN B 43 -16.20 3.69 8.35
N GLY B 44 -15.32 4.47 7.72
CA GLY B 44 -15.78 5.58 6.91
C GLY B 44 -14.99 6.86 7.18
N ARG B 45 -14.38 6.94 8.37
CA ARG B 45 -13.60 8.11 8.75
C ARG B 45 -12.53 7.75 9.78
N LEU B 46 -11.49 8.57 9.86
CA LEU B 46 -10.41 8.33 10.80
C LEU B 46 -9.80 9.65 11.29
N GLU B 47 -9.11 9.58 12.43
CA GLU B 47 -8.46 10.74 13.00
C GLU B 47 -6.97 10.69 12.70
N ALA B 48 -6.46 11.72 12.01
CA ALA B 48 -5.04 11.76 11.66
C ALA B 48 -4.42 13.12 11.90
N MET B 49 -3.10 13.16 11.87
CA MET B 49 -2.34 14.38 12.08
C MET B 49 -1.37 14.59 10.92
N CYS B 50 -1.62 15.61 10.11
CA CYS B 50 -0.75 15.92 8.98
C CYS B 50 0.66 16.18 9.47
N PHE B 51 1.64 15.60 8.79
CA PHE B 51 3.04 15.76 9.17
C PHE B 51 3.41 17.23 9.38
N ASP B 52 2.66 18.12 8.73
CA ASP B 52 2.91 19.55 8.85
C ASP B 52 2.44 20.09 10.20
N GLY B 53 1.64 19.29 10.92
CA GLY B 53 1.15 19.70 12.21
C GLY B 53 -0.32 20.12 12.17
N VAL B 54 -1.12 19.37 11.43
CA VAL B 54 -2.54 19.66 11.31
C VAL B 54 -3.40 18.44 11.65
N LYS B 55 -4.32 18.61 12.58
CA LYS B 55 -5.20 17.52 12.99
C LYS B 55 -6.56 17.64 12.32
N ARG B 56 -6.89 16.67 11.47
CA ARG B 56 -8.16 16.66 10.77
C ARG B 56 -8.68 15.24 10.61
N LEU B 57 -9.98 15.12 10.35
CA LEU B 57 -10.61 13.82 10.18
C LEU B 57 -10.70 13.46 8.70
N CYS B 58 -9.84 12.54 8.27
CA CYS B 58 -9.83 12.09 6.89
C CYS B 58 -10.86 10.99 6.66
N HIS B 59 -11.82 11.26 5.78
CA HIS B 59 -12.87 10.28 5.48
C HIS B 59 -12.37 9.26 4.47
N ILE B 60 -12.52 7.98 4.80
CA ILE B 60 -12.09 6.90 3.91
C ILE B 60 -12.97 6.86 2.67
N ARG B 61 -12.36 6.61 1.52
CA ARG B 61 -13.09 6.54 0.26
C ARG B 61 -12.16 6.28 -0.92
N GLY B 62 -12.68 6.51 -2.12
CA GLY B 62 -11.90 6.28 -3.33
C GLY B 62 -11.93 4.84 -3.77
N LYS B 63 -11.42 4.56 -4.97
CA LYS B 63 -11.39 3.21 -5.50
C LYS B 63 -10.84 2.23 -4.47
N LEU B 64 -10.00 2.74 -3.58
CA LEU B 64 -9.40 1.94 -2.53
C LEU B 64 -10.47 1.45 -1.54
N ARG B 65 -11.49 2.27 -1.33
CA ARG B 65 -12.57 1.93 -0.42
C ARG B 65 -13.11 0.52 -0.68
N LYS B 66 -12.99 0.08 -1.93
CA LYS B 66 -13.47 -1.25 -2.31
C LYS B 66 -12.82 -2.34 -1.46
N LYS B 67 -11.62 -2.07 -0.95
CA LYS B 67 -10.91 -3.04 -0.12
C LYS B 67 -9.69 -2.41 0.55
N VAL B 68 -9.88 -1.23 1.13
CA VAL B 68 -8.79 -0.53 1.80
C VAL B 68 -9.12 -0.21 3.25
N TRP B 69 -8.29 -0.67 4.17
CA TRP B 69 -8.50 -0.41 5.58
C TRP B 69 -7.42 0.52 6.12
N ILE B 70 -7.81 1.74 6.45
CA ILE B 70 -6.86 2.72 6.97
C ILE B 70 -6.33 2.29 8.32
N ASN B 71 -5.05 2.53 8.55
CA ASN B 71 -4.42 2.15 9.81
C ASN B 71 -4.26 3.34 10.74
N THR B 72 -4.26 3.06 12.04
CA THR B 72 -4.11 4.11 13.06
C THR B 72 -2.66 4.51 13.24
N SER B 73 -1.77 3.79 12.58
CA SER B 73 -0.35 4.06 12.68
C SER B 73 0.33 3.80 11.33
N ASP B 74 0.08 4.68 10.37
CA ASP B 74 0.66 4.54 9.04
C ASP B 74 0.52 5.83 8.23
N ILE B 75 1.25 5.88 7.12
CA ILE B 75 1.21 7.04 6.24
C ILE B 75 0.07 6.90 5.23
N ILE B 76 -0.52 8.02 4.84
CA ILE B 76 -1.63 7.99 3.89
C ILE B 76 -1.68 9.26 3.06
N LEU B 77 -2.53 9.27 2.05
CA LEU B 77 -2.70 10.43 1.19
C LEU B 77 -4.18 10.76 1.07
N VAL B 78 -4.54 11.98 1.44
CA VAL B 78 -5.92 12.43 1.38
C VAL B 78 -6.08 13.61 0.42
N GLY B 79 -7.22 13.67 -0.25
CA GLY B 79 -7.47 14.76 -1.19
C GLY B 79 -8.18 15.94 -0.56
N LEU B 80 -7.76 17.14 -0.93
CA LEU B 80 -8.37 18.36 -0.41
C LEU B 80 -8.89 19.24 -1.54
N ARG B 81 -10.13 19.73 -1.41
CA ARG B 81 -10.73 20.57 -2.42
C ARG B 81 -12.11 21.05 -1.99
N ASP B 82 -13.11 20.18 -2.16
CA ASP B 82 -14.48 20.51 -1.80
C ASP B 82 -14.65 20.58 -0.28
N TYR B 83 -13.69 20.05 0.46
CA TYR B 83 -13.74 20.06 1.91
C TYR B 83 -13.48 21.47 2.47
N GLN B 84 -13.08 22.39 1.60
CA GLN B 84 -12.80 23.76 2.02
C GLN B 84 -11.59 23.81 2.94
N ASP B 85 -10.66 22.89 2.73
CA ASP B 85 -9.44 22.81 3.53
C ASP B 85 -9.74 22.25 4.92
N ASN B 86 -8.73 22.22 5.77
CA ASN B 86 -8.89 21.70 7.13
C ASN B 86 -9.06 20.19 7.12
N LYS B 87 -10.13 19.72 6.47
CA LYS B 87 -10.40 18.29 6.39
C LYS B 87 -10.07 17.75 5.00
N ALA B 88 -9.81 16.44 4.92
CA ALA B 88 -9.48 15.80 3.66
C ALA B 88 -10.13 14.43 3.56
N ASP B 89 -9.86 13.72 2.46
CA ASP B 89 -10.42 12.39 2.26
C ASP B 89 -9.35 11.42 1.77
N VAL B 90 -9.12 10.36 2.55
CA VAL B 90 -8.14 9.36 2.21
C VAL B 90 -8.35 8.84 0.79
N ILE B 91 -7.42 9.15 -0.10
CA ILE B 91 -7.51 8.71 -1.49
C ILE B 91 -6.86 7.34 -1.64
N LEU B 92 -5.56 7.28 -1.36
CA LEU B 92 -4.83 6.03 -1.43
C LEU B 92 -4.14 5.76 -0.09
N LYS B 93 -3.79 4.52 0.16
CA LYS B 93 -3.15 4.15 1.42
C LYS B 93 -1.66 3.88 1.26
N TYR B 94 -0.84 4.69 1.94
CA TYR B 94 0.61 4.52 1.91
C TYR B 94 0.99 3.42 2.92
N ASN B 95 1.35 2.25 2.39
CA ASN B 95 1.69 1.10 3.23
C ASN B 95 3.00 1.28 3.99
N ALA B 96 3.27 0.31 4.88
CA ALA B 96 4.49 0.32 5.69
C ALA B 96 5.71 -0.04 4.85
N ASP B 97 5.54 -1.02 3.95
CA ASP B 97 6.63 -1.42 3.07
C ASP B 97 7.01 -0.25 2.21
N GLU B 98 6.00 0.47 1.75
CA GLU B 98 6.20 1.65 0.93
C GLU B 98 6.85 2.73 1.77
N ALA B 99 6.59 2.69 3.08
CA ALA B 99 7.12 3.67 4.03
C ALA B 99 8.60 3.98 3.76
N ARG B 100 9.43 2.95 3.61
CA ARG B 100 10.84 3.18 3.32
C ARG B 100 10.98 4.04 2.07
N SER B 101 10.00 3.89 1.18
CA SER B 101 9.95 4.65 -0.06
C SER B 101 9.48 6.07 0.23
N LEU B 102 8.78 6.26 1.34
CA LEU B 102 8.27 7.59 1.70
C LEU B 102 9.36 8.62 1.61
N LYS B 103 10.60 8.24 1.91
CA LYS B 103 11.70 9.18 1.75
C LYS B 103 11.64 9.68 0.30
N ALA B 104 11.22 8.75 -0.57
CA ALA B 104 11.03 9.00 -1.99
C ALA B 104 9.68 9.70 -2.25
N TYR B 105 8.74 9.56 -1.29
CA TYR B 105 7.41 10.17 -1.40
C TYR B 105 7.53 11.70 -1.34
N GLY B 106 8.72 12.18 -0.96
CA GLY B 106 8.92 13.60 -0.86
C GLY B 106 8.04 14.22 0.20
N GLU B 107 7.60 13.39 1.15
CA GLU B 107 6.73 13.85 2.23
C GLU B 107 7.47 13.87 3.55
N LEU B 108 8.10 12.75 3.88
CA LEU B 108 8.85 12.63 5.13
C LEU B 108 10.34 12.81 4.89
N PRO B 109 11.08 13.37 5.87
CA PRO B 109 12.52 13.58 5.74
C PRO B 109 13.31 12.29 5.84
N GLU B 110 14.63 12.40 5.70
CA GLU B 110 15.51 11.23 5.78
C GLU B 110 15.55 10.66 7.19
N HIS B 111 15.38 11.53 8.18
CA HIS B 111 15.39 11.11 9.58
C HIS B 111 14.02 10.61 10.02
N ALA B 112 13.03 10.69 9.12
CA ALA B 112 11.68 10.24 9.44
C ALA B 112 11.67 8.77 9.84
N LYS B 113 10.74 8.42 10.73
CA LYS B 113 10.63 7.04 11.20
C LYS B 113 9.29 6.45 10.78
N ILE B 114 9.28 5.14 10.54
CA ILE B 114 8.07 4.45 10.13
C ILE B 114 7.20 4.09 11.34
N ASN B 115 5.92 3.88 11.11
CA ASN B 115 4.99 3.54 12.17
C ASN B 115 4.94 2.02 12.40
N GLU B 116 6.07 1.45 12.80
CA GLU B 116 6.16 0.02 13.05
C GLU B 116 5.79 -0.78 11.80
N THR B 117 6.79 -1.43 11.21
CA THR B 117 6.59 -2.22 10.01
C THR B 117 5.77 -3.48 10.32
N ASP B 118 5.89 -3.97 11.56
CA ASP B 118 5.17 -5.17 11.98
C ASP B 118 5.62 -6.39 11.18
N THR B 119 5.12 -6.50 9.95
CA THR B 119 5.48 -7.63 9.09
C THR B 119 5.18 -8.96 9.76
N PHE B 120 4.02 -9.53 9.45
CA PHE B 120 3.60 -10.80 10.03
C PHE B 120 3.24 -11.80 8.92
N GLY B 121 4.25 -12.21 8.17
CA GLY B 121 4.01 -13.16 7.08
C GLY B 121 5.03 -13.03 5.97
N PRO B 122 4.86 -13.78 4.86
CA PRO B 122 5.78 -13.73 3.72
C PRO B 122 6.02 -12.30 3.23
N GLY B 123 7.27 -11.97 2.95
CA GLY B 123 7.60 -10.65 2.47
C GLY B 123 8.42 -10.68 1.20
N ASP B 124 7.76 -11.02 0.09
CA ASP B 124 8.44 -11.08 -1.20
C ASP B 124 9.56 -12.11 -1.18
N ASP B 125 10.15 -12.36 -2.35
CA ASP B 125 11.24 -13.33 -2.46
C ASP B 125 12.22 -12.89 -3.55
N ASP B 126 12.44 -11.59 -3.67
CA ASP B 126 13.35 -11.05 -4.67
C ASP B 126 14.26 -9.99 -4.05
N GLU B 127 15.26 -10.43 -3.30
CA GLU B 127 16.20 -9.52 -2.66
C GLU B 127 17.63 -10.04 -2.76
N ILE B 128 17.92 -10.76 -3.85
CA ILE B 128 19.24 -11.31 -4.07
C ILE B 128 19.85 -10.80 -5.37
N GLN B 129 21.17 -10.63 -5.39
CA GLN B 129 21.87 -10.15 -6.56
C GLN B 129 21.79 -11.16 -7.71
N PHE B 130 20.79 -10.98 -8.56
CA PHE B 130 20.59 -11.88 -9.70
C PHE B 130 21.40 -11.41 -10.91
N ASP B 131 22.31 -12.25 -11.38
CA ASP B 131 23.13 -11.92 -12.53
C ASP B 131 22.98 -12.98 -13.62
N ASP B 132 22.96 -12.52 -14.87
CA ASP B 132 22.82 -13.42 -16.01
C ASP B 132 24.18 -13.95 -16.47
N ILE B 133 24.24 -15.23 -16.75
CA ILE B 133 25.48 -15.86 -17.19
C ILE B 133 25.44 -16.18 -18.68
N GLY B 134 25.70 -15.17 -19.51
CA GLY B 134 25.68 -15.36 -20.94
C GLY B 134 25.58 -14.06 -21.70
N ASP B 135 26.70 -13.35 -21.82
CA ASP B 135 26.73 -12.07 -22.54
C ASP B 135 27.77 -12.10 -23.66
N ASP B 136 27.28 -12.00 -24.89
CA ASP B 136 28.17 -12.01 -26.06
C ASP B 136 29.10 -10.81 -26.04
N ASP B 137 28.52 -9.62 -25.88
CA ASP B 137 29.31 -8.39 -25.85
C ASP B 137 29.96 -8.19 -24.49
N GLU B 138 31.26 -7.95 -24.48
CA GLU B 138 32.00 -7.73 -23.25
C GLU B 138 31.92 -8.96 -22.35
N ASP B 139 32.71 -9.98 -22.67
CA ASP B 139 32.72 -11.22 -21.89
C ASP B 139 33.86 -11.19 -20.86
N ILE B 140 33.54 -10.78 -19.64
CA ILE B 140 34.53 -10.72 -18.57
C ILE B 140 35.04 -12.10 -18.22
N ASP B 141 36.32 -12.19 -17.85
CA ASP B 141 36.94 -13.46 -17.49
C ASP B 141 37.31 -13.48 -16.01
N ASP B 142 37.85 -12.37 -15.53
CA ASP B 142 38.25 -12.26 -14.13
C ASP B 142 37.24 -11.45 -13.33
N ILE B 143 36.97 -11.90 -12.11
CA ILE B 143 36.02 -11.21 -11.24
C ILE B 143 36.54 -11.09 -9.82
N MET A 1 4.73 -25.12 32.17
CA MET A 1 5.12 -24.01 31.26
C MET A 1 4.31 -24.04 29.97
N ARG A 2 3.05 -24.47 30.07
CA ARG A 2 2.17 -24.54 28.91
C ARG A 2 0.84 -23.86 29.20
N GLY A 3 0.58 -22.78 28.47
CA GLY A 3 -0.67 -22.05 28.64
C GLY A 3 -1.60 -22.19 27.47
N SER A 4 -1.50 -23.30 26.75
CA SER A 4 -2.34 -23.55 25.59
C SER A 4 -3.75 -23.95 26.01
N HIS A 5 -4.51 -22.98 26.50
CA HIS A 5 -5.89 -23.22 26.94
C HIS A 5 -6.74 -23.75 25.79
N HIS A 6 -8.00 -24.04 26.09
CA HIS A 6 -8.92 -24.56 25.08
C HIS A 6 -10.13 -23.63 24.93
N HIS A 7 -9.90 -22.47 24.33
CA HIS A 7 -10.97 -21.50 24.12
C HIS A 7 -12.06 -22.09 23.24
N HIS A 8 -13.27 -22.15 23.79
CA HIS A 8 -14.41 -22.69 23.06
C HIS A 8 -14.68 -21.88 21.79
N HIS A 9 -14.66 -22.57 20.66
CA HIS A 9 -14.89 -21.91 19.37
C HIS A 9 -16.11 -22.52 18.67
N HIS A 10 -17.06 -22.99 19.45
CA HIS A 10 -18.28 -23.59 18.90
C HIS A 10 -19.52 -22.86 19.40
N THR A 11 -19.85 -21.75 18.74
CA THR A 11 -21.01 -20.96 19.10
C THR A 11 -22.20 -21.27 18.20
N ASP A 12 -23.31 -21.67 18.81
CA ASP A 12 -24.52 -22.00 18.06
C ASP A 12 -24.25 -23.15 17.08
N PRO A 13 -24.23 -24.40 17.59
CA PRO A 13 -23.99 -25.57 16.75
C PRO A 13 -25.18 -25.91 15.86
N MET A 14 -25.25 -25.26 14.71
CA MET A 14 -26.34 -25.48 13.76
C MET A 14 -25.81 -26.10 12.47
N PRO B 1 -26.62 -26.93 11.80
CA PRO B 1 -26.23 -27.58 10.54
C PRO B 1 -26.14 -26.61 9.38
N LYS B 2 -24.93 -26.42 8.86
CA LYS B 2 -24.71 -25.51 7.74
C LYS B 2 -24.48 -26.28 6.45
N ASN B 3 -25.47 -27.08 6.05
CA ASN B 3 -25.39 -27.88 4.85
C ASN B 3 -24.26 -28.90 4.95
N LYS B 4 -23.03 -28.45 4.74
CA LYS B 4 -21.87 -29.33 4.81
C LYS B 4 -21.96 -30.43 3.76
N GLY B 5 -20.95 -31.30 3.73
CA GLY B 5 -20.93 -32.38 2.77
C GLY B 5 -20.57 -31.91 1.37
N LYS B 6 -19.82 -32.73 0.64
CA LYS B 6 -19.41 -32.39 -0.72
C LYS B 6 -18.61 -31.09 -0.74
N GLY B 7 -18.20 -30.68 -1.94
CA GLY B 7 -17.44 -29.46 -2.07
C GLY B 7 -16.97 -29.21 -3.50
N GLY B 8 -15.80 -28.59 -3.64
CA GLY B 8 -15.27 -28.32 -4.96
C GLY B 8 -14.57 -26.97 -5.03
N LYS B 9 -13.25 -26.99 -4.96
CA LYS B 9 -12.46 -25.77 -5.02
C LYS B 9 -11.10 -26.02 -5.65
N ASN B 10 -11.06 -26.96 -6.59
CA ASN B 10 -9.82 -27.30 -7.28
C ASN B 10 -9.82 -26.77 -8.71
N ARG B 11 -8.77 -26.05 -9.08
CA ARG B 11 -8.66 -25.48 -10.42
C ARG B 11 -7.82 -26.39 -11.32
N ARG B 12 -8.48 -27.09 -12.24
CA ARG B 12 -7.80 -27.99 -13.16
C ARG B 12 -7.70 -27.37 -14.55
N ARG B 13 -7.53 -26.05 -14.60
CA ARG B 13 -7.43 -25.34 -15.87
C ARG B 13 -5.97 -25.02 -16.19
N GLY B 14 -5.40 -24.10 -15.41
CA GLY B 14 -4.02 -23.70 -15.62
C GLY B 14 -3.89 -22.26 -16.04
N LYS B 15 -4.80 -21.79 -16.88
CA LYS B 15 -4.79 -20.41 -17.36
C LYS B 15 -4.91 -19.44 -16.19
N ASN B 16 -3.84 -18.72 -15.90
CA ASN B 16 -3.83 -17.75 -14.82
C ASN B 16 -4.11 -18.44 -13.48
N GLU B 17 -3.24 -19.35 -13.09
CA GLU B 17 -3.40 -20.08 -11.84
C GLU B 17 -2.95 -19.22 -10.65
N ASN B 18 -3.92 -18.70 -9.91
CA ASN B 18 -3.63 -17.87 -8.74
C ASN B 18 -2.91 -16.59 -9.16
N GLU B 19 -3.51 -15.45 -8.86
CA GLU B 19 -2.92 -14.16 -9.20
C GLU B 19 -3.22 -13.13 -8.12
N SER B 20 -2.18 -12.44 -7.66
CA SER B 20 -2.33 -11.42 -6.63
C SER B 20 -2.13 -10.02 -7.21
N GLU B 21 -2.07 -9.03 -6.33
CA GLU B 21 -1.89 -7.65 -6.75
C GLU B 21 -0.79 -6.96 -5.93
N LYS B 22 -0.35 -5.79 -6.39
CA LYS B 22 0.69 -5.04 -5.70
C LYS B 22 0.49 -3.54 -5.89
N ARG B 23 0.18 -3.13 -7.12
CA ARG B 23 -0.04 -1.72 -7.43
C ARG B 23 1.28 -0.96 -7.39
N GLU B 24 1.45 -0.04 -8.34
CA GLU B 24 2.66 0.77 -8.41
C GLU B 24 2.72 1.77 -7.26
N LEU B 25 3.94 2.15 -6.88
CA LEU B 25 4.15 3.09 -5.79
C LEU B 25 3.66 4.48 -6.19
N VAL B 26 2.86 5.10 -5.32
CA VAL B 26 2.32 6.43 -5.59
C VAL B 26 2.59 7.39 -4.43
N PHE B 27 2.92 8.63 -4.78
CA PHE B 27 3.19 9.66 -3.78
C PHE B 27 2.12 10.74 -3.82
N LYS B 28 2.14 11.64 -2.84
CA LYS B 28 1.18 12.74 -2.77
C LYS B 28 0.98 13.39 -4.13
N GLU B 29 -0.23 13.89 -4.38
CA GLU B 29 -0.53 14.53 -5.65
C GLU B 29 -1.01 15.97 -5.45
N ASP B 30 -0.96 16.75 -6.53
CA ASP B 30 -1.38 18.15 -6.47
C ASP B 30 -2.82 18.27 -5.98
N GLY B 31 -3.03 19.14 -5.00
CA GLY B 31 -4.36 19.32 -4.45
C GLY B 31 -4.63 18.41 -3.27
N GLN B 32 -3.78 17.40 -3.09
CA GLN B 32 -3.92 16.47 -1.98
C GLN B 32 -2.65 16.43 -1.15
N GLU B 33 -2.79 16.26 0.17
CA GLU B 33 -1.63 16.22 1.05
C GLU B 33 -1.55 14.89 1.78
N TYR B 34 -0.34 14.51 2.17
CA TYR B 34 -0.11 13.26 2.89
C TYR B 34 -0.35 13.48 4.38
N ALA B 35 -0.63 12.41 5.11
CA ALA B 35 -0.91 12.53 6.53
C ALA B 35 -0.55 11.27 7.31
N GLN B 36 -0.67 11.36 8.63
CA GLN B 36 -0.37 10.25 9.52
C GLN B 36 -1.54 10.02 10.48
N VAL B 37 -2.11 8.82 10.43
CA VAL B 37 -3.24 8.49 11.30
C VAL B 37 -2.81 8.35 12.76
N ILE B 38 -3.60 8.95 13.64
CA ILE B 38 -3.32 8.89 15.08
C ILE B 38 -4.46 8.15 15.82
N LYS B 39 -5.69 8.38 15.37
CA LYS B 39 -6.85 7.75 15.98
C LYS B 39 -7.86 7.35 14.92
N MET B 40 -8.75 6.42 15.27
CA MET B 40 -9.77 5.96 14.35
C MET B 40 -11.17 6.31 14.85
N LEU B 41 -12.07 6.66 13.94
CA LEU B 41 -13.43 7.03 14.30
C LEU B 41 -14.42 5.98 13.81
N GLY B 42 -14.44 5.76 12.50
CA GLY B 42 -15.35 4.78 11.92
C GLY B 42 -14.82 4.19 10.63
N ASN B 43 -15.69 3.48 9.92
CA ASN B 43 -15.31 2.86 8.65
C ASN B 43 -15.39 3.84 7.49
N GLY B 44 -15.78 5.09 7.78
CA GLY B 44 -15.90 6.09 6.74
C GLY B 44 -15.02 7.30 6.99
N ARG B 45 -14.41 7.37 8.17
CA ARG B 45 -13.54 8.48 8.53
C ARG B 45 -12.50 8.05 9.55
N LEU B 46 -11.42 8.81 9.66
CA LEU B 46 -10.35 8.50 10.60
C LEU B 46 -9.69 9.76 11.12
N GLU B 47 -9.19 9.70 12.35
CA GLU B 47 -8.50 10.85 12.94
C GLU B 47 -7.01 10.75 12.66
N ALA B 48 -6.46 11.76 12.01
CA ALA B 48 -5.05 11.77 11.67
C ALA B 48 -4.40 13.11 11.95
N MET B 49 -3.07 13.11 11.95
CA MET B 49 -2.29 14.31 12.18
C MET B 49 -1.30 14.53 11.05
N CYS B 50 -1.51 15.58 10.25
CA CYS B 50 -0.63 15.88 9.15
C CYS B 50 0.80 16.10 9.64
N PHE B 51 1.76 15.52 8.94
CA PHE B 51 3.17 15.64 9.32
C PHE B 51 3.56 17.09 9.57
N ASP B 52 2.83 18.02 8.95
CA ASP B 52 3.11 19.43 9.11
C ASP B 52 2.65 19.94 10.48
N GLY B 53 1.96 19.08 11.23
CA GLY B 53 1.49 19.47 12.55
C GLY B 53 0.06 19.99 12.52
N VAL B 54 -0.81 19.28 11.79
CA VAL B 54 -2.21 19.68 11.68
C VAL B 54 -3.14 18.52 12.03
N LYS B 55 -4.11 18.79 12.91
CA LYS B 55 -5.06 17.78 13.32
C LYS B 55 -6.34 17.88 12.49
N ARG B 56 -6.60 16.85 11.68
CA ARG B 56 -7.79 16.82 10.84
C ARG B 56 -8.34 15.41 10.71
N LEU B 57 -9.57 15.31 10.22
CA LEU B 57 -10.22 14.01 10.04
C LEU B 57 -10.20 13.60 8.58
N CYS B 58 -9.39 12.59 8.26
CA CYS B 58 -9.29 12.09 6.91
C CYS B 58 -10.39 11.08 6.60
N HIS B 59 -11.21 11.40 5.60
CA HIS B 59 -12.31 10.51 5.22
C HIS B 59 -11.81 9.42 4.27
N ILE B 60 -12.25 8.19 4.50
CA ILE B 60 -11.86 7.07 3.66
C ILE B 60 -12.46 7.20 2.26
N ARG B 61 -11.67 6.85 1.24
CA ARG B 61 -12.14 6.94 -0.14
C ARG B 61 -13.14 5.82 -0.44
N GLY B 62 -14.12 6.14 -1.28
CA GLY B 62 -15.12 5.15 -1.65
C GLY B 62 -14.56 4.07 -2.56
N LYS B 63 -13.84 4.49 -3.59
CA LYS B 63 -13.25 3.54 -4.54
C LYS B 63 -12.19 2.69 -3.85
N LEU B 64 -11.56 3.25 -2.82
CA LEU B 64 -10.53 2.55 -2.07
C LEU B 64 -11.15 1.68 -0.98
N ARG B 65 -12.31 2.10 -0.47
CA ARG B 65 -13.01 1.36 0.58
C ARG B 65 -13.11 -0.13 0.23
N LYS B 66 -13.12 -0.44 -1.06
CA LYS B 66 -13.22 -1.81 -1.52
C LYS B 66 -12.08 -2.66 -0.99
N LYS B 67 -10.87 -2.11 -1.00
CA LYS B 67 -9.69 -2.83 -0.52
C LYS B 67 -8.67 -1.88 0.10
N VAL B 68 -9.15 -0.97 0.95
CA VAL B 68 -8.27 -0.02 1.61
C VAL B 68 -8.41 -0.10 3.12
N TRP B 69 -7.33 -0.45 3.79
CA TRP B 69 -7.34 -0.56 5.25
C TRP B 69 -6.51 0.54 5.89
N ILE B 70 -7.18 1.48 6.55
CA ILE B 70 -6.49 2.57 7.22
C ILE B 70 -6.01 2.14 8.60
N ASN B 71 -4.79 2.50 8.93
CA ASN B 71 -4.22 2.14 10.22
C ASN B 71 -4.12 3.35 11.14
N THR B 72 -4.02 3.08 12.44
CA THR B 72 -3.92 4.14 13.44
C THR B 72 -2.50 4.68 13.54
N SER B 73 -1.60 4.03 12.82
CA SER B 73 -0.19 4.44 12.82
C SER B 73 0.44 4.15 11.45
N ASP B 74 -0.17 4.69 10.40
CA ASP B 74 0.34 4.51 9.05
C ASP B 74 0.27 5.79 8.24
N ILE B 75 1.03 5.83 7.15
CA ILE B 75 1.06 7.00 6.27
C ILE B 75 -0.06 6.91 5.24
N ILE B 76 -0.61 8.06 4.86
CA ILE B 76 -1.68 8.10 3.87
C ILE B 76 -1.66 9.40 3.09
N LEU B 77 -2.49 9.46 2.05
CA LEU B 77 -2.60 10.65 1.23
C LEU B 77 -4.07 11.03 1.09
N VAL B 78 -4.40 12.25 1.49
CA VAL B 78 -5.78 12.74 1.42
C VAL B 78 -5.89 14.00 0.58
N GLY B 79 -7.05 14.20 -0.03
CA GLY B 79 -7.26 15.38 -0.86
C GLY B 79 -7.83 16.54 -0.07
N LEU B 80 -7.40 17.75 -0.43
CA LEU B 80 -7.86 18.96 0.24
C LEU B 80 -8.69 19.83 -0.71
N ARG B 81 -9.29 19.20 -1.70
CA ARG B 81 -10.11 19.92 -2.67
C ARG B 81 -11.40 19.16 -2.98
N ASP B 82 -11.78 18.26 -2.08
CA ASP B 82 -13.00 17.47 -2.26
C ASP B 82 -14.17 18.14 -1.55
N TYR B 83 -13.97 18.52 -0.29
CA TYR B 83 -15.01 19.17 0.49
C TYR B 83 -14.73 20.66 0.65
N GLN B 84 -13.52 21.08 0.28
CA GLN B 84 -13.15 22.49 0.38
C GLN B 84 -13.09 22.92 1.84
N ASP B 85 -12.78 21.98 2.72
CA ASP B 85 -12.71 22.28 4.16
C ASP B 85 -11.48 21.65 4.78
N ASN B 86 -11.31 21.88 6.08
CA ASN B 86 -10.17 21.34 6.81
C ASN B 86 -10.13 19.81 6.72
N LYS B 87 -11.26 19.22 6.35
CA LYS B 87 -11.35 17.77 6.21
C LYS B 87 -10.86 17.30 4.84
N ALA B 88 -10.01 16.28 4.84
CA ALA B 88 -9.48 15.74 3.59
C ALA B 88 -9.94 14.30 3.40
N ASP B 89 -9.93 13.83 2.15
CA ASP B 89 -10.35 12.47 1.85
C ASP B 89 -9.19 11.64 1.31
N VAL B 90 -8.86 10.56 2.02
CA VAL B 90 -7.78 9.67 1.60
C VAL B 90 -7.93 9.29 0.13
N ILE B 91 -7.01 9.78 -0.71
CA ILE B 91 -7.03 9.47 -2.13
C ILE B 91 -6.48 8.08 -2.35
N LEU B 92 -5.47 7.74 -1.56
CA LEU B 92 -4.82 6.43 -1.63
C LEU B 92 -4.21 6.10 -0.27
N LYS B 93 -3.82 4.84 -0.09
CA LYS B 93 -3.24 4.42 1.18
C LYS B 93 -1.74 4.12 1.06
N TYR B 94 -0.94 4.83 1.86
CA TYR B 94 0.50 4.62 1.88
C TYR B 94 0.81 3.51 2.88
N ASN B 95 1.17 2.34 2.37
CA ASN B 95 1.44 1.17 3.20
C ASN B 95 2.77 1.25 3.96
N ALA B 96 3.04 0.23 4.76
CA ALA B 96 4.27 0.16 5.54
C ALA B 96 5.45 -0.23 4.67
N ASP B 97 5.25 -1.19 3.78
CA ASP B 97 6.32 -1.61 2.87
C ASP B 97 6.72 -0.42 2.02
N GLU B 98 5.72 0.34 1.60
CA GLU B 98 5.96 1.53 0.81
C GLU B 98 6.62 2.58 1.68
N ALA B 99 6.36 2.50 2.98
CA ALA B 99 6.89 3.45 3.96
C ALA B 99 8.37 3.75 3.71
N ARG B 100 9.20 2.72 3.58
CA ARG B 100 10.62 2.94 3.33
C ARG B 100 10.79 3.78 2.07
N SER B 101 9.80 3.68 1.18
CA SER B 101 9.78 4.44 -0.06
C SER B 101 9.37 5.89 0.23
N LEU B 102 8.69 6.10 1.36
CA LEU B 102 8.24 7.44 1.72
C LEU B 102 9.36 8.45 1.63
N LYS B 103 10.58 8.03 1.94
CA LYS B 103 11.71 8.94 1.79
C LYS B 103 11.68 9.43 0.33
N ALA B 104 11.25 8.50 -0.54
CA ALA B 104 11.09 8.75 -1.97
C ALA B 104 9.77 9.48 -2.25
N TYR B 105 8.82 9.39 -1.31
CA TYR B 105 7.50 10.02 -1.46
C TYR B 105 7.64 11.55 -1.44
N GLY B 106 8.84 12.04 -1.17
CA GLY B 106 9.04 13.47 -1.11
C GLY B 106 8.20 14.11 -0.01
N GLU B 107 7.85 13.31 1.00
CA GLU B 107 7.04 13.79 2.11
C GLU B 107 7.83 13.78 3.41
N LEU B 108 8.23 12.59 3.85
CA LEU B 108 8.98 12.44 5.08
C LEU B 108 10.49 12.49 4.81
N PRO B 109 11.27 13.08 5.75
CA PRO B 109 12.72 13.19 5.61
C PRO B 109 13.43 11.85 5.77
N GLU B 110 14.74 11.87 5.65
CA GLU B 110 15.55 10.66 5.78
C GLU B 110 15.58 10.17 7.23
N HIS B 111 15.57 11.12 8.17
CA HIS B 111 15.60 10.78 9.58
C HIS B 111 14.26 10.21 10.04
N ALA B 112 13.21 10.44 9.25
CA ALA B 112 11.88 9.93 9.59
C ALA B 112 11.89 8.42 9.77
N LYS B 113 11.27 7.95 10.84
CA LYS B 113 11.20 6.52 11.14
C LYS B 113 9.78 6.01 11.05
N ILE B 114 9.60 4.86 10.38
CA ILE B 114 8.28 4.26 10.22
C ILE B 114 8.07 3.14 11.24
N ASN B 115 6.85 3.05 11.75
CA ASN B 115 6.51 2.01 12.73
C ASN B 115 6.53 0.64 12.09
N GLU B 116 6.70 -0.39 12.92
CA GLU B 116 6.74 -1.76 12.44
C GLU B 116 5.42 -2.13 11.75
N THR B 117 5.46 -3.20 10.96
CA THR B 117 4.26 -3.66 10.25
C THR B 117 3.14 -4.00 11.21
N ASP B 118 1.91 -3.66 10.84
CA ASP B 118 0.73 -3.91 11.66
C ASP B 118 0.82 -5.26 12.37
N THR B 119 0.46 -5.27 13.65
CA THR B 119 0.49 -6.50 14.44
C THR B 119 -0.89 -7.16 14.47
N PHE B 120 -1.04 -8.15 15.35
CA PHE B 120 -2.31 -8.86 15.46
C PHE B 120 -2.68 -9.55 14.16
N GLY B 121 -2.13 -10.75 13.94
CA GLY B 121 -2.42 -11.49 12.73
C GLY B 121 -1.48 -12.67 12.54
N PRO B 122 -1.90 -13.70 11.79
CA PRO B 122 -1.08 -14.88 11.53
C PRO B 122 0.27 -14.53 10.92
N GLY B 123 0.96 -15.55 10.41
CA GLY B 123 2.25 -15.32 9.78
C GLY B 123 2.26 -15.69 8.32
N ASP B 124 2.28 -14.67 7.46
CA ASP B 124 2.29 -14.90 6.01
C ASP B 124 1.01 -15.58 5.55
N ASP B 125 0.93 -16.89 5.76
CA ASP B 125 -0.25 -17.66 5.36
C ASP B 125 -0.19 -19.07 5.91
N ASP B 126 0.98 -19.70 5.82
CA ASP B 126 1.17 -21.05 6.30
C ASP B 126 0.26 -22.04 5.57
N GLU B 127 0.58 -22.29 4.31
CA GLU B 127 -0.21 -23.21 3.49
C GLU B 127 0.71 -24.07 2.62
N ILE B 128 1.24 -25.13 3.21
CA ILE B 128 2.13 -26.05 2.50
C ILE B 128 1.44 -27.38 2.21
N GLN B 129 1.48 -27.79 0.95
CA GLN B 129 0.85 -29.05 0.54
C GLN B 129 1.47 -30.23 1.29
N PHE B 130 0.88 -31.40 1.11
CA PHE B 130 1.37 -32.61 1.78
C PHE B 130 0.77 -33.87 1.14
N ASP B 131 0.98 -35.00 1.79
CA ASP B 131 0.46 -36.27 1.29
C ASP B 131 0.76 -37.41 2.27
N ASP B 132 1.97 -37.42 2.81
CA ASP B 132 2.38 -38.45 3.76
C ASP B 132 2.52 -37.87 5.16
N ILE B 133 2.60 -38.74 6.16
CA ILE B 133 2.75 -38.31 7.54
C ILE B 133 3.03 -39.50 8.46
N GLY B 134 4.07 -40.26 8.12
CA GLY B 134 4.43 -41.41 8.92
C GLY B 134 5.59 -41.13 9.87
N ASP B 135 5.94 -42.12 10.68
CA ASP B 135 7.03 -41.98 11.64
C ASP B 135 8.01 -43.14 11.52
N ASP B 136 8.14 -43.68 10.31
CA ASP B 136 9.04 -44.80 10.07
C ASP B 136 10.37 -44.32 9.51
N ASP B 137 10.82 -43.16 9.97
CA ASP B 137 12.08 -42.59 9.50
C ASP B 137 12.04 -42.32 8.00
N GLU B 138 11.05 -41.52 7.58
CA GLU B 138 10.90 -41.19 6.17
C GLU B 138 12.07 -40.35 5.67
N ASP B 139 12.32 -39.24 6.35
CA ASP B 139 13.43 -38.35 5.98
C ASP B 139 13.20 -37.75 4.59
N ILE B 140 13.54 -36.49 4.45
CA ILE B 140 13.38 -35.80 3.17
C ILE B 140 14.70 -35.22 2.68
N ASP B 141 14.93 -35.30 1.37
CA ASP B 141 16.16 -34.78 0.78
C ASP B 141 16.01 -33.31 0.40
N ASP B 142 14.76 -32.87 0.20
CA ASP B 142 14.49 -31.49 -0.17
C ASP B 142 15.07 -31.15 -1.53
N ILE B 143 14.63 -30.04 -2.12
CA ILE B 143 15.11 -29.62 -3.42
C ILE B 143 16.52 -29.05 -3.32
N MET A 1 -51.36 -10.92 -29.91
CA MET A 1 -52.32 -11.80 -29.19
C MET A 1 -51.95 -13.27 -29.36
N ARG A 2 -52.03 -13.77 -30.59
CA ARG A 2 -51.70 -15.15 -30.88
C ARG A 2 -50.26 -15.47 -30.49
N GLY A 3 -49.38 -14.48 -30.66
CA GLY A 3 -47.98 -14.67 -30.32
C GLY A 3 -47.05 -14.03 -31.33
N SER A 4 -46.79 -14.74 -32.43
CA SER A 4 -45.91 -14.23 -33.47
C SER A 4 -46.34 -14.74 -34.85
N HIS A 5 -46.06 -16.02 -35.12
CA HIS A 5 -46.42 -16.63 -36.38
C HIS A 5 -46.50 -18.14 -36.27
N HIS A 6 -47.07 -18.61 -35.15
CA HIS A 6 -47.20 -20.04 -34.90
C HIS A 6 -45.85 -20.69 -34.66
N HIS A 7 -45.02 -20.73 -35.70
CA HIS A 7 -43.69 -21.33 -35.60
C HIS A 7 -42.61 -20.25 -35.57
N HIS A 8 -41.62 -20.45 -34.71
CA HIS A 8 -40.52 -19.51 -34.58
C HIS A 8 -39.22 -20.10 -35.12
N HIS A 9 -39.03 -21.40 -34.89
CA HIS A 9 -37.84 -22.10 -35.36
C HIS A 9 -36.59 -21.50 -34.73
N HIS A 10 -36.27 -21.93 -33.52
CA HIS A 10 -35.09 -21.45 -32.81
C HIS A 10 -35.09 -19.91 -32.73
N THR A 11 -33.96 -19.35 -32.32
CA THR A 11 -33.82 -17.91 -32.20
C THR A 11 -32.38 -17.53 -31.86
N ASP A 12 -32.02 -17.64 -30.58
CA ASP A 12 -30.68 -17.32 -30.12
C ASP A 12 -30.31 -15.88 -30.51
N PRO A 13 -30.85 -14.89 -29.79
CA PRO A 13 -30.57 -13.47 -30.05
C PRO A 13 -29.08 -13.15 -29.97
N MET A 14 -28.41 -13.74 -28.98
CA MET A 14 -26.98 -13.52 -28.79
C MET A 14 -26.18 -14.76 -29.17
N PRO B 1 -25.55 -14.76 -30.36
CA PRO B 1 -24.74 -15.90 -30.83
C PRO B 1 -23.73 -16.36 -29.79
N LYS B 2 -22.98 -17.40 -30.13
CA LYS B 2 -21.97 -17.94 -29.22
C LYS B 2 -20.76 -18.45 -30.00
N ASN B 3 -20.21 -17.60 -30.87
CA ASN B 3 -19.05 -17.96 -31.67
C ASN B 3 -17.86 -18.29 -30.77
N LYS B 4 -17.24 -17.26 -30.21
CA LYS B 4 -16.09 -17.45 -29.34
C LYS B 4 -15.78 -16.17 -28.56
N GLY B 5 -15.64 -15.07 -29.28
CA GLY B 5 -15.35 -13.80 -28.64
C GLY B 5 -16.58 -13.16 -28.04
N LYS B 6 -16.59 -11.83 -27.96
CA LYS B 6 -17.71 -11.10 -27.39
C LYS B 6 -17.86 -11.38 -25.89
N GLY B 7 -18.32 -12.58 -25.57
CA GLY B 7 -18.50 -12.96 -24.18
C GLY B 7 -17.21 -12.92 -23.39
N GLY B 8 -16.87 -11.75 -22.86
CA GLY B 8 -15.65 -11.60 -22.10
C GLY B 8 -15.86 -10.81 -20.82
N LYS B 9 -16.63 -11.38 -19.90
CA LYS B 9 -16.91 -10.72 -18.62
C LYS B 9 -16.34 -11.53 -17.46
N ASN B 10 -16.90 -12.72 -17.24
CA ASN B 10 -16.45 -13.59 -16.16
C ASN B 10 -15.12 -14.26 -16.52
N ARG B 11 -14.06 -13.86 -15.83
CA ARG B 11 -12.74 -14.43 -16.08
C ARG B 11 -12.73 -15.93 -15.78
N ARG B 12 -12.41 -16.72 -16.80
CA ARG B 12 -12.35 -18.17 -16.66
C ARG B 12 -10.93 -18.70 -16.85
N ARG B 13 -9.96 -17.90 -16.42
CA ARG B 13 -8.56 -18.28 -16.54
C ARG B 13 -7.91 -18.43 -15.16
N GLY B 14 -8.32 -17.57 -14.23
CA GLY B 14 -7.76 -17.63 -12.89
C GLY B 14 -6.31 -17.20 -12.83
N LYS B 15 -5.42 -18.16 -12.52
CA LYS B 15 -4.00 -17.87 -12.44
C LYS B 15 -3.18 -19.10 -12.82
N ASN B 16 -2.48 -19.02 -13.95
CA ASN B 16 -1.66 -20.12 -14.44
C ASN B 16 -0.87 -20.79 -13.30
N GLU B 17 0.06 -20.05 -12.71
CA GLU B 17 0.87 -20.57 -11.62
C GLU B 17 1.82 -19.50 -11.08
N ASN B 18 2.62 -19.88 -10.10
CA ASN B 18 3.58 -18.95 -9.49
C ASN B 18 2.86 -17.75 -8.88
N GLU B 19 3.63 -16.83 -8.31
CA GLU B 19 3.06 -15.64 -7.69
C GLU B 19 3.08 -14.45 -8.67
N SER B 20 2.49 -13.34 -8.25
CA SER B 20 2.45 -12.15 -9.09
C SER B 20 3.67 -11.27 -8.86
N GLU B 21 3.80 -10.74 -7.65
CA GLU B 21 4.92 -9.89 -7.30
C GLU B 21 4.98 -8.66 -8.21
N LYS B 22 4.12 -7.69 -7.95
CA LYS B 22 4.07 -6.47 -8.74
C LYS B 22 3.26 -5.39 -8.03
N ARG B 23 3.94 -4.51 -7.31
CA ARG B 23 3.28 -3.42 -6.59
C ARG B 23 3.61 -2.07 -7.21
N GLU B 24 2.66 -1.16 -7.17
CA GLU B 24 2.85 0.17 -7.72
C GLU B 24 2.94 1.22 -6.61
N LEU B 25 4.17 1.66 -6.32
CA LEU B 25 4.39 2.66 -5.29
C LEU B 25 3.84 4.01 -5.71
N VAL B 26 2.65 4.34 -5.22
CA VAL B 26 2.01 5.61 -5.55
C VAL B 26 2.42 6.71 -4.59
N PHE B 27 2.65 7.89 -5.14
CA PHE B 27 3.06 9.05 -4.33
C PHE B 27 1.95 10.09 -4.28
N LYS B 28 2.12 11.09 -3.42
CA LYS B 28 1.13 12.16 -3.27
C LYS B 28 0.81 12.78 -4.64
N GLU B 29 -0.43 13.25 -4.79
CA GLU B 29 -0.87 13.87 -6.03
C GLU B 29 -1.24 15.33 -5.83
N ASP B 30 -1.26 16.08 -6.94
CA ASP B 30 -1.60 17.49 -6.89
C ASP B 30 -2.99 17.70 -6.31
N GLY B 31 -3.10 18.59 -5.34
CA GLY B 31 -4.37 18.86 -4.71
C GLY B 31 -4.61 17.99 -3.49
N GLN B 32 -3.83 16.93 -3.35
CA GLN B 32 -3.96 16.02 -2.22
C GLN B 32 -2.69 16.02 -1.37
N GLU B 33 -2.85 15.97 -0.05
CA GLU B 33 -1.69 15.97 0.84
C GLU B 33 -1.59 14.67 1.62
N TYR B 34 -0.38 14.32 2.05
CA TYR B 34 -0.14 13.11 2.81
C TYR B 34 -0.41 13.36 4.30
N ALA B 35 -0.68 12.30 5.05
CA ALA B 35 -0.98 12.44 6.46
C ALA B 35 -0.56 11.21 7.26
N GLN B 36 -0.68 11.32 8.58
CA GLN B 36 -0.33 10.24 9.49
C GLN B 36 -1.48 9.97 10.45
N VAL B 37 -2.16 8.85 10.27
CA VAL B 37 -3.29 8.49 11.12
C VAL B 37 -2.90 8.43 12.59
N ILE B 38 -3.75 9.01 13.44
CA ILE B 38 -3.50 9.03 14.89
C ILE B 38 -4.58 8.24 15.62
N LYS B 39 -5.82 8.40 15.17
CA LYS B 39 -6.95 7.71 15.79
C LYS B 39 -7.96 7.26 14.72
N MET B 40 -8.78 6.28 15.08
CA MET B 40 -9.78 5.76 14.15
C MET B 40 -11.19 6.03 14.68
N LEU B 41 -12.09 6.42 13.78
CA LEU B 41 -13.47 6.70 14.16
C LEU B 41 -14.42 5.64 13.61
N GLY B 42 -14.28 5.35 12.31
CA GLY B 42 -15.13 4.37 11.68
C GLY B 42 -16.27 4.99 10.91
N ASN B 43 -17.11 4.15 10.30
CA ASN B 43 -18.24 4.62 9.53
C ASN B 43 -17.78 5.34 8.25
N GLY B 44 -16.54 5.08 7.85
CA GLY B 44 -16.01 5.71 6.65
C GLY B 44 -15.21 6.95 6.94
N ARG B 45 -14.60 7.00 8.12
CA ARG B 45 -13.79 8.16 8.52
C ARG B 45 -12.74 7.76 9.55
N LEU B 46 -11.67 8.53 9.62
CA LEU B 46 -10.59 8.25 10.56
C LEU B 46 -9.93 9.54 11.05
N GLU B 47 -9.38 9.50 12.26
CA GLU B 47 -8.70 10.66 12.81
C GLU B 47 -7.22 10.60 12.47
N ALA B 48 -6.72 11.62 11.78
CA ALA B 48 -5.33 11.65 11.37
C ALA B 48 -4.61 12.90 11.87
N MET B 49 -3.28 12.85 11.80
CA MET B 49 -2.44 13.97 12.22
C MET B 49 -1.49 14.35 11.10
N CYS B 50 -1.84 15.41 10.37
CA CYS B 50 -1.01 15.87 9.26
C CYS B 50 0.41 16.16 9.73
N PHE B 51 1.39 15.65 8.99
CA PHE B 51 2.79 15.85 9.33
C PHE B 51 3.10 17.31 9.60
N ASP B 52 2.33 18.21 8.98
CA ASP B 52 2.54 19.64 9.15
C ASP B 52 2.05 20.11 10.52
N GLY B 53 1.38 19.23 11.27
CA GLY B 53 0.88 19.59 12.57
C GLY B 53 -0.57 20.00 12.54
N VAL B 54 -1.38 19.28 11.76
CA VAL B 54 -2.80 19.58 11.65
C VAL B 54 -3.65 18.35 11.92
N LYS B 55 -4.54 18.46 12.90
CA LYS B 55 -5.42 17.35 13.25
C LYS B 55 -6.75 17.46 12.51
N ARG B 56 -7.05 16.48 11.68
CA ARG B 56 -8.29 16.46 10.91
C ARG B 56 -8.81 15.05 10.73
N LEU B 57 -10.07 14.93 10.34
CA LEU B 57 -10.69 13.63 10.13
C LEU B 57 -10.67 13.26 8.65
N CYS B 58 -9.80 12.32 8.30
CA CYS B 58 -9.68 11.88 6.91
C CYS B 58 -10.72 10.82 6.58
N HIS B 59 -11.59 11.12 5.63
CA HIS B 59 -12.63 10.19 5.22
C HIS B 59 -12.07 9.14 4.27
N ILE B 60 -12.48 7.88 4.47
CA ILE B 60 -12.01 6.79 3.62
C ILE B 60 -12.58 6.92 2.22
N ARG B 61 -11.74 6.65 1.22
CA ARG B 61 -12.17 6.74 -0.17
C ARG B 61 -13.21 5.69 -0.51
N GLY B 62 -14.17 6.06 -1.35
CA GLY B 62 -15.22 5.13 -1.74
C GLY B 62 -14.72 4.05 -2.68
N LYS B 63 -13.82 4.43 -3.59
CA LYS B 63 -13.27 3.48 -4.55
C LYS B 63 -12.23 2.59 -3.88
N LEU B 64 -11.56 3.13 -2.86
CA LEU B 64 -10.55 2.39 -2.13
C LEU B 64 -11.19 1.50 -1.06
N ARG B 65 -12.35 1.91 -0.56
CA ARG B 65 -13.07 1.15 0.46
C ARG B 65 -13.19 -0.32 0.06
N LYS B 66 -13.21 -0.58 -1.25
CA LYS B 66 -13.34 -1.93 -1.76
C LYS B 66 -12.23 -2.83 -1.22
N LYS B 67 -11.04 -2.27 -1.05
CA LYS B 67 -9.90 -3.04 -0.55
C LYS B 67 -8.83 -2.13 0.03
N VAL B 68 -9.25 -1.20 0.88
CA VAL B 68 -8.32 -0.26 1.51
C VAL B 68 -8.37 -0.38 3.02
N TRP B 69 -7.23 -0.71 3.63
CA TRP B 69 -7.16 -0.86 5.08
C TRP B 69 -6.32 0.25 5.69
N ILE B 70 -6.98 1.15 6.41
CA ILE B 70 -6.29 2.26 7.07
C ILE B 70 -5.80 1.84 8.45
N ASN B 71 -4.67 2.40 8.86
CA ASN B 71 -4.10 2.07 10.16
C ASN B 71 -4.02 3.31 11.04
N THR B 72 -3.99 3.09 12.36
CA THR B 72 -3.90 4.20 13.31
C THR B 72 -2.47 4.70 13.44
N SER B 73 -1.55 4.00 12.81
CA SER B 73 -0.14 4.37 12.84
C SER B 73 0.51 4.04 11.50
N ASP B 74 0.19 4.81 10.48
CA ASP B 74 0.73 4.60 9.15
C ASP B 74 0.61 5.85 8.29
N ILE B 75 1.34 5.88 7.19
CA ILE B 75 1.31 7.01 6.26
C ILE B 75 0.18 6.84 5.26
N ILE B 76 -0.43 7.96 4.87
CA ILE B 76 -1.52 7.92 3.90
C ILE B 76 -1.58 9.20 3.10
N LEU B 77 -2.43 9.21 2.07
CA LEU B 77 -2.61 10.39 1.25
C LEU B 77 -4.09 10.73 1.15
N VAL B 78 -4.43 11.97 1.45
CA VAL B 78 -5.81 12.44 1.40
C VAL B 78 -5.94 13.63 0.44
N GLY B 79 -7.11 13.75 -0.18
CA GLY B 79 -7.34 14.84 -1.10
C GLY B 79 -7.96 16.07 -0.44
N LEU B 80 -7.43 17.25 -0.77
CA LEU B 80 -7.92 18.49 -0.21
C LEU B 80 -8.39 19.44 -1.32
N ARG B 81 -9.64 19.87 -1.24
CA ARG B 81 -10.19 20.79 -2.24
C ARG B 81 -11.64 21.14 -1.93
N ASP B 82 -12.56 20.25 -2.28
CA ASP B 82 -13.98 20.48 -2.03
C ASP B 82 -14.26 20.61 -0.54
N TYR B 83 -13.38 20.05 0.28
CA TYR B 83 -13.53 20.10 1.73
C TYR B 83 -13.23 21.50 2.27
N GLN B 84 -12.71 22.38 1.40
CA GLN B 84 -12.37 23.74 1.80
C GLN B 84 -11.21 23.74 2.81
N ASP B 85 -10.33 22.75 2.68
CA ASP B 85 -9.18 22.63 3.57
C ASP B 85 -9.60 22.07 4.93
N ASN B 86 -8.68 22.11 5.89
CA ASN B 86 -8.95 21.61 7.23
C ASN B 86 -9.05 20.08 7.24
N LYS B 87 -10.02 19.56 6.50
CA LYS B 87 -10.23 18.11 6.42
C LYS B 87 -9.83 17.60 5.04
N ALA B 88 -9.74 16.27 4.92
CA ALA B 88 -9.38 15.65 3.65
C ALA B 88 -9.97 14.26 3.54
N ASP B 89 -9.75 13.60 2.40
CA ASP B 89 -10.26 12.26 2.17
C ASP B 89 -9.17 11.35 1.63
N VAL B 90 -8.86 10.29 2.38
CA VAL B 90 -7.83 9.34 1.97
C VAL B 90 -8.04 8.89 0.52
N ILE B 91 -7.13 9.30 -0.35
CA ILE B 91 -7.21 8.93 -1.76
C ILE B 91 -6.61 7.54 -1.96
N LEU B 92 -5.43 7.34 -1.37
CA LEU B 92 -4.75 6.06 -1.46
C LEU B 92 -4.07 5.75 -0.11
N LYS B 93 -3.59 4.54 0.05
CA LYS B 93 -2.94 4.14 1.30
C LYS B 93 -1.45 3.93 1.12
N TYR B 94 -0.66 4.67 1.90
CA TYR B 94 0.79 4.56 1.86
C TYR B 94 1.22 3.42 2.80
N ASN B 95 1.65 2.30 2.20
CA ASN B 95 2.03 1.09 2.95
C ASN B 95 3.25 1.30 3.84
N ALA B 96 3.48 0.31 4.72
CA ALA B 96 4.61 0.33 5.65
C ALA B 96 5.91 -0.05 4.95
N ASP B 97 5.91 -1.17 4.24
CA ASP B 97 7.08 -1.63 3.51
C ASP B 97 7.45 -0.59 2.46
N GLU B 98 6.40 -0.03 1.86
CA GLU B 98 6.56 1.01 0.87
C GLU B 98 6.91 2.33 1.58
N ALA B 99 6.50 2.43 2.85
CA ALA B 99 6.79 3.61 3.66
C ALA B 99 8.23 4.06 3.53
N ARG B 100 9.18 3.12 3.52
CA ARG B 100 10.59 3.50 3.38
C ARG B 100 10.77 4.38 2.15
N SER B 101 10.01 4.05 1.11
CA SER B 101 10.01 4.82 -0.13
C SER B 101 9.56 6.25 0.14
N LEU B 102 8.86 6.45 1.25
CA LEU B 102 8.34 7.76 1.62
C LEU B 102 9.43 8.82 1.55
N LYS B 103 10.66 8.44 1.86
CA LYS B 103 11.77 9.38 1.72
C LYS B 103 11.74 9.86 0.27
N ALA B 104 11.34 8.93 -0.60
CA ALA B 104 11.17 9.17 -2.03
C ALA B 104 9.82 9.86 -2.31
N TYR B 105 8.88 9.72 -1.37
CA TYR B 105 7.55 10.34 -1.51
C TYR B 105 7.67 11.85 -1.44
N GLY B 106 8.84 12.34 -1.06
CA GLY B 106 9.05 13.77 -0.95
C GLY B 106 8.14 14.38 0.10
N GLU B 107 7.71 13.56 1.05
CA GLU B 107 6.83 14.00 2.12
C GLU B 107 7.55 14.01 3.46
N LEU B 108 8.15 12.88 3.82
CA LEU B 108 8.87 12.76 5.08
C LEU B 108 10.38 12.95 4.86
N PRO B 109 11.07 13.53 5.85
CA PRO B 109 12.52 13.76 5.78
C PRO B 109 13.32 12.47 5.86
N GLU B 110 14.63 12.58 5.68
CA GLU B 110 15.51 11.42 5.74
C GLU B 110 15.61 10.89 7.17
N HIS B 111 15.42 11.77 8.14
CA HIS B 111 15.50 11.39 9.55
C HIS B 111 14.19 10.76 10.03
N ALA B 112 13.15 10.85 9.20
CA ALA B 112 11.85 10.28 9.55
C ALA B 112 11.97 8.80 9.92
N LYS B 113 10.93 8.28 10.55
CA LYS B 113 10.91 6.87 10.96
C LYS B 113 9.63 6.19 10.50
N ILE B 114 9.74 4.91 10.14
CA ILE B 114 8.59 4.14 9.68
C ILE B 114 7.82 3.58 10.86
N ASN B 115 6.50 3.61 10.76
CA ASN B 115 5.63 3.08 11.82
C ASN B 115 5.42 1.59 11.65
N GLU B 116 6.17 0.79 12.40
CA GLU B 116 6.06 -0.66 12.34
C GLU B 116 6.30 -1.16 10.91
N THR B 117 7.56 -1.37 10.57
CA THR B 117 7.92 -1.85 9.24
C THR B 117 7.37 -3.25 9.01
N ASP B 118 7.43 -4.09 10.04
CA ASP B 118 6.94 -5.45 9.94
C ASP B 118 7.69 -6.24 8.87
N THR B 119 7.38 -7.52 8.73
CA THR B 119 8.03 -8.37 7.75
C THR B 119 7.12 -9.51 7.32
N PHE B 120 7.36 -10.06 6.13
CA PHE B 120 6.56 -11.16 5.61
C PHE B 120 7.40 -12.43 5.50
N GLY B 121 8.14 -12.74 6.57
CA GLY B 121 8.97 -13.93 6.57
C GLY B 121 8.16 -15.20 6.74
N PRO B 122 8.18 -16.11 5.76
CA PRO B 122 7.44 -17.37 5.82
C PRO B 122 7.74 -18.15 7.11
N GLY B 123 8.97 -18.04 7.58
CA GLY B 123 9.36 -18.73 8.80
C GLY B 123 10.87 -18.72 9.02
N ASP B 124 11.37 -17.60 9.52
CA ASP B 124 12.81 -17.46 9.78
C ASP B 124 13.61 -17.57 8.48
N ASP B 125 14.12 -16.43 8.01
CA ASP B 125 14.90 -16.42 6.78
C ASP B 125 16.18 -17.23 6.93
N ASP B 126 16.72 -17.27 8.14
CA ASP B 126 17.94 -18.02 8.42
C ASP B 126 17.62 -19.48 8.71
N GLU B 127 18.58 -20.19 9.29
CA GLU B 127 18.41 -21.60 9.62
C GLU B 127 18.39 -22.45 8.36
N ILE B 128 17.94 -23.69 8.49
CA ILE B 128 17.87 -24.62 7.36
C ILE B 128 17.08 -24.01 6.20
N GLN B 129 17.43 -24.41 4.98
CA GLN B 129 16.77 -23.91 3.78
C GLN B 129 15.85 -24.97 3.18
N PHE B 130 14.70 -24.54 2.69
CA PHE B 130 13.73 -25.45 2.08
C PHE B 130 13.22 -26.46 3.11
N ASP B 131 11.94 -26.81 3.01
CA ASP B 131 11.33 -27.77 3.91
C ASP B 131 11.41 -27.27 5.35
N ASP B 132 10.26 -26.93 5.91
CA ASP B 132 10.18 -26.44 7.28
C ASP B 132 9.86 -27.57 8.25
N ILE B 133 10.49 -28.71 8.05
CA ILE B 133 10.26 -29.87 8.90
C ILE B 133 11.61 -30.49 9.32
N GLY B 134 11.63 -31.80 9.51
CA GLY B 134 12.85 -32.47 9.92
C GLY B 134 12.62 -33.88 10.39
N ASP B 135 13.29 -34.84 9.74
CA ASP B 135 13.14 -36.25 10.10
C ASP B 135 11.70 -36.71 9.89
N ASP B 136 11.24 -36.68 8.65
CA ASP B 136 9.88 -37.10 8.32
C ASP B 136 9.89 -38.19 7.26
N ASP B 137 10.67 -37.98 6.21
CA ASP B 137 10.77 -38.95 5.12
C ASP B 137 11.84 -38.53 4.12
N GLU B 138 12.63 -39.50 3.67
CA GLU B 138 13.69 -39.23 2.70
C GLU B 138 14.09 -40.51 1.96
N ASP B 139 14.58 -41.50 2.70
CA ASP B 139 15.00 -42.76 2.11
C ASP B 139 13.83 -43.73 2.05
N ILE B 140 13.73 -44.46 0.94
CA ILE B 140 12.65 -45.43 0.76
C ILE B 140 12.95 -46.72 1.51
N ASP B 141 11.91 -47.28 2.15
CA ASP B 141 12.06 -48.51 2.91
C ASP B 141 13.07 -48.34 4.04
N ASP B 142 12.72 -47.51 5.01
CA ASP B 142 13.61 -47.25 6.16
C ASP B 142 13.05 -47.92 7.41
N ILE B 143 11.73 -48.01 7.50
CA ILE B 143 11.08 -48.62 8.66
C ILE B 143 11.10 -50.14 8.56
N MET A 1 7.53 -27.92 -24.96
CA MET A 1 8.89 -27.69 -24.41
C MET A 1 9.96 -28.30 -25.31
N ARG A 2 10.98 -27.51 -25.61
CA ARG A 2 12.08 -27.96 -26.46
C ARG A 2 11.58 -28.29 -27.86
N GLY A 3 10.67 -27.46 -28.38
CA GLY A 3 10.12 -27.68 -29.70
C GLY A 3 8.75 -27.06 -29.87
N SER A 4 8.22 -27.15 -31.08
CA SER A 4 6.89 -26.59 -31.37
C SER A 4 6.01 -27.63 -32.06
N HIS A 5 5.92 -28.82 -31.46
CA HIS A 5 5.11 -29.90 -32.01
C HIS A 5 3.74 -29.95 -31.35
N HIS A 6 3.18 -28.78 -31.05
CA HIS A 6 1.88 -28.70 -30.40
C HIS A 6 1.27 -27.32 -30.59
N HIS A 7 -0.03 -27.21 -30.33
CA HIS A 7 -0.74 -25.94 -30.47
C HIS A 7 -1.48 -25.59 -29.19
N HIS A 8 -1.65 -24.30 -28.95
CA HIS A 8 -2.34 -23.82 -27.76
C HIS A 8 -3.69 -23.21 -28.11
N HIS A 9 -4.76 -23.88 -27.72
CA HIS A 9 -6.11 -23.40 -27.99
C HIS A 9 -6.35 -23.30 -29.51
N HIS A 10 -7.53 -22.81 -29.88
CA HIS A 10 -7.88 -22.66 -31.28
C HIS A 10 -6.86 -21.79 -32.02
N THR A 11 -6.94 -21.77 -33.34
CA THR A 11 -6.03 -20.98 -34.15
C THR A 11 -6.78 -19.93 -34.96
N ASP A 12 -7.26 -18.90 -34.29
CA ASP A 12 -8.00 -17.83 -34.94
C ASP A 12 -8.11 -16.61 -34.03
N PRO A 13 -6.98 -15.93 -33.75
CA PRO A 13 -6.96 -14.74 -32.88
C PRO A 13 -7.92 -13.67 -33.37
N MET A 14 -8.42 -12.86 -32.43
CA MET A 14 -9.36 -11.80 -32.76
C MET A 14 -9.70 -10.97 -31.53
N PRO B 1 -8.82 -10.02 -31.16
CA PRO B 1 -9.05 -9.15 -29.99
C PRO B 1 -10.19 -8.17 -30.22
N LYS B 2 -11.34 -8.46 -29.61
CA LYS B 2 -12.51 -7.60 -29.74
C LYS B 2 -12.71 -6.75 -28.49
N ASN B 3 -13.15 -5.51 -28.70
CA ASN B 3 -13.39 -4.59 -27.60
C ASN B 3 -12.10 -4.29 -26.85
N LYS B 4 -11.93 -3.03 -26.44
CA LYS B 4 -10.75 -2.61 -25.71
C LYS B 4 -9.49 -2.79 -26.57
N GLY B 5 -8.77 -1.69 -26.81
CA GLY B 5 -7.57 -1.75 -27.60
C GLY B 5 -6.88 -0.40 -27.72
N LYS B 6 -6.44 0.13 -26.59
CA LYS B 6 -5.76 1.42 -26.56
C LYS B 6 -4.25 1.24 -26.49
N GLY B 7 -3.55 1.69 -27.52
CA GLY B 7 -2.10 1.56 -27.56
C GLY B 7 -1.44 2.34 -26.43
N GLY B 8 -0.11 2.47 -26.51
CA GLY B 8 0.62 3.19 -25.49
C GLY B 8 1.45 2.27 -24.61
N LYS B 9 1.92 1.17 -25.19
CA LYS B 9 2.73 0.21 -24.47
C LYS B 9 3.68 -0.53 -25.40
N ASN B 10 4.72 0.18 -25.86
CA ASN B 10 5.70 -0.41 -26.76
C ASN B 10 7.00 0.39 -26.76
N ARG B 11 7.94 -0.04 -25.94
CA ARG B 11 9.24 0.64 -25.84
C ARG B 11 10.18 0.19 -26.95
N ARG B 12 10.53 -1.10 -26.91
CA ARG B 12 11.43 -1.67 -27.91
C ARG B 12 11.63 -3.17 -27.67
N ARG B 13 10.74 -3.97 -28.26
CA ARG B 13 10.81 -5.42 -28.11
C ARG B 13 10.58 -5.82 -26.65
N GLY B 14 9.49 -5.34 -26.08
CA GLY B 14 9.19 -5.67 -24.69
C GLY B 14 9.04 -7.16 -24.46
N LYS B 15 8.89 -7.55 -23.21
CA LYS B 15 8.73 -8.95 -22.85
C LYS B 15 7.29 -9.26 -22.46
N ASN B 16 6.89 -8.81 -21.27
CA ASN B 16 5.54 -9.04 -20.79
C ASN B 16 5.26 -10.53 -20.64
N GLU B 17 5.86 -11.14 -19.62
CA GLU B 17 5.67 -12.56 -19.36
C GLU B 17 5.67 -12.85 -17.86
N ASN B 18 5.10 -13.99 -17.48
CA ASN B 18 5.01 -14.39 -16.08
C ASN B 18 4.61 -13.23 -15.18
N GLU B 19 3.67 -12.41 -15.67
CA GLU B 19 3.19 -11.25 -14.91
C GLU B 19 2.51 -11.69 -13.62
N SER B 20 2.90 -11.06 -12.52
CA SER B 20 2.32 -11.39 -11.21
C SER B 20 2.60 -10.27 -10.21
N GLU B 21 3.87 -9.99 -9.97
CA GLU B 21 4.27 -8.94 -9.03
C GLU B 21 3.85 -7.57 -9.56
N LYS B 22 3.01 -6.88 -8.79
CA LYS B 22 2.54 -5.56 -9.17
C LYS B 22 2.53 -4.61 -7.98
N ARG B 23 3.71 -4.39 -7.39
CA ARG B 23 3.84 -3.50 -6.24
C ARG B 23 4.11 -2.07 -6.68
N GLU B 24 3.04 -1.37 -7.07
CA GLU B 24 3.17 0.02 -7.53
C GLU B 24 3.40 0.96 -6.36
N LEU B 25 4.10 2.06 -6.62
CA LEU B 25 4.40 3.04 -5.60
C LEU B 25 3.97 4.44 -6.05
N VAL B 26 3.14 5.09 -5.24
CA VAL B 26 2.65 6.42 -5.56
C VAL B 26 2.90 7.42 -4.43
N PHE B 27 3.27 8.64 -4.79
CA PHE B 27 3.54 9.69 -3.81
C PHE B 27 2.45 10.76 -3.88
N LYS B 28 2.48 11.68 -2.92
CA LYS B 28 1.49 12.77 -2.87
C LYS B 28 1.35 13.43 -4.25
N GLU B 29 0.15 13.91 -4.55
CA GLU B 29 -0.12 14.56 -5.84
C GLU B 29 -0.76 15.92 -5.65
N ASP B 30 -0.77 16.71 -6.72
CA ASP B 30 -1.35 18.05 -6.68
C ASP B 30 -2.82 17.98 -6.26
N GLY B 31 -3.20 18.81 -5.29
CA GLY B 31 -4.57 18.81 -4.81
C GLY B 31 -4.78 17.87 -3.65
N GLN B 32 -3.83 16.96 -3.43
CA GLN B 32 -3.92 15.99 -2.35
C GLN B 32 -2.65 16.04 -1.50
N GLU B 33 -2.80 15.80 -0.20
CA GLU B 33 -1.65 15.83 0.70
C GLU B 33 -1.54 14.52 1.49
N TYR B 34 -0.32 14.20 1.91
CA TYR B 34 -0.07 12.99 2.68
C TYR B 34 -0.34 13.27 4.17
N ALA B 35 -0.60 12.22 4.93
CA ALA B 35 -0.92 12.38 6.34
C ALA B 35 -0.54 11.15 7.17
N GLN B 36 -0.67 11.29 8.49
CA GLN B 36 -0.37 10.21 9.43
C GLN B 36 -1.54 9.99 10.37
N VAL B 37 -2.05 8.77 10.43
CA VAL B 37 -3.18 8.45 11.29
C VAL B 37 -2.77 8.32 12.76
N ILE B 38 -3.61 8.82 13.65
CA ILE B 38 -3.34 8.75 15.08
C ILE B 38 -4.38 7.89 15.80
N LYS B 39 -5.64 8.04 15.40
CA LYS B 39 -6.72 7.28 16.01
C LYS B 39 -7.83 6.99 14.99
N MET B 40 -8.66 6.01 15.30
CA MET B 40 -9.76 5.62 14.42
C MET B 40 -11.10 6.01 15.04
N LEU B 41 -12.02 6.47 14.21
CA LEU B 41 -13.35 6.86 14.69
C LEU B 41 -14.36 5.74 14.51
N GLY B 42 -14.15 4.92 13.49
CA GLY B 42 -15.05 3.81 13.24
C GLY B 42 -16.39 4.26 12.69
N ASN B 43 -16.37 4.90 11.53
CA ASN B 43 -17.59 5.38 10.90
C ASN B 43 -17.28 6.03 9.55
N GLY B 44 -16.54 5.31 8.71
CA GLY B 44 -16.18 5.84 7.40
C GLY B 44 -15.19 6.98 7.50
N ARG B 45 -14.62 7.18 8.69
CA ARG B 45 -13.66 8.24 8.91
C ARG B 45 -12.61 7.82 9.95
N LEU B 46 -11.51 8.56 10.00
CA LEU B 46 -10.44 8.25 10.96
C LEU B 46 -9.74 9.53 11.41
N GLU B 47 -9.13 9.47 12.60
CA GLU B 47 -8.41 10.61 13.14
C GLU B 47 -6.95 10.57 12.73
N ALA B 48 -6.48 11.61 12.06
CA ALA B 48 -5.09 11.67 11.60
C ALA B 48 -4.47 13.03 11.86
N MET B 49 -3.14 13.08 11.75
CA MET B 49 -2.39 14.30 11.96
C MET B 49 -1.41 14.51 10.81
N CYS B 50 -1.66 15.54 10.00
CA CYS B 50 -0.78 15.84 8.87
C CYS B 50 0.64 16.12 9.36
N PHE B 51 1.61 15.48 8.71
CA PHE B 51 3.01 15.65 9.08
C PHE B 51 3.40 17.12 9.22
N ASP B 52 2.68 17.99 8.52
CA ASP B 52 2.95 19.42 8.56
C ASP B 52 2.47 20.03 9.88
N GLY B 53 1.66 19.30 10.63
CA GLY B 53 1.15 19.79 11.90
C GLY B 53 -0.30 20.24 11.81
N VAL B 54 -1.12 19.44 11.14
CA VAL B 54 -2.53 19.75 10.99
C VAL B 54 -3.40 18.59 11.44
N LYS B 55 -4.33 18.85 12.34
CA LYS B 55 -5.23 17.83 12.86
C LYS B 55 -6.54 17.82 12.09
N ARG B 56 -6.78 16.75 11.35
CA ARG B 56 -8.02 16.61 10.57
C ARG B 56 -8.48 15.16 10.53
N LEU B 57 -9.74 14.96 10.15
CA LEU B 57 -10.31 13.63 10.07
C LEU B 57 -10.39 13.16 8.63
N CYS B 58 -9.61 12.13 8.31
CA CYS B 58 -9.60 11.59 6.94
C CYS B 58 -10.74 10.61 6.76
N HIS B 59 -11.64 10.92 5.82
CA HIS B 59 -12.78 10.06 5.54
C HIS B 59 -12.42 8.94 4.58
N ILE B 60 -13.05 7.79 4.77
CA ILE B 60 -12.79 6.63 3.91
C ILE B 60 -13.32 6.89 2.50
N ARG B 61 -12.43 6.84 1.52
CA ARG B 61 -12.81 7.07 0.13
C ARG B 61 -13.75 5.99 -0.37
N GLY B 62 -14.78 6.40 -1.10
CA GLY B 62 -15.74 5.46 -1.64
C GLY B 62 -15.15 4.53 -2.67
N LYS B 63 -14.75 5.09 -3.81
CA LYS B 63 -14.15 4.32 -4.89
C LYS B 63 -12.99 3.47 -4.38
N LEU B 64 -12.38 3.91 -3.29
CA LEU B 64 -11.25 3.20 -2.69
C LEU B 64 -11.73 2.12 -1.72
N ARG B 65 -12.98 2.23 -1.29
CA ARG B 65 -13.55 1.27 -0.35
C ARG B 65 -13.29 -0.17 -0.81
N LYS B 66 -13.21 -0.36 -2.12
CA LYS B 66 -12.96 -1.68 -2.68
C LYS B 66 -11.70 -2.30 -2.10
N LYS B 67 -10.77 -1.46 -1.68
CA LYS B 67 -9.52 -1.93 -1.10
C LYS B 67 -8.83 -0.82 -0.29
N VAL B 68 -9.63 -0.04 0.42
CA VAL B 68 -9.08 1.05 1.24
C VAL B 68 -8.58 0.52 2.57
N TRP B 69 -7.27 0.55 2.76
CA TRP B 69 -6.66 0.07 3.98
C TRP B 69 -6.06 1.21 4.79
N ILE B 70 -6.68 1.50 5.93
CA ILE B 70 -6.20 2.56 6.81
C ILE B 70 -5.73 1.98 8.14
N ASN B 71 -4.74 2.62 8.72
CA ASN B 71 -4.21 2.16 10.01
C ASN B 71 -4.05 3.33 10.97
N THR B 72 -3.96 3.02 12.26
CA THR B 72 -3.82 4.05 13.28
C THR B 72 -2.38 4.54 13.39
N SER B 73 -1.49 3.87 12.68
CA SER B 73 -0.07 4.22 12.70
C SER B 73 0.57 3.94 11.35
N ASP B 74 0.19 4.73 10.35
CA ASP B 74 0.73 4.57 9.01
C ASP B 74 0.58 5.85 8.19
N ILE B 75 1.35 5.94 7.11
CA ILE B 75 1.31 7.10 6.23
C ILE B 75 0.21 6.91 5.18
N ILE B 76 -0.41 8.00 4.77
CA ILE B 76 -1.49 7.94 3.79
C ILE B 76 -1.57 9.19 2.95
N LEU B 77 -2.40 9.16 1.92
CA LEU B 77 -2.61 10.31 1.07
C LEU B 77 -4.09 10.61 0.95
N VAL B 78 -4.48 11.82 1.32
CA VAL B 78 -5.88 12.23 1.27
C VAL B 78 -6.08 13.40 0.31
N GLY B 79 -7.30 13.55 -0.18
CA GLY B 79 -7.60 14.63 -1.10
C GLY B 79 -8.22 15.83 -0.42
N LEU B 80 -7.59 16.99 -0.57
CA LEU B 80 -8.08 18.22 0.04
C LEU B 80 -8.49 19.23 -1.02
N ARG B 81 -9.79 19.49 -1.11
CA ARG B 81 -10.31 20.44 -2.09
C ARG B 81 -11.82 20.62 -1.94
N ASP B 82 -12.57 19.59 -2.33
CA ASP B 82 -14.03 19.63 -2.24
C ASP B 82 -14.50 19.58 -0.79
N TYR B 83 -13.58 19.25 0.12
CA TYR B 83 -13.92 19.15 1.54
C TYR B 83 -13.76 20.51 2.23
N GLN B 84 -13.59 21.57 1.45
CA GLN B 84 -13.44 22.91 2.01
C GLN B 84 -12.15 23.02 2.83
N ASP B 85 -11.14 22.24 2.44
CA ASP B 85 -9.86 22.26 3.13
C ASP B 85 -10.00 21.66 4.53
N ASN B 86 -8.89 21.63 5.27
CA ASN B 86 -8.88 21.09 6.62
C ASN B 86 -9.02 19.56 6.59
N LYS B 87 -10.14 19.09 6.05
CA LYS B 87 -10.39 17.66 5.96
C LYS B 87 -9.99 17.13 4.58
N ALA B 88 -9.84 15.81 4.47
CA ALA B 88 -9.47 15.19 3.22
C ALA B 88 -9.74 13.69 3.22
N ASP B 89 -10.24 13.18 2.11
CA ASP B 89 -10.56 11.75 1.98
C ASP B 89 -9.35 10.97 1.49
N VAL B 90 -9.01 9.90 2.19
CA VAL B 90 -7.88 9.05 1.82
C VAL B 90 -8.02 8.57 0.37
N ILE B 91 -7.15 9.06 -0.51
CA ILE B 91 -7.18 8.65 -1.92
C ILE B 91 -6.56 7.27 -2.07
N LEU B 92 -5.38 7.12 -1.48
CA LEU B 92 -4.66 5.85 -1.51
C LEU B 92 -4.01 5.61 -0.16
N LYS B 93 -3.54 4.39 0.07
CA LYS B 93 -2.92 4.06 1.35
C LYS B 93 -1.42 3.80 1.22
N TYR B 94 -0.64 4.60 1.92
CA TYR B 94 0.82 4.46 1.92
C TYR B 94 1.18 3.39 2.97
N ASN B 95 1.56 2.21 2.49
CA ASN B 95 1.88 1.07 3.37
C ASN B 95 3.20 1.23 4.12
N ALA B 96 3.48 0.24 4.96
CA ALA B 96 4.71 0.23 5.76
C ALA B 96 5.91 -0.17 4.92
N ASP B 97 5.73 -1.15 4.04
CA ASP B 97 6.81 -1.59 3.16
C ASP B 97 7.23 -0.43 2.29
N GLU B 98 6.22 0.32 1.83
CA GLU B 98 6.45 1.49 1.02
C GLU B 98 7.12 2.56 1.86
N ALA B 99 6.87 2.51 3.17
CA ALA B 99 7.41 3.48 4.11
C ALA B 99 8.88 3.78 3.84
N ARG B 100 9.70 2.75 3.69
CA ARG B 100 11.12 2.96 3.40
C ARG B 100 11.26 3.81 2.14
N SER B 101 10.26 3.69 1.28
CA SER B 101 10.21 4.45 0.04
C SER B 101 9.70 5.87 0.31
N LEU B 102 8.99 6.05 1.42
CA LEU B 102 8.45 7.36 1.76
C LEU B 102 9.54 8.42 1.71
N LYS B 103 10.76 8.06 2.06
CA LYS B 103 11.86 9.02 1.94
C LYS B 103 11.85 9.51 0.49
N ALA B 104 11.49 8.58 -0.40
CA ALA B 104 11.36 8.81 -1.82
C ALA B 104 10.03 9.49 -2.16
N TYR B 105 9.06 9.38 -1.24
CA TYR B 105 7.73 9.97 -1.43
C TYR B 105 7.80 11.50 -1.44
N GLY B 106 8.99 12.03 -1.15
CA GLY B 106 9.15 13.47 -1.12
C GLY B 106 8.20 14.12 -0.12
N GLU B 107 7.78 13.34 0.87
CA GLU B 107 6.86 13.83 1.90
C GLU B 107 7.53 13.89 3.26
N LEU B 108 8.05 12.75 3.71
CA LEU B 108 8.71 12.67 5.02
C LEU B 108 10.20 12.96 4.90
N PRO B 109 10.81 13.46 6.00
CA PRO B 109 12.24 13.79 6.01
C PRO B 109 13.12 12.54 6.12
N GLU B 110 14.43 12.75 6.16
CA GLU B 110 15.38 11.65 6.26
C GLU B 110 15.34 11.02 7.65
N HIS B 111 15.03 11.83 8.65
CA HIS B 111 14.97 11.34 10.02
C HIS B 111 13.60 10.73 10.34
N ALA B 112 12.73 10.68 9.34
CA ALA B 112 11.39 10.11 9.52
C ALA B 112 11.47 8.64 9.93
N LYS B 113 10.88 8.33 11.08
CA LYS B 113 10.88 6.96 11.58
C LYS B 113 9.49 6.34 11.48
N ILE B 114 9.39 5.23 10.76
CA ILE B 114 8.12 4.55 10.58
C ILE B 114 7.97 3.40 11.57
N ASN B 115 6.73 2.98 11.81
CA ASN B 115 6.45 1.90 12.73
C ASN B 115 6.97 0.57 12.19
N GLU B 116 6.89 -0.47 13.00
CA GLU B 116 7.35 -1.79 12.61
C GLU B 116 6.48 -2.37 11.48
N THR B 117 7.00 -3.37 10.80
CA THR B 117 6.27 -4.00 9.70
C THR B 117 4.99 -4.66 10.21
N ASP B 118 5.11 -5.44 11.27
CA ASP B 118 3.96 -6.13 11.85
C ASP B 118 3.36 -7.13 10.86
N THR B 119 4.22 -7.88 10.19
CA THR B 119 3.78 -8.87 9.21
C THR B 119 4.42 -10.22 9.48
N PHE B 120 3.67 -11.11 10.13
CA PHE B 120 4.17 -12.44 10.45
C PHE B 120 3.05 -13.31 11.04
N GLY B 121 2.85 -14.49 10.46
CA GLY B 121 1.82 -15.38 10.95
C GLY B 121 0.83 -15.76 9.86
N PRO B 122 1.19 -16.74 9.00
CA PRO B 122 0.31 -17.19 7.91
C PRO B 122 -1.08 -17.59 8.42
N GLY B 123 -1.11 -18.41 9.46
CA GLY B 123 -2.39 -18.84 10.01
C GLY B 123 -2.24 -19.42 11.41
N ASP B 124 -1.44 -18.76 12.24
CA ASP B 124 -1.22 -19.21 13.60
C ASP B 124 -0.59 -20.61 13.63
N ASP B 125 0.66 -20.67 14.10
CA ASP B 125 1.39 -21.94 14.18
C ASP B 125 1.20 -22.78 12.92
N ASP B 126 1.96 -22.45 11.88
CA ASP B 126 1.88 -23.16 10.61
C ASP B 126 3.14 -22.94 9.78
N GLU B 127 3.77 -24.03 9.36
CA GLU B 127 4.99 -23.95 8.57
C GLU B 127 4.66 -23.88 7.08
N ILE B 128 4.67 -22.66 6.54
CA ILE B 128 4.37 -22.44 5.13
C ILE B 128 5.61 -21.95 4.38
N GLN B 129 6.79 -22.25 4.92
CA GLN B 129 8.04 -21.84 4.30
C GLN B 129 9.04 -22.99 4.30
N PHE B 130 9.49 -23.37 3.10
CA PHE B 130 10.45 -24.45 2.96
C PHE B 130 11.88 -23.95 3.14
N ASP B 131 12.20 -22.83 2.50
CA ASP B 131 13.53 -22.25 2.60
C ASP B 131 13.80 -21.72 4.01
N ASP B 132 14.97 -22.07 4.54
CA ASP B 132 15.35 -21.63 5.88
C ASP B 132 16.75 -22.14 6.24
N ILE B 133 17.12 -21.98 7.50
CA ILE B 133 18.43 -22.41 7.98
C ILE B 133 18.34 -23.73 8.72
N GLY B 134 17.43 -24.60 8.28
CA GLY B 134 17.26 -25.88 8.92
C GLY B 134 17.37 -27.03 7.94
N ASP B 135 16.84 -28.19 8.33
CA ASP B 135 16.88 -29.37 7.48
C ASP B 135 15.56 -29.56 6.73
N ASP B 136 15.62 -29.45 5.40
CA ASP B 136 14.43 -29.61 4.57
C ASP B 136 14.19 -31.07 4.22
N ASP B 137 13.05 -31.35 3.59
CA ASP B 137 12.71 -32.71 3.20
C ASP B 137 12.86 -32.90 1.69
N GLU B 138 13.87 -32.25 1.12
CA GLU B 138 14.12 -32.35 -0.31
C GLU B 138 15.62 -32.43 -0.60
N ASP B 139 16.19 -33.61 -0.37
CA ASP B 139 17.62 -33.82 -0.60
C ASP B 139 17.84 -34.68 -1.83
N ILE B 140 19.09 -35.05 -2.08
CA ILE B 140 19.44 -35.88 -3.23
C ILE B 140 19.46 -37.36 -2.85
N ASP B 141 18.41 -37.80 -2.17
CA ASP B 141 18.30 -39.19 -1.75
C ASP B 141 18.12 -40.11 -2.96
N ASP B 142 18.47 -41.38 -2.77
CA ASP B 142 18.34 -42.36 -3.84
C ASP B 142 17.88 -43.72 -3.30
N ILE B 143 17.52 -44.62 -4.21
CA ILE B 143 17.06 -45.95 -3.81
C ILE B 143 15.77 -45.87 -3.00
N MET A 1 -36.48 -51.10 -10.42
CA MET A 1 -36.76 -49.77 -9.81
C MET A 1 -37.82 -49.88 -8.73
N ARG A 2 -37.75 -50.93 -7.92
CA ARG A 2 -38.71 -51.15 -6.84
C ARG A 2 -38.12 -50.73 -5.51
N GLY A 3 -37.21 -51.55 -4.98
CA GLY A 3 -36.58 -51.27 -3.71
C GLY A 3 -36.66 -52.43 -2.74
N SER A 4 -35.73 -53.37 -2.88
CA SER A 4 -35.69 -54.54 -2.00
C SER A 4 -34.29 -54.74 -1.42
N HIS A 5 -34.24 -55.04 -0.13
CA HIS A 5 -32.96 -55.25 0.54
C HIS A 5 -32.80 -56.72 0.94
N HIS A 6 -31.80 -57.37 0.36
CA HIS A 6 -31.54 -58.78 0.66
C HIS A 6 -30.05 -59.02 0.90
N HIS A 7 -29.23 -58.51 -0.02
CA HIS A 7 -27.78 -58.66 0.09
C HIS A 7 -27.06 -57.42 -0.42
N HIS A 8 -26.89 -56.44 0.45
CA HIS A 8 -26.23 -55.20 0.10
C HIS A 8 -24.74 -55.25 0.43
N HIS A 9 -23.90 -54.88 -0.53
CA HIS A 9 -22.45 -54.90 -0.33
C HIS A 9 -21.82 -53.63 -0.87
N HIS A 10 -20.53 -53.45 -0.62
CA HIS A 10 -19.80 -52.28 -1.08
C HIS A 10 -18.45 -52.69 -1.69
N THR A 11 -17.97 -51.89 -2.64
CA THR A 11 -16.70 -52.17 -3.29
C THR A 11 -15.85 -50.90 -3.38
N ASP A 12 -15.68 -50.23 -2.25
CA ASP A 12 -14.89 -49.01 -2.20
C ASP A 12 -14.18 -48.87 -0.85
N PRO A 13 -12.94 -49.40 -0.76
CA PRO A 13 -12.15 -49.35 0.48
C PRO A 13 -12.04 -47.92 1.03
N MET A 14 -12.10 -46.95 0.13
CA MET A 14 -12.01 -45.55 0.53
C MET A 14 -13.20 -44.75 -0.01
N PRO B 1 -14.27 -44.61 0.80
CA PRO B 1 -15.47 -43.86 0.39
C PRO B 1 -15.13 -42.48 -0.17
N LYS B 2 -16.10 -41.87 -0.86
CA LYS B 2 -15.90 -40.55 -1.44
C LYS B 2 -14.82 -40.59 -2.52
N ASN B 3 -15.25 -40.80 -3.76
CA ASN B 3 -14.32 -40.87 -4.89
C ASN B 3 -13.53 -39.57 -5.01
N LYS B 4 -14.17 -38.55 -5.59
CA LYS B 4 -13.53 -37.24 -5.76
C LYS B 4 -12.22 -37.39 -6.54
N GLY B 5 -12.25 -38.17 -7.61
CA GLY B 5 -11.06 -38.37 -8.42
C GLY B 5 -10.45 -37.07 -8.91
N LYS B 6 -11.28 -36.04 -9.03
CA LYS B 6 -10.82 -34.74 -9.49
C LYS B 6 -11.28 -33.64 -8.55
N GLY B 7 -10.74 -32.43 -8.74
CA GLY B 7 -11.11 -31.31 -7.90
C GLY B 7 -9.94 -30.40 -7.59
N GLY B 8 -9.70 -29.42 -8.45
CA GLY B 8 -8.60 -28.50 -8.25
C GLY B 8 -8.68 -27.29 -9.16
N LYS B 9 -8.12 -26.18 -8.71
CA LYS B 9 -8.12 -24.94 -9.48
C LYS B 9 -7.07 -23.97 -8.98
N ASN B 10 -7.08 -23.71 -7.67
CA ASN B 10 -6.12 -22.79 -7.07
C ASN B 10 -6.27 -21.39 -7.65
N ARG B 11 -7.49 -21.04 -8.05
CA ARG B 11 -7.77 -19.73 -8.62
C ARG B 11 -8.64 -18.91 -7.69
N ARG B 12 -8.69 -17.60 -7.92
CA ARG B 12 -9.49 -16.70 -7.10
C ARG B 12 -10.38 -15.82 -7.97
N ARG B 13 -11.55 -16.34 -8.33
CA ARG B 13 -12.49 -15.59 -9.17
C ARG B 13 -13.14 -14.47 -8.38
N GLY B 14 -14.10 -13.80 -9.00
CA GLY B 14 -14.79 -12.70 -8.33
C GLY B 14 -15.04 -11.53 -9.25
N LYS B 15 -14.53 -10.36 -8.87
CA LYS B 15 -14.69 -9.15 -9.67
C LYS B 15 -13.35 -8.51 -9.98
N ASN B 16 -13.38 -7.42 -10.74
CA ASN B 16 -12.16 -6.71 -11.11
C ASN B 16 -11.20 -7.62 -11.87
N GLU B 17 -10.15 -7.04 -12.43
CA GLU B 17 -9.17 -7.80 -13.18
C GLU B 17 -7.93 -8.10 -12.33
N ASN B 18 -8.09 -8.96 -11.34
CA ASN B 18 -7.00 -9.32 -10.45
C ASN B 18 -6.44 -8.09 -9.74
N GLU B 19 -7.31 -7.37 -9.05
CA GLU B 19 -6.91 -6.16 -8.32
C GLU B 19 -6.40 -5.10 -9.28
N SER B 20 -6.69 -3.84 -8.96
CA SER B 20 -6.27 -2.73 -9.80
C SER B 20 -4.75 -2.67 -9.93
N GLU B 21 -4.24 -3.25 -11.01
CA GLU B 21 -2.81 -3.27 -11.25
C GLU B 21 -2.07 -4.00 -10.14
N LYS B 22 -0.85 -4.43 -10.42
CA LYS B 22 -0.04 -5.15 -9.44
C LYS B 22 1.30 -4.45 -9.23
N ARG B 23 1.59 -4.11 -7.98
CA ARG B 23 2.83 -3.43 -7.64
C ARG B 23 2.94 -2.09 -8.35
N GLU B 24 2.87 -1.02 -7.58
CA GLU B 24 2.96 0.33 -8.13
C GLU B 24 3.00 1.38 -7.03
N LEU B 25 4.19 1.88 -6.73
CA LEU B 25 4.36 2.89 -5.69
C LEU B 25 3.73 4.21 -6.13
N VAL B 26 2.81 4.71 -5.32
CA VAL B 26 2.12 5.96 -5.62
C VAL B 26 2.45 7.05 -4.60
N PHE B 27 2.63 8.27 -5.09
CA PHE B 27 2.96 9.41 -4.24
C PHE B 27 1.85 10.46 -4.30
N LYS B 28 1.92 11.45 -3.42
CA LYS B 28 0.91 12.51 -3.41
C LYS B 28 1.28 13.63 -4.38
N GLU B 29 0.29 14.41 -4.79
CA GLU B 29 0.52 15.50 -5.73
C GLU B 29 -0.39 16.69 -5.43
N ASP B 30 -0.22 17.76 -6.20
CA ASP B 30 -1.01 18.98 -6.03
C ASP B 30 -2.49 18.65 -5.81
N GLY B 31 -3.11 19.35 -4.87
CA GLY B 31 -4.51 19.12 -4.58
C GLY B 31 -4.72 18.07 -3.50
N GLN B 32 -3.67 17.30 -3.22
CA GLN B 32 -3.74 16.26 -2.21
C GLN B 32 -2.44 16.20 -1.41
N GLU B 33 -2.53 16.02 -0.10
CA GLU B 33 -1.35 15.96 0.75
C GLU B 33 -1.30 14.66 1.54
N TYR B 34 -0.09 14.28 1.96
CA TYR B 34 0.12 13.07 2.74
C TYR B 34 -0.14 13.34 4.22
N ALA B 35 -0.44 12.30 4.98
CA ALA B 35 -0.74 12.46 6.39
C ALA B 35 -0.39 11.21 7.21
N GLN B 36 -0.52 11.34 8.52
CA GLN B 36 -0.23 10.25 9.45
C GLN B 36 -1.41 10.05 10.40
N VAL B 37 -1.99 8.85 10.38
CA VAL B 37 -3.13 8.54 11.24
C VAL B 37 -2.74 8.44 12.71
N ILE B 38 -3.54 9.05 13.56
CA ILE B 38 -3.31 9.04 14.99
C ILE B 38 -4.44 8.31 15.71
N LYS B 39 -5.66 8.54 15.25
CA LYS B 39 -6.85 7.92 15.84
C LYS B 39 -7.81 7.45 14.76
N MET B 40 -8.66 6.49 15.10
CA MET B 40 -9.64 5.95 14.16
C MET B 40 -11.07 6.23 14.64
N LEU B 41 -11.90 6.75 13.75
CA LEU B 41 -13.29 7.06 14.09
C LEU B 41 -14.23 6.04 13.47
N GLY B 42 -13.87 5.52 12.30
CA GLY B 42 -14.70 4.55 11.63
C GLY B 42 -15.80 5.18 10.80
N ASN B 43 -16.71 4.36 10.29
CA ASN B 43 -17.81 4.85 9.48
C ASN B 43 -17.30 5.54 8.21
N GLY B 44 -16.12 5.14 7.76
CA GLY B 44 -15.55 5.71 6.56
C GLY B 44 -14.81 7.01 6.83
N ARG B 45 -14.21 7.11 8.02
CA ARG B 45 -13.47 8.30 8.40
C ARG B 45 -12.43 7.97 9.46
N LEU B 46 -11.39 8.80 9.57
CA LEU B 46 -10.34 8.57 10.53
C LEU B 46 -9.74 9.88 11.04
N GLU B 47 -9.07 9.81 12.18
CA GLU B 47 -8.42 10.98 12.76
C GLU B 47 -6.92 10.88 12.52
N ALA B 48 -6.36 11.87 11.84
CA ALA B 48 -4.94 11.87 11.54
C ALA B 48 -4.30 13.23 11.75
N MET B 49 -2.98 13.24 11.81
CA MET B 49 -2.22 14.47 12.00
C MET B 49 -1.29 14.69 10.83
N CYS B 50 -1.54 15.75 10.07
CA CYS B 50 -0.70 16.07 8.93
C CYS B 50 0.74 16.29 9.38
N PHE B 51 1.68 15.68 8.67
CA PHE B 51 3.09 15.79 9.00
C PHE B 51 3.50 17.25 9.24
N ASP B 52 2.77 18.18 8.65
CA ASP B 52 3.06 19.60 8.80
C ASP B 52 2.64 20.11 10.19
N GLY B 53 1.85 19.30 10.90
CA GLY B 53 1.41 19.69 12.22
C GLY B 53 -0.04 20.16 12.25
N VAL B 54 -0.89 19.49 11.47
CA VAL B 54 -2.30 19.85 11.41
C VAL B 54 -3.20 18.65 11.68
N LYS B 55 -4.15 18.82 12.60
CA LYS B 55 -5.07 17.76 12.95
C LYS B 55 -6.33 17.82 12.09
N ARG B 56 -6.57 16.78 11.31
CA ARG B 56 -7.73 16.74 10.42
C ARG B 56 -8.32 15.33 10.36
N LEU B 57 -9.54 15.24 9.85
CA LEU B 57 -10.22 13.95 9.72
C LEU B 57 -10.20 13.48 8.27
N CYS B 58 -9.40 12.44 8.00
CA CYS B 58 -9.29 11.90 6.67
C CYS B 58 -10.39 10.89 6.40
N HIS B 59 -11.23 11.16 5.39
CA HIS B 59 -12.31 10.27 5.04
C HIS B 59 -11.81 9.19 4.08
N ILE B 60 -12.12 7.93 4.39
CA ILE B 60 -11.70 6.82 3.55
C ILE B 60 -12.42 6.84 2.21
N ARG B 61 -11.70 6.51 1.15
CA ARG B 61 -12.27 6.50 -0.19
C ARG B 61 -13.14 5.26 -0.41
N GLY B 62 -14.16 5.40 -1.23
CA GLY B 62 -15.07 4.29 -1.51
C GLY B 62 -14.37 3.11 -2.16
N LYS B 63 -14.13 3.20 -3.47
CA LYS B 63 -13.48 2.14 -4.21
C LYS B 63 -12.18 1.70 -3.54
N LEU B 64 -11.57 2.60 -2.78
CA LEU B 64 -10.32 2.30 -2.09
C LEU B 64 -10.59 1.51 -0.80
N ARG B 65 -11.57 1.95 -0.03
CA ARG B 65 -11.91 1.27 1.22
C ARG B 65 -12.27 -0.20 0.97
N LYS B 66 -12.71 -0.49 -0.24
CA LYS B 66 -13.09 -1.86 -0.61
C LYS B 66 -11.93 -2.82 -0.41
N LYS B 67 -10.71 -2.33 -0.65
CA LYS B 67 -9.52 -3.16 -0.50
C LYS B 67 -8.42 -2.44 0.29
N VAL B 68 -8.76 -1.29 0.86
CA VAL B 68 -7.79 -0.52 1.64
C VAL B 68 -8.31 -0.25 3.05
N TRP B 69 -7.57 -0.74 4.04
CA TRP B 69 -7.94 -0.55 5.43
C TRP B 69 -6.98 0.39 6.14
N ILE B 70 -7.45 1.59 6.47
CA ILE B 70 -6.63 2.58 7.15
C ILE B 70 -6.21 2.10 8.52
N ASN B 71 -5.02 2.51 8.95
CA ASN B 71 -4.50 2.12 10.25
C ASN B 71 -4.26 3.35 11.12
N THR B 72 -4.20 3.13 12.43
CA THR B 72 -3.99 4.21 13.39
C THR B 72 -2.52 4.66 13.41
N SER B 73 -1.70 3.93 12.69
CA SER B 73 -0.27 4.23 12.61
C SER B 73 0.28 3.91 11.23
N ASP B 74 -0.10 4.71 10.23
CA ASP B 74 0.36 4.50 8.87
C ASP B 74 0.30 5.79 8.05
N ILE B 75 1.04 5.82 6.96
CA ILE B 75 1.08 6.98 6.08
C ILE B 75 -0.05 6.91 5.06
N ILE B 76 -0.58 8.07 4.69
CA ILE B 76 -1.66 8.12 3.71
C ILE B 76 -1.64 9.41 2.90
N LEU B 77 -2.47 9.46 1.87
CA LEU B 77 -2.59 10.63 1.03
C LEU B 77 -4.06 11.01 0.90
N VAL B 78 -4.39 12.25 1.26
CA VAL B 78 -5.75 12.73 1.18
C VAL B 78 -5.86 13.96 0.29
N GLY B 79 -7.08 14.24 -0.18
CA GLY B 79 -7.29 15.39 -1.03
C GLY B 79 -7.75 16.61 -0.26
N LEU B 80 -7.16 17.77 -0.57
CA LEU B 80 -7.51 19.01 0.10
C LEU B 80 -8.47 19.85 -0.75
N ARG B 81 -9.18 20.76 -0.11
CA ARG B 81 -10.13 21.61 -0.81
C ARG B 81 -11.23 20.79 -1.49
N ASP B 82 -11.45 19.59 -1.00
CA ASP B 82 -12.47 18.71 -1.55
C ASP B 82 -13.79 18.87 -0.80
N TYR B 83 -13.72 18.86 0.52
CA TYR B 83 -14.90 19.02 1.36
C TYR B 83 -15.07 20.46 1.82
N GLN B 84 -14.19 21.34 1.35
CA GLN B 84 -14.25 22.75 1.72
C GLN B 84 -13.94 22.93 3.21
N ASP B 85 -13.13 22.03 3.75
CA ASP B 85 -12.77 22.09 5.17
C ASP B 85 -11.43 21.40 5.42
N ASN B 86 -10.97 21.48 6.66
CA ASN B 86 -9.70 20.87 7.05
C ASN B 86 -9.70 19.37 6.77
N LYS B 87 -10.90 18.81 6.60
CA LYS B 87 -11.03 17.37 6.34
C LYS B 87 -10.68 17.05 4.89
N ALA B 88 -9.74 16.13 4.69
CA ALA B 88 -9.33 15.71 3.37
C ALA B 88 -9.77 14.26 3.11
N ASP B 89 -9.91 13.89 1.85
CA ASP B 89 -10.34 12.54 1.51
C ASP B 89 -9.17 11.68 1.03
N VAL B 90 -8.91 10.58 1.74
CA VAL B 90 -7.83 9.68 1.38
C VAL B 90 -7.93 9.28 -0.10
N ILE B 91 -6.99 9.74 -0.91
CA ILE B 91 -6.99 9.41 -2.33
C ILE B 91 -6.43 8.01 -2.53
N LEU B 92 -5.48 7.65 -1.67
CA LEU B 92 -4.85 6.34 -1.72
C LEU B 92 -4.21 6.05 -0.36
N LYS B 93 -3.83 4.79 -0.14
CA LYS B 93 -3.24 4.40 1.13
C LYS B 93 -1.76 4.08 1.00
N TYR B 94 -0.93 4.86 1.69
CA TYR B 94 0.50 4.65 1.68
C TYR B 94 0.81 3.51 2.66
N ASN B 95 1.14 2.34 2.11
CA ASN B 95 1.39 1.14 2.93
C ASN B 95 2.72 1.19 3.67
N ALA B 96 2.96 0.13 4.47
CA ALA B 96 4.18 0.01 5.25
C ALA B 96 5.35 -0.40 4.37
N ASP B 97 5.10 -1.31 3.43
CA ASP B 97 6.15 -1.75 2.52
C ASP B 97 6.62 -0.56 1.70
N GLU B 98 5.66 0.25 1.30
CA GLU B 98 5.93 1.46 0.55
C GLU B 98 6.66 2.46 1.46
N ALA B 99 6.38 2.34 2.76
CA ALA B 99 6.96 3.23 3.75
C ALA B 99 8.46 3.46 3.51
N ARG B 100 9.22 2.40 3.29
CA ARG B 100 10.65 2.55 3.02
C ARG B 100 10.83 3.46 1.81
N SER B 101 9.84 3.43 0.93
CA SER B 101 9.84 4.25 -0.27
C SER B 101 9.43 5.68 0.08
N LEU B 102 8.73 5.85 1.20
CA LEU B 102 8.28 7.18 1.62
C LEU B 102 9.44 8.16 1.62
N LYS B 103 10.64 7.69 1.95
CA LYS B 103 11.79 8.59 1.87
C LYS B 103 11.82 9.15 0.44
N ALA B 104 11.38 8.29 -0.48
CA ALA B 104 11.27 8.62 -1.90
C ALA B 104 9.97 9.42 -2.17
N TYR B 105 9.01 9.31 -1.25
CA TYR B 105 7.73 10.02 -1.39
C TYR B 105 7.94 11.52 -1.26
N GLY B 106 9.16 11.91 -0.90
CA GLY B 106 9.46 13.32 -0.74
C GLY B 106 8.55 13.97 0.28
N GLU B 107 8.00 13.14 1.17
CA GLU B 107 7.09 13.62 2.21
C GLU B 107 7.75 13.55 3.59
N LEU B 108 8.29 12.39 3.93
CA LEU B 108 8.94 12.19 5.22
C LEU B 108 10.46 12.35 5.10
N PRO B 109 11.06 13.25 5.90
CA PRO B 109 12.51 13.48 5.87
C PRO B 109 13.30 12.20 6.13
N GLU B 110 14.62 12.31 6.11
CA GLU B 110 15.49 11.16 6.35
C GLU B 110 15.41 10.71 7.80
N HIS B 111 15.11 11.64 8.70
CA HIS B 111 15.00 11.34 10.12
C HIS B 111 13.64 10.73 10.44
N ALA B 112 12.66 11.00 9.60
CA ALA B 112 11.31 10.47 9.81
C ALA B 112 11.31 8.95 9.93
N LYS B 113 10.49 8.43 10.84
CA LYS B 113 10.40 6.99 11.05
C LYS B 113 8.96 6.51 10.87
N ILE B 114 8.82 5.28 10.37
CA ILE B 114 7.51 4.69 10.15
C ILE B 114 7.15 3.72 11.27
N ASN B 115 5.85 3.57 11.51
CA ASN B 115 5.36 2.68 12.57
C ASN B 115 5.66 1.22 12.22
N GLU B 116 5.57 0.35 13.22
CA GLU B 116 5.83 -1.07 13.02
C GLU B 116 4.86 -1.67 12.02
N THR B 117 5.39 -2.33 11.00
CA THR B 117 4.57 -2.95 9.96
C THR B 117 3.60 -3.98 10.56
N ASP B 118 3.94 -4.47 11.76
CA ASP B 118 3.10 -5.45 12.43
C ASP B 118 3.05 -6.76 11.65
N THR B 119 4.20 -7.18 11.14
CA THR B 119 4.29 -8.42 10.36
C THR B 119 4.41 -9.62 11.28
N PHE B 120 3.30 -10.29 11.54
CA PHE B 120 3.28 -11.46 12.40
C PHE B 120 1.92 -12.16 12.34
N GLY B 121 1.92 -13.37 11.81
CA GLY B 121 0.67 -14.13 11.70
C GLY B 121 0.51 -15.14 12.83
N PRO B 122 -0.27 -14.80 13.87
CA PRO B 122 -0.49 -15.70 15.01
C PRO B 122 -1.30 -16.94 14.62
N GLY B 123 -0.60 -18.06 14.45
CA GLY B 123 -1.27 -19.29 14.07
C GLY B 123 -2.31 -19.71 15.09
N ASP B 124 -2.11 -19.32 16.34
CA ASP B 124 -3.04 -19.67 17.41
C ASP B 124 -3.14 -21.18 17.59
N ASP B 125 -2.39 -21.70 18.56
CA ASP B 125 -2.39 -23.13 18.85
C ASP B 125 -3.28 -23.46 20.03
N ASP B 126 -3.93 -24.62 19.98
CA ASP B 126 -4.82 -25.06 21.05
C ASP B 126 -4.22 -26.23 21.81
N GLU B 127 -4.95 -26.73 22.80
CA GLU B 127 -4.50 -27.86 23.60
C GLU B 127 -5.66 -28.76 23.99
N ILE B 128 -6.60 -28.22 24.77
CA ILE B 128 -7.75 -28.98 25.21
C ILE B 128 -8.77 -29.12 24.07
N GLN B 129 -8.40 -29.88 23.04
CA GLN B 129 -9.28 -30.09 21.90
C GLN B 129 -10.08 -31.38 22.07
N PHE B 130 -11.40 -31.24 22.14
CA PHE B 130 -12.29 -32.38 22.30
C PHE B 130 -12.98 -32.72 20.99
N ASP B 131 -12.88 -33.98 20.58
CA ASP B 131 -13.51 -34.43 19.34
C ASP B 131 -15.02 -34.23 19.39
N ASP B 132 -15.52 -33.31 18.57
CA ASP B 132 -16.94 -33.02 18.52
C ASP B 132 -17.38 -32.69 17.09
N ILE B 133 -18.42 -33.38 16.63
CA ILE B 133 -18.93 -33.16 15.28
C ILE B 133 -20.18 -32.27 15.30
N GLY B 134 -19.95 -30.96 15.35
CA GLY B 134 -21.06 -30.02 15.38
C GLY B 134 -21.40 -29.49 13.99
N ASP B 135 -22.51 -28.76 13.90
CA ASP B 135 -22.94 -28.19 12.62
C ASP B 135 -22.81 -26.68 12.64
N ASP B 136 -23.10 -26.07 13.78
CA ASP B 136 -23.02 -24.62 13.92
C ASP B 136 -21.58 -24.15 13.79
N ASP B 137 -21.30 -23.39 12.74
CA ASP B 137 -19.97 -22.86 12.49
C ASP B 137 -19.91 -21.37 12.77
N GLU B 138 -19.37 -20.99 13.92
CA GLU B 138 -19.25 -19.59 14.30
C GLU B 138 -17.81 -19.12 14.22
N ASP B 139 -17.05 -19.70 13.29
CA ASP B 139 -15.65 -19.33 13.11
C ASP B 139 -15.45 -18.61 11.78
N ILE B 140 -15.59 -19.34 10.69
CA ILE B 140 -15.41 -18.78 9.36
C ILE B 140 -16.37 -19.42 8.35
N ASP B 141 -16.86 -18.63 7.41
CA ASP B 141 -17.78 -19.12 6.39
C ASP B 141 -17.80 -18.20 5.18
N ASP B 142 -16.84 -18.40 4.28
CA ASP B 142 -16.73 -17.59 3.07
C ASP B 142 -16.38 -16.14 3.41
N ILE B 143 -17.35 -15.43 3.99
CA ILE B 143 -17.14 -14.03 4.37
C ILE B 143 -16.13 -13.91 5.51
N MET A 1 16.26 51.54 -42.35
CA MET A 1 14.89 50.97 -42.17
C MET A 1 14.95 49.47 -41.91
N ARG A 2 15.64 49.10 -40.84
CA ARG A 2 15.78 47.69 -40.47
C ARG A 2 14.47 47.15 -39.87
N GLY A 3 13.71 46.44 -40.69
CA GLY A 3 12.45 45.89 -40.23
C GLY A 3 11.57 45.42 -41.38
N SER A 4 12.17 44.74 -42.35
CA SER A 4 11.43 44.25 -43.50
C SER A 4 12.13 43.01 -44.09
N HIS A 5 11.33 42.15 -44.72
CA HIS A 5 11.86 40.93 -45.33
C HIS A 5 10.96 40.44 -46.45
N HIS A 6 11.52 40.36 -47.66
CA HIS A 6 10.77 39.92 -48.82
C HIS A 6 11.69 39.71 -50.02
N HIS A 7 12.69 38.85 -49.84
CA HIS A 7 13.64 38.55 -50.91
C HIS A 7 13.14 37.43 -51.80
N HIS A 8 12.39 36.51 -51.21
CA HIS A 8 11.85 35.37 -51.94
C HIS A 8 12.96 34.50 -52.51
N HIS A 9 12.59 33.59 -53.41
CA HIS A 9 13.57 32.70 -54.04
C HIS A 9 14.23 31.79 -53.00
N HIS A 10 15.21 32.33 -52.29
CA HIS A 10 15.92 31.57 -51.28
C HIS A 10 15.79 32.23 -49.91
N THR A 11 14.55 32.40 -49.46
CA THR A 11 14.28 33.02 -48.16
C THR A 11 14.90 32.20 -47.03
N ASP A 12 15.16 32.86 -45.91
CA ASP A 12 15.73 32.19 -44.75
C ASP A 12 15.31 32.87 -43.45
N PRO A 13 14.00 32.86 -43.15
CA PRO A 13 13.46 33.47 -41.93
C PRO A 13 13.88 32.71 -40.67
N MET A 14 14.92 33.18 -40.02
CA MET A 14 15.41 32.54 -38.80
C MET A 14 15.88 31.12 -39.09
N PRO B 1 17.15 30.95 -39.50
CA PRO B 1 17.72 29.63 -39.80
C PRO B 1 17.87 28.76 -38.56
N LYS B 2 18.32 27.53 -38.77
CA LYS B 2 18.52 26.60 -37.66
C LYS B 2 19.93 26.04 -37.66
N ASN B 3 20.92 26.94 -37.60
CA ASN B 3 22.31 26.53 -37.59
C ASN B 3 22.73 26.04 -36.21
N LYS B 4 22.24 26.71 -35.18
CA LYS B 4 22.56 26.33 -33.80
C LYS B 4 21.42 26.70 -32.86
N GLY B 5 21.31 25.98 -31.74
CA GLY B 5 20.27 26.24 -30.78
C GLY B 5 20.27 25.25 -29.64
N LYS B 6 21.26 25.37 -28.75
CA LYS B 6 21.36 24.47 -27.60
C LYS B 6 20.41 24.90 -26.49
N GLY B 7 19.48 24.01 -26.14
CA GLY B 7 18.53 24.31 -25.10
C GLY B 7 17.19 24.76 -25.65
N GLY B 8 16.22 23.85 -25.65
CA GLY B 8 14.90 24.17 -26.16
C GLY B 8 14.09 25.00 -25.17
N LYS B 9 13.45 26.05 -25.67
CA LYS B 9 12.64 26.92 -24.83
C LYS B 9 11.16 26.72 -25.11
N ASN B 10 10.83 26.33 -26.34
CA ASN B 10 9.45 26.10 -26.74
C ASN B 10 8.78 25.07 -25.83
N ARG B 11 7.49 24.85 -26.04
CA ARG B 11 6.74 23.89 -25.24
C ARG B 11 7.29 22.48 -25.43
N ARG B 12 8.09 22.03 -24.47
CA ARG B 12 8.68 20.69 -24.54
C ARG B 12 8.22 19.84 -23.36
N ARG B 13 7.59 18.71 -23.66
CA ARG B 13 7.10 17.80 -22.64
C ARG B 13 7.82 16.46 -22.69
N GLY B 14 8.92 16.36 -21.94
CA GLY B 14 9.69 15.13 -21.91
C GLY B 14 9.44 14.32 -20.65
N LYS B 15 8.27 14.47 -20.06
CA LYS B 15 7.92 13.75 -18.85
C LYS B 15 6.85 12.69 -19.13
N ASN B 16 6.35 12.08 -18.07
CA ASN B 16 5.32 11.05 -18.20
C ASN B 16 5.84 9.85 -18.98
N GLU B 17 6.13 8.77 -18.28
CA GLU B 17 6.64 7.56 -18.91
C GLU B 17 5.81 6.34 -18.51
N ASN B 18 4.48 6.52 -18.49
CA ASN B 18 3.58 5.44 -18.13
C ASN B 18 3.85 4.95 -16.71
N GLU B 19 3.15 3.90 -16.30
CA GLU B 19 3.33 3.34 -14.96
C GLU B 19 2.65 1.97 -14.86
N SER B 20 3.09 1.05 -15.70
CA SER B 20 2.53 -0.30 -15.71
C SER B 20 3.42 -1.26 -14.91
N GLU B 21 2.90 -1.74 -13.78
CA GLU B 21 3.64 -2.66 -12.93
C GLU B 21 4.90 -1.99 -12.39
N LYS B 22 5.86 -2.80 -11.93
CA LYS B 22 7.10 -2.28 -11.38
C LYS B 22 6.88 -1.67 -10.01
N ARG B 23 6.42 -2.49 -9.07
CA ARG B 23 6.16 -2.04 -7.70
C ARG B 23 5.13 -0.92 -7.69
N GLU B 24 3.90 -1.27 -7.34
CA GLU B 24 2.81 -0.29 -7.29
C GLU B 24 3.06 0.75 -6.20
N LEU B 25 3.77 1.82 -6.56
CA LEU B 25 4.07 2.87 -5.61
C LEU B 25 3.47 4.21 -6.06
N VAL B 26 2.77 4.87 -5.15
CA VAL B 26 2.14 6.16 -5.46
C VAL B 26 2.64 7.26 -4.53
N PHE B 27 2.86 8.44 -5.10
CA PHE B 27 3.34 9.58 -4.34
C PHE B 27 2.29 10.69 -4.34
N LYS B 28 2.52 11.74 -3.54
CA LYS B 28 1.60 12.87 -3.43
C LYS B 28 1.00 13.25 -4.78
N GLU B 29 -0.12 13.97 -4.74
CA GLU B 29 -0.80 14.41 -5.95
C GLU B 29 -1.19 15.88 -5.84
N ASP B 30 -1.40 16.52 -7.00
CA ASP B 30 -1.78 17.92 -7.03
C ASP B 30 -3.11 18.16 -6.32
N GLY B 31 -3.11 19.09 -5.37
CA GLY B 31 -4.32 19.40 -4.64
C GLY B 31 -4.55 18.47 -3.46
N GLN B 32 -3.70 17.45 -3.34
CA GLN B 32 -3.81 16.49 -2.24
C GLN B 32 -2.61 16.57 -1.31
N GLU B 33 -2.84 16.39 -0.02
CA GLU B 33 -1.75 16.46 0.96
C GLU B 33 -1.61 15.13 1.70
N TYR B 34 -0.49 14.97 2.41
CA TYR B 34 -0.23 13.75 3.16
C TYR B 34 -0.85 13.80 4.54
N ALA B 35 -1.09 12.61 5.11
CA ALA B 35 -1.70 12.53 6.42
C ALA B 35 -1.23 11.29 7.18
N GLN B 36 -1.05 11.45 8.48
CA GLN B 36 -0.61 10.36 9.33
C GLN B 36 -1.70 10.02 10.35
N VAL B 37 -2.34 8.88 10.16
CA VAL B 37 -3.42 8.45 11.05
C VAL B 37 -2.98 8.40 12.51
N ILE B 38 -3.85 8.88 13.40
CA ILE B 38 -3.56 8.88 14.83
C ILE B 38 -4.56 7.98 15.56
N LYS B 39 -5.82 8.09 15.18
CA LYS B 39 -6.89 7.31 15.79
C LYS B 39 -7.92 6.89 14.76
N MET B 40 -8.58 5.76 15.00
CA MET B 40 -9.60 5.26 14.08
C MET B 40 -11.00 5.61 14.57
N LEU B 41 -11.84 6.11 13.66
CA LEU B 41 -13.20 6.48 14.03
C LEU B 41 -14.16 5.33 13.77
N GLY B 42 -13.91 4.58 12.71
CA GLY B 42 -14.77 3.46 12.37
C GLY B 42 -14.67 3.07 10.90
N ASN B 43 -15.82 2.89 10.27
CA ASN B 43 -15.87 2.52 8.86
C ASN B 43 -16.45 3.65 8.02
N GLY B 44 -15.58 4.54 7.55
CA GLY B 44 -16.02 5.66 6.74
C GLY B 44 -15.17 6.90 6.93
N ARG B 45 -14.52 6.99 8.09
CA ARG B 45 -13.68 8.13 8.40
C ARG B 45 -12.59 7.73 9.39
N LEU B 46 -11.52 8.53 9.45
CA LEU B 46 -10.41 8.24 10.34
C LEU B 46 -9.76 9.52 10.87
N GLU B 47 -9.21 9.44 12.08
CA GLU B 47 -8.54 10.59 12.67
C GLU B 47 -7.06 10.53 12.31
N ALA B 48 -6.56 11.58 11.67
CA ALA B 48 -5.17 11.62 11.25
C ALA B 48 -4.54 12.98 11.50
N MET B 49 -3.21 13.01 11.42
CA MET B 49 -2.45 14.23 11.62
C MET B 49 -1.74 14.62 10.33
N CYS B 50 -2.36 15.51 9.56
CA CYS B 50 -1.77 15.97 8.30
C CYS B 50 -0.29 16.30 8.47
N PHE B 51 0.55 15.69 7.64
CA PHE B 51 1.99 15.91 7.71
C PHE B 51 2.34 17.40 7.77
N ASP B 52 1.44 18.24 7.29
CA ASP B 52 1.66 19.68 7.29
C ASP B 52 1.52 20.26 8.71
N GLY B 53 0.96 19.47 9.61
CA GLY B 53 0.78 19.92 10.98
C GLY B 53 -0.65 20.34 11.28
N VAL B 54 -1.60 19.65 10.66
CA VAL B 54 -3.02 19.96 10.87
C VAL B 54 -3.80 18.72 11.27
N LYS B 55 -4.49 18.80 12.40
CA LYS B 55 -5.29 17.69 12.89
C LYS B 55 -6.68 17.71 12.27
N ARG B 56 -6.97 16.72 11.43
CA ARG B 56 -8.26 16.65 10.77
C ARG B 56 -8.71 15.20 10.58
N LEU B 57 -9.98 15.02 10.25
CA LEU B 57 -10.54 13.69 10.05
C LEU B 57 -10.57 13.34 8.57
N CYS B 58 -9.69 12.43 8.16
CA CYS B 58 -9.60 12.01 6.77
C CYS B 58 -10.63 10.91 6.48
N HIS B 59 -11.46 11.14 5.47
CA HIS B 59 -12.48 10.17 5.09
C HIS B 59 -11.91 9.08 4.21
N ILE B 60 -12.29 7.83 4.48
CA ILE B 60 -11.81 6.70 3.70
C ILE B 60 -12.38 6.74 2.28
N ARG B 61 -11.56 6.38 1.30
CA ARG B 61 -11.99 6.39 -0.09
C ARG B 61 -12.90 5.20 -0.39
N GLY B 62 -13.88 5.43 -1.27
CA GLY B 62 -14.80 4.37 -1.64
C GLY B 62 -14.15 3.30 -2.50
N LYS B 63 -13.49 3.73 -3.57
CA LYS B 63 -12.81 2.81 -4.47
C LYS B 63 -11.81 1.96 -3.71
N LEU B 64 -11.22 2.54 -2.66
CA LEU B 64 -10.25 1.84 -1.83
C LEU B 64 -10.95 1.03 -0.75
N ARG B 65 -12.10 1.53 -0.29
CA ARG B 65 -12.88 0.86 0.74
C ARG B 65 -13.08 -0.62 0.42
N LYS B 66 -13.10 -0.93 -0.87
CA LYS B 66 -13.29 -2.31 -1.32
C LYS B 66 -12.23 -3.24 -0.73
N LYS B 67 -11.07 -2.69 -0.42
CA LYS B 67 -9.99 -3.48 0.16
C LYS B 67 -8.85 -2.60 0.67
N VAL B 68 -9.21 -1.58 1.44
CA VAL B 68 -8.22 -0.66 1.99
C VAL B 68 -8.29 -0.60 3.51
N TRP B 69 -7.17 -0.90 4.16
CA TRP B 69 -7.09 -0.87 5.61
C TRP B 69 -6.21 0.28 6.09
N ILE B 70 -6.84 1.29 6.68
CA ILE B 70 -6.12 2.45 7.19
C ILE B 70 -5.51 2.14 8.54
N ASN B 71 -4.21 2.31 8.66
CA ASN B 71 -3.51 2.05 9.90
C ASN B 71 -3.56 3.25 10.83
N THR B 72 -3.50 3.01 12.12
CA THR B 72 -3.54 4.09 13.11
C THR B 72 -2.19 4.78 13.24
N SER B 73 -1.20 4.24 12.57
CA SER B 73 0.15 4.79 12.60
C SER B 73 0.84 4.58 11.26
N ASP B 74 0.17 5.00 10.19
CA ASP B 74 0.72 4.84 8.85
C ASP B 74 0.56 6.12 8.03
N ILE B 75 1.30 6.19 6.93
CA ILE B 75 1.26 7.34 6.04
C ILE B 75 0.14 7.15 5.01
N ILE B 76 -0.48 8.25 4.60
CA ILE B 76 -1.56 8.20 3.63
C ILE B 76 -1.62 9.48 2.81
N LEU B 77 -2.44 9.44 1.76
CA LEU B 77 -2.62 10.60 0.91
C LEU B 77 -4.09 10.99 0.86
N VAL B 78 -4.39 12.23 1.24
CA VAL B 78 -5.75 12.72 1.24
C VAL B 78 -5.90 13.94 0.33
N GLY B 79 -7.11 14.15 -0.17
CA GLY B 79 -7.35 15.29 -1.05
C GLY B 79 -7.92 16.49 -0.33
N LEU B 80 -7.66 17.68 -0.88
CA LEU B 80 -8.16 18.92 -0.30
C LEU B 80 -8.71 19.84 -1.37
N ARG B 81 -9.90 20.37 -1.14
CA ARG B 81 -10.53 21.28 -2.10
C ARG B 81 -11.91 21.73 -1.61
N ASP B 82 -12.85 20.80 -1.58
CA ASP B 82 -14.21 21.11 -1.14
C ASP B 82 -14.29 21.23 0.38
N TYR B 83 -13.27 20.75 1.08
CA TYR B 83 -13.25 20.81 2.53
C TYR B 83 -13.03 22.24 3.03
N GLN B 84 -12.65 23.15 2.13
CA GLN B 84 -12.42 24.54 2.49
C GLN B 84 -11.23 24.66 3.44
N ASP B 85 -10.29 23.73 3.32
CA ASP B 85 -9.10 23.72 4.17
C ASP B 85 -9.48 23.51 5.62
N ASN B 86 -9.37 22.27 6.07
CA ASN B 86 -9.70 21.89 7.45
C ASN B 86 -9.83 20.37 7.55
N LYS B 87 -10.21 19.75 6.43
CA LYS B 87 -10.38 18.30 6.38
C LYS B 87 -9.90 17.77 5.03
N ALA B 88 -9.65 16.46 4.96
CA ALA B 88 -9.19 15.84 3.73
C ALA B 88 -9.86 14.49 3.50
N ASP B 89 -9.66 13.93 2.32
CA ASP B 89 -10.25 12.64 1.97
C ASP B 89 -9.19 11.69 1.45
N VAL B 90 -8.89 10.65 2.23
CA VAL B 90 -7.89 9.67 1.82
C VAL B 90 -8.15 9.16 0.40
N ILE B 91 -7.25 9.51 -0.52
CA ILE B 91 -7.38 9.08 -1.91
C ILE B 91 -6.80 7.68 -2.07
N LEU B 92 -5.64 7.47 -1.45
CA LEU B 92 -4.97 6.18 -1.48
C LEU B 92 -4.28 5.93 -0.15
N LYS B 93 -3.87 4.68 0.09
CA LYS B 93 -3.21 4.34 1.35
C LYS B 93 -1.74 3.99 1.14
N TYR B 94 -0.86 4.75 1.80
CA TYR B 94 0.56 4.51 1.73
C TYR B 94 0.95 3.40 2.71
N ASN B 95 1.22 2.22 2.18
CA ASN B 95 1.56 1.05 3.00
C ASN B 95 2.82 1.23 3.83
N ALA B 96 3.03 0.33 4.78
CA ALA B 96 4.19 0.35 5.66
C ALA B 96 5.44 -0.08 4.89
N ASP B 97 5.26 -1.04 3.97
CA ASP B 97 6.37 -1.50 3.16
C ASP B 97 6.87 -0.36 2.31
N GLU B 98 5.91 0.41 1.80
CA GLU B 98 6.21 1.59 1.00
C GLU B 98 6.95 2.60 1.85
N ALA B 99 6.68 2.57 3.16
CA ALA B 99 7.29 3.50 4.10
C ALA B 99 8.77 3.70 3.83
N ARG B 100 9.47 2.62 3.47
CA ARG B 100 10.89 2.73 3.14
C ARG B 100 11.05 3.62 1.92
N SER B 101 10.07 3.51 1.02
CA SER B 101 10.02 4.29 -0.19
C SER B 101 9.55 5.70 0.12
N LEU B 102 8.83 5.87 1.23
CA LEU B 102 8.33 7.19 1.62
C LEU B 102 9.44 8.21 1.63
N LYS B 103 10.65 7.78 1.95
CA LYS B 103 11.77 8.72 1.88
C LYS B 103 11.77 9.29 0.47
N ALA B 104 11.36 8.42 -0.46
CA ALA B 104 11.23 8.76 -1.87
C ALA B 104 9.91 9.50 -2.14
N TYR B 105 8.94 9.35 -1.22
CA TYR B 105 7.64 10.01 -1.35
C TYR B 105 7.79 11.52 -1.19
N GLY B 106 9.00 11.95 -0.82
CA GLY B 106 9.26 13.36 -0.64
C GLY B 106 8.36 13.96 0.42
N GLU B 107 8.06 13.19 1.46
CA GLU B 107 7.20 13.63 2.54
C GLU B 107 7.88 13.46 3.90
N LEU B 108 8.28 12.23 4.20
CA LEU B 108 8.95 11.94 5.46
C LEU B 108 10.46 12.00 5.32
N PRO B 109 11.12 12.92 6.06
CA PRO B 109 12.58 13.07 6.00
C PRO B 109 13.31 11.76 6.27
N GLU B 110 14.63 11.80 6.20
CA GLU B 110 15.45 10.61 6.43
C GLU B 110 15.36 10.16 7.88
N HIS B 111 15.17 11.12 8.79
CA HIS B 111 15.07 10.83 10.21
C HIS B 111 13.69 10.25 10.56
N ALA B 112 12.72 10.45 9.67
CA ALA B 112 11.37 9.95 9.89
C ALA B 112 11.37 8.47 10.23
N LYS B 113 10.70 8.10 11.32
CA LYS B 113 10.63 6.71 11.74
C LYS B 113 9.24 6.14 11.48
N ILE B 114 9.20 4.95 10.91
CA ILE B 114 7.95 4.29 10.58
C ILE B 114 7.63 3.19 11.61
N ASN B 115 6.34 2.88 11.75
CA ASN B 115 5.91 1.86 12.68
C ASN B 115 6.28 0.46 12.19
N GLU B 116 7.58 0.21 12.08
CA GLU B 116 8.07 -1.09 11.62
C GLU B 116 7.48 -1.45 10.27
N THR B 117 7.78 -2.67 9.80
CA THR B 117 7.26 -3.15 8.52
C THR B 117 6.39 -4.37 8.72
N ASP B 118 6.99 -5.46 9.19
CA ASP B 118 6.26 -6.71 9.42
C ASP B 118 5.63 -7.21 8.12
N THR B 119 6.38 -8.00 7.38
CA THR B 119 5.88 -8.55 6.12
C THR B 119 5.40 -9.98 6.30
N PHE B 120 4.81 -10.55 5.25
CA PHE B 120 4.30 -11.91 5.29
C PHE B 120 4.92 -12.76 4.18
N GLY B 121 5.91 -13.56 4.54
CA GLY B 121 6.57 -14.41 3.56
C GLY B 121 7.70 -15.22 4.17
N PRO B 122 7.45 -16.50 4.52
CA PRO B 122 8.48 -17.37 5.11
C PRO B 122 9.60 -17.70 4.13
N GLY B 123 10.57 -18.47 4.60
CA GLY B 123 11.68 -18.85 3.75
C GLY B 123 12.77 -17.79 3.71
N ASP B 124 13.40 -17.64 2.55
CA ASP B 124 14.47 -16.64 2.38
C ASP B 124 15.66 -16.97 3.27
N ASP B 125 16.85 -16.96 2.69
CA ASP B 125 18.08 -17.25 3.43
C ASP B 125 18.05 -18.67 4.00
N ASP B 126 18.98 -19.50 3.55
CA ASP B 126 19.07 -20.88 4.01
C ASP B 126 19.29 -20.93 5.52
N GLU B 127 18.24 -21.24 6.26
CA GLU B 127 18.31 -21.32 7.72
C GLU B 127 18.51 -22.77 8.16
N ILE B 128 17.72 -23.68 7.59
CA ILE B 128 17.81 -25.10 7.95
C ILE B 128 17.65 -25.98 6.71
N GLN B 129 18.68 -26.76 6.41
CA GLN B 129 18.64 -27.65 5.25
C GLN B 129 18.34 -29.08 5.67
N PHE B 130 18.46 -29.37 6.97
CA PHE B 130 18.19 -30.70 7.49
C PHE B 130 16.79 -31.18 7.08
N ASP B 131 15.81 -30.28 7.19
CA ASP B 131 14.44 -30.62 6.83
C ASP B 131 13.92 -31.77 7.68
N ASP B 132 14.23 -31.73 8.98
CA ASP B 132 13.78 -32.77 9.90
C ASP B 132 12.27 -32.74 10.08
N ILE B 133 11.55 -33.24 9.08
CA ILE B 133 10.09 -33.26 9.12
C ILE B 133 9.54 -34.43 8.30
N GLY B 134 8.99 -35.42 9.00
CA GLY B 134 8.43 -36.57 8.33
C GLY B 134 7.01 -36.34 7.85
N ASP B 135 6.41 -37.36 7.24
CA ASP B 135 5.04 -37.25 6.75
C ASP B 135 4.92 -36.16 5.69
N ASP B 136 3.93 -36.28 4.82
CA ASP B 136 3.70 -35.31 3.76
C ASP B 136 3.05 -34.05 4.32
N ASP B 137 3.60 -32.89 3.96
CA ASP B 137 3.07 -31.61 4.43
C ASP B 137 3.00 -30.61 3.28
N GLU B 138 2.56 -31.06 2.12
CA GLU B 138 2.44 -30.20 0.96
C GLU B 138 1.52 -29.01 1.23
N ASP B 139 2.11 -27.84 1.39
CA ASP B 139 1.33 -26.62 1.66
C ASP B 139 1.21 -25.76 0.42
N ILE B 140 2.16 -25.91 -0.51
CA ILE B 140 2.15 -25.14 -1.73
C ILE B 140 2.39 -26.03 -2.95
N ASP B 141 1.41 -26.89 -3.23
CA ASP B 141 1.51 -27.80 -4.37
C ASP B 141 0.14 -27.99 -5.03
N ASP B 142 0.07 -27.67 -6.32
CA ASP B 142 -1.18 -27.80 -7.06
C ASP B 142 -0.92 -28.32 -8.46
N ILE B 143 -1.58 -29.41 -8.82
CA ILE B 143 -1.42 -30.02 -10.14
C ILE B 143 -2.16 -29.23 -11.21
N MET A 1 4.06 12.93 -26.77
CA MET A 1 5.46 13.31 -27.10
C MET A 1 5.81 12.92 -28.54
N ARG A 2 5.61 13.85 -29.46
CA ARG A 2 5.91 13.60 -30.87
C ARG A 2 5.04 12.48 -31.42
N GLY A 3 4.91 12.43 -32.74
CA GLY A 3 4.10 11.40 -33.36
C GLY A 3 3.13 11.96 -34.38
N SER A 4 3.58 12.90 -35.18
CA SER A 4 2.74 13.52 -36.20
C SER A 4 2.51 12.56 -37.37
N HIS A 5 1.73 11.52 -37.12
CA HIS A 5 1.42 10.54 -38.15
C HIS A 5 -0.07 10.47 -38.42
N HIS A 6 -0.75 11.61 -38.28
CA HIS A 6 -2.19 11.68 -38.51
C HIS A 6 -2.54 12.88 -39.39
N HIS A 7 -3.81 12.99 -39.75
CA HIS A 7 -4.27 14.10 -40.59
C HIS A 7 -5.79 14.20 -40.54
N HIS A 8 -6.28 15.24 -39.85
CA HIS A 8 -7.71 15.47 -39.74
C HIS A 8 -8.39 14.31 -38.99
N HIS A 9 -9.40 14.63 -38.20
CA HIS A 9 -10.13 13.62 -37.45
C HIS A 9 -9.21 12.90 -36.46
N HIS A 10 -9.76 11.94 -35.74
CA HIS A 10 -8.99 11.17 -34.78
C HIS A 10 -8.45 12.08 -33.66
N THR A 11 -9.18 13.15 -33.38
CA THR A 11 -8.78 14.09 -32.34
C THR A 11 -9.30 13.65 -30.98
N ASP A 12 -8.72 12.57 -30.46
CA ASP A 12 -9.11 12.04 -29.16
C ASP A 12 -8.17 10.94 -28.70
N PRO A 13 -6.97 11.31 -28.24
CA PRO A 13 -5.96 10.35 -27.78
C PRO A 13 -6.38 9.67 -26.47
N MET A 14 -5.59 8.67 -26.06
CA MET A 14 -5.87 7.93 -24.84
C MET A 14 -4.74 8.10 -23.83
N PRO B 1 -4.99 8.81 -22.72
CA PRO B 1 -3.98 9.04 -21.68
C PRO B 1 -3.28 7.76 -21.25
N LYS B 2 -1.98 7.84 -21.04
CA LYS B 2 -1.18 6.69 -20.62
C LYS B 2 -1.06 5.67 -21.77
N ASN B 3 -2.19 5.09 -22.16
CA ASN B 3 -2.20 4.11 -23.25
C ASN B 3 -1.41 2.87 -22.85
N LYS B 4 -1.98 2.06 -21.96
CA LYS B 4 -1.34 0.84 -21.50
C LYS B 4 -2.07 -0.40 -22.03
N GLY B 5 -3.34 -0.24 -22.36
CA GLY B 5 -4.12 -1.35 -22.88
C GLY B 5 -3.44 -2.08 -24.03
N LYS B 6 -3.22 -3.37 -23.86
CA LYS B 6 -2.57 -4.18 -24.89
C LYS B 6 -3.57 -4.62 -25.96
N GLY B 7 -4.59 -5.34 -25.54
CA GLY B 7 -5.61 -5.81 -26.46
C GLY B 7 -6.96 -5.19 -26.20
N GLY B 8 -7.46 -5.35 -24.98
CA GLY B 8 -8.76 -4.80 -24.63
C GLY B 8 -9.90 -5.42 -25.43
N LYS B 9 -10.38 -4.69 -26.42
CA LYS B 9 -11.47 -5.17 -27.26
C LYS B 9 -12.73 -5.43 -26.44
N ASN B 10 -12.88 -4.66 -25.35
CA ASN B 10 -14.03 -4.81 -24.47
C ASN B 10 -14.00 -3.76 -23.36
N ARG B 11 -13.56 -2.56 -23.70
CA ARG B 11 -13.47 -1.46 -22.73
C ARG B 11 -12.50 -1.82 -21.60
N ARG B 12 -11.31 -2.26 -21.98
CA ARG B 12 -10.29 -2.62 -21.01
C ARG B 12 -10.76 -3.77 -20.12
N ARG B 13 -10.51 -4.99 -20.56
CA ARG B 13 -10.91 -6.17 -19.81
C ARG B 13 -9.97 -7.35 -20.08
N GLY B 14 -8.73 -7.03 -20.41
CA GLY B 14 -7.76 -8.08 -20.70
C GLY B 14 -6.67 -8.15 -19.65
N LYS B 15 -6.37 -7.01 -19.03
CA LYS B 15 -5.33 -6.93 -17.99
C LYS B 15 -3.95 -7.18 -18.59
N ASN B 16 -3.69 -8.42 -19.00
CA ASN B 16 -2.40 -8.78 -19.57
C ASN B 16 -1.25 -8.37 -18.65
N GLU B 17 -0.90 -9.26 -17.72
CA GLU B 17 0.17 -9.00 -16.78
C GLU B 17 1.53 -9.17 -17.44
N ASN B 18 1.78 -10.36 -17.99
CA ASN B 18 3.04 -10.65 -18.65
C ASN B 18 4.20 -10.62 -17.65
N GLU B 19 4.64 -9.41 -17.31
CA GLU B 19 5.74 -9.24 -16.36
C GLU B 19 5.22 -9.08 -14.93
N SER B 20 3.91 -8.88 -14.80
CA SER B 20 3.29 -8.71 -13.48
C SER B 20 3.80 -7.44 -12.81
N GLU B 21 2.90 -6.45 -12.68
CA GLU B 21 3.25 -5.19 -12.04
C GLU B 21 2.59 -5.06 -10.67
N LYS B 22 2.65 -6.15 -9.89
CA LYS B 22 2.06 -6.16 -8.56
C LYS B 22 2.70 -5.09 -7.67
N ARG B 23 3.98 -4.84 -7.90
CA ARG B 23 4.71 -3.83 -7.12
C ARG B 23 4.49 -2.43 -7.70
N GLU B 24 3.64 -1.66 -7.04
CA GLU B 24 3.35 -0.30 -7.49
C GLU B 24 3.57 0.70 -6.35
N LEU B 25 4.19 1.82 -6.67
CA LEU B 25 4.46 2.86 -5.69
C LEU B 25 3.93 4.22 -6.16
N VAL B 26 3.08 4.82 -5.35
CA VAL B 26 2.49 6.12 -5.68
C VAL B 26 2.62 7.12 -4.53
N PHE B 27 2.90 8.37 -4.88
CA PHE B 27 3.04 9.43 -3.90
C PHE B 27 1.89 10.43 -4.04
N LYS B 28 1.76 11.35 -3.09
CA LYS B 28 0.70 12.34 -3.12
C LYS B 28 0.93 13.34 -4.25
N GLU B 29 -0.15 13.87 -4.82
CA GLU B 29 -0.04 14.83 -5.91
C GLU B 29 -0.83 16.10 -5.60
N ASP B 30 -0.74 17.07 -6.50
CA ASP B 30 -1.45 18.34 -6.33
C ASP B 30 -2.92 18.12 -5.98
N GLY B 31 -3.39 18.86 -4.99
CA GLY B 31 -4.77 18.72 -4.57
C GLY B 31 -4.95 17.69 -3.47
N GLN B 32 -3.93 16.85 -3.28
CA GLN B 32 -3.97 15.81 -2.27
C GLN B 32 -2.66 15.79 -1.48
N GLU B 33 -2.76 15.60 -0.17
CA GLU B 33 -1.57 15.58 0.68
C GLU B 33 -1.50 14.30 1.50
N TYR B 34 -0.29 13.95 1.93
CA TYR B 34 -0.07 12.75 2.74
C TYR B 34 -0.32 13.06 4.21
N ALA B 35 -0.61 12.03 5.00
CA ALA B 35 -0.89 12.22 6.41
C ALA B 35 -0.46 11.02 7.24
N GLN B 36 -0.57 11.18 8.56
CA GLN B 36 -0.21 10.13 9.50
C GLN B 36 -1.35 9.88 10.48
N VAL B 37 -2.01 8.73 10.34
CA VAL B 37 -3.14 8.40 11.20
C VAL B 37 -2.73 8.31 12.66
N ILE B 38 -3.56 8.88 13.53
CA ILE B 38 -3.31 8.87 14.97
C ILE B 38 -4.40 8.09 15.71
N LYS B 39 -5.64 8.28 15.28
CA LYS B 39 -6.78 7.60 15.90
C LYS B 39 -7.81 7.21 14.85
N MET B 40 -8.64 6.23 15.17
CA MET B 40 -9.67 5.76 14.26
C MET B 40 -11.06 6.00 14.84
N LEU B 41 -11.96 6.52 14.02
CA LEU B 41 -13.32 6.81 14.45
C LEU B 41 -14.33 5.97 13.66
N GLY B 42 -15.61 6.32 13.77
CA GLY B 42 -16.64 5.59 13.06
C GLY B 42 -17.33 6.45 12.02
N ASN B 43 -18.31 5.87 11.33
CA ASN B 43 -19.05 6.60 10.30
C ASN B 43 -18.19 6.85 9.07
N GLY B 44 -17.38 5.85 8.71
CA GLY B 44 -16.52 5.97 7.56
C GLY B 44 -15.57 7.16 7.65
N ARG B 45 -14.84 7.23 8.77
CA ARG B 45 -13.89 8.33 8.98
C ARG B 45 -12.79 7.89 9.95
N LEU B 46 -11.69 8.64 9.94
CA LEU B 46 -10.57 8.33 10.82
C LEU B 46 -9.85 9.61 11.28
N GLU B 47 -9.23 9.55 12.44
CA GLU B 47 -8.49 10.69 12.98
C GLU B 47 -7.02 10.57 12.59
N ALA B 48 -6.51 11.57 11.90
CA ALA B 48 -5.12 11.57 11.47
C ALA B 48 -4.40 12.86 11.85
N MET B 49 -3.08 12.80 11.85
CA MET B 49 -2.24 13.94 12.17
C MET B 49 -1.33 14.28 10.99
N CYS B 50 -1.71 15.31 10.24
CA CYS B 50 -0.93 15.73 9.08
C CYS B 50 0.51 16.05 9.50
N PHE B 51 1.47 15.48 8.80
CA PHE B 51 2.89 15.69 9.10
C PHE B 51 3.21 17.18 9.22
N ASP B 52 2.40 18.02 8.56
CA ASP B 52 2.62 19.45 8.59
C ASP B 52 2.20 20.06 9.94
N GLY B 53 1.58 19.24 10.78
CA GLY B 53 1.14 19.71 12.08
C GLY B 53 -0.32 20.11 12.11
N VAL B 54 -1.15 19.38 11.37
CA VAL B 54 -2.58 19.66 11.31
C VAL B 54 -3.39 18.41 11.62
N LYS B 55 -4.27 18.51 12.61
CA LYS B 55 -5.12 17.39 13.00
C LYS B 55 -6.49 17.48 12.33
N ARG B 56 -6.78 16.51 11.47
CA ARG B 56 -8.06 16.48 10.77
C ARG B 56 -8.57 15.05 10.65
N LEU B 57 -9.86 14.92 10.39
CA LEU B 57 -10.49 13.61 10.25
C LEU B 57 -10.57 13.20 8.78
N CYS B 58 -9.77 12.20 8.41
CA CYS B 58 -9.76 11.71 7.04
C CYS B 58 -10.88 10.70 6.82
N HIS B 59 -11.79 11.02 5.90
CA HIS B 59 -12.92 10.14 5.60
C HIS B 59 -12.50 9.00 4.68
N ILE B 60 -13.05 7.82 4.92
CA ILE B 60 -12.75 6.65 4.11
C ILE B 60 -13.34 6.82 2.72
N ARG B 61 -12.51 6.67 1.69
CA ARG B 61 -12.98 6.81 0.32
C ARG B 61 -11.85 6.58 -0.69
N GLY B 62 -12.13 6.92 -1.95
CA GLY B 62 -11.14 6.73 -3.00
C GLY B 62 -11.29 5.40 -3.70
N LYS B 63 -10.55 5.22 -4.80
CA LYS B 63 -10.61 3.97 -5.55
C LYS B 63 -10.30 2.78 -4.65
N LEU B 64 -9.63 3.04 -3.53
CA LEU B 64 -9.29 2.00 -2.57
C LEU B 64 -10.52 1.43 -1.87
N ARG B 65 -11.67 2.11 -2.04
CA ARG B 65 -12.91 1.68 -1.41
C ARG B 65 -13.14 0.17 -1.60
N LYS B 66 -12.63 -0.38 -2.68
CA LYS B 66 -12.78 -1.80 -2.97
C LYS B 66 -12.11 -2.64 -1.87
N LYS B 67 -11.11 -2.06 -1.22
CA LYS B 67 -10.39 -2.74 -0.15
C LYS B 67 -9.46 -1.75 0.56
N VAL B 68 -10.04 -0.64 1.00
CA VAL B 68 -9.27 0.40 1.68
C VAL B 68 -9.08 0.07 3.15
N TRP B 69 -7.84 -0.23 3.51
CA TRP B 69 -7.50 -0.54 4.90
C TRP B 69 -6.64 0.56 5.51
N ILE B 70 -7.22 1.31 6.43
CA ILE B 70 -6.49 2.38 7.10
C ILE B 70 -5.94 1.91 8.43
N ASN B 71 -4.79 2.44 8.81
CA ASN B 71 -4.17 2.08 10.07
C ASN B 71 -4.02 3.28 10.98
N THR B 72 -3.99 3.03 12.29
CA THR B 72 -3.85 4.11 13.26
C THR B 72 -2.40 4.56 13.41
N SER B 73 -1.52 3.84 12.75
CA SER B 73 -0.09 4.14 12.79
C SER B 73 0.56 3.85 11.46
N ASP B 74 0.13 4.55 10.42
CA ASP B 74 0.67 4.36 9.08
C ASP B 74 0.55 5.62 8.24
N ILE B 75 1.27 5.65 7.13
CA ILE B 75 1.25 6.78 6.21
C ILE B 75 0.11 6.64 5.22
N ILE B 76 -0.49 7.76 4.82
CA ILE B 76 -1.58 7.73 3.86
C ILE B 76 -1.64 9.00 3.03
N LEU B 77 -2.48 8.99 2.02
CA LEU B 77 -2.67 10.16 1.17
C LEU B 77 -4.16 10.47 1.05
N VAL B 78 -4.54 11.69 1.43
CA VAL B 78 -5.93 12.10 1.38
C VAL B 78 -6.12 13.24 0.37
N GLY B 79 -7.37 13.48 0.00
CA GLY B 79 -7.67 14.54 -0.95
C GLY B 79 -8.36 15.72 -0.30
N LEU B 80 -7.77 16.90 -0.45
CA LEU B 80 -8.33 18.11 0.13
C LEU B 80 -8.85 19.04 -0.97
N ARG B 81 -10.15 19.33 -0.93
CA ARG B 81 -10.78 20.20 -1.92
C ARG B 81 -12.14 20.68 -1.43
N ASP B 82 -13.14 19.82 -1.55
CA ASP B 82 -14.50 20.16 -1.12
C ASP B 82 -14.63 20.12 0.40
N TYR B 83 -13.62 19.56 1.07
CA TYR B 83 -13.63 19.46 2.52
C TYR B 83 -13.11 20.74 3.18
N GLN B 84 -12.95 21.80 2.39
CA GLN B 84 -12.47 23.08 2.91
C GLN B 84 -11.02 22.97 3.36
N ASP B 85 -10.28 22.04 2.78
CA ASP B 85 -8.87 21.84 3.13
C ASP B 85 -8.72 21.18 4.50
N ASN B 86 -9.29 21.81 5.52
CA ASN B 86 -9.22 21.30 6.89
C ASN B 86 -9.40 19.79 6.93
N LYS B 87 -10.20 19.26 6.01
CA LYS B 87 -10.45 17.82 5.95
C LYS B 87 -10.09 17.25 4.58
N ALA B 88 -9.85 15.96 4.53
CA ALA B 88 -9.50 15.29 3.27
C ALA B 88 -9.92 13.82 3.29
N ASP B 89 -10.10 13.26 2.11
CA ASP B 89 -10.50 11.86 2.00
C ASP B 89 -9.35 10.98 1.52
N VAL B 90 -9.06 9.93 2.27
CA VAL B 90 -7.97 9.02 1.91
C VAL B 90 -8.13 8.53 0.47
N ILE B 91 -7.22 8.95 -0.40
CA ILE B 91 -7.25 8.55 -1.80
C ILE B 91 -6.64 7.17 -1.95
N LEU B 92 -5.38 7.07 -1.53
CA LEU B 92 -4.65 5.79 -1.58
C LEU B 92 -4.02 5.52 -0.23
N LYS B 93 -3.55 4.29 -0.02
CA LYS B 93 -2.96 3.92 1.25
C LYS B 93 -1.45 3.69 1.15
N TYR B 94 -0.69 4.49 1.89
CA TYR B 94 0.76 4.35 1.93
C TYR B 94 1.11 3.27 2.96
N ASN B 95 1.52 2.10 2.46
CA ASN B 95 1.82 0.95 3.33
C ASN B 95 3.09 1.12 4.16
N ALA B 96 3.31 0.16 5.07
CA ALA B 96 4.48 0.18 5.95
C ALA B 96 5.72 -0.25 5.18
N ASP B 97 5.65 -1.38 4.48
CA ASP B 97 6.77 -1.84 3.68
C ASP B 97 7.05 -0.79 2.62
N GLU B 98 5.96 -0.24 2.10
CA GLU B 98 6.00 0.83 1.11
C GLU B 98 6.57 2.09 1.75
N ALA B 99 6.33 2.23 3.05
CA ALA B 99 6.79 3.38 3.82
C ALA B 99 8.24 3.74 3.53
N ARG B 100 9.12 2.74 3.44
CA ARG B 100 10.53 3.00 3.16
C ARG B 100 10.67 3.90 1.94
N SER B 101 9.86 3.62 0.93
CA SER B 101 9.83 4.40 -0.29
C SER B 101 9.42 5.84 -0.01
N LEU B 102 8.76 6.05 1.13
CA LEU B 102 8.30 7.39 1.50
C LEU B 102 9.42 8.40 1.41
N LYS B 103 10.64 7.98 1.70
CA LYS B 103 11.76 8.89 1.54
C LYS B 103 11.72 9.38 0.09
N ALA B 104 11.29 8.47 -0.78
CA ALA B 104 11.11 8.72 -2.20
C ALA B 104 9.78 9.44 -2.47
N TYR B 105 8.85 9.34 -1.51
CA TYR B 105 7.52 9.97 -1.65
C TYR B 105 7.64 11.49 -1.64
N GLY B 106 8.84 12.00 -1.36
CA GLY B 106 9.03 13.43 -1.31
C GLY B 106 8.12 14.08 -0.28
N GLU B 107 7.69 13.29 0.69
CA GLU B 107 6.80 13.77 1.75
C GLU B 107 7.53 13.84 3.09
N LEU B 108 8.02 12.70 3.56
CA LEU B 108 8.73 12.63 4.83
C LEU B 108 10.19 13.03 4.66
N PRO B 109 10.74 13.80 5.61
CA PRO B 109 12.13 14.25 5.56
C PRO B 109 13.12 13.13 5.87
N GLU B 110 14.41 13.44 5.79
CA GLU B 110 15.45 12.47 6.06
C GLU B 110 15.37 11.96 7.50
N HIS B 111 14.88 12.82 8.39
CA HIS B 111 14.76 12.46 9.81
C HIS B 111 13.46 11.71 10.07
N ALA B 112 12.68 11.46 9.02
CA ALA B 112 11.42 10.74 9.16
C ALA B 112 11.65 9.26 9.41
N LYS B 113 11.05 8.74 10.47
CA LYS B 113 11.19 7.33 10.82
C LYS B 113 9.84 6.64 10.93
N ILE B 114 9.68 5.54 10.22
CA ILE B 114 8.43 4.79 10.22
C ILE B 114 8.46 3.71 11.29
N ASN B 115 7.27 3.29 11.74
CA ASN B 115 7.16 2.26 12.77
C ASN B 115 7.36 0.87 12.17
N GLU B 116 7.87 -0.05 12.98
CA GLU B 116 8.11 -1.42 12.54
C GLU B 116 6.81 -2.08 12.09
N THR B 117 6.85 -2.74 10.94
CA THR B 117 5.68 -3.42 10.41
C THR B 117 5.22 -4.53 11.33
N ASP B 118 3.91 -4.65 11.51
CA ASP B 118 3.32 -5.66 12.37
C ASP B 118 4.04 -7.01 12.23
N THR B 119 4.29 -7.42 10.99
CA THR B 119 4.97 -8.68 10.72
C THR B 119 5.93 -8.54 9.55
N PHE B 120 6.55 -9.66 9.16
CA PHE B 120 7.49 -9.66 8.06
C PHE B 120 7.72 -11.08 7.53
N GLY B 121 6.96 -11.45 6.51
CA GLY B 121 7.09 -12.78 5.93
C GLY B 121 5.84 -13.61 6.09
N PRO B 122 5.75 -14.44 7.15
CA PRO B 122 4.58 -15.28 7.40
C PRO B 122 3.36 -14.49 7.84
N GLY B 123 2.27 -15.19 8.11
CA GLY B 123 1.05 -14.53 8.54
C GLY B 123 0.13 -15.46 9.31
N ASP B 124 -0.84 -16.05 8.61
CA ASP B 124 -1.79 -16.96 9.24
C ASP B 124 -2.56 -16.27 10.35
N ASP B 125 -3.54 -15.47 9.97
CA ASP B 125 -4.36 -14.75 10.94
C ASP B 125 -5.68 -14.30 10.32
N ASP B 126 -6.39 -15.25 9.71
CA ASP B 126 -7.66 -14.95 9.08
C ASP B 126 -8.67 -14.42 10.10
N GLU B 127 -8.52 -14.84 11.35
CA GLU B 127 -9.41 -14.40 12.42
C GLU B 127 -8.91 -13.09 13.03
N ILE B 128 -9.82 -12.39 13.72
CA ILE B 128 -9.48 -11.12 14.35
C ILE B 128 -9.69 -11.18 15.86
N GLN B 129 -10.69 -11.96 16.29
CA GLN B 129 -11.00 -12.09 17.70
C GLN B 129 -9.75 -12.40 18.52
N PHE B 130 -9.14 -11.36 19.07
CA PHE B 130 -7.93 -11.51 19.89
C PHE B 130 -6.79 -12.10 19.06
N ASP B 131 -5.68 -11.37 19.00
CA ASP B 131 -4.51 -11.82 18.25
C ASP B 131 -3.23 -11.57 19.04
N ASP B 132 -2.28 -12.50 18.93
CA ASP B 132 -1.01 -12.39 19.64
C ASP B 132 0.01 -13.36 19.07
N ILE B 133 0.13 -13.39 17.74
CA ILE B 133 1.07 -14.26 17.08
C ILE B 133 2.31 -13.50 16.64
N GLY B 134 2.76 -12.58 17.49
CA GLY B 134 3.95 -11.80 17.16
C GLY B 134 4.90 -11.70 18.34
N ASP B 135 5.98 -10.93 18.16
CA ASP B 135 6.97 -10.75 19.21
C ASP B 135 7.12 -9.27 19.57
N ASP B 136 7.20 -9.00 20.87
CA ASP B 136 7.34 -7.63 21.35
C ASP B 136 7.68 -7.61 22.83
N ASP B 137 8.04 -6.42 23.34
CA ASP B 137 8.39 -6.27 24.75
C ASP B 137 9.61 -7.11 25.11
N GLU B 138 10.57 -7.17 24.20
CA GLU B 138 11.79 -7.94 24.42
C GLU B 138 12.83 -7.12 25.18
N ASP B 139 13.36 -7.69 26.25
CA ASP B 139 14.36 -7.01 27.06
C ASP B 139 15.59 -6.67 26.23
N ILE B 140 16.24 -5.55 26.58
CA ILE B 140 17.44 -5.11 25.88
C ILE B 140 18.67 -5.17 26.78
N ASP B 141 19.83 -4.96 26.19
CA ASP B 141 21.09 -5.00 26.94
C ASP B 141 21.31 -6.38 27.55
N ASP B 142 22.12 -7.20 26.86
CA ASP B 142 22.42 -8.55 27.34
C ASP B 142 21.15 -9.39 27.39
N ILE B 143 21.25 -10.56 28.03
CA ILE B 143 20.11 -11.47 28.14
C ILE B 143 19.63 -11.55 29.60
N MET A 1 1.93 -33.09 20.09
CA MET A 1 1.77 -31.61 20.18
C MET A 1 1.87 -30.96 18.80
N ARG A 2 2.63 -31.59 17.92
CA ARG A 2 2.81 -31.08 16.56
C ARG A 2 1.47 -30.98 15.83
N GLY A 3 0.60 -31.96 16.07
CA GLY A 3 -0.70 -31.96 15.43
C GLY A 3 -0.83 -33.05 14.39
N SER A 4 -1.70 -34.02 14.67
CA SER A 4 -1.92 -35.14 13.74
C SER A 4 -3.37 -35.60 13.78
N HIS A 5 -4.13 -35.26 12.74
CA HIS A 5 -5.53 -35.64 12.66
C HIS A 5 -6.09 -35.33 11.27
N HIS A 6 -5.92 -34.09 10.83
CA HIS A 6 -6.41 -33.67 9.53
C HIS A 6 -5.39 -32.80 8.81
N HIS A 7 -5.55 -32.65 7.50
CA HIS A 7 -4.63 -31.85 6.70
C HIS A 7 -5.34 -30.64 6.12
N HIS A 8 -5.39 -29.55 6.91
CA HIS A 8 -6.04 -28.33 6.49
C HIS A 8 -5.33 -27.73 5.27
N HIS A 9 -5.85 -26.60 4.79
CA HIS A 9 -5.27 -25.93 3.62
C HIS A 9 -4.48 -24.70 4.05
N HIS A 10 -3.17 -24.73 3.81
CA HIS A 10 -2.30 -23.61 4.16
C HIS A 10 -1.08 -23.56 3.25
N THR A 11 -1.01 -22.53 2.41
CA THR A 11 0.10 -22.36 1.50
C THR A 11 1.16 -21.43 2.08
N ASP A 12 2.40 -21.89 2.09
CA ASP A 12 3.50 -21.09 2.63
C ASP A 12 4.77 -21.30 1.80
N PRO A 13 4.91 -20.57 0.68
CA PRO A 13 6.09 -20.68 -0.18
C PRO A 13 7.35 -20.12 0.47
N MET A 14 8.46 -20.14 -0.26
CA MET A 14 9.72 -19.64 0.24
C MET A 14 10.29 -18.56 -0.68
N PRO B 1 10.06 -17.27 -0.36
CA PRO B 1 10.54 -16.15 -1.16
C PRO B 1 12.04 -16.26 -1.47
N LYS B 2 12.83 -16.51 -0.43
CA LYS B 2 14.27 -16.65 -0.59
C LYS B 2 14.64 -18.06 -1.01
N ASN B 3 14.51 -18.35 -2.30
CA ASN B 3 14.85 -19.67 -2.82
C ASN B 3 16.32 -19.77 -3.19
N LYS B 4 16.86 -20.98 -3.15
CA LYS B 4 18.27 -21.21 -3.48
C LYS B 4 18.45 -21.43 -4.97
N GLY B 5 17.39 -21.89 -5.63
CA GLY B 5 17.47 -22.14 -7.06
C GLY B 5 17.94 -20.93 -7.85
N LYS B 6 18.99 -21.13 -8.65
CA LYS B 6 19.55 -20.05 -9.45
C LYS B 6 19.41 -20.35 -10.94
N GLY B 7 20.04 -19.52 -11.77
CA GLY B 7 19.98 -19.71 -13.20
C GLY B 7 18.55 -19.70 -13.73
N GLY B 8 17.71 -18.88 -13.11
CA GLY B 8 16.32 -18.79 -13.55
C GLY B 8 15.64 -17.52 -13.05
N LYS B 9 15.79 -16.44 -13.79
CA LYS B 9 15.19 -15.17 -13.42
C LYS B 9 15.00 -14.28 -14.65
N ASN B 10 14.12 -14.71 -15.56
CA ASN B 10 13.85 -13.95 -16.76
C ASN B 10 12.70 -14.58 -17.54
N ARG B 11 11.64 -13.81 -17.76
CA ARG B 11 10.47 -14.30 -18.49
C ARG B 11 10.50 -13.80 -19.94
N ARG B 12 9.60 -14.35 -20.76
CA ARG B 12 9.52 -13.96 -22.17
C ARG B 12 8.97 -12.54 -22.31
N ARG B 13 9.84 -11.63 -22.73
CA ARG B 13 9.45 -10.24 -22.91
C ARG B 13 8.43 -10.10 -24.05
N GLY B 14 7.19 -9.84 -23.68
CA GLY B 14 6.14 -9.69 -24.68
C GLY B 14 4.75 -9.80 -24.08
N LYS B 15 4.55 -9.15 -22.93
CA LYS B 15 3.26 -9.17 -22.26
C LYS B 15 2.21 -8.37 -23.03
N ASN B 16 2.69 -7.46 -23.89
CA ASN B 16 1.79 -6.62 -24.68
C ASN B 16 0.99 -5.69 -23.78
N GLU B 17 0.93 -4.42 -24.17
CA GLU B 17 0.20 -3.42 -23.39
C GLU B 17 0.75 -3.31 -21.98
N ASN B 18 1.56 -2.28 -21.72
CA ASN B 18 2.15 -2.08 -20.41
C ASN B 18 3.09 -3.22 -20.05
N GLU B 19 4.39 -2.92 -19.97
CA GLU B 19 5.39 -3.93 -19.64
C GLU B 19 5.99 -3.65 -18.27
N SER B 20 5.21 -3.88 -17.22
CA SER B 20 5.67 -3.67 -15.86
C SER B 20 5.73 -4.98 -15.08
N GLU B 21 6.61 -5.03 -14.09
CA GLU B 21 6.76 -6.24 -13.28
C GLU B 21 7.70 -5.98 -12.10
N LYS B 22 7.21 -5.21 -11.12
CA LYS B 22 8.01 -4.89 -9.95
C LYS B 22 7.11 -4.51 -8.77
N ARG B 23 6.50 -3.33 -8.85
CA ARG B 23 5.62 -2.85 -7.80
C ARG B 23 5.00 -1.50 -8.17
N GLU B 24 3.77 -1.28 -7.73
CA GLU B 24 3.07 -0.02 -8.03
C GLU B 24 3.14 0.93 -6.84
N LEU B 25 4.07 1.87 -6.90
CA LEU B 25 4.24 2.86 -5.84
C LEU B 25 3.65 4.20 -6.24
N VAL B 26 2.65 4.65 -5.48
CA VAL B 26 2.00 5.93 -5.77
C VAL B 26 2.37 6.98 -4.73
N PHE B 27 2.61 8.19 -5.20
CA PHE B 27 2.99 9.30 -4.32
C PHE B 27 1.88 10.35 -4.27
N LYS B 28 2.01 11.31 -3.37
CA LYS B 28 1.03 12.39 -3.23
C LYS B 28 0.70 13.01 -4.58
N GLU B 29 -0.57 13.37 -4.77
CA GLU B 29 -1.01 13.98 -6.02
C GLU B 29 -1.31 15.47 -5.84
N ASP B 30 -1.24 16.20 -6.95
CA ASP B 30 -1.50 17.64 -6.92
C ASP B 30 -2.88 17.93 -6.34
N GLY B 31 -2.92 18.84 -5.38
CA GLY B 31 -4.19 19.19 -4.76
C GLY B 31 -4.47 18.35 -3.52
N GLN B 32 -3.73 17.26 -3.36
CA GLN B 32 -3.90 16.38 -2.20
C GLN B 32 -2.62 16.37 -1.35
N GLU B 33 -2.78 16.10 -0.06
CA GLU B 33 -1.63 16.07 0.85
C GLU B 33 -1.57 14.75 1.61
N TYR B 34 -0.38 14.38 2.03
CA TYR B 34 -0.16 13.17 2.79
C TYR B 34 -0.44 13.42 4.27
N ALA B 35 -0.73 12.37 5.02
CA ALA B 35 -1.05 12.52 6.44
C ALA B 35 -0.72 11.26 7.23
N GLN B 36 -0.84 11.38 8.56
CA GLN B 36 -0.59 10.27 9.47
C GLN B 36 -1.82 10.01 10.33
N VAL B 37 -2.10 8.75 10.60
CA VAL B 37 -3.26 8.39 11.42
C VAL B 37 -2.91 8.29 12.90
N ILE B 38 -3.80 8.79 13.74
CA ILE B 38 -3.59 8.76 15.19
C ILE B 38 -4.65 7.90 15.87
N LYS B 39 -5.91 8.13 15.53
CA LYS B 39 -7.02 7.39 16.11
C LYS B 39 -8.09 7.09 15.08
N MET B 40 -8.95 6.12 15.38
CA MET B 40 -10.03 5.74 14.48
C MET B 40 -11.39 6.08 15.09
N LEU B 41 -12.28 6.62 14.26
CA LEU B 41 -13.62 6.99 14.72
C LEU B 41 -14.67 6.01 14.20
N GLY B 42 -14.90 6.05 12.90
CA GLY B 42 -15.88 5.16 12.29
C GLY B 42 -15.32 4.39 11.12
N ASN B 43 -16.16 3.55 10.51
CA ASN B 43 -15.74 2.75 9.36
C ASN B 43 -15.59 3.62 8.11
N GLY B 44 -16.12 4.85 8.17
CA GLY B 44 -16.03 5.74 7.03
C GLY B 44 -15.26 7.02 7.34
N ARG B 45 -14.64 7.07 8.52
CA ARG B 45 -13.88 8.24 8.92
C ARG B 45 -12.81 7.87 9.95
N LEU B 46 -11.76 8.68 10.03
CA LEU B 46 -10.67 8.43 10.96
C LEU B 46 -10.04 9.73 11.46
N GLU B 47 -9.29 9.63 12.55
CA GLU B 47 -8.60 10.79 13.11
C GLU B 47 -7.12 10.73 12.75
N ALA B 48 -6.63 11.75 12.06
CA ALA B 48 -5.23 11.78 11.65
C ALA B 48 -4.57 13.11 11.96
N MET B 49 -3.24 13.11 11.87
CA MET B 49 -2.45 14.31 12.11
C MET B 49 -1.45 14.53 10.98
N CYS B 50 -1.67 15.57 10.19
CA CYS B 50 -0.80 15.87 9.06
C CYS B 50 0.62 16.10 9.56
N PHE B 51 1.59 15.49 8.89
CA PHE B 51 3.00 15.62 9.26
C PHE B 51 3.39 17.09 9.46
N ASP B 52 2.69 17.99 8.76
CA ASP B 52 2.97 19.41 8.86
C ASP B 52 2.47 19.99 10.19
N GLY B 53 1.65 19.23 10.89
CA GLY B 53 1.12 19.69 12.17
C GLY B 53 -0.32 20.14 12.07
N VAL B 54 -1.13 19.37 11.35
CA VAL B 54 -2.54 19.70 11.17
C VAL B 54 -3.44 18.53 11.56
N LYS B 55 -4.27 18.74 12.58
CA LYS B 55 -5.17 17.69 13.05
C LYS B 55 -6.51 17.78 12.33
N ARG B 56 -6.80 16.77 11.52
CA ARG B 56 -8.06 16.73 10.76
C ARG B 56 -8.56 15.30 10.63
N LEU B 57 -9.86 15.17 10.41
CA LEU B 57 -10.49 13.86 10.27
C LEU B 57 -10.55 13.45 8.80
N CYS B 58 -9.72 12.49 8.43
CA CYS B 58 -9.68 12.00 7.06
C CYS B 58 -10.75 10.95 6.83
N HIS B 59 -11.68 11.24 5.93
CA HIS B 59 -12.77 10.32 5.63
C HIS B 59 -12.32 9.25 4.64
N ILE B 60 -12.46 7.99 5.02
CA ILE B 60 -12.07 6.89 4.16
C ILE B 60 -12.99 6.80 2.94
N ARG B 61 -12.42 6.51 1.78
CA ARG B 61 -13.22 6.41 0.56
C ARG B 61 -12.33 6.15 -0.66
N GLY B 62 -12.87 6.40 -1.85
CA GLY B 62 -12.12 6.18 -3.07
C GLY B 62 -12.13 4.73 -3.49
N LYS B 63 -11.68 4.45 -4.71
CA LYS B 63 -11.63 3.08 -5.21
C LYS B 63 -10.99 2.15 -4.18
N LEU B 64 -10.12 2.72 -3.35
CA LEU B 64 -9.44 1.95 -2.31
C LEU B 64 -10.44 1.44 -1.28
N ARG B 65 -11.49 2.23 -1.02
CA ARG B 65 -12.51 1.85 -0.04
C ARG B 65 -13.01 0.44 -0.29
N LYS B 66 -12.92 -0.01 -1.54
CA LYS B 66 -13.36 -1.35 -1.91
C LYS B 66 -12.64 -2.41 -1.07
N LYS B 67 -11.36 -2.19 -0.80
CA LYS B 67 -10.57 -3.13 -0.01
C LYS B 67 -9.37 -2.45 0.63
N VAL B 68 -9.61 -1.30 1.25
CA VAL B 68 -8.54 -0.56 1.90
C VAL B 68 -8.85 -0.32 3.38
N TRP B 69 -7.96 -0.81 4.24
CA TRP B 69 -8.14 -0.64 5.68
C TRP B 69 -7.11 0.31 6.25
N ILE B 70 -7.55 1.49 6.66
CA ILE B 70 -6.67 2.49 7.23
C ILE B 70 -6.07 2.02 8.53
N ASN B 71 -4.83 2.45 8.78
CA ASN B 71 -4.14 2.07 9.99
C ASN B 71 -4.03 3.24 10.95
N THR B 72 -3.94 2.94 12.25
CA THR B 72 -3.83 3.98 13.27
C THR B 72 -2.40 4.50 13.38
N SER B 73 -1.49 3.86 12.67
CA SER B 73 -0.09 4.25 12.69
C SER B 73 0.54 4.02 11.33
N ASP B 74 0.03 4.70 10.31
CA ASP B 74 0.55 4.57 8.96
C ASP B 74 0.44 5.87 8.18
N ILE B 75 1.10 5.91 7.03
CA ILE B 75 1.09 7.07 6.16
C ILE B 75 -0.05 6.95 5.14
N ILE B 76 -0.63 8.08 4.76
CA ILE B 76 -1.71 8.07 3.78
C ILE B 76 -1.76 9.36 2.98
N LEU B 77 -2.59 9.37 1.95
CA LEU B 77 -2.76 10.55 1.12
C LEU B 77 -4.25 10.87 0.99
N VAL B 78 -4.62 12.08 1.41
CA VAL B 78 -6.01 12.51 1.34
C VAL B 78 -6.17 13.73 0.44
N GLY B 79 -7.32 13.84 -0.22
CA GLY B 79 -7.56 14.96 -1.10
C GLY B 79 -8.14 16.15 -0.37
N LEU B 80 -7.52 17.32 -0.56
CA LEU B 80 -7.98 18.54 0.09
C LEU B 80 -8.48 19.55 -0.95
N ARG B 81 -9.78 19.80 -0.95
CA ARG B 81 -10.38 20.74 -1.89
C ARG B 81 -11.89 20.83 -1.69
N ASP B 82 -12.60 19.81 -2.15
CA ASP B 82 -14.05 19.76 -2.03
C ASP B 82 -14.50 19.94 -0.59
N TYR B 83 -13.60 19.62 0.35
CA TYR B 83 -13.91 19.74 1.77
C TYR B 83 -13.66 21.16 2.29
N GLN B 84 -13.30 22.08 1.38
CA GLN B 84 -13.04 23.45 1.76
C GLN B 84 -11.80 23.54 2.65
N ASP B 85 -10.87 22.61 2.45
CA ASP B 85 -9.64 22.56 3.23
C ASP B 85 -9.91 21.99 4.62
N ASN B 86 -8.85 21.88 5.43
CA ASN B 86 -8.98 21.33 6.77
C ASN B 86 -9.19 19.82 6.74
N LYS B 87 -10.28 19.40 6.11
CA LYS B 87 -10.61 17.98 6.00
C LYS B 87 -10.26 17.47 4.60
N ALA B 88 -9.92 16.18 4.53
CA ALA B 88 -9.57 15.56 3.25
C ALA B 88 -9.97 14.09 3.22
N ASP B 89 -10.26 13.58 2.04
CA ASP B 89 -10.66 12.18 1.87
C ASP B 89 -9.48 11.32 1.41
N VAL B 90 -9.23 10.24 2.13
CA VAL B 90 -8.15 9.32 1.78
C VAL B 90 -8.27 8.86 0.33
N ILE B 91 -7.35 9.30 -0.51
CA ILE B 91 -7.35 8.92 -1.91
C ILE B 91 -6.69 7.56 -2.08
N LEU B 92 -5.46 7.46 -1.62
CA LEU B 92 -4.72 6.21 -1.69
C LEU B 92 -4.10 5.91 -0.33
N LYS B 93 -3.64 4.68 -0.14
CA LYS B 93 -3.06 4.28 1.14
C LYS B 93 -1.56 4.03 1.06
N TYR B 94 -0.80 4.83 1.80
CA TYR B 94 0.65 4.67 1.87
C TYR B 94 0.96 3.60 2.92
N ASN B 95 1.37 2.41 2.48
CA ASN B 95 1.62 1.31 3.41
C ASN B 95 3.05 1.29 3.96
N ALA B 96 3.32 0.29 4.79
CA ALA B 96 4.63 0.13 5.44
C ALA B 96 5.72 -0.24 4.44
N ASP B 97 5.43 -1.18 3.54
CA ASP B 97 6.42 -1.59 2.55
C ASP B 97 6.82 -0.37 1.73
N GLU B 98 5.83 0.45 1.44
CA GLU B 98 6.05 1.68 0.70
C GLU B 98 6.78 2.68 1.57
N ALA B 99 6.57 2.55 2.89
CA ALA B 99 7.18 3.45 3.86
C ALA B 99 8.66 3.70 3.56
N ARG B 100 9.41 2.64 3.29
CA ARG B 100 10.82 2.80 2.94
C ARG B 100 10.95 3.71 1.72
N SER B 101 9.91 3.67 0.89
CA SER B 101 9.85 4.51 -0.31
C SER B 101 9.41 5.92 0.06
N LEU B 102 8.74 6.08 1.21
CA LEU B 102 8.28 7.39 1.63
C LEU B 102 9.41 8.40 1.61
N LYS B 103 10.62 7.96 1.92
CA LYS B 103 11.75 8.88 1.82
C LYS B 103 11.74 9.44 0.40
N ALA B 104 11.30 8.57 -0.53
CA ALA B 104 11.15 8.90 -1.94
C ALA B 104 9.85 9.67 -2.19
N TYR B 105 8.90 9.55 -1.27
CA TYR B 105 7.60 10.24 -1.37
C TYR B 105 7.79 11.74 -1.26
N GLY B 106 8.99 12.15 -0.89
CA GLY B 106 9.27 13.57 -0.73
C GLY B 106 8.36 14.21 0.30
N GLU B 107 7.83 13.38 1.19
CA GLU B 107 6.93 13.86 2.24
C GLU B 107 7.60 13.80 3.60
N LEU B 108 8.14 12.64 3.95
CA LEU B 108 8.81 12.47 5.24
C LEU B 108 10.31 12.73 5.11
N PRO B 109 10.88 13.56 6.01
CA PRO B 109 12.31 13.88 5.99
C PRO B 109 13.18 12.63 6.02
N GLU B 110 14.49 12.82 5.98
CA GLU B 110 15.44 11.71 6.01
C GLU B 110 15.51 11.09 7.40
N HIS B 111 15.25 11.91 8.42
CA HIS B 111 15.29 11.44 9.80
C HIS B 111 13.97 10.79 10.22
N ALA B 112 13.02 10.71 9.28
CA ALA B 112 11.73 10.10 9.56
C ALA B 112 11.86 8.60 9.79
N LYS B 113 11.15 8.09 10.80
CA LYS B 113 11.20 6.67 11.12
C LYS B 113 9.79 6.06 11.08
N ILE B 114 9.63 5.01 10.29
CA ILE B 114 8.35 4.33 10.17
C ILE B 114 8.26 3.15 11.13
N ASN B 115 7.06 2.94 11.68
CA ASN B 115 6.84 1.84 12.61
C ASN B 115 6.94 0.50 11.90
N GLU B 116 7.12 -0.57 12.68
CA GLU B 116 7.24 -1.91 12.12
C GLU B 116 5.98 -2.29 11.36
N THR B 117 5.89 -3.57 10.98
CA THR B 117 4.73 -4.06 10.25
C THR B 117 3.45 -3.91 11.07
N ASP B 118 3.43 -4.54 12.24
CA ASP B 118 2.26 -4.47 13.12
C ASP B 118 1.05 -5.15 12.48
N THR B 119 0.89 -6.43 12.74
CA THR B 119 -0.23 -7.19 12.19
C THR B 119 -0.75 -8.21 13.20
N PHE B 120 -1.24 -7.73 14.33
CA PHE B 120 -1.76 -8.60 15.37
C PHE B 120 -3.28 -8.43 15.51
N GLY B 121 -3.96 -8.31 14.38
CA GLY B 121 -5.40 -8.15 14.39
C GLY B 121 -6.11 -9.20 15.21
N PRO B 122 -6.63 -8.85 16.40
CA PRO B 122 -7.33 -9.79 17.26
C PRO B 122 -8.66 -10.25 16.67
N GLY B 123 -8.62 -11.31 15.89
CA GLY B 123 -9.82 -11.83 15.26
C GLY B 123 -10.29 -10.98 14.11
N ASP B 124 -11.25 -10.10 14.37
CA ASP B 124 -11.78 -9.21 13.34
C ASP B 124 -12.44 -10.02 12.23
N ASP B 125 -13.75 -9.83 12.06
CA ASP B 125 -14.50 -10.54 11.03
C ASP B 125 -15.93 -10.03 10.96
N ASP B 126 -16.60 -10.29 9.84
CA ASP B 126 -17.97 -9.85 9.64
C ASP B 126 -18.89 -10.43 10.71
N GLU B 127 -20.19 -10.30 10.51
CA GLU B 127 -21.17 -10.80 11.46
C GLU B 127 -22.48 -11.15 10.77
N ILE B 128 -22.38 -11.77 9.59
CA ILE B 128 -23.56 -12.16 8.82
C ILE B 128 -24.50 -13.04 9.65
N GLN B 129 -23.92 -13.94 10.44
CA GLN B 129 -24.71 -14.83 11.27
C GLN B 129 -25.05 -14.17 12.60
N PHE B 130 -26.23 -14.49 13.13
CA PHE B 130 -26.68 -13.93 14.40
C PHE B 130 -25.80 -14.41 15.55
N ASP B 131 -25.34 -13.47 16.37
CA ASP B 131 -24.48 -13.80 17.50
C ASP B 131 -25.27 -13.74 18.81
N ASP B 132 -26.52 -14.19 18.76
CA ASP B 132 -27.37 -14.19 19.95
C ASP B 132 -28.14 -15.50 20.06
N ILE B 133 -27.71 -16.34 21.00
CA ILE B 133 -28.36 -17.64 21.22
C ILE B 133 -28.80 -17.78 22.67
N GLY B 134 -29.94 -17.17 23.00
CA GLY B 134 -30.46 -17.25 24.35
C GLY B 134 -31.90 -16.78 24.45
N ASP B 135 -32.57 -17.14 25.54
CA ASP B 135 -33.96 -16.74 25.74
C ASP B 135 -34.40 -17.03 27.17
N ASP B 136 -35.06 -16.06 27.79
CA ASP B 136 -35.54 -16.21 29.15
C ASP B 136 -36.79 -17.08 29.20
N ASP B 137 -37.70 -16.86 28.24
CA ASP B 137 -38.93 -17.63 28.17
C ASP B 137 -38.68 -19.00 27.53
N GLU B 138 -39.74 -19.79 27.43
CA GLU B 138 -39.63 -21.12 26.84
C GLU B 138 -39.41 -21.03 25.33
N ASP B 139 -38.46 -21.83 24.83
CA ASP B 139 -38.15 -21.83 23.40
C ASP B 139 -39.14 -22.71 22.64
N ILE B 140 -39.39 -22.36 21.39
CA ILE B 140 -40.31 -23.12 20.55
C ILE B 140 -41.73 -23.07 21.11
N ASP B 141 -42.44 -21.98 20.82
CA ASP B 141 -43.81 -21.81 21.30
C ASP B 141 -44.80 -21.90 20.15
N ASP B 142 -44.76 -23.01 19.41
CA ASP B 142 -45.66 -23.22 18.28
C ASP B 142 -46.70 -24.28 18.61
N ILE B 143 -47.61 -23.94 19.53
CA ILE B 143 -48.66 -24.86 19.92
C ILE B 143 -50.02 -24.16 19.96
N MET A 1 -5.77 1.73 -47.61
CA MET A 1 -6.59 2.09 -48.78
C MET A 1 -8.07 2.21 -48.42
N ARG A 2 -8.43 3.33 -47.80
CA ARG A 2 -9.81 3.57 -47.39
C ARG A 2 -10.61 4.21 -48.52
N GLY A 3 -11.89 4.46 -48.27
CA GLY A 3 -12.74 5.07 -49.28
C GLY A 3 -13.99 4.25 -49.55
N SER A 4 -15.14 4.93 -49.63
CA SER A 4 -16.41 4.26 -49.88
C SER A 4 -17.13 4.91 -51.05
N HIS A 5 -17.25 4.18 -52.15
CA HIS A 5 -17.92 4.68 -53.34
C HIS A 5 -19.12 3.80 -53.70
N HIS A 6 -20.08 3.71 -52.78
CA HIS A 6 -21.27 2.91 -53.00
C HIS A 6 -20.91 1.44 -53.19
N HIS A 7 -21.06 0.64 -52.14
CA HIS A 7 -20.75 -0.78 -52.20
C HIS A 7 -21.22 -1.49 -50.94
N HIS A 8 -21.92 -2.60 -51.12
CA HIS A 8 -22.43 -3.39 -50.00
C HIS A 8 -22.81 -4.80 -50.45
N HIS A 9 -21.93 -5.42 -51.24
CA HIS A 9 -22.18 -6.76 -51.74
C HIS A 9 -23.45 -6.82 -52.58
N HIS A 10 -23.33 -6.46 -53.86
CA HIS A 10 -24.47 -6.48 -54.76
C HIS A 10 -24.28 -7.51 -55.86
N THR A 11 -23.08 -7.55 -56.43
CA THR A 11 -22.76 -8.49 -57.49
C THR A 11 -21.26 -8.62 -57.67
N ASP A 12 -20.53 -8.57 -56.56
CA ASP A 12 -19.07 -8.69 -56.60
C ASP A 12 -18.57 -9.61 -55.49
N PRO A 13 -18.06 -10.81 -55.85
CA PRO A 13 -17.55 -11.77 -54.88
C PRO A 13 -16.28 -11.29 -54.17
N MET A 14 -15.70 -10.21 -54.69
CA MET A 14 -14.48 -9.65 -54.11
C MET A 14 -13.31 -10.61 -54.25
N PRO B 1 -12.12 -10.12 -54.65
CA PRO B 1 -10.93 -10.95 -54.82
C PRO B 1 -10.37 -11.43 -53.49
N LYS B 2 -10.56 -10.62 -52.45
CA LYS B 2 -10.07 -10.97 -51.12
C LYS B 2 -10.93 -12.06 -50.48
N ASN B 3 -10.71 -13.29 -50.90
CA ASN B 3 -11.47 -14.43 -50.36
C ASN B 3 -10.90 -14.89 -49.02
N LYS B 4 -11.23 -14.15 -47.96
CA LYS B 4 -10.77 -14.48 -46.62
C LYS B 4 -9.25 -14.36 -46.53
N GLY B 5 -8.54 -15.37 -47.04
CA GLY B 5 -7.10 -15.35 -47.00
C GLY B 5 -6.55 -15.45 -45.59
N LYS B 6 -5.79 -14.45 -45.18
CA LYS B 6 -5.21 -14.44 -43.85
C LYS B 6 -5.87 -13.37 -42.97
N GLY B 7 -7.15 -13.56 -42.69
CA GLY B 7 -7.87 -12.61 -41.86
C GLY B 7 -7.27 -12.46 -40.48
N GLY B 8 -6.39 -11.48 -40.32
CA GLY B 8 -5.76 -11.26 -39.04
C GLY B 8 -4.41 -11.94 -38.92
N LYS B 9 -4.28 -12.78 -37.90
CA LYS B 9 -3.03 -13.52 -37.66
C LYS B 9 -1.92 -12.58 -37.24
N ASN B 10 -1.48 -11.74 -38.17
CA ASN B 10 -0.41 -10.78 -37.88
C ASN B 10 -0.78 -9.87 -36.72
N ARG B 11 -0.43 -10.30 -35.51
CA ARG B 11 -0.73 -9.52 -34.31
C ARG B 11 0.22 -9.89 -33.17
N ARG B 12 0.67 -8.88 -32.44
CA ARG B 12 1.59 -9.09 -31.33
C ARG B 12 1.13 -8.33 -30.09
N ARG B 13 0.33 -9.00 -29.27
CA ARG B 13 -0.19 -8.39 -28.04
C ARG B 13 -0.14 -9.38 -26.88
N GLY B 14 0.97 -9.39 -26.16
CA GLY B 14 1.11 -10.29 -25.02
C GLY B 14 0.88 -9.59 -23.70
N LYS B 15 1.96 -9.19 -23.05
CA LYS B 15 1.87 -8.51 -21.76
C LYS B 15 3.12 -7.68 -21.50
N ASN B 16 4.20 -8.33 -21.10
CA ASN B 16 5.46 -7.66 -20.82
C ASN B 16 5.27 -6.58 -19.76
N GLU B 17 6.26 -5.70 -19.64
CA GLU B 17 6.21 -4.61 -18.67
C GLU B 17 6.23 -5.16 -17.24
N ASN B 18 7.22 -6.00 -16.95
CA ASN B 18 7.35 -6.59 -15.62
C ASN B 18 6.11 -7.40 -15.25
N GLU B 19 6.12 -7.98 -14.06
CA GLU B 19 5.00 -8.79 -13.58
C GLU B 19 4.05 -7.94 -12.75
N SER B 20 3.12 -8.59 -12.07
CA SER B 20 2.15 -7.90 -11.23
C SER B 20 1.93 -8.65 -9.91
N GLU B 21 1.86 -7.91 -8.82
CA GLU B 21 1.65 -8.50 -7.50
C GLU B 21 1.39 -7.43 -6.45
N LYS B 22 0.47 -6.51 -6.76
CA LYS B 22 0.13 -5.43 -5.85
C LYS B 22 1.33 -4.54 -5.58
N ARG B 23 2.21 -4.42 -6.58
CA ARG B 23 3.40 -3.60 -6.44
C ARG B 23 3.24 -2.28 -7.19
N GLU B 24 2.43 -1.39 -6.63
CA GLU B 24 2.19 -0.08 -7.25
C GLU B 24 2.40 1.04 -6.24
N LEU B 25 3.66 1.42 -6.04
CA LEU B 25 4.00 2.48 -5.10
C LEU B 25 3.50 3.83 -5.61
N VAL B 26 2.44 4.34 -5.00
CA VAL B 26 1.87 5.62 -5.40
C VAL B 26 2.35 6.74 -4.49
N PHE B 27 2.66 7.89 -5.08
CA PHE B 27 3.13 9.04 -4.34
C PHE B 27 2.07 10.14 -4.28
N LYS B 28 2.32 11.16 -3.47
CA LYS B 28 1.39 12.29 -3.33
C LYS B 28 0.87 12.76 -4.68
N GLU B 29 -0.28 13.43 -4.66
CA GLU B 29 -0.90 13.94 -5.88
C GLU B 29 -1.10 15.44 -5.81
N ASP B 30 -1.18 16.08 -6.97
CA ASP B 30 -1.38 17.52 -7.04
C ASP B 30 -2.73 17.91 -6.46
N GLY B 31 -2.70 18.84 -5.51
CA GLY B 31 -3.94 19.29 -4.88
C GLY B 31 -4.26 18.49 -3.63
N GLN B 32 -3.61 17.35 -3.46
CA GLN B 32 -3.85 16.50 -2.29
C GLN B 32 -2.63 16.50 -1.38
N GLU B 33 -2.84 16.28 -0.08
CA GLU B 33 -1.73 16.26 0.87
C GLU B 33 -1.67 14.95 1.63
N TYR B 34 -0.45 14.57 2.03
CA TYR B 34 -0.25 13.33 2.78
C TYR B 34 -0.49 13.57 4.27
N ALA B 35 -0.78 12.50 5.00
CA ALA B 35 -1.05 12.62 6.43
C ALA B 35 -0.61 11.40 7.22
N GLN B 36 -0.71 11.50 8.54
CA GLN B 36 -0.33 10.42 9.44
C GLN B 36 -1.47 10.10 10.40
N VAL B 37 -2.04 8.90 10.28
CA VAL B 37 -3.15 8.49 11.13
C VAL B 37 -2.71 8.30 12.58
N ILE B 38 -3.48 8.90 13.49
CA ILE B 38 -3.19 8.80 14.91
C ILE B 38 -4.32 8.06 15.65
N LYS B 39 -5.56 8.31 15.21
CA LYS B 39 -6.72 7.68 15.83
C LYS B 39 -7.75 7.30 14.76
N MET B 40 -8.59 6.32 15.09
CA MET B 40 -9.63 5.87 14.17
C MET B 40 -11.01 6.11 14.77
N LEU B 41 -11.98 6.40 13.91
CA LEU B 41 -13.35 6.65 14.36
C LEU B 41 -14.28 5.53 13.93
N GLY B 42 -14.16 5.12 12.68
CA GLY B 42 -15.00 4.06 12.16
C GLY B 42 -14.36 3.31 11.01
N ASN B 43 -15.16 3.02 9.98
CA ASN B 43 -14.66 2.31 8.81
C ASN B 43 -14.60 3.23 7.59
N GLY B 44 -15.45 4.25 7.58
CA GLY B 44 -15.48 5.18 6.48
C GLY B 44 -14.81 6.51 6.80
N ARG B 45 -14.23 6.63 7.99
CA ARG B 45 -13.56 7.84 8.39
C ARG B 45 -12.49 7.56 9.45
N LEU B 46 -11.51 8.45 9.56
CA LEU B 46 -10.44 8.28 10.54
C LEU B 46 -9.92 9.62 11.03
N GLU B 47 -9.14 9.58 12.11
CA GLU B 47 -8.55 10.78 12.68
C GLU B 47 -7.04 10.73 12.48
N ALA B 48 -6.49 11.73 11.80
CA ALA B 48 -5.06 11.77 11.55
C ALA B 48 -4.47 13.15 11.78
N MET B 49 -3.14 13.19 11.86
CA MET B 49 -2.43 14.43 12.07
C MET B 49 -1.50 14.70 10.89
N CYS B 50 -1.83 15.72 10.10
CA CYS B 50 -1.01 16.07 8.95
C CYS B 50 0.40 16.41 9.41
N PHE B 51 1.40 15.86 8.72
CA PHE B 51 2.79 16.09 9.06
C PHE B 51 3.09 17.57 9.27
N ASP B 52 2.29 18.43 8.65
CA ASP B 52 2.47 19.88 8.77
C ASP B 52 2.03 20.38 10.14
N GLY B 53 1.34 19.53 10.89
CA GLY B 53 0.88 19.92 12.22
C GLY B 53 -0.58 20.31 12.23
N VAL B 54 -1.41 19.55 11.52
CA VAL B 54 -2.83 19.83 11.46
C VAL B 54 -3.66 18.59 11.83
N LYS B 55 -4.65 18.77 12.70
CA LYS B 55 -5.50 17.68 13.12
C LYS B 55 -6.87 17.75 12.44
N ARG B 56 -7.13 16.78 11.57
CA ARG B 56 -8.40 16.74 10.85
C ARG B 56 -8.85 15.30 10.63
N LEU B 57 -10.12 15.13 10.27
CA LEU B 57 -10.67 13.81 10.03
C LEU B 57 -10.69 13.50 8.54
N CYS B 58 -9.83 12.58 8.13
CA CYS B 58 -9.74 12.18 6.73
C CYS B 58 -10.68 11.01 6.43
N HIS B 59 -11.63 11.24 5.53
CA HIS B 59 -12.59 10.21 5.16
C HIS B 59 -11.96 9.23 4.17
N ILE B 60 -12.14 7.94 4.43
CA ILE B 60 -11.59 6.91 3.55
C ILE B 60 -12.30 6.88 2.21
N ARG B 61 -11.54 6.67 1.14
CA ARG B 61 -12.10 6.64 -0.21
C ARG B 61 -13.21 5.59 -0.32
N GLY B 62 -13.87 5.55 -1.46
CA GLY B 62 -14.94 4.60 -1.68
C GLY B 62 -14.46 3.35 -2.40
N LYS B 63 -13.76 3.55 -3.51
CA LYS B 63 -13.23 2.44 -4.30
C LYS B 63 -11.98 1.87 -3.64
N LEU B 64 -11.21 2.75 -3.00
CA LEU B 64 -9.97 2.33 -2.33
C LEU B 64 -10.30 1.54 -1.07
N ARG B 65 -11.24 2.05 -0.27
CA ARG B 65 -11.65 1.38 0.96
C ARG B 65 -12.10 -0.05 0.69
N LYS B 66 -12.57 -0.30 -0.54
CA LYS B 66 -13.04 -1.61 -0.92
C LYS B 66 -11.94 -2.66 -0.76
N LYS B 67 -10.69 -2.22 -0.88
CA LYS B 67 -9.55 -3.13 -0.74
C LYS B 67 -8.43 -2.51 0.08
N VAL B 68 -8.68 -1.36 0.69
CA VAL B 68 -7.67 -0.69 1.51
C VAL B 68 -8.18 -0.42 2.92
N TRP B 69 -7.44 -0.91 3.91
CA TRP B 69 -7.81 -0.73 5.30
C TRP B 69 -6.84 0.21 6.00
N ILE B 70 -7.32 1.40 6.34
CA ILE B 70 -6.50 2.40 7.02
C ILE B 70 -6.08 1.92 8.40
N ASN B 71 -4.89 2.34 8.82
CA ASN B 71 -4.36 1.96 10.12
C ASN B 71 -4.17 3.18 11.01
N THR B 72 -4.14 2.96 12.32
CA THR B 72 -3.96 4.05 13.28
C THR B 72 -2.51 4.51 13.34
N SER B 73 -1.65 3.80 12.64
CA SER B 73 -0.23 4.13 12.60
C SER B 73 0.36 3.84 11.22
N ASP B 74 0.01 4.69 10.25
CA ASP B 74 0.51 4.51 8.89
C ASP B 74 0.39 5.82 8.10
N ILE B 75 1.13 5.89 6.99
CA ILE B 75 1.11 7.06 6.13
C ILE B 75 -0.02 6.96 5.11
N ILE B 76 -0.59 8.11 4.74
CA ILE B 76 -1.67 8.13 3.76
C ILE B 76 -1.68 9.43 2.98
N LEU B 77 -2.52 9.49 1.95
CA LEU B 77 -2.65 10.68 1.14
C LEU B 77 -4.13 11.04 0.99
N VAL B 78 -4.47 12.27 1.40
CA VAL B 78 -5.84 12.75 1.32
C VAL B 78 -5.93 14.00 0.47
N GLY B 79 -7.12 14.28 -0.06
CA GLY B 79 -7.30 15.45 -0.90
C GLY B 79 -7.86 16.64 -0.13
N LEU B 80 -7.30 17.82 -0.37
CA LEU B 80 -7.75 19.03 0.29
C LEU B 80 -8.27 20.05 -0.72
N ARG B 81 -9.59 20.27 -0.71
CA ARG B 81 -10.20 21.22 -1.63
C ARG B 81 -11.72 21.24 -1.47
N ASP B 82 -12.36 20.14 -1.86
CA ASP B 82 -13.81 20.03 -1.77
C ASP B 82 -14.31 20.34 -0.35
N TYR B 83 -13.45 20.10 0.64
CA TYR B 83 -13.81 20.36 2.03
C TYR B 83 -13.54 21.81 2.42
N GLN B 84 -13.03 22.60 1.48
CA GLN B 84 -12.73 24.01 1.76
C GLN B 84 -11.60 24.14 2.78
N ASP B 85 -10.70 23.15 2.78
CA ASP B 85 -9.57 23.15 3.70
C ASP B 85 -10.01 22.70 5.10
N ASN B 86 -9.03 22.30 5.92
CA ASN B 86 -9.30 21.84 7.28
C ASN B 86 -9.64 20.35 7.30
N LYS B 87 -10.11 19.83 6.18
CA LYS B 87 -10.47 18.42 6.08
C LYS B 87 -10.06 17.86 4.72
N ALA B 88 -9.89 16.55 4.64
CA ALA B 88 -9.50 15.91 3.40
C ALA B 88 -10.08 14.50 3.30
N ASP B 89 -9.89 13.86 2.15
CA ASP B 89 -10.38 12.51 1.93
C ASP B 89 -9.26 11.61 1.41
N VAL B 90 -9.03 10.50 2.11
CA VAL B 90 -7.98 9.56 1.71
C VAL B 90 -8.16 9.16 0.25
N ILE B 91 -7.22 9.58 -0.59
CA ILE B 91 -7.26 9.25 -2.00
C ILE B 91 -6.66 7.88 -2.23
N LEU B 92 -5.60 7.60 -1.47
CA LEU B 92 -4.91 6.32 -1.55
C LEU B 92 -4.26 6.02 -0.21
N LYS B 93 -3.88 4.77 -0.01
CA LYS B 93 -3.25 4.37 1.25
C LYS B 93 -1.77 4.06 1.09
N TYR B 94 -0.94 4.83 1.79
CA TYR B 94 0.51 4.64 1.74
C TYR B 94 0.87 3.47 2.68
N ASN B 95 1.22 2.33 2.09
CA ASN B 95 1.53 1.11 2.85
C ASN B 95 2.72 1.29 3.80
N ALA B 96 2.87 0.30 4.70
CA ALA B 96 3.95 0.30 5.69
C ALA B 96 5.28 -0.13 5.06
N ASP B 97 5.27 -1.26 4.36
CA ASP B 97 6.49 -1.75 3.71
C ASP B 97 6.93 -0.74 2.68
N GLU B 98 5.95 -0.23 1.95
CA GLU B 98 6.17 0.80 0.95
C GLU B 98 6.55 2.10 1.65
N ALA B 99 6.09 2.24 2.89
CA ALA B 99 6.39 3.43 3.68
C ALA B 99 7.87 3.80 3.60
N ARG B 100 8.75 2.81 3.48
CA ARG B 100 10.18 3.09 3.36
C ARG B 100 10.42 4.00 2.17
N SER B 101 9.67 3.75 1.10
CA SER B 101 9.74 4.56 -0.09
C SER B 101 9.35 5.99 0.22
N LEU B 102 8.62 6.19 1.32
CA LEU B 102 8.17 7.52 1.71
C LEU B 102 9.29 8.53 1.68
N LYS B 103 10.49 8.09 2.03
CA LYS B 103 11.63 9.00 1.92
C LYS B 103 11.66 9.50 0.47
N ALA B 104 11.26 8.60 -0.42
CA ALA B 104 11.16 8.86 -1.85
C ALA B 104 9.84 9.58 -2.17
N TYR B 105 8.85 9.47 -1.27
CA TYR B 105 7.54 10.12 -1.44
C TYR B 105 7.71 11.63 -1.37
N GLY B 106 8.89 12.08 -0.97
CA GLY B 106 9.13 13.51 -0.85
C GLY B 106 8.19 14.16 0.15
N GLU B 107 7.73 13.37 1.12
CA GLU B 107 6.80 13.85 2.13
C GLU B 107 7.47 13.85 3.51
N LEU B 108 8.04 12.71 3.90
CA LEU B 108 8.69 12.59 5.19
C LEU B 108 10.20 12.78 5.06
N PRO B 109 10.84 13.48 6.02
CA PRO B 109 12.28 13.72 6.01
C PRO B 109 13.08 12.41 6.02
N GLU B 110 14.39 12.54 5.99
CA GLU B 110 15.27 11.38 5.99
C GLU B 110 15.29 10.72 7.38
N HIS B 111 15.05 11.51 8.41
CA HIS B 111 15.04 11.00 9.77
C HIS B 111 13.72 10.29 10.10
N ALA B 112 12.69 10.57 9.30
CA ALA B 112 11.38 9.95 9.51
C ALA B 112 11.48 8.43 9.57
N LYS B 113 10.79 7.83 10.52
CA LYS B 113 10.80 6.38 10.69
C LYS B 113 9.38 5.83 10.81
N ILE B 114 9.09 4.79 10.03
CA ILE B 114 7.78 4.17 10.04
C ILE B 114 7.77 2.87 10.84
N ASN B 115 6.60 2.46 11.27
CA ASN B 115 6.45 1.22 12.05
C ASN B 115 5.75 0.14 11.23
N GLU B 116 5.73 -1.08 11.76
CA GLU B 116 5.09 -2.19 11.09
C GLU B 116 5.72 -2.46 9.73
N THR B 117 7.06 -2.46 9.70
CA THR B 117 7.79 -2.69 8.46
C THR B 117 7.87 -4.19 8.15
N ASP B 118 8.26 -4.51 6.92
CA ASP B 118 8.38 -5.91 6.50
C ASP B 118 7.03 -6.61 6.55
N THR B 119 6.77 -7.45 5.55
CA THR B 119 5.51 -8.19 5.48
C THR B 119 5.42 -9.21 6.60
N PHE B 120 4.19 -9.59 6.94
CA PHE B 120 3.96 -10.57 8.00
C PHE B 120 2.54 -11.12 7.93
N GLY B 121 2.36 -12.18 7.16
CA GLY B 121 1.05 -12.79 7.02
C GLY B 121 1.10 -14.13 6.32
N PRO B 122 0.96 -14.16 4.98
CA PRO B 122 1.00 -15.40 4.21
C PRO B 122 2.40 -16.01 4.15
N GLY B 123 2.65 -17.00 5.01
CA GLY B 123 3.95 -17.64 5.04
C GLY B 123 4.68 -17.41 6.35
N ASP B 124 5.99 -17.19 6.27
CA ASP B 124 6.81 -16.96 7.46
C ASP B 124 6.74 -18.15 8.41
N ASP B 125 7.37 -19.25 8.01
CA ASP B 125 7.39 -20.46 8.83
C ASP B 125 8.80 -21.00 8.97
N ASP B 126 9.77 -20.09 8.99
CA ASP B 126 11.18 -20.48 9.13
C ASP B 126 11.52 -20.78 10.58
N GLU B 127 10.93 -21.86 11.10
CA GLU B 127 11.17 -22.26 12.49
C GLU B 127 10.74 -21.17 13.46
N ILE B 128 10.82 -21.45 14.74
CA ILE B 128 10.44 -20.50 15.77
C ILE B 128 11.63 -19.64 16.20
N GLN B 129 11.36 -18.38 16.53
CA GLN B 129 12.41 -17.46 16.96
C GLN B 129 12.86 -17.76 18.38
N PHE B 130 13.82 -16.98 18.87
CA PHE B 130 14.34 -17.16 20.22
C PHE B 130 14.94 -18.56 20.38
N ASP B 131 15.48 -18.82 21.56
CA ASP B 131 16.08 -20.12 21.86
C ASP B 131 15.80 -20.55 23.28
N ASP B 132 16.37 -21.68 23.70
CA ASP B 132 16.18 -22.20 25.04
C ASP B 132 14.71 -22.54 25.28
N ILE B 133 14.11 -23.26 24.35
CA ILE B 133 12.72 -23.66 24.46
C ILE B 133 12.47 -24.99 23.78
N GLY B 134 12.17 -26.02 24.58
CA GLY B 134 11.91 -27.34 24.03
C GLY B 134 11.53 -28.34 25.10
N ASP B 135 12.19 -29.49 25.08
CA ASP B 135 11.92 -30.54 26.06
C ASP B 135 13.20 -30.97 26.76
N ASP B 136 13.12 -31.16 28.09
CA ASP B 136 14.26 -31.57 28.87
C ASP B 136 13.88 -31.78 30.33
N ASP B 137 14.88 -32.01 31.18
CA ASP B 137 14.65 -32.23 32.61
C ASP B 137 13.87 -33.51 32.84
N GLU B 138 14.46 -34.41 33.62
CA GLU B 138 13.82 -35.69 33.92
C GLU B 138 13.68 -35.88 35.43
N ASP B 139 12.80 -36.80 35.82
CA ASP B 139 12.57 -37.08 37.24
C ASP B 139 12.25 -38.56 37.46
N ILE B 140 13.28 -39.36 37.64
CA ILE B 140 13.11 -40.79 37.86
C ILE B 140 14.44 -41.46 38.20
N ASP B 141 14.52 -42.02 39.41
CA ASP B 141 15.74 -42.69 39.86
C ASP B 141 16.92 -41.72 39.88
N ASP B 142 16.97 -40.88 40.91
CA ASP B 142 18.05 -39.91 41.05
C ASP B 142 18.24 -39.51 42.51
N ILE B 143 19.50 -39.32 42.91
CA ILE B 143 19.84 -38.94 44.28
C ILE B 143 19.03 -39.75 45.29
#